data_6D8W
#
_entry.id   6D8W
#
_cell.length_a   67.300
_cell.length_b   113.330
_cell.length_c   130.120
_cell.angle_alpha   110.160
_cell.angle_beta   90.850
_cell.angle_gamma   90.280
#
_symmetry.space_group_name_H-M   'P 1'
#
loop_
_entity.id
_entity.type
_entity.pdbx_description
1 polymer Hemagglutinin
2 non-polymer 2-acetamido-2-deoxy-beta-D-glucopyranose
3 non-polymer 'OXAMIC ACID'
4 non-polymer 'FORMIC ACID'
5 water water
#
_entity_poly.entity_id   1
_entity_poly.type   'polypeptide(L)'
_entity_poly.pdbx_seq_one_letter_code
;GSDTICVGYHANNSTDTVDTILEKNVTVTHSVNLLENSHNGKLCSLNGKIPLQLGNCNVAGWILGNPKCDLLLTANSWSY
IIETSNSKNGACYPGEFADYEELKEQLSTVSSFERFEIFPKATSWPNHDTTRGTTVACSHSGANSFYRNLLWIVKKGNSY
PKLSKSYTNNKGKEVLVIWGVHHPPTDSDQQTLYQNNHTYVSVGSSKYYKRLTPEIVARPKVREQAGRMNYYWTLLDQGD
TITFEATGNLIAPWHAFALKKGSSSGIMRSDAQVHNCTTKCQTPHGALKGNLPFQNVHPVTIGECPKYVKSTQLRMATGL
RNIPSIQSRGLFGAIAGFIEGGWTGMVDGWYGYHHRNEQGSGYAADQKSTQIAIDGISNKVNSVIEKMNIQFTSVGKEFN
SLEKRMENLNKKVDDGFLDVWTYNAELLILLENERTLDFHDLNVKNLYEKVKSQLRNNAKEIGNGCFEFYHKCDNECMES
VKNGTYNYPKYSEEFLVPR
;
_entity_poly.pdbx_strand_id   A,B,C,D,E,F
#
loop_
_chem_comp.id
_chem_comp.type
_chem_comp.name
_chem_comp.formula
FMT non-polymer 'FORMIC ACID' 'C H2 O2'
NAG D-saccharide, beta linking 2-acetamido-2-deoxy-beta-D-glucopyranose 'C8 H15 N O6'
OXM non-polymer 'OXAMIC ACID' 'C2 H3 N O3'
#
# COMPACT_ATOMS: atom_id res chain seq x y z
N THR A 4 -40.64 35.84 37.23
CA THR A 4 -40.76 35.93 35.77
C THR A 4 -40.31 34.65 35.08
N ILE A 5 -40.88 34.39 33.91
CA ILE A 5 -40.41 33.35 33.00
C ILE A 5 -40.09 34.00 31.67
N CYS A 6 -38.98 33.56 31.05
CA CYS A 6 -38.51 34.11 29.79
C CYS A 6 -38.40 32.97 28.77
N VAL A 7 -38.99 33.17 27.58
CA VAL A 7 -38.79 32.27 26.45
C VAL A 7 -37.55 32.73 25.68
N GLY A 8 -36.69 31.79 25.33
CA GLY A 8 -35.46 32.13 24.64
C GLY A 8 -34.86 30.94 23.93
N TYR A 9 -33.73 31.18 23.28
CA TYR A 9 -33.06 30.18 22.45
C TYR A 9 -31.60 30.06 22.87
N HIS A 10 -30.94 29.08 22.28
CA HIS A 10 -29.62 28.64 22.67
C HIS A 10 -28.54 29.48 21.99
N ALA A 11 -27.43 29.70 22.70
CA ALA A 11 -26.24 30.31 22.13
C ALA A 11 -25.00 29.64 22.73
N ASN A 12 -23.92 29.60 21.95
CA ASN A 12 -22.70 28.97 22.42
C ASN A 12 -21.50 29.68 21.80
N ASN A 13 -20.33 29.03 21.85
CA ASN A 13 -19.05 29.61 21.45
C ASN A 13 -18.66 29.30 20.00
N SER A 14 -19.60 28.88 19.16
CA SER A 14 -19.26 28.48 17.79
C SER A 14 -18.97 29.69 16.89
N THR A 15 -17.95 29.55 16.04
CA THR A 15 -17.63 30.55 15.03
C THR A 15 -17.96 30.06 13.62
N ASP A 16 -18.63 28.91 13.49
CA ASP A 16 -18.98 28.35 12.19
C ASP A 16 -19.95 29.25 11.45
N THR A 17 -19.64 29.51 10.17
CA THR A 17 -20.45 30.35 9.30
C THR A 17 -21.05 29.54 8.15
N VAL A 18 -22.28 29.90 7.75
CA VAL A 18 -22.95 29.30 6.60
C VAL A 18 -23.50 30.41 5.74
N ASP A 19 -23.71 30.08 4.47
CA ASP A 19 -24.33 30.98 3.53
C ASP A 19 -25.80 30.59 3.38
N THR A 20 -26.63 31.61 3.16
CA THR A 20 -28.03 31.43 2.82
C THR A 20 -28.32 32.25 1.58
N ILE A 21 -29.49 32.00 0.98
CA ILE A 21 -29.88 32.73 -0.23
C ILE A 21 -30.02 34.22 0.05
N LEU A 22 -30.36 34.59 1.29
CA LEU A 22 -30.53 36.00 1.63
C LEU A 22 -29.29 36.63 2.24
N GLU A 23 -28.41 35.84 2.86
CA GLU A 23 -27.30 36.42 3.60
C GLU A 23 -26.08 35.49 3.57
N LYS A 24 -24.90 36.10 3.54
CA LYS A 24 -23.65 35.37 3.58
C LYS A 24 -23.04 35.48 4.98
N ASN A 25 -22.16 34.54 5.30
CA ASN A 25 -21.42 34.53 6.55
C ASN A 25 -22.36 34.70 7.75
N VAL A 26 -23.18 33.69 7.96
CA VAL A 26 -24.12 33.68 9.07
C VAL A 26 -23.58 32.69 10.10
N THR A 27 -23.31 33.19 11.30
CA THR A 27 -22.75 32.36 12.36
C THR A 27 -23.89 31.55 12.98
N VAL A 28 -23.68 30.25 13.10
CA VAL A 28 -24.71 29.36 13.60
C VAL A 28 -24.15 28.51 14.74
N THR A 29 -25.04 28.07 15.63
CA THR A 29 -24.61 27.33 16.81
C THR A 29 -24.15 25.91 16.47
N HIS A 30 -24.78 25.27 15.47
CA HIS A 30 -24.45 23.90 15.06
C HIS A 30 -24.49 23.80 13.55
N SER A 31 -23.66 22.91 13.01
CA SER A 31 -23.57 22.68 11.57
C SER A 31 -22.77 21.40 11.33
N VAL A 32 -22.90 20.82 10.13
CA VAL A 32 -22.26 19.53 9.80
C VAL A 32 -21.54 19.68 8.48
N ASN A 33 -20.26 19.28 8.41
CA ASN A 33 -19.54 19.43 7.15
C ASN A 33 -19.92 18.33 6.16
N LEU A 34 -20.29 18.75 4.94
CA LEU A 34 -20.65 17.85 3.84
C LEU A 34 -19.59 17.74 2.75
N LEU A 35 -18.46 18.42 2.87
CA LEU A 35 -17.46 18.50 1.81
C LEU A 35 -16.13 17.99 2.35
N GLU A 36 -15.62 16.93 1.74
CA GLU A 36 -14.30 16.43 2.05
C GLU A 36 -13.28 17.15 1.17
N ASN A 37 -12.32 17.83 1.80
CA ASN A 37 -11.36 18.61 1.04
C ASN A 37 -9.94 18.22 1.38
N SER A 38 -9.75 17.02 1.93
CA SER A 38 -8.43 16.57 2.34
C SER A 38 -8.25 15.11 1.96
N HIS A 39 -6.99 14.69 1.88
CA HIS A 39 -6.62 13.31 1.56
C HIS A 39 -5.36 12.98 2.34
N ASN A 40 -5.02 11.68 2.39
CA ASN A 40 -3.87 11.20 3.15
C ASN A 40 -2.59 11.11 2.34
N GLY A 41 -2.58 11.63 1.11
CA GLY A 41 -1.36 11.66 0.33
C GLY A 41 -0.75 10.30 0.02
N LYS A 42 -1.51 9.23 0.16
CA LYS A 42 -1.00 7.88 -0.05
C LYS A 42 -1.89 7.13 -1.03
N LEU A 43 -1.27 6.23 -1.78
CA LEU A 43 -2.02 5.25 -2.55
C LEU A 43 -2.19 4.01 -1.67
N CYS A 44 -3.43 3.64 -1.41
CA CYS A 44 -3.72 2.57 -0.47
C CYS A 44 -4.30 1.37 -1.20
N SER A 45 -4.38 0.27 -0.46
CA SER A 45 -5.16 -0.88 -0.88
C SER A 45 -6.63 -0.52 -0.85
N LEU A 46 -7.39 -1.10 -1.76
CA LEU A 46 -8.82 -0.90 -1.77
C LEU A 46 -9.44 -2.06 -1.01
N ASN A 47 -9.92 -1.79 0.21
CA ASN A 47 -10.56 -2.80 1.05
C ASN A 47 -9.65 -4.01 1.24
N GLY A 48 -8.35 -3.74 1.41
CA GLY A 48 -7.38 -4.80 1.66
C GLY A 48 -6.68 -5.36 0.43
N LYS A 49 -7.03 -4.87 -0.76
CA LYS A 49 -6.49 -5.39 -2.01
C LYS A 49 -5.43 -4.43 -2.56
N ILE A 50 -4.21 -4.93 -2.70
CA ILE A 50 -3.04 -4.13 -3.09
C ILE A 50 -3.21 -3.64 -4.52
N PRO A 51 -2.82 -2.40 -4.85
CA PRO A 51 -2.82 -1.97 -6.25
C PRO A 51 -1.61 -2.56 -6.97
N LEU A 52 -1.63 -2.46 -8.29
CA LEU A 52 -0.51 -2.87 -9.13
C LEU A 52 0.30 -1.64 -9.52
N GLN A 53 1.52 -1.59 -9.01
CA GLN A 53 2.43 -0.49 -9.28
CA GLN A 53 2.47 -0.51 -9.24
C GLN A 53 3.28 -0.88 -10.49
N LEU A 54 2.98 -0.28 -11.64
CA LEU A 54 3.76 -0.55 -12.84
C LEU A 54 5.15 0.09 -12.76
N GLY A 55 5.33 1.11 -11.93
CA GLY A 55 6.68 1.64 -11.70
C GLY A 55 7.27 2.25 -12.95
N ASN A 56 8.50 1.84 -13.26
CA ASN A 56 9.17 2.35 -14.45
C ASN A 56 8.65 1.72 -15.75
N CYS A 57 7.63 0.86 -15.69
CA CYS A 57 6.99 0.30 -16.88
C CYS A 57 5.64 0.95 -17.13
N ASN A 58 5.28 1.03 -18.41
CA ASN A 58 3.92 1.40 -18.82
C ASN A 58 3.17 0.13 -19.20
N VAL A 59 1.91 0.30 -19.62
CA VAL A 59 1.06 -0.87 -19.90
C VAL A 59 1.65 -1.70 -21.04
N ALA A 60 2.17 -1.05 -22.06
CA ALA A 60 2.78 -1.77 -23.17
C ALA A 60 3.90 -2.68 -22.69
N GLY A 61 4.83 -2.15 -21.88
CA GLY A 61 5.95 -2.96 -21.42
C GLY A 61 5.53 -4.14 -20.56
N TRP A 62 4.52 -3.92 -19.72
CA TRP A 62 3.93 -4.97 -18.90
C TRP A 62 3.33 -6.08 -19.75
N ILE A 63 2.48 -5.71 -20.71
CA ILE A 63 1.75 -6.71 -21.48
C ILE A 63 2.69 -7.45 -22.44
N LEU A 64 3.57 -6.72 -23.14
CA LEU A 64 4.56 -7.37 -23.99
C LEU A 64 5.55 -8.20 -23.18
N GLY A 65 5.84 -7.80 -21.96
CA GLY A 65 6.87 -8.49 -21.19
C GLY A 65 8.27 -7.95 -21.46
N ASN A 66 8.42 -6.63 -21.56
CA ASN A 66 9.73 -6.02 -21.60
C ASN A 66 10.57 -6.61 -20.46
N PRO A 67 11.80 -7.08 -20.73
CA PRO A 67 12.63 -7.65 -19.65
C PRO A 67 12.80 -6.74 -18.43
N LYS A 68 12.73 -5.43 -18.62
CA LYS A 68 12.75 -4.52 -17.50
C LYS A 68 11.51 -4.60 -16.63
N CYS A 69 10.48 -5.35 -17.03
CA CYS A 69 9.25 -5.43 -16.25
C CYS A 69 9.08 -6.80 -15.61
N ASP A 70 10.17 -7.56 -15.47
CA ASP A 70 10.08 -8.93 -14.96
C ASP A 70 9.44 -8.99 -13.57
N LEU A 71 9.69 -8.00 -12.73
CA LEU A 71 9.16 -8.05 -11.37
C LEU A 71 7.64 -8.06 -11.39
N LEU A 72 7.02 -7.46 -12.41
CA LEU A 72 5.57 -7.51 -12.53
C LEU A 72 5.05 -8.91 -12.81
N LEU A 73 5.93 -9.86 -13.17
CA LEU A 73 5.42 -11.17 -13.56
C LEU A 73 4.76 -11.88 -12.38
N THR A 74 5.12 -11.53 -11.14
CA THR A 74 4.51 -12.17 -9.97
C THR A 74 3.14 -11.59 -9.62
N ALA A 75 2.71 -10.52 -10.28
CA ALA A 75 1.40 -9.93 -10.02
C ALA A 75 0.33 -10.70 -10.78
N ASN A 76 -0.68 -11.20 -10.05
CA ASN A 76 -1.81 -11.88 -10.70
C ASN A 76 -3.17 -11.29 -10.31
N SER A 77 -3.25 -10.44 -9.28
CA SER A 77 -4.51 -9.86 -8.83
C SER A 77 -4.17 -8.55 -8.12
N TRP A 78 -4.93 -7.52 -8.43
CA TRP A 78 -4.69 -6.17 -7.94
C TRP A 78 -6.03 -5.47 -7.81
N SER A 79 -6.01 -4.34 -7.08
CA SER A 79 -7.22 -3.54 -6.93
C SER A 79 -7.31 -2.43 -7.96
N TYR A 80 -6.18 -1.82 -8.33
CA TYR A 80 -6.13 -0.87 -9.44
C TYR A 80 -4.69 -0.82 -9.92
N ILE A 81 -4.50 -0.24 -11.11
CA ILE A 81 -3.21 -0.23 -11.81
C ILE A 81 -2.69 1.19 -11.82
N ILE A 82 -1.41 1.35 -11.50
CA ILE A 82 -0.82 2.68 -11.38
C ILE A 82 0.26 2.84 -12.43
N GLU A 83 0.16 3.92 -13.20
CA GLU A 83 1.26 4.38 -14.04
C GLU A 83 1.83 5.66 -13.44
N THR A 84 3.14 5.78 -13.45
CA THR A 84 3.81 6.96 -12.89
C THR A 84 4.35 7.82 -14.03
N SER A 85 4.91 8.97 -13.66
CA SER A 85 5.59 9.85 -14.61
C SER A 85 6.85 9.21 -15.18
N ASN A 86 7.30 8.10 -14.60
CA ASN A 86 8.44 7.37 -15.11
C ASN A 86 8.06 6.04 -15.76
N SER A 87 6.77 5.79 -15.99
CA SER A 87 6.32 4.58 -16.69
C SER A 87 6.68 4.75 -18.17
N LYS A 88 7.94 4.46 -18.48
CA LYS A 88 8.50 4.67 -19.80
C LYS A 88 8.97 3.41 -20.49
N ASN A 89 9.15 2.31 -19.76
CA ASN A 89 9.60 1.04 -20.34
C ASN A 89 8.42 0.39 -21.04
N GLY A 90 8.43 0.43 -22.36
CA GLY A 90 7.35 -0.13 -23.15
C GLY A 90 7.87 -1.13 -24.15
N ALA A 91 7.76 -0.79 -25.43
CA ALA A 91 8.29 -1.61 -26.52
C ALA A 91 9.80 -1.37 -26.62
N CYS A 92 10.60 -2.30 -26.09
CA CYS A 92 12.06 -2.12 -26.18
C CYS A 92 12.54 -2.27 -27.61
N TYR A 93 11.92 -3.15 -28.40
CA TYR A 93 12.13 -3.12 -29.84
C TYR A 93 11.15 -2.11 -30.44
N PRO A 94 11.61 -1.03 -31.07
CA PRO A 94 10.69 0.06 -31.43
C PRO A 94 9.61 -0.38 -32.41
N GLY A 95 8.46 0.28 -32.34
CA GLY A 95 7.36 0.03 -33.24
C GLY A 95 6.07 0.42 -32.57
N GLU A 96 4.98 0.35 -33.35
CA GLU A 96 3.69 0.84 -32.84
C GLU A 96 2.80 -0.28 -32.31
N PHE A 97 2.13 0.03 -31.20
CA PHE A 97 1.10 -0.81 -30.60
C PHE A 97 -0.26 -0.41 -31.18
N ALA A 98 -0.95 -1.34 -31.85
CA ALA A 98 -2.23 -0.96 -32.44
C ALA A 98 -3.32 -0.84 -31.38
N ASP A 99 -4.19 0.15 -31.55
CA ASP A 99 -5.38 0.36 -30.70
C ASP A 99 -5.01 0.33 -29.22
N TYR A 100 -3.99 1.11 -28.90
CA TYR A 100 -3.39 1.06 -27.57
C TYR A 100 -4.34 1.64 -26.52
N GLU A 101 -5.04 2.73 -26.84
CA GLU A 101 -5.97 3.27 -25.85
C GLU A 101 -7.12 2.31 -25.59
N GLU A 102 -7.57 1.57 -26.63
CA GLU A 102 -8.57 0.53 -26.41
C GLU A 102 -8.02 -0.60 -25.53
N LEU A 103 -6.78 -1.04 -25.77
CA LEU A 103 -6.23 -2.06 -24.89
C LEU A 103 -6.26 -1.62 -23.43
N LYS A 104 -5.81 -0.39 -23.16
CA LYS A 104 -5.86 0.14 -21.81
C LYS A 104 -7.28 0.20 -21.29
N GLU A 105 -8.23 0.60 -22.14
CA GLU A 105 -9.62 0.63 -21.69
C GLU A 105 -10.09 -0.75 -21.27
N GLN A 106 -9.74 -1.79 -22.04
CA GLN A 106 -10.14 -3.14 -21.70
C GLN A 106 -9.52 -3.58 -20.37
N LEU A 107 -8.22 -3.33 -20.21
CA LEU A 107 -7.51 -3.71 -19.01
C LEU A 107 -7.96 -2.95 -17.75
N SER A 108 -8.55 -1.75 -17.89
CA SER A 108 -8.92 -0.98 -16.71
C SER A 108 -10.00 -1.64 -15.85
N THR A 109 -10.78 -2.57 -16.40
CA THR A 109 -11.74 -3.29 -15.57
C THR A 109 -11.26 -4.69 -15.24
N VAL A 110 -10.03 -5.02 -15.58
CA VAL A 110 -9.52 -6.36 -15.27
C VAL A 110 -9.01 -6.31 -13.84
N SER A 111 -9.48 -7.23 -13.00
CA SER A 111 -8.93 -7.26 -11.65
C SER A 111 -7.95 -8.38 -11.44
N SER A 112 -8.06 -9.47 -12.21
CA SER A 112 -7.12 -10.57 -12.09
C SER A 112 -6.88 -11.20 -13.45
N PHE A 113 -5.66 -11.63 -13.71
CA PHE A 113 -5.47 -12.40 -14.92
C PHE A 113 -4.53 -13.56 -14.65
N GLU A 114 -4.53 -14.49 -15.57
CA GLU A 114 -3.73 -15.70 -15.47
C GLU A 114 -2.82 -15.75 -16.70
N ARG A 115 -1.53 -15.49 -16.49
CA ARG A 115 -0.56 -15.59 -17.58
C ARG A 115 -0.36 -17.06 -17.88
N PHE A 116 -0.53 -17.45 -19.14
CA PHE A 116 -0.34 -18.86 -19.49
C PHE A 116 0.39 -18.96 -20.83
N GLU A 117 0.99 -20.12 -21.05
CA GLU A 117 1.82 -20.33 -22.21
C GLU A 117 0.94 -20.82 -23.35
N ILE A 118 0.38 -19.87 -24.12
CA ILE A 118 -0.57 -20.20 -25.17
C ILE A 118 0.05 -21.09 -26.23
N PHE A 119 1.27 -20.77 -26.67
CA PHE A 119 2.03 -21.61 -27.61
C PHE A 119 3.33 -21.97 -26.91
N PRO A 120 3.40 -23.12 -26.24
CA PRO A 120 4.62 -23.52 -25.54
C PRO A 120 5.82 -23.52 -26.50
N LYS A 121 6.83 -22.72 -26.15
CA LYS A 121 8.02 -22.53 -26.98
C LYS A 121 8.72 -23.85 -27.32
N ALA A 122 8.69 -24.82 -26.42
CA ALA A 122 9.47 -26.03 -26.67
C ALA A 122 8.86 -26.95 -27.73
N THR A 123 7.55 -26.87 -27.95
CA THR A 123 6.85 -27.83 -28.80
C THR A 123 6.01 -27.22 -29.92
N SER A 124 5.74 -25.92 -29.91
CA SER A 124 4.78 -25.38 -30.86
C SER A 124 5.38 -25.17 -32.25
N TRP A 125 6.70 -25.10 -32.39
CA TRP A 125 7.35 -24.66 -33.62
C TRP A 125 8.47 -25.63 -34.03
N PRO A 126 8.12 -26.87 -34.40
CA PRO A 126 9.17 -27.83 -34.73
C PRO A 126 9.95 -27.48 -35.99
N ASN A 127 9.32 -26.81 -36.96
CA ASN A 127 9.94 -26.54 -38.24
C ASN A 127 10.62 -25.19 -38.32
N HIS A 128 10.73 -24.48 -37.20
CA HIS A 128 11.39 -23.18 -37.19
C HIS A 128 12.29 -23.09 -35.98
N ASP A 129 13.07 -22.01 -35.94
CA ASP A 129 14.08 -21.82 -34.92
C ASP A 129 13.57 -20.83 -33.86
N THR A 130 13.54 -21.28 -32.59
CA THR A 130 13.05 -20.50 -31.46
C THR A 130 14.17 -19.99 -30.55
N THR A 131 15.42 -20.17 -30.92
CA THR A 131 16.56 -19.99 -30.01
C THR A 131 17.41 -18.76 -30.32
N ARG A 132 17.05 -17.96 -31.32
CA ARG A 132 17.90 -16.84 -31.74
C ARG A 132 17.19 -15.49 -31.79
N GLY A 133 15.97 -15.38 -31.27
CA GLY A 133 15.25 -14.15 -31.47
C GLY A 133 15.50 -13.15 -30.35
N THR A 134 16.72 -12.65 -30.27
CA THR A 134 17.10 -11.69 -29.24
C THR A 134 17.69 -10.45 -29.91
N THR A 135 17.80 -9.37 -29.16
CA THR A 135 18.24 -8.11 -29.72
C THR A 135 18.87 -7.25 -28.63
N VAL A 136 19.85 -6.42 -29.02
CA VAL A 136 20.46 -5.50 -28.07
C VAL A 136 19.42 -4.49 -27.59
N ALA A 137 18.35 -4.27 -28.37
CA ALA A 137 17.30 -3.31 -27.98
C ALA A 137 16.57 -3.73 -26.73
N CYS A 138 16.54 -5.04 -26.45
CA CYS A 138 15.89 -5.58 -25.27
C CYS A 138 16.92 -6.24 -24.37
N SER A 139 18.03 -5.55 -24.11
CA SER A 139 19.12 -6.12 -23.32
C SER A 139 18.68 -6.36 -21.89
N HIS A 140 19.15 -7.45 -21.29
CA HIS A 140 18.87 -7.78 -19.89
C HIS A 140 20.13 -8.38 -19.29
N SER A 141 20.60 -7.79 -18.18
CA SER A 141 21.81 -8.25 -17.52
C SER A 141 23.00 -8.35 -18.48
N GLY A 142 23.11 -7.39 -19.38
CA GLY A 142 24.24 -7.34 -20.27
C GLY A 142 24.20 -8.31 -21.43
N ALA A 143 23.04 -8.93 -21.71
CA ALA A 143 22.91 -9.86 -22.82
C ALA A 143 21.70 -9.52 -23.65
N ASN A 144 21.80 -9.75 -24.96
CA ASN A 144 20.66 -9.56 -25.85
C ASN A 144 19.49 -10.43 -25.38
N SER A 145 18.29 -9.85 -25.36
CA SER A 145 17.14 -10.58 -24.83
C SER A 145 15.92 -10.19 -25.66
N PHE A 146 14.73 -10.46 -25.12
CA PHE A 146 13.51 -10.22 -25.87
C PHE A 146 12.33 -10.27 -24.89
N TYR A 147 11.14 -9.92 -25.41
CA TYR A 147 9.92 -9.98 -24.61
C TYR A 147 9.72 -11.37 -24.00
N ARG A 148 9.15 -11.39 -22.78
CA ARG A 148 8.79 -12.61 -22.10
C ARG A 148 7.49 -13.22 -22.62
N ASN A 149 6.66 -12.43 -23.30
CA ASN A 149 5.33 -12.89 -23.66
C ASN A 149 5.19 -13.08 -25.16
N LEU A 150 6.26 -12.76 -25.93
CA LEU A 150 6.31 -12.96 -27.36
C LEU A 150 7.56 -13.77 -27.72
N LEU A 151 7.49 -14.48 -28.86
CA LEU A 151 8.59 -15.30 -29.35
C LEU A 151 8.95 -14.88 -30.76
N TRP A 152 10.19 -14.42 -30.95
CA TRP A 152 10.71 -14.00 -32.26
C TRP A 152 11.20 -15.23 -33.02
N ILE A 153 10.36 -15.79 -33.86
CA ILE A 153 10.70 -17.01 -34.59
C ILE A 153 11.49 -16.64 -35.83
N VAL A 154 12.58 -17.37 -36.08
CA VAL A 154 13.41 -17.21 -37.28
C VAL A 154 13.55 -18.56 -37.99
N LYS A 155 14.22 -18.51 -39.12
CA LYS A 155 14.38 -19.70 -39.97
C LYS A 155 15.23 -20.76 -39.28
N LYS A 156 14.91 -22.02 -39.59
CA LYS A 156 15.70 -23.16 -39.15
C LYS A 156 16.59 -23.59 -40.29
N GLY A 157 17.89 -23.51 -40.08
CA GLY A 157 18.83 -23.75 -41.15
C GLY A 157 18.71 -22.63 -42.16
N ASN A 158 18.37 -22.98 -43.40
CA ASN A 158 18.19 -21.98 -44.44
C ASN A 158 16.78 -21.99 -45.03
N SER A 159 15.79 -22.45 -44.27
CA SER A 159 14.42 -22.54 -44.76
C SER A 159 13.43 -22.09 -43.69
N TYR A 160 12.42 -21.32 -44.11
CA TYR A 160 11.31 -20.90 -43.25
C TYR A 160 10.02 -21.38 -43.90
N PRO A 161 9.54 -22.58 -43.57
CA PRO A 161 8.30 -23.06 -44.17
C PRO A 161 7.09 -22.29 -43.68
N LYS A 162 6.02 -22.44 -44.45
CA LYS A 162 4.75 -21.82 -44.11
C LYS A 162 4.33 -22.26 -42.71
N LEU A 163 4.17 -21.31 -41.83
CA LEU A 163 3.80 -21.54 -40.45
C LEU A 163 2.28 -21.49 -40.32
N SER A 164 1.72 -22.43 -39.56
CA SER A 164 0.28 -22.45 -39.30
C SER A 164 0.05 -22.99 -37.90
N LYS A 165 -0.66 -22.24 -37.05
CA LYS A 165 -0.94 -22.66 -35.69
CA LYS A 165 -0.93 -22.62 -35.68
C LYS A 165 -2.25 -22.03 -35.22
N SER A 166 -3.09 -22.85 -34.58
CA SER A 166 -4.39 -22.46 -34.05
C SER A 166 -4.45 -22.63 -32.54
N TYR A 167 -5.24 -21.79 -31.88
CA TYR A 167 -5.48 -22.03 -30.46
C TYR A 167 -6.96 -21.79 -30.18
N THR A 168 -7.63 -22.76 -29.57
CA THR A 168 -9.03 -22.60 -29.19
C THR A 168 -9.08 -22.25 -27.72
N ASN A 169 -9.71 -21.12 -27.39
CA ASN A 169 -9.84 -20.68 -26.00
C ASN A 169 -10.78 -21.60 -25.25
N ASN A 170 -10.24 -22.42 -24.34
CA ASN A 170 -11.01 -23.26 -23.44
C ASN A 170 -10.74 -22.87 -21.98
N LYS A 171 -10.28 -21.64 -21.75
CA LYS A 171 -9.95 -21.15 -20.40
C LYS A 171 -11.18 -20.71 -19.62
N GLY A 172 -12.37 -20.71 -20.23
CA GLY A 172 -13.54 -20.19 -19.55
C GLY A 172 -13.52 -18.70 -19.27
N LYS A 173 -12.64 -17.95 -19.93
CA LYS A 173 -12.53 -16.50 -19.81
C LYS A 173 -12.06 -15.94 -21.12
N GLU A 174 -12.26 -14.63 -21.30
CA GLU A 174 -11.65 -13.95 -22.43
C GLU A 174 -10.15 -14.05 -22.26
N VAL A 175 -9.44 -14.23 -23.38
CA VAL A 175 -7.98 -14.36 -23.36
C VAL A 175 -7.42 -13.21 -24.16
N LEU A 176 -6.54 -12.43 -23.54
CA LEU A 176 -5.82 -11.40 -24.25
C LEU A 176 -4.63 -12.04 -24.96
N VAL A 177 -4.61 -11.99 -26.28
CA VAL A 177 -3.54 -12.54 -27.10
C VAL A 177 -2.79 -11.37 -27.73
N ILE A 178 -1.46 -11.38 -27.66
CA ILE A 178 -0.66 -10.30 -28.22
CA ILE A 178 -0.66 -10.30 -28.22
C ILE A 178 0.40 -10.89 -29.14
N TRP A 179 0.72 -10.15 -30.21
CA TRP A 179 1.73 -10.59 -31.18
C TRP A 179 2.27 -9.37 -31.93
N GLY A 180 3.22 -9.60 -32.81
CA GLY A 180 3.84 -8.51 -33.54
C GLY A 180 4.22 -8.97 -34.93
N VAL A 181 4.47 -8.00 -35.80
CA VAL A 181 4.93 -8.24 -37.16
C VAL A 181 6.20 -7.42 -37.35
N HIS A 182 7.27 -8.07 -37.78
CA HIS A 182 8.58 -7.43 -37.86
C HIS A 182 8.81 -6.87 -39.25
N HIS A 183 9.28 -5.61 -39.31
CA HIS A 183 9.62 -4.96 -40.58
C HIS A 183 11.11 -4.72 -40.58
N PRO A 184 11.91 -5.62 -41.13
CA PRO A 184 13.37 -5.47 -41.13
C PRO A 184 13.78 -4.25 -41.93
N PRO A 185 14.95 -3.67 -41.63
CA PRO A 185 15.38 -2.46 -42.34
C PRO A 185 16.02 -2.70 -43.70
N THR A 186 16.49 -3.90 -44.01
CA THR A 186 17.15 -4.19 -45.30
C THR A 186 16.72 -5.55 -45.82
N ASP A 187 16.86 -5.73 -47.14
CA ASP A 187 16.55 -7.03 -47.74
C ASP A 187 17.47 -8.11 -47.18
N SER A 188 18.71 -7.74 -46.88
CA SER A 188 19.64 -8.70 -46.32
C SER A 188 19.16 -9.22 -44.98
N ASP A 189 18.65 -8.32 -44.13
CA ASP A 189 18.11 -8.73 -42.83
C ASP A 189 16.87 -9.61 -42.99
N GLN A 190 16.01 -9.27 -43.95
CA GLN A 190 14.87 -10.14 -44.24
C GLN A 190 15.35 -11.56 -44.58
N GLN A 191 16.34 -11.67 -45.48
CA GLN A 191 16.82 -12.98 -45.88
C GLN A 191 17.52 -13.71 -44.74
N THR A 192 18.34 -13.00 -43.98
CA THR A 192 19.05 -13.61 -42.85
C THR A 192 18.06 -14.23 -41.85
N LEU A 193 16.98 -13.52 -41.53
CA LEU A 193 16.07 -13.94 -40.47
C LEU A 193 15.04 -14.95 -40.96
N TYR A 194 14.49 -14.73 -42.16
CA TYR A 194 13.33 -15.48 -42.62
C TYR A 194 13.48 -16.14 -43.98
N GLN A 195 14.62 -15.94 -44.66
CA GLN A 195 14.91 -16.58 -45.93
C GLN A 195 14.00 -16.10 -47.07
N ASN A 196 12.68 -16.25 -46.92
CA ASN A 196 11.74 -15.86 -47.97
C ASN A 196 11.58 -14.36 -48.01
N ASN A 197 11.26 -13.84 -49.18
CA ASN A 197 10.85 -12.46 -49.32
C ASN A 197 9.38 -12.44 -49.74
N HIS A 198 8.82 -11.24 -49.85
CA HIS A 198 7.40 -11.05 -50.10
C HIS A 198 6.55 -11.97 -49.20
N THR A 199 6.81 -11.88 -47.90
CA THR A 199 6.12 -12.73 -46.94
C THR A 199 4.80 -12.08 -46.53
N TYR A 200 4.00 -12.84 -45.77
CA TYR A 200 2.77 -12.30 -45.21
C TYR A 200 2.61 -12.87 -43.82
N VAL A 201 1.79 -12.20 -43.02
CA VAL A 201 1.34 -12.69 -41.72
C VAL A 201 -0.17 -12.51 -41.70
N SER A 202 -0.91 -13.57 -41.38
CA SER A 202 -2.36 -13.43 -41.28
C SER A 202 -2.80 -13.95 -39.92
N VAL A 203 -3.70 -13.22 -39.27
CA VAL A 203 -4.21 -13.61 -37.96
C VAL A 203 -5.73 -13.58 -38.06
N GLY A 204 -6.37 -14.67 -37.64
CA GLY A 204 -7.82 -14.77 -37.82
C GLY A 204 -8.51 -15.42 -36.64
N SER A 205 -9.67 -14.89 -36.26
CA SER A 205 -10.60 -15.53 -35.33
C SER A 205 -11.99 -15.25 -35.87
N SER A 206 -13.03 -15.52 -35.07
CA SER A 206 -14.38 -15.19 -35.56
C SER A 206 -14.69 -13.70 -35.46
N LYS A 207 -13.94 -12.93 -34.67
CA LYS A 207 -14.17 -11.49 -34.58
C LYS A 207 -12.98 -10.65 -35.03
N TYR A 208 -11.94 -11.25 -35.60
CA TYR A 208 -10.72 -10.53 -35.96
C TYR A 208 -10.11 -11.17 -37.22
N TYR A 209 -9.72 -10.35 -38.17
CA TYR A 209 -9.00 -10.86 -39.33
C TYR A 209 -8.08 -9.79 -39.87
N LYS A 210 -6.82 -10.16 -40.07
CA LYS A 210 -5.86 -9.20 -40.59
C LYS A 210 -4.77 -9.96 -41.33
N ARG A 211 -4.51 -9.54 -42.56
CA ARG A 211 -3.40 -10.04 -43.35
C ARG A 211 -2.50 -8.87 -43.62
N LEU A 212 -1.24 -8.98 -43.20
CA LEU A 212 -0.23 -7.93 -43.33
C LEU A 212 0.89 -8.44 -44.23
N THR A 213 1.38 -7.56 -45.10
CA THR A 213 2.63 -7.83 -45.81
C THR A 213 3.74 -6.92 -45.28
N PRO A 214 4.73 -7.47 -44.58
CA PRO A 214 5.85 -6.65 -44.08
C PRO A 214 6.54 -5.83 -45.17
N GLU A 215 7.04 -4.67 -44.77
CA GLU A 215 7.71 -3.73 -45.67
C GLU A 215 9.12 -3.48 -45.17
N ILE A 216 10.09 -3.70 -46.04
CA ILE A 216 11.51 -3.55 -45.70
C ILE A 216 11.75 -2.04 -45.73
N VAL A 217 12.01 -1.43 -44.58
CA VAL A 217 12.13 0.02 -44.54
C VAL A 217 13.12 0.40 -43.46
N ALA A 218 14.01 1.33 -43.78
CA ALA A 218 15.01 1.80 -42.81
C ALA A 218 14.44 3.04 -42.13
N ARG A 219 13.94 2.86 -40.93
CA ARG A 219 13.48 3.95 -40.08
C ARG A 219 14.65 4.54 -39.30
N PRO A 220 14.53 5.75 -38.76
CA PRO A 220 15.62 6.27 -37.93
C PRO A 220 15.83 5.38 -36.72
N LYS A 221 17.09 5.24 -36.33
CA LYS A 221 17.45 4.24 -35.34
C LYS A 221 16.96 4.63 -33.96
N VAL A 222 16.24 3.69 -33.33
CA VAL A 222 15.82 3.74 -31.93
C VAL A 222 16.39 2.52 -31.25
N ARG A 223 17.19 2.73 -30.19
CA ARG A 223 17.88 1.64 -29.50
C ARG A 223 18.63 0.76 -30.50
N GLU A 224 19.30 1.41 -31.46
CA GLU A 224 20.15 0.90 -32.52
C GLU A 224 19.35 0.23 -33.64
N GLN A 225 18.01 0.21 -33.58
CA GLN A 225 17.19 -0.53 -34.52
C GLN A 225 16.65 0.42 -35.58
N ALA A 226 17.00 0.16 -36.84
CA ALA A 226 16.37 0.83 -37.96
C ALA A 226 15.14 0.08 -38.44
N GLY A 227 14.96 -1.17 -38.00
CA GLY A 227 13.73 -1.89 -38.26
C GLY A 227 12.68 -1.56 -37.21
N ARG A 228 11.49 -2.13 -37.39
CA ARG A 228 10.34 -1.89 -36.52
C ARG A 228 9.56 -3.17 -36.35
N MET A 229 8.91 -3.29 -35.19
CA MET A 229 7.94 -4.32 -34.87
C MET A 229 6.64 -3.65 -34.53
N ASN A 230 5.57 -4.02 -35.23
CA ASN A 230 4.23 -3.53 -34.93
C ASN A 230 3.50 -4.56 -34.09
N TYR A 231 2.93 -4.10 -33.00
CA TYR A 231 2.31 -4.98 -32.04
C TYR A 231 0.80 -4.95 -32.23
N TYR A 232 0.19 -6.09 -31.98
CA TYR A 232 -1.23 -6.27 -32.19
C TYR A 232 -1.77 -7.07 -31.03
N TRP A 233 -3.06 -6.94 -30.77
CA TRP A 233 -3.69 -7.70 -29.69
C TRP A 233 -5.13 -7.99 -30.04
N THR A 234 -5.68 -9.03 -29.41
CA THR A 234 -7.12 -9.22 -29.52
C THR A 234 -7.58 -9.96 -28.28
N LEU A 235 -8.88 -9.84 -28.01
CA LEU A 235 -9.54 -10.55 -26.92
C LEU A 235 -10.22 -11.74 -27.57
N LEU A 236 -9.77 -12.94 -27.24
CA LEU A 236 -10.31 -14.17 -27.82
C LEU A 236 -11.42 -14.66 -26.91
N ASP A 237 -12.64 -14.78 -27.45
CA ASP A 237 -13.75 -15.18 -26.60
C ASP A 237 -13.66 -16.66 -26.26
N GLN A 238 -14.36 -17.04 -25.19
CA GLN A 238 -14.47 -18.46 -24.84
CA GLN A 238 -14.44 -18.46 -24.86
C GLN A 238 -15.05 -19.23 -26.03
N GLY A 239 -14.45 -20.38 -26.31
CA GLY A 239 -14.89 -21.21 -27.41
C GLY A 239 -14.39 -20.79 -28.77
N ASP A 240 -13.78 -19.62 -28.89
CA ASP A 240 -13.30 -19.14 -30.18
C ASP A 240 -11.86 -19.61 -30.43
N THR A 241 -11.48 -19.63 -31.70
CA THR A 241 -10.19 -20.11 -32.16
C THR A 241 -9.43 -18.98 -32.88
N ILE A 242 -8.17 -18.78 -32.51
CA ILE A 242 -7.31 -17.85 -33.24
C ILE A 242 -6.29 -18.65 -34.05
N THR A 243 -6.06 -18.21 -35.28
CA THR A 243 -5.21 -18.90 -36.22
C THR A 243 -4.14 -17.94 -36.71
N PHE A 244 -2.89 -18.38 -36.63
CA PHE A 244 -1.73 -17.66 -37.13
C PHE A 244 -1.19 -18.35 -38.36
N GLU A 245 -0.87 -17.56 -39.37
CA GLU A 245 -0.30 -18.10 -40.58
C GLU A 245 0.73 -17.12 -41.10
N ALA A 246 1.90 -17.61 -41.48
CA ALA A 246 2.99 -16.72 -41.80
C ALA A 246 4.00 -17.46 -42.67
N THR A 247 4.65 -16.71 -43.57
CA THR A 247 5.86 -17.15 -44.25
C THR A 247 7.09 -16.36 -43.79
N GLY A 248 6.94 -15.60 -42.72
CA GLY A 248 8.05 -14.87 -42.12
C GLY A 248 7.51 -13.73 -41.28
N ASN A 249 8.42 -13.13 -40.50
CA ASN A 249 8.20 -11.84 -39.87
C ASN A 249 7.18 -11.88 -38.75
N LEU A 250 6.85 -13.07 -38.25
CA LEU A 250 5.84 -13.22 -37.20
C LEU A 250 6.54 -13.23 -35.85
N ILE A 251 6.17 -12.31 -34.98
CA ILE A 251 6.58 -12.33 -33.59
C ILE A 251 5.43 -13.00 -32.87
N ALA A 252 5.59 -14.26 -32.57
CA ALA A 252 4.45 -15.07 -32.22
C ALA A 252 4.05 -14.85 -30.76
N PRO A 253 2.78 -15.07 -30.45
CA PRO A 253 2.38 -15.21 -29.05
C PRO A 253 3.21 -16.31 -28.40
N TRP A 254 3.69 -16.03 -27.20
CA TRP A 254 4.26 -17.04 -26.31
C TRP A 254 3.42 -17.17 -25.05
N HIS A 255 3.15 -16.06 -24.37
CA HIS A 255 2.24 -16.07 -23.25
C HIS A 255 1.05 -15.19 -23.55
N ALA A 256 -0.11 -15.62 -23.04
CA ALA A 256 -1.33 -14.81 -23.11
C ALA A 256 -1.96 -14.74 -21.73
N PHE A 257 -3.09 -14.03 -21.62
CA PHE A 257 -3.66 -13.71 -20.32
C PHE A 257 -5.15 -14.02 -20.32
N ALA A 258 -5.56 -14.95 -19.45
CA ALA A 258 -6.96 -15.19 -19.22
C ALA A 258 -7.44 -14.16 -18.20
N LEU A 259 -8.41 -13.34 -18.57
CA LEU A 259 -8.79 -12.16 -17.82
C LEU A 259 -10.07 -12.41 -17.02
N LYS A 260 -10.09 -11.95 -15.78
CA LYS A 260 -11.32 -11.81 -15.01
C LYS A 260 -11.56 -10.32 -14.76
N LYS A 261 -12.76 -9.85 -15.13
CA LYS A 261 -13.15 -8.46 -14.95
C LYS A 261 -13.82 -8.30 -13.59
N GLY A 262 -13.45 -7.24 -12.89
CA GLY A 262 -13.96 -6.96 -11.56
C GLY A 262 -14.75 -5.66 -11.53
N SER A 263 -15.47 -5.48 -10.42
CA SER A 263 -16.35 -4.33 -10.25
C SER A 263 -15.58 -3.07 -9.87
N SER A 264 -14.53 -3.20 -9.07
CA SER A 264 -13.83 -2.05 -8.49
C SER A 264 -12.36 -2.14 -8.88
N SER A 265 -11.99 -1.49 -9.98
CA SER A 265 -10.61 -1.44 -10.45
C SER A 265 -10.48 -0.45 -11.60
N GLY A 266 -9.28 0.10 -11.80
CA GLY A 266 -9.06 1.00 -12.93
C GLY A 266 -7.58 1.23 -13.14
N ILE A 267 -7.26 2.07 -14.12
CA ILE A 267 -5.90 2.56 -14.32
C ILE A 267 -5.81 4.00 -13.82
N MET A 268 -4.83 4.25 -12.99
CA MET A 268 -4.54 5.55 -12.40
C MET A 268 -3.15 6.03 -12.80
N ARG A 269 -3.04 7.30 -13.12
CA ARG A 269 -1.77 7.96 -13.34
C ARG A 269 -1.45 8.72 -12.05
N SER A 270 -0.40 8.31 -11.34
CA SER A 270 -0.05 8.98 -10.09
C SER A 270 1.40 8.71 -9.75
N ASP A 271 2.02 9.69 -9.07
CA ASP A 271 3.36 9.60 -8.48
C ASP A 271 3.32 9.47 -6.97
N ALA A 272 2.15 9.38 -6.34
CA ALA A 272 2.11 9.12 -4.92
C ALA A 272 2.58 7.68 -4.67
N GLN A 273 3.06 7.44 -3.45
CA GLN A 273 3.63 6.14 -3.10
C GLN A 273 2.55 5.20 -2.52
N VAL A 274 2.70 3.91 -2.80
CA VAL A 274 1.86 2.88 -2.20
C VAL A 274 2.29 2.67 -0.77
N HIS A 275 1.31 2.56 0.13
CA HIS A 275 1.56 2.32 1.55
C HIS A 275 0.67 1.19 2.05
N ASN A 276 0.93 0.74 3.28
CA ASN A 276 0.18 -0.34 3.91
C ASN A 276 -1.14 0.15 4.52
N CYS A 277 -1.70 1.23 3.99
CA CYS A 277 -3.03 1.66 4.37
C CYS A 277 -4.10 0.95 3.54
N THR A 278 -5.35 1.06 3.99
CA THR A 278 -6.51 0.62 3.25
C THR A 278 -7.51 1.77 3.20
N THR A 279 -8.38 1.72 2.20
CA THR A 279 -9.37 2.77 1.99
C THR A 279 -10.52 2.23 1.18
N LYS A 280 -11.67 2.88 1.31
CA LYS A 280 -12.80 2.60 0.45
C LYS A 280 -12.86 3.52 -0.75
N CYS A 281 -12.02 4.58 -0.76
CA CYS A 281 -12.08 5.58 -1.82
C CYS A 281 -10.68 6.13 -2.07
N GLN A 282 -10.21 6.02 -3.33
CA GLN A 282 -8.84 6.39 -3.69
C GLN A 282 -8.80 7.39 -4.84
N THR A 283 -7.95 8.41 -4.72
CA THR A 283 -7.66 9.37 -5.79
C THR A 283 -6.16 9.34 -6.09
N PRO A 284 -5.73 9.88 -7.25
CA PRO A 284 -4.28 9.89 -7.53
C PRO A 284 -3.48 10.73 -6.55
N HIS A 285 -4.09 11.67 -5.83
CA HIS A 285 -3.36 12.47 -4.85
C HIS A 285 -3.21 11.78 -3.51
N GLY A 286 -4.19 10.94 -3.17
CA GLY A 286 -4.25 10.29 -1.87
C GLY A 286 -5.63 9.72 -1.67
N ALA A 287 -5.77 8.92 -0.61
CA ALA A 287 -7.04 8.31 -0.28
C ALA A 287 -7.96 9.29 0.44
N LEU A 288 -9.26 9.05 0.35
CA LEU A 288 -10.27 9.85 1.03
C LEU A 288 -10.94 9.02 2.13
N LYS A 289 -11.39 9.72 3.18
CA LYS A 289 -12.19 9.04 4.20
C LYS A 289 -13.51 8.55 3.63
N GLY A 290 -14.10 9.28 2.67
CA GLY A 290 -15.30 8.82 1.99
C GLY A 290 -16.57 8.83 2.84
N ASN A 291 -16.65 9.69 3.87
CA ASN A 291 -17.83 9.74 4.73
C ASN A 291 -18.85 10.78 4.30
N LEU A 292 -18.41 11.84 3.69
CA LEU A 292 -19.28 12.90 3.24
C LEU A 292 -19.75 12.68 1.81
N PRO A 293 -20.86 13.30 1.40
CA PRO A 293 -21.35 13.11 0.03
C PRO A 293 -20.57 13.85 -1.04
N PHE A 294 -19.74 14.82 -0.68
CA PHE A 294 -19.03 15.61 -1.68
C PHE A 294 -17.56 15.72 -1.36
N GLN A 295 -16.76 15.89 -2.41
CA GLN A 295 -15.33 16.04 -2.31
C GLN A 295 -14.86 16.92 -3.46
N ASN A 296 -13.80 17.67 -3.20
CA ASN A 296 -13.18 18.52 -4.19
C ASN A 296 -11.69 18.20 -4.36
N VAL A 297 -11.29 16.98 -4.01
CA VAL A 297 -9.88 16.59 -4.11
C VAL A 297 -9.51 16.23 -5.55
N HIS A 298 -10.32 15.43 -6.22
CA HIS A 298 -9.90 14.96 -7.55
C HIS A 298 -11.06 14.35 -8.32
N PRO A 299 -11.16 14.59 -9.64
CA PRO A 299 -12.22 13.94 -10.44
C PRO A 299 -12.01 12.44 -10.67
N VAL A 300 -10.80 11.94 -10.53
CA VAL A 300 -10.45 10.54 -10.77
C VAL A 300 -10.60 9.78 -9.47
N THR A 301 -11.61 8.92 -9.36
CA THR A 301 -11.82 8.16 -8.13
C THR A 301 -11.86 6.66 -8.41
N ILE A 302 -11.51 5.88 -7.39
CA ILE A 302 -11.56 4.43 -7.44
C ILE A 302 -12.16 3.95 -6.13
N GLY A 303 -13.28 3.24 -6.20
CA GLY A 303 -13.95 2.74 -5.01
C GLY A 303 -15.32 3.38 -4.87
N GLU A 304 -15.84 3.42 -3.65
CA GLU A 304 -17.09 4.11 -3.34
C GLU A 304 -16.74 5.46 -2.71
N CYS A 305 -16.93 6.54 -3.47
CA CYS A 305 -16.33 7.85 -3.23
C CYS A 305 -17.38 8.95 -3.15
N PRO A 306 -17.10 10.03 -2.41
CA PRO A 306 -17.99 11.21 -2.47
C PRO A 306 -18.00 11.78 -3.88
N LYS A 307 -19.10 12.44 -4.23
CA LYS A 307 -19.24 13.08 -5.53
C LYS A 307 -18.25 14.24 -5.69
N TYR A 308 -17.56 14.28 -6.81
CA TYR A 308 -16.61 15.36 -7.07
C TYR A 308 -17.35 16.65 -7.40
N VAL A 309 -16.96 17.75 -6.74
CA VAL A 309 -17.50 19.08 -7.00
C VAL A 309 -16.37 20.10 -6.99
N LYS A 310 -16.62 21.27 -7.58
CA LYS A 310 -15.67 22.36 -7.56
C LYS A 310 -15.78 23.24 -6.32
N SER A 311 -16.70 22.92 -5.41
CA SER A 311 -16.95 23.77 -4.26
C SER A 311 -15.76 23.79 -3.31
N THR A 312 -15.55 24.95 -2.68
CA THR A 312 -14.55 25.06 -1.63
C THR A 312 -15.16 24.90 -0.25
N GLN A 313 -16.46 25.13 -0.12
CA GLN A 313 -17.17 24.88 1.12
C GLN A 313 -18.60 24.52 0.77
N LEU A 314 -19.13 23.55 1.49
CA LEU A 314 -20.52 23.16 1.41
C LEU A 314 -21.04 23.06 2.84
N ARG A 315 -21.28 24.20 3.49
CA ARG A 315 -21.65 24.21 4.90
C ARG A 315 -23.16 24.28 5.10
N MET A 316 -23.71 23.25 5.76
CA MET A 316 -25.13 23.10 6.03
C MET A 316 -25.46 23.43 7.48
N ALA A 317 -26.38 24.37 7.68
CA ALA A 317 -26.81 24.73 9.02
C ALA A 317 -27.67 23.64 9.63
N THR A 318 -27.43 23.33 10.90
CA THR A 318 -28.33 22.47 11.66
C THR A 318 -28.95 23.18 12.86
N GLY A 319 -28.20 24.06 13.52
CA GLY A 319 -28.72 24.89 14.57
C GLY A 319 -29.23 26.22 14.04
N LEU A 320 -29.32 27.19 14.94
CA LEU A 320 -29.89 28.51 14.63
C LEU A 320 -28.79 29.58 14.61
N ARG A 321 -29.19 30.80 14.29
CA ARG A 321 -28.27 31.91 14.34
C ARG A 321 -27.70 32.05 15.74
N ASN A 322 -26.38 32.19 15.84
CA ASN A 322 -25.69 32.23 17.13
C ASN A 322 -25.50 33.67 17.59
N ILE A 323 -26.15 34.05 18.69
CA ILE A 323 -26.16 35.43 19.16
C ILE A 323 -25.91 35.52 20.67
N PRO A 324 -24.66 35.36 21.15
CA PRO A 324 -24.39 35.49 22.60
C PRO A 324 -24.59 36.91 23.14
N GLY A 330 -34.28 38.47 11.67
CA GLY A 330 -34.73 37.27 10.99
C GLY A 330 -36.07 37.45 10.31
N LEU A 331 -36.69 36.33 9.92
CA LEU A 331 -37.93 36.40 9.14
C LEU A 331 -39.17 36.55 10.03
N PHE A 332 -39.25 35.81 11.13
CA PHE A 332 -40.45 35.74 11.95
C PHE A 332 -40.38 36.56 13.23
N GLY A 333 -39.37 37.43 13.36
CA GLY A 333 -39.33 38.41 14.42
C GLY A 333 -38.86 37.91 15.77
N ALA A 334 -38.68 36.60 15.96
CA ALA A 334 -38.23 36.10 17.26
C ALA A 334 -36.72 36.16 17.37
N ILE A 335 -36.01 35.25 16.69
CA ILE A 335 -34.55 35.26 16.70
C ILE A 335 -34.05 36.53 16.02
N ALA A 336 -33.12 37.22 16.66
CA ALA A 336 -32.63 38.54 16.26
C ALA A 336 -33.77 39.56 16.17
N GLY A 337 -34.87 39.31 16.86
CA GLY A 337 -35.99 40.23 16.88
C GLY A 337 -36.24 40.78 18.27
N PHE A 338 -37.43 40.52 18.82
CA PHE A 338 -37.72 41.02 20.16
C PHE A 338 -36.90 40.29 21.22
N ILE A 339 -36.54 39.04 20.99
CA ILE A 339 -35.54 38.34 21.78
C ILE A 339 -34.19 38.65 21.14
N GLU A 340 -33.49 39.66 21.66
CA GLU A 340 -32.37 40.25 20.95
C GLU A 340 -31.09 39.40 20.99
N GLY A 341 -31.12 38.22 21.58
CA GLY A 341 -29.89 37.48 21.78
C GLY A 341 -30.16 36.12 22.37
N GLY A 342 -29.14 35.25 22.25
CA GLY A 342 -29.22 33.90 22.78
C GLY A 342 -28.66 33.77 24.20
N TRP A 343 -28.99 32.64 24.82
CA TRP A 343 -28.57 32.32 26.17
C TRP A 343 -27.40 31.34 26.09
N THR A 344 -26.19 31.84 26.30
CA THR A 344 -25.06 30.94 26.47
C THR A 344 -25.27 30.03 27.68
N GLY A 345 -26.04 30.50 28.67
CA GLY A 345 -26.30 29.71 29.86
C GLY A 345 -27.22 28.52 29.67
N MET A 346 -28.07 28.54 28.64
CA MET A 346 -28.93 27.39 28.38
C MET A 346 -28.19 26.43 27.46
N VAL A 347 -27.90 25.23 27.96
CA VAL A 347 -27.05 24.29 27.25
C VAL A 347 -27.77 23.00 26.87
N ASP A 348 -28.93 22.70 27.46
CA ASP A 348 -29.57 21.40 27.33
C ASP A 348 -30.48 21.27 26.10
N GLY A 349 -30.63 22.32 25.30
CA GLY A 349 -31.49 22.23 24.14
C GLY A 349 -31.43 23.50 23.32
N TRP A 350 -32.29 23.57 22.30
CA TRP A 350 -32.29 24.67 21.35
C TRP A 350 -33.26 25.79 21.76
N TYR A 351 -34.40 25.42 22.33
CA TYR A 351 -35.41 26.38 22.79
C TYR A 351 -35.81 26.03 24.22
N GLY A 352 -36.11 27.04 25.03
CA GLY A 352 -36.47 26.79 26.41
C GLY A 352 -36.81 28.06 27.16
N TYR A 353 -36.70 27.96 28.50
CA TYR A 353 -37.20 28.96 29.44
C TYR A 353 -36.12 29.33 30.44
N HIS A 354 -36.19 30.56 30.94
CA HIS A 354 -35.44 30.98 32.11
C HIS A 354 -36.40 31.61 33.12
N HIS A 355 -36.30 31.18 34.39
CA HIS A 355 -37.26 31.61 35.40
C HIS A 355 -36.53 32.15 36.62
N ARG A 356 -37.24 33.01 37.36
CA ARG A 356 -36.71 33.65 38.56
C ARG A 356 -37.84 33.81 39.55
N ASN A 357 -37.67 33.25 40.76
CA ASN A 357 -38.65 33.44 41.83
C ASN A 357 -37.98 33.50 43.20
N GLU A 358 -38.66 33.01 44.23
CA GLU A 358 -38.10 33.04 45.57
C GLU A 358 -37.12 31.89 45.83
N GLN A 359 -37.30 30.76 45.16
CA GLN A 359 -36.36 29.64 45.29
C GLN A 359 -35.24 29.75 44.26
N TYR A 363 -32.08 28.48 33.88
CA TYR A 363 -32.32 28.02 32.52
C TYR A 363 -32.83 26.59 32.51
N ALA A 364 -33.80 26.31 31.64
CA ALA A 364 -34.26 24.95 31.40
C ALA A 364 -34.57 24.82 29.92
N ALA A 365 -34.27 23.66 29.35
CA ALA A 365 -34.50 23.45 27.93
C ALA A 365 -35.83 22.75 27.73
N ASP A 366 -36.58 23.21 26.73
CA ASP A 366 -37.85 22.57 26.39
C ASP A 366 -37.51 21.35 25.56
N GLN A 367 -37.53 20.18 26.22
CA GLN A 367 -37.18 18.93 25.54
C GLN A 367 -38.22 18.59 24.48
N LYS A 368 -39.48 18.95 24.73
CA LYS A 368 -40.54 18.71 23.76
C LYS A 368 -40.27 19.49 22.47
N SER A 369 -40.11 20.80 22.60
CA SER A 369 -39.89 21.64 21.42
C SER A 369 -38.53 21.37 20.78
N THR A 370 -37.51 21.08 21.59
CA THR A 370 -36.18 20.80 21.05
C THR A 370 -36.14 19.48 20.30
N GLN A 371 -36.81 18.45 20.83
CA GLN A 371 -36.70 17.13 20.20
C GLN A 371 -37.39 17.09 18.84
N ILE A 372 -38.54 17.77 18.70
CA ILE A 372 -39.21 17.81 17.40
C ILE A 372 -38.30 18.43 16.35
N ALA A 373 -37.65 19.54 16.70
CA ALA A 373 -36.74 20.20 15.76
C ALA A 373 -35.51 19.36 15.46
N ILE A 374 -34.95 18.69 16.49
CA ILE A 374 -33.82 17.80 16.26
C ILE A 374 -34.22 16.66 15.34
N ASP A 375 -35.42 16.11 15.56
CA ASP A 375 -35.91 15.05 14.68
C ASP A 375 -36.05 15.54 13.24
N GLY A 376 -36.55 16.77 13.08
CA GLY A 376 -36.76 17.30 11.74
C GLY A 376 -35.47 17.60 10.99
N ILE A 377 -34.52 18.26 11.68
CA ILE A 377 -33.27 18.65 11.02
C ILE A 377 -32.43 17.43 10.68
N SER A 378 -32.42 16.41 11.55
CA SER A 378 -31.71 15.18 11.21
C SER A 378 -32.27 14.57 9.94
N ASN A 379 -33.60 14.61 9.78
CA ASN A 379 -34.21 14.09 8.56
C ASN A 379 -33.80 14.92 7.34
N LYS A 380 -33.72 16.25 7.50
CA LYS A 380 -33.28 17.11 6.39
C LYS A 380 -31.89 16.72 5.94
N VAL A 381 -30.94 16.65 6.88
CA VAL A 381 -29.56 16.34 6.54
C VAL A 381 -29.45 14.95 5.92
N ASN A 382 -30.09 13.97 6.56
CA ASN A 382 -30.00 12.60 6.06
C ASN A 382 -30.60 12.48 4.66
N SER A 383 -31.71 13.17 4.41
CA SER A 383 -32.32 13.14 3.08
C SER A 383 -31.35 13.67 2.03
N VAL A 384 -30.65 14.76 2.35
CA VAL A 384 -29.66 15.30 1.42
C VAL A 384 -28.55 14.28 1.19
N ILE A 385 -28.14 13.56 2.23
CA ILE A 385 -27.07 12.58 2.05
C ILE A 385 -27.59 11.37 1.25
N GLU A 386 -28.77 10.87 1.58
CA GLU A 386 -29.23 9.65 0.90
C GLU A 386 -29.55 9.94 -0.56
N LYS A 387 -30.12 11.11 -0.85
CA LYS A 387 -30.40 11.44 -2.25
C LYS A 387 -29.11 11.60 -3.03
N MET A 388 -28.03 11.99 -2.36
CA MET A 388 -26.70 11.98 -2.96
C MET A 388 -26.20 10.55 -3.10
N ASN A 389 -25.83 10.15 -4.31
CA ASN A 389 -25.38 8.79 -4.56
C ASN A 389 -23.87 8.63 -4.48
N ILE A 390 -23.45 7.45 -4.02
CA ILE A 390 -22.04 7.08 -4.05
C ILE A 390 -21.54 7.14 -5.49
N GLN A 391 -20.34 7.67 -5.67
CA GLN A 391 -19.73 7.78 -6.99
C GLN A 391 -18.74 6.63 -7.09
N PHE A 392 -19.21 5.53 -7.69
CA PHE A 392 -18.35 4.41 -8.03
C PHE A 392 -17.20 4.83 -8.97
N THR A 393 -16.27 3.88 -9.17
CA THR A 393 -15.03 4.11 -9.89
C THR A 393 -15.24 4.83 -11.22
N SER A 394 -14.64 6.02 -11.34
CA SER A 394 -14.62 6.76 -12.62
C SER A 394 -13.17 7.11 -12.94
N VAL A 395 -12.61 6.46 -13.96
CA VAL A 395 -11.19 6.64 -14.26
C VAL A 395 -11.06 7.63 -15.40
N GLY A 396 -9.82 7.97 -15.76
CA GLY A 396 -9.57 8.82 -16.90
C GLY A 396 -9.50 8.02 -18.19
N LYS A 397 -9.94 8.66 -19.27
CA LYS A 397 -9.90 8.07 -20.60
C LYS A 397 -8.73 8.66 -21.36
N GLU A 398 -8.28 7.93 -22.38
CA GLU A 398 -7.11 8.30 -23.16
C GLU A 398 -7.47 8.29 -24.64
N PHE A 399 -6.91 9.24 -25.35
CA PHE A 399 -7.20 9.50 -26.74
C PHE A 399 -5.90 9.75 -27.49
N ASN A 400 -5.78 9.24 -28.70
CA ASN A 400 -4.54 9.50 -29.43
C ASN A 400 -4.62 10.87 -30.09
N SER A 401 -3.59 11.24 -30.83
CA SER A 401 -3.47 12.61 -31.31
C SER A 401 -4.42 12.90 -32.47
N LEU A 402 -5.02 11.87 -33.04
CA LEU A 402 -6.07 11.98 -34.05
C LEU A 402 -7.45 11.71 -33.47
N GLU A 403 -7.63 11.87 -32.17
CA GLU A 403 -8.93 11.66 -31.51
C GLU A 403 -9.28 12.87 -30.65
N LYS A 404 -8.96 14.05 -31.16
CA LYS A 404 -9.16 15.28 -30.40
C LYS A 404 -10.64 15.58 -30.24
N ARG A 405 -11.45 15.30 -31.27
CA ARG A 405 -12.88 15.59 -31.17
C ARG A 405 -13.54 14.74 -30.10
N MET A 406 -13.18 13.44 -30.06
CA MET A 406 -13.70 12.53 -29.05
C MET A 406 -13.21 12.91 -27.67
N GLU A 407 -11.95 13.31 -27.60
CA GLU A 407 -11.41 13.79 -26.34
C GLU A 407 -12.20 15.00 -25.87
N ASN A 408 -12.51 15.92 -26.78
CA ASN A 408 -13.26 17.12 -26.38
C ASN A 408 -14.72 16.79 -26.06
N LEU A 409 -15.31 15.84 -26.77
CA LEU A 409 -16.64 15.36 -26.37
C LEU A 409 -16.59 14.74 -24.97
N ASN A 410 -15.56 13.95 -24.67
CA ASN A 410 -15.47 13.37 -23.34
C ASN A 410 -15.33 14.46 -22.28
N LYS A 411 -14.52 15.47 -22.56
CA LYS A 411 -14.35 16.56 -21.61
C LYS A 411 -15.63 17.38 -21.46
N LYS A 412 -16.39 17.57 -22.53
CA LYS A 412 -17.63 18.31 -22.40
C LYS A 412 -18.61 17.58 -21.49
N VAL A 413 -18.58 16.25 -21.54
CA VAL A 413 -19.44 15.46 -20.67
C VAL A 413 -19.01 15.60 -19.22
N ASP A 414 -17.72 15.38 -18.94
CA ASP A 414 -17.22 15.49 -17.56
C ASP A 414 -17.52 16.87 -16.99
N ASP A 415 -17.18 17.92 -17.73
CA ASP A 415 -17.38 19.28 -17.25
C ASP A 415 -18.86 19.60 -17.08
N GLY A 416 -19.69 19.08 -17.99
CA GLY A 416 -21.11 19.39 -17.94
C GLY A 416 -21.78 18.83 -16.71
N PHE A 417 -21.51 17.56 -16.38
CA PHE A 417 -22.07 16.98 -15.17
C PHE A 417 -21.42 17.56 -13.93
N LEU A 418 -20.13 17.87 -14.01
CA LEU A 418 -19.47 18.53 -12.89
C LEU A 418 -20.16 19.85 -12.54
N ASP A 419 -20.49 20.67 -13.55
CA ASP A 419 -21.18 21.92 -13.29
C ASP A 419 -22.57 21.68 -12.74
N VAL A 420 -23.26 20.65 -13.24
CA VAL A 420 -24.61 20.37 -12.76
C VAL A 420 -24.59 20.04 -11.26
N TRP A 421 -23.69 19.13 -10.85
CA TRP A 421 -23.67 18.69 -9.45
C TRP A 421 -23.12 19.77 -8.52
N THR A 422 -22.17 20.58 -8.99
CA THR A 422 -21.73 21.72 -8.18
C THR A 422 -22.89 22.70 -7.97
N TYR A 423 -23.68 22.94 -9.02
CA TYR A 423 -24.86 23.80 -8.88
C TYR A 423 -25.88 23.21 -7.91
N ASN A 424 -26.18 21.91 -8.06
CA ASN A 424 -27.19 21.28 -7.21
C ASN A 424 -26.79 21.32 -5.75
N ALA A 425 -25.53 21.01 -5.46
CA ALA A 425 -25.04 21.01 -4.08
C ALA A 425 -25.06 22.41 -3.49
N GLU A 426 -24.49 23.39 -4.19
CA GLU A 426 -24.35 24.71 -3.60
C GLU A 426 -25.68 25.41 -3.40
N LEU A 427 -26.56 25.33 -4.40
CA LEU A 427 -27.85 25.99 -4.30
C LEU A 427 -28.76 25.28 -3.31
N LEU A 428 -28.68 23.95 -3.24
CA LEU A 428 -29.47 23.24 -2.25
C LEU A 428 -29.12 23.71 -0.84
N ILE A 429 -27.82 23.82 -0.55
CA ILE A 429 -27.40 24.27 0.76
C ILE A 429 -27.84 25.72 1.01
N LEU A 430 -27.71 26.58 -0.02
CA LEU A 430 -28.09 27.98 0.11
C LEU A 430 -29.57 28.14 0.47
N LEU A 431 -30.44 27.36 -0.17
CA LEU A 431 -31.87 27.46 0.10
C LEU A 431 -32.26 26.74 1.39
N GLU A 432 -31.67 25.57 1.66
CA GLU A 432 -32.03 24.84 2.86
C GLU A 432 -31.52 25.53 4.13
N ASN A 433 -30.39 26.23 4.03
CA ASN A 433 -29.90 26.96 5.19
C ASN A 433 -30.87 28.08 5.58
N GLU A 434 -31.40 28.80 4.58
CA GLU A 434 -32.39 29.84 4.83
C GLU A 434 -33.61 29.26 5.52
N ARG A 435 -34.08 28.10 5.05
CA ARG A 435 -35.27 27.51 5.65
C ARG A 435 -35.00 26.98 7.06
N THR A 436 -33.80 26.45 7.31
CA THR A 436 -33.46 25.95 8.64
C THR A 436 -33.38 27.09 9.66
N LEU A 437 -32.81 28.23 9.28
CA LEU A 437 -32.75 29.35 10.21
C LEU A 437 -34.15 29.93 10.43
N ASP A 438 -34.97 29.94 9.39
CA ASP A 438 -36.35 30.38 9.53
C ASP A 438 -37.16 29.36 10.32
N PHE A 439 -36.79 28.08 10.24
CA PHE A 439 -37.45 27.04 11.01
C PHE A 439 -37.28 27.26 12.52
N HIS A 440 -36.04 27.49 12.98
CA HIS A 440 -35.80 27.76 14.39
C HIS A 440 -36.49 29.04 14.86
N ASP A 441 -36.40 30.11 14.06
CA ASP A 441 -37.07 31.37 14.34
C ASP A 441 -38.57 31.17 14.57
N LEU A 442 -39.20 30.34 13.73
CA LEU A 442 -40.62 30.07 13.87
C LEU A 442 -40.90 29.20 15.08
N ASN A 443 -40.00 28.26 15.38
CA ASN A 443 -40.21 27.41 16.55
C ASN A 443 -40.09 28.22 17.83
N VAL A 444 -39.23 29.24 17.84
CA VAL A 444 -39.12 30.13 19.00
C VAL A 444 -40.40 30.96 19.16
N LYS A 445 -40.88 31.57 18.07
CA LYS A 445 -42.13 32.35 18.16
C LYS A 445 -43.27 31.49 18.65
N ASN A 446 -43.30 30.20 18.27
CA ASN A 446 -44.35 29.32 18.73
C ASN A 446 -44.21 29.02 20.22
N LEU A 447 -42.98 28.94 20.73
CA LEU A 447 -42.80 28.70 22.15
C LEU A 447 -43.26 29.91 22.97
N TYR A 448 -42.99 31.12 22.46
CA TYR A 448 -43.45 32.34 23.13
C TYR A 448 -44.97 32.44 23.11
N GLU A 449 -45.58 32.24 21.94
CA GLU A 449 -47.02 32.34 21.83
C GLU A 449 -47.73 31.24 22.61
N LYS A 450 -47.07 30.12 22.86
CA LYS A 450 -47.67 29.07 23.71
C LYS A 450 -47.75 29.54 25.16
N VAL A 451 -46.71 30.22 25.64
CA VAL A 451 -46.74 30.77 27.00
C VAL A 451 -47.68 31.97 27.05
N LYS A 452 -47.68 32.80 26.01
CA LYS A 452 -48.60 33.93 25.94
C LYS A 452 -50.05 33.45 25.96
N SER A 453 -50.34 32.35 25.27
CA SER A 453 -51.68 31.76 25.30
C SER A 453 -52.04 31.11 26.65
N GLN A 454 -51.23 31.37 27.69
CA GLN A 454 -51.50 30.91 29.06
C GLN A 454 -51.60 32.10 29.99
N LEU A 455 -50.49 32.77 30.29
CA LEU A 455 -50.49 33.95 31.14
C LEU A 455 -51.28 35.09 30.49
N GLU A 461 -46.18 41.05 30.19
CA GLU A 461 -45.32 40.87 29.01
C GLU A 461 -44.30 41.99 28.90
N ILE A 462 -43.03 41.67 29.21
CA ILE A 462 -41.98 42.69 29.21
C ILE A 462 -41.59 43.07 27.79
N GLY A 463 -41.48 42.09 26.89
CA GLY A 463 -41.19 42.37 25.50
C GLY A 463 -40.03 41.61 24.90
N ASN A 464 -38.99 41.35 25.71
CA ASN A 464 -37.82 40.59 25.28
C ASN A 464 -37.98 39.10 25.52
N GLY A 465 -39.20 38.58 25.45
CA GLY A 465 -39.47 37.22 25.83
C GLY A 465 -39.75 36.99 27.30
N CYS A 466 -39.63 38.02 28.13
CA CYS A 466 -39.86 37.89 29.57
C CYS A 466 -41.21 38.49 29.98
N HIS A 471 -49.30 37.53 40.12
CA HIS A 471 -49.41 36.51 41.16
C HIS A 471 -48.08 35.79 41.36
N LYS A 472 -47.66 35.64 42.63
CA LYS A 472 -46.42 34.96 42.93
C LYS A 472 -46.52 33.47 42.55
N CYS A 473 -45.45 32.93 41.96
CA CYS A 473 -45.47 31.59 41.41
C CYS A 473 -44.11 30.93 41.58
N ASP A 474 -44.05 29.90 42.42
CA ASP A 474 -42.80 29.19 42.71
C ASP A 474 -42.46 28.18 41.62
N ASN A 475 -41.90 27.04 42.01
CA ASN A 475 -41.32 26.07 41.07
C ASN A 475 -42.36 25.09 40.54
N GLU A 476 -43.24 24.57 41.40
CA GLU A 476 -44.30 23.68 40.95
C GLU A 476 -45.17 24.36 39.90
N CYS A 477 -45.42 25.66 40.07
CA CYS A 477 -46.31 26.40 39.18
C CYS A 477 -45.62 26.79 37.87
N MET A 478 -44.38 27.28 37.93
CA MET A 478 -43.60 27.56 36.72
C MET A 478 -43.35 26.30 35.92
N GLU A 479 -42.70 25.29 36.52
CA GLU A 479 -42.48 24.03 35.82
C GLU A 479 -43.76 23.46 35.23
N SER A 480 -44.92 23.85 35.76
CA SER A 480 -46.20 23.49 35.14
C SER A 480 -46.41 24.29 33.87
N VAL A 481 -46.06 25.59 33.88
CA VAL A 481 -46.15 26.40 32.67
C VAL A 481 -45.24 25.83 31.59
N LYS A 482 -44.04 25.38 31.98
CA LYS A 482 -43.18 24.70 31.02
C LYS A 482 -43.86 23.45 30.50
N ASN A 483 -44.49 22.68 31.41
CA ASN A 483 -45.26 21.50 31.03
C ASN A 483 -46.47 21.85 30.16
N GLY A 484 -46.86 23.12 30.11
CA GLY A 484 -48.05 23.50 29.35
C GLY A 484 -49.36 23.44 30.10
N THR A 485 -49.32 23.41 31.44
CA THR A 485 -50.53 23.31 32.25
C THR A 485 -50.61 24.49 33.21
N TYR A 486 -51.63 25.32 33.02
CA TYR A 486 -51.82 26.52 33.85
C TYR A 486 -53.24 27.06 33.72
N GLY B 1 10.28 13.02 85.61
CA GLY B 1 10.56 12.32 84.37
C GLY B 1 9.54 11.24 84.07
N SER B 2 8.52 11.60 83.29
CA SER B 2 7.45 10.66 82.97
C SER B 2 8.01 9.45 82.24
N ASP B 3 7.43 8.28 82.51
CA ASP B 3 7.90 7.05 81.90
C ASP B 3 7.51 7.01 80.42
N THR B 4 8.45 6.58 79.57
CA THR B 4 8.32 6.71 78.12
C THR B 4 8.62 5.41 77.40
N ILE B 5 7.94 5.19 76.27
CA ILE B 5 8.29 4.12 75.34
C ILE B 5 8.37 4.71 73.93
N CYS B 6 9.35 4.25 73.16
CA CYS B 6 9.63 4.77 71.83
C CYS B 6 9.68 3.64 70.82
N VAL B 7 9.20 3.93 69.63
CA VAL B 7 9.35 3.05 68.48
C VAL B 7 10.49 3.60 67.63
N GLY B 8 11.35 2.71 67.15
CA GLY B 8 12.50 3.12 66.36
C GLY B 8 13.07 1.95 65.58
N TYR B 9 14.12 2.26 64.82
CA TYR B 9 14.75 1.30 63.94
C TYR B 9 16.24 1.24 64.19
N HIS B 10 16.90 0.30 63.53
CA HIS B 10 18.28 -0.06 63.81
C HIS B 10 19.24 0.85 63.04
N ALA B 11 20.39 1.10 63.66
CA ALA B 11 21.53 1.75 63.02
C ALA B 11 22.82 1.13 63.52
N ASN B 12 23.84 1.13 62.67
CA ASN B 12 25.15 0.58 63.01
C ASN B 12 26.23 1.39 62.30
N ASN B 13 27.46 0.86 62.30
CA ASN B 13 28.62 1.56 61.75
C ASN B 13 28.89 1.20 60.30
N SER B 14 27.90 0.64 59.59
CA SER B 14 28.11 0.17 58.24
C SER B 14 28.18 1.34 57.25
N THR B 15 29.12 1.24 56.32
CA THR B 15 29.31 2.23 55.27
C THR B 15 28.80 1.76 53.92
N ASP B 16 28.10 0.63 53.88
CA ASP B 16 27.61 0.08 52.62
C ASP B 16 26.66 1.05 51.95
N THR B 17 26.88 1.29 50.65
CA THR B 17 26.04 2.16 49.85
C THR B 17 25.30 1.31 48.82
N VAL B 18 24.05 1.68 48.53
CA VAL B 18 23.28 1.05 47.46
C VAL B 18 22.61 2.13 46.66
N ASP B 19 22.30 1.78 45.41
CA ASP B 19 21.53 2.63 44.52
C ASP B 19 20.09 2.12 44.47
N THR B 20 19.15 3.06 44.36
CA THR B 20 17.74 2.73 44.15
C THR B 20 17.25 3.53 42.96
N ILE B 21 16.05 3.19 42.48
CA ILE B 21 15.51 3.88 41.30
C ILE B 21 15.32 5.37 41.57
N LEU B 22 15.05 5.74 42.83
CA LEU B 22 14.80 7.13 43.17
C LEU B 22 16.04 7.85 43.66
N GLU B 23 17.01 7.13 44.19
CA GLU B 23 18.14 7.79 44.82
C GLU B 23 19.38 6.93 44.68
N LYS B 24 20.51 7.59 44.46
CA LYS B 24 21.80 6.94 44.35
C LYS B 24 22.59 7.14 45.65
N ASN B 25 23.56 6.24 45.87
CA ASN B 25 24.45 6.29 47.03
C ASN B 25 23.66 6.43 48.34
N VAL B 26 22.90 5.39 48.66
CA VAL B 26 22.11 5.35 49.90
C VAL B 26 22.79 4.42 50.88
N THR B 27 23.14 4.95 52.05
CA THR B 27 23.81 4.17 53.09
C THR B 27 22.79 3.28 53.81
N VAL B 28 23.08 1.98 53.88
CA VAL B 28 22.15 0.99 54.43
C VAL B 28 22.89 0.18 55.50
N THR B 29 22.10 -0.40 56.41
CA THR B 29 22.67 -1.14 57.54
C THR B 29 23.26 -2.48 57.11
N HIS B 30 22.63 -3.15 56.14
CA HIS B 30 23.06 -4.46 55.64
C HIS B 30 22.87 -4.51 54.13
N SER B 31 23.69 -5.32 53.47
CA SER B 31 23.58 -5.49 52.03
C SER B 31 24.37 -6.74 51.63
N VAL B 32 24.12 -7.20 50.40
CA VAL B 32 24.82 -8.36 49.85
C VAL B 32 25.28 -7.99 48.45
N ASN B 33 26.55 -8.28 48.15
CA ASN B 33 27.06 -8.06 46.81
C ASN B 33 26.65 -9.25 45.94
N LEU B 34 26.04 -8.95 44.79
CA LEU B 34 25.60 -9.98 43.85
C LEU B 34 26.57 -10.15 42.69
N LEU B 35 27.72 -9.48 42.75
CA LEU B 35 28.68 -9.41 41.66
C LEU B 35 30.02 -9.92 42.13
N GLU B 36 30.53 -10.98 41.50
CA GLU B 36 31.91 -11.38 41.73
C GLU B 36 32.79 -10.55 40.81
N ASN B 37 33.76 -9.86 41.42
CA ASN B 37 34.68 -8.99 40.72
C ASN B 37 36.12 -9.29 41.10
N SER B 38 36.38 -10.51 41.59
CA SER B 38 37.69 -10.92 42.03
C SER B 38 37.95 -12.34 41.58
N HIS B 39 39.22 -12.71 41.45
CA HIS B 39 39.59 -14.06 41.04
C HIS B 39 40.88 -14.46 41.75
N ASN B 40 41.20 -15.75 41.72
CA ASN B 40 42.37 -16.21 42.45
C ASN B 40 43.64 -16.19 41.60
N GLY B 41 43.58 -15.61 40.40
CA GLY B 41 44.77 -15.45 39.59
C GLY B 41 45.43 -16.74 39.19
N LYS B 42 44.71 -17.86 39.30
CA LYS B 42 45.28 -19.17 39.02
C LYS B 42 44.39 -19.91 38.03
N LEU B 43 45.00 -20.75 37.21
CA LEU B 43 44.26 -21.71 36.41
C LEU B 43 44.13 -23.00 37.21
N CYS B 44 42.90 -23.42 37.45
CA CYS B 44 42.63 -24.54 38.34
C CYS B 44 42.07 -25.72 37.57
N SER B 45 41.95 -26.85 38.26
CA SER B 45 41.19 -27.97 37.73
C SER B 45 39.70 -27.63 37.74
N LEU B 46 38.99 -28.11 36.70
CA LEU B 46 37.56 -27.94 36.56
C LEU B 46 36.86 -29.17 37.12
N ASN B 47 35.93 -28.95 38.06
CA ASN B 47 35.27 -30.03 38.77
C ASN B 47 36.32 -30.82 39.53
N GLY B 48 36.97 -31.79 38.90
CA GLY B 48 38.01 -32.55 39.58
C GLY B 48 39.19 -32.95 38.72
N LYS B 49 39.13 -32.59 37.44
CA LYS B 49 40.11 -33.02 36.42
C LYS B 49 41.05 -31.88 36.04
N ILE B 50 42.34 -32.17 36.05
CA ILE B 50 43.42 -31.22 35.72
C ILE B 50 43.23 -30.79 34.26
N PRO B 51 43.57 -29.55 33.90
CA PRO B 51 43.52 -29.15 32.49
C PRO B 51 44.71 -29.67 31.69
N LEU B 52 44.61 -29.52 30.39
CA LEU B 52 45.73 -29.82 29.50
C LEU B 52 46.39 -28.50 29.11
N GLN B 53 47.64 -28.33 29.51
CA GLN B 53 48.43 -27.15 29.20
CA GLN B 53 48.42 -27.14 29.19
C GLN B 53 49.34 -27.46 28.02
N LEU B 54 49.09 -26.82 26.88
CA LEU B 54 49.89 -27.03 25.67
C LEU B 54 51.26 -26.36 25.77
N GLY B 55 51.41 -25.37 26.65
CA GLY B 55 52.72 -24.77 26.89
C GLY B 55 53.29 -24.05 25.69
N ASN B 56 54.50 -24.44 25.30
N ASN B 56 54.50 -24.41 25.31
CA ASN B 56 55.21 -23.87 24.16
CA ASN B 56 55.15 -23.78 24.16
C ASN B 56 54.64 -24.30 22.82
C ASN B 56 54.67 -24.33 22.82
N CYS B 57 53.61 -25.15 22.81
CA CYS B 57 53.04 -25.72 21.60
C CYS B 57 51.62 -25.20 21.40
N ASN B 58 51.19 -25.15 20.14
CA ASN B 58 49.80 -24.90 19.81
C ASN B 58 49.12 -26.22 19.47
N VAL B 59 47.85 -26.15 19.10
CA VAL B 59 47.09 -27.37 18.85
C VAL B 59 47.71 -28.14 17.69
N ALA B 60 48.14 -27.44 16.63
CA ALA B 60 48.78 -28.10 15.49
C ALA B 60 49.99 -28.92 15.92
N GLY B 61 50.89 -28.30 16.69
CA GLY B 61 52.08 -29.01 17.11
C GLY B 61 51.75 -30.22 17.96
N TRP B 62 50.72 -30.09 18.79
CA TRP B 62 50.24 -31.20 19.61
C TRP B 62 49.75 -32.37 18.74
N ILE B 63 48.81 -32.10 17.84
CA ILE B 63 48.11 -33.17 17.11
C ILE B 63 49.03 -33.82 16.08
N LEU B 64 49.81 -33.02 15.34
CA LEU B 64 50.82 -33.58 14.45
C LEU B 64 51.90 -34.32 15.23
N GLY B 65 52.23 -33.85 16.43
CA GLY B 65 53.30 -34.44 17.21
C GLY B 65 54.67 -33.86 16.91
N ASN B 66 54.71 -32.54 16.80
CA ASN B 66 55.98 -31.84 16.69
C ASN B 66 56.94 -32.37 17.75
N PRO B 67 58.18 -32.70 17.37
CA PRO B 67 59.13 -33.22 18.36
C PRO B 67 59.34 -32.33 19.57
N LYS B 68 59.18 -31.02 19.42
CA LYS B 68 59.27 -30.14 20.59
C LYS B 68 58.07 -30.29 21.52
N CYS B 69 57.08 -31.12 21.17
CA CYS B 69 55.87 -31.26 21.96
C CYS B 69 55.75 -32.64 22.63
N ASP B 70 56.88 -33.35 22.81
CA ASP B 70 56.82 -34.73 23.30
C ASP B 70 56.16 -34.87 24.68
N LEU B 71 56.17 -33.83 25.52
CA LEU B 71 55.48 -33.91 26.81
C LEU B 71 54.01 -34.28 26.64
N LEU B 72 53.38 -33.76 25.59
CA LEU B 72 51.94 -33.93 25.40
C LEU B 72 51.52 -35.35 25.09
N LEU B 73 52.48 -36.26 24.85
CA LEU B 73 52.10 -37.61 24.44
C LEU B 73 51.33 -38.34 25.53
N THR B 74 51.61 -38.02 26.79
CA THR B 74 50.94 -38.65 27.92
C THR B 74 49.57 -38.04 28.20
N ALA B 75 49.13 -37.08 27.38
CA ALA B 75 47.82 -36.45 27.58
C ALA B 75 46.72 -37.39 27.08
N ASN B 76 45.85 -37.81 28.00
CA ASN B 76 44.71 -38.66 27.64
C ASN B 76 43.38 -38.16 28.20
N SER B 77 43.38 -37.23 29.15
CA SER B 77 42.14 -36.76 29.75
C SER B 77 42.38 -35.39 30.36
N TRP B 78 41.53 -34.42 30.02
CA TRP B 78 41.70 -33.07 30.51
C TRP B 78 40.34 -32.43 30.70
N SER B 79 40.31 -31.35 31.48
CA SER B 79 39.09 -30.58 31.71
C SER B 79 38.94 -29.42 30.74
N TYR B 80 40.06 -28.79 30.38
CA TYR B 80 40.09 -27.79 29.32
C TYR B 80 41.52 -27.67 28.83
N ILE B 81 41.66 -27.04 27.67
CA ILE B 81 42.94 -26.92 26.97
C ILE B 81 43.40 -25.48 27.06
N ILE B 82 44.70 -25.30 27.33
CA ILE B 82 45.27 -23.97 27.52
C ILE B 82 46.30 -23.72 26.41
N GLU B 83 46.12 -22.64 25.67
CA GLU B 83 47.13 -22.12 24.77
C GLU B 83 47.66 -20.84 25.37
N THR B 84 48.97 -20.66 25.33
CA THR B 84 49.62 -19.49 25.90
C THR B 84 50.10 -18.60 24.77
N SER B 85 50.64 -17.43 25.14
CA SER B 85 51.27 -16.51 24.20
C SER B 85 52.54 -17.07 23.58
N ASN B 86 53.07 -18.17 24.13
CA ASN B 86 54.25 -18.82 23.59
C ASN B 86 53.91 -20.10 22.87
N SER B 87 52.61 -20.36 22.63
CA SER B 87 52.17 -21.56 21.90
C SER B 87 52.43 -21.37 20.41
N LYS B 88 53.70 -21.49 20.03
CA LYS B 88 54.12 -21.23 18.67
C LYS B 88 54.73 -22.43 17.94
N ASN B 89 55.07 -23.51 18.66
CA ASN B 89 55.60 -24.73 18.03
C ASN B 89 54.44 -25.52 17.44
N GLY B 90 54.28 -25.45 16.13
CA GLY B 90 53.14 -26.13 15.50
C GLY B 90 53.60 -27.07 14.43
N ALA B 91 53.25 -26.75 13.19
CA ALA B 91 53.75 -27.52 12.05
C ALA B 91 55.16 -27.06 11.79
N CYS B 92 56.15 -27.86 12.25
CA CYS B 92 57.55 -27.48 12.06
C CYS B 92 57.95 -27.53 10.59
N TYR B 93 57.38 -28.45 9.81
CA TYR B 93 57.54 -28.34 8.37
C TYR B 93 56.40 -27.47 7.86
N PRO B 94 56.68 -26.33 7.22
CA PRO B 94 55.61 -25.34 7.02
C PRO B 94 54.52 -25.86 6.09
N GLY B 95 53.31 -25.38 6.35
CA GLY B 95 52.16 -25.74 5.55
C GLY B 95 50.90 -25.49 6.34
N GLU B 96 49.79 -25.60 5.63
CA GLU B 96 48.50 -25.23 6.18
C GLU B 96 47.71 -26.46 6.64
N PHE B 97 47.07 -26.30 7.78
CA PHE B 97 46.16 -27.27 8.35
C PHE B 97 44.76 -26.95 7.81
N ALA B 98 44.17 -27.85 7.03
CA ALA B 98 42.83 -27.56 6.52
C ALA B 98 41.81 -27.62 7.66
N ASP B 99 40.84 -26.70 7.65
CA ASP B 99 39.75 -26.63 8.64
C ASP B 99 40.31 -26.69 10.08
N TYR B 100 41.28 -25.83 10.33
CA TYR B 100 42.02 -25.88 11.60
C TYR B 100 41.14 -25.47 12.77
N GLU B 101 40.30 -24.44 12.58
CA GLU B 101 39.41 -23.98 13.63
C GLU B 101 38.33 -25.00 13.97
N GLU B 102 37.87 -25.75 12.95
CA GLU B 102 36.95 -26.85 13.19
C GLU B 102 37.63 -27.96 13.98
N LEU B 103 38.87 -28.30 13.62
CA LEU B 103 39.59 -29.30 14.40
C LEU B 103 39.66 -28.88 15.87
N LYS B 104 40.01 -27.61 16.13
CA LYS B 104 40.06 -27.13 17.52
C LYS B 104 38.69 -27.22 18.19
N GLU B 105 37.62 -26.89 17.45
CA GLU B 105 36.28 -26.99 18.00
C GLU B 105 35.93 -28.43 18.35
N GLN B 106 36.32 -29.38 17.50
CA GLN B 106 36.09 -30.78 17.83
C GLN B 106 36.85 -31.18 19.08
N LEU B 107 38.14 -30.81 19.15
CA LEU B 107 38.94 -31.15 20.32
C LEU B 107 38.42 -30.46 21.58
N SER B 108 37.68 -29.36 21.43
CA SER B 108 37.14 -28.66 22.60
C SER B 108 36.13 -29.50 23.36
N THR B 109 35.51 -30.47 22.71
CA THR B 109 34.50 -31.32 23.34
C THR B 109 35.01 -32.71 23.71
N VAL B 110 36.31 -33.00 23.53
CA VAL B 110 36.87 -34.32 23.77
C VAL B 110 37.21 -34.45 25.26
N SER B 111 36.72 -35.51 25.89
CA SER B 111 37.09 -35.77 27.29
C SER B 111 38.12 -36.88 27.45
N SER B 112 38.25 -37.77 26.47
CA SER B 112 39.21 -38.86 26.53
C SER B 112 39.88 -38.99 25.17
N PHE B 113 41.17 -39.25 25.21
CA PHE B 113 42.06 -39.22 24.06
C PHE B 113 42.96 -40.44 24.18
N GLU B 114 42.87 -41.37 23.23
CA GLU B 114 43.70 -42.57 23.30
C GLU B 114 44.52 -42.65 22.02
N ARG B 115 45.81 -42.35 22.14
CA ARG B 115 46.69 -42.41 20.99
C ARG B 115 46.98 -43.87 20.66
N PHE B 116 46.84 -44.23 19.39
CA PHE B 116 47.21 -45.59 18.97
C PHE B 116 47.92 -45.50 17.62
N GLU B 117 48.70 -46.54 17.33
CA GLU B 117 49.52 -46.61 16.11
C GLU B 117 48.61 -47.13 14.99
N ILE B 118 47.95 -46.20 14.29
CA ILE B 118 46.98 -46.63 13.28
C ILE B 118 47.67 -47.47 12.19
N PHE B 119 48.80 -47.00 11.67
CA PHE B 119 49.60 -47.70 10.67
C PHE B 119 51.00 -47.90 11.22
N PRO B 120 51.32 -49.06 11.81
CA PRO B 120 52.65 -49.27 12.39
C PRO B 120 53.77 -49.06 11.37
N LYS B 121 54.74 -48.22 11.75
CA LYS B 121 55.84 -47.86 10.86
C LYS B 121 56.63 -49.10 10.42
N ALA B 122 56.88 -50.01 11.36
CA ALA B 122 57.79 -51.13 11.10
C ALA B 122 57.20 -52.17 10.17
N THR B 123 55.87 -52.23 10.02
CA THR B 123 55.24 -53.32 9.27
C THR B 123 54.30 -52.88 8.15
N SER B 124 53.88 -51.62 8.12
CA SER B 124 52.80 -51.21 7.21
C SER B 124 53.26 -50.95 5.78
N TRP B 125 54.55 -50.73 5.56
CA TRP B 125 55.04 -50.23 4.28
C TRP B 125 56.22 -51.06 3.79
N PRO B 126 55.99 -52.35 3.51
CA PRO B 126 57.12 -53.22 3.11
C PRO B 126 57.72 -52.84 1.76
N ASN B 127 56.95 -52.19 0.89
CA ASN B 127 57.40 -51.80 -0.43
C ASN B 127 57.91 -50.37 -0.50
N HIS B 128 58.06 -49.69 0.65
CA HIS B 128 58.57 -48.32 0.67
C HIS B 128 59.58 -48.15 1.79
N ASP B 129 60.25 -47.00 1.78
CA ASP B 129 61.29 -46.67 2.75
C ASP B 129 60.69 -45.75 3.80
N THR B 130 60.76 -46.17 5.06
CA THR B 130 60.20 -45.46 6.20
C THR B 130 61.25 -44.79 7.07
N THR B 131 62.52 -44.82 6.66
CA THR B 131 63.64 -44.47 7.52
C THR B 131 64.37 -43.19 7.12
N ARG B 132 63.89 -42.46 6.10
CA ARG B 132 64.61 -41.29 5.60
C ARG B 132 63.79 -40.01 5.63
N GLY B 133 62.60 -40.03 6.21
CA GLY B 133 61.76 -38.84 6.19
C GLY B 133 61.96 -37.92 7.38
N THR B 134 63.14 -37.32 7.48
CA THR B 134 63.46 -36.37 8.55
C THR B 134 63.89 -35.06 7.93
N THR B 135 63.93 -34.02 8.76
CA THR B 135 64.25 -32.72 8.20
C THR B 135 64.78 -31.83 9.31
N VAL B 136 65.66 -30.90 8.92
CA VAL B 136 66.16 -29.92 9.87
C VAL B 136 65.06 -29.01 10.39
N ALA B 137 63.97 -28.85 9.64
CA ALA B 137 62.88 -28.00 10.10
C ALA B 137 62.21 -28.58 11.35
N CYS B 138 62.33 -29.88 11.56
CA CYS B 138 61.76 -30.54 12.73
C CYS B 138 62.87 -31.14 13.58
N SER B 139 63.87 -30.32 13.89
CA SER B 139 65.00 -30.76 14.70
C SER B 139 64.56 -31.10 16.11
N HIS B 140 65.19 -32.12 16.69
CA HIS B 140 64.96 -32.50 18.07
C HIS B 140 66.29 -32.95 18.64
N SER B 141 66.69 -32.36 19.76
CA SER B 141 67.96 -32.72 20.41
C SER B 141 69.11 -32.67 19.40
N GLY B 142 69.07 -31.66 18.52
CA GLY B 142 70.16 -31.42 17.61
C GLY B 142 70.23 -32.34 16.42
N ALA B 143 69.17 -33.09 16.14
CA ALA B 143 69.16 -33.99 15.01
C ALA B 143 67.90 -33.77 14.20
N ASN B 144 68.02 -33.90 12.88
CA ASN B 144 66.86 -33.83 12.00
C ASN B 144 65.85 -34.89 12.40
N SER B 145 64.58 -34.50 12.49
CA SER B 145 63.55 -35.38 13.00
C SER B 145 62.26 -35.09 12.27
N PHE B 146 61.14 -35.55 12.84
CA PHE B 146 59.84 -35.41 12.18
C PHE B 146 58.73 -35.67 13.20
N TYR B 147 57.48 -35.40 12.77
CA TYR B 147 56.31 -35.60 13.60
C TYR B 147 56.26 -37.02 14.16
N ARG B 148 55.78 -37.15 15.40
CA ARG B 148 55.62 -38.46 16.03
C ARG B 148 54.38 -39.18 15.55
N ASN B 149 53.43 -38.44 14.96
CA ASN B 149 52.12 -38.99 14.59
C ASN B 149 51.95 -39.14 13.08
N LEU B 150 52.93 -38.67 12.29
CA LEU B 150 52.92 -38.80 10.84
C LEU B 150 54.20 -39.49 10.41
N LEU B 151 54.17 -40.16 9.25
CA LEU B 151 55.33 -40.86 8.72
C LEU B 151 55.58 -40.37 7.31
N TRP B 152 56.76 -39.80 7.07
CA TRP B 152 57.16 -39.27 5.77
C TRP B 152 57.74 -40.42 4.95
N ILE B 153 56.93 -41.04 4.11
CA ILE B 153 57.35 -42.22 3.34
C ILE B 153 58.03 -41.73 2.06
N VAL B 154 59.17 -42.33 1.73
CA VAL B 154 59.90 -42.04 0.50
C VAL B 154 60.17 -43.35 -0.26
N LYS B 155 60.77 -43.21 -1.44
CA LYS B 155 61.02 -44.35 -2.32
C LYS B 155 62.03 -45.32 -1.72
N LYS B 156 61.87 -46.59 -2.08
CA LYS B 156 62.81 -47.64 -1.72
C LYS B 156 63.70 -47.93 -2.92
N GLY B 157 65.00 -47.66 -2.76
CA GLY B 157 65.89 -47.71 -3.90
C GLY B 157 65.54 -46.58 -4.85
N ASN B 158 65.15 -46.94 -6.08
CA ASN B 158 64.71 -45.98 -7.08
C ASN B 158 63.30 -46.29 -7.54
N SER B 159 62.50 -46.92 -6.67
CA SER B 159 61.15 -47.31 -7.02
C SER B 159 60.20 -46.85 -5.92
N TYR B 160 59.09 -46.21 -6.32
CA TYR B 160 58.00 -45.86 -5.41
C TYR B 160 56.74 -46.47 -6.01
N PRO B 161 56.45 -47.73 -5.70
CA PRO B 161 55.25 -48.36 -6.23
C PRO B 161 53.99 -47.73 -5.64
N LYS B 162 52.87 -48.01 -6.30
CA LYS B 162 51.59 -47.48 -5.85
C LYS B 162 51.32 -47.89 -4.41
N LEU B 163 51.12 -46.91 -3.55
CA LEU B 163 50.83 -47.17 -2.15
C LEU B 163 49.33 -47.32 -1.98
N SER B 164 48.92 -48.33 -1.19
CA SER B 164 47.52 -48.54 -0.89
C SER B 164 47.42 -49.11 0.51
N LYS B 165 46.60 -48.51 1.36
CA LYS B 165 46.48 -48.99 2.73
C LYS B 165 45.17 -48.51 3.32
N SER B 166 44.50 -49.40 4.05
CA SER B 166 43.20 -49.12 4.64
C SER B 166 43.22 -49.36 6.14
N TYR B 167 42.41 -48.60 6.86
CA TYR B 167 42.20 -48.82 8.28
C TYR B 167 40.71 -48.76 8.56
N THR B 168 40.21 -49.77 9.26
CA THR B 168 38.80 -49.88 9.62
C THR B 168 38.63 -49.56 11.11
N ASN B 169 37.78 -48.58 11.42
CA ASN B 169 37.56 -48.20 12.81
C ASN B 169 36.73 -49.26 13.53
N ASN B 170 37.37 -49.99 14.45
CA ASN B 170 36.67 -50.96 15.30
C ASN B 170 36.80 -50.61 16.77
N LYS B 171 37.11 -49.35 17.06
CA LYS B 171 37.32 -48.87 18.42
C LYS B 171 36.03 -48.60 19.18
N GLY B 172 34.88 -48.61 18.52
CA GLY B 172 33.67 -48.21 19.21
C GLY B 172 33.64 -46.74 19.59
N LYS B 173 34.50 -45.93 18.97
CA LYS B 173 34.61 -44.51 19.21
C LYS B 173 35.02 -43.86 17.89
N GLU B 174 34.82 -42.56 17.79
CA GLU B 174 35.37 -41.82 16.67
C GLU B 174 36.90 -41.86 16.75
N VAL B 175 37.53 -41.90 15.59
CA VAL B 175 38.98 -41.87 15.50
C VAL B 175 39.37 -40.63 14.71
N LEU B 176 40.21 -39.81 15.29
CA LEU B 176 40.77 -38.66 14.58
C LEU B 176 41.96 -39.14 13.78
N VAL B 177 41.90 -39.01 12.46
CA VAL B 177 42.97 -39.45 11.57
C VAL B 177 43.60 -38.22 10.97
N ILE B 178 44.93 -38.13 11.02
CA ILE B 178 45.61 -36.97 10.51
CA ILE B 178 45.67 -36.96 10.55
C ILE B 178 46.71 -37.42 9.54
N TRP B 179 46.89 -36.64 8.45
CA TRP B 179 47.87 -36.97 7.42
C TRP B 179 48.26 -35.70 6.67
N GLY B 180 49.19 -35.84 5.73
CA GLY B 180 49.66 -34.70 4.98
C GLY B 180 50.01 -35.03 3.54
N VAL B 181 50.12 -33.98 2.72
CA VAL B 181 50.51 -34.07 1.33
C VAL B 181 51.67 -33.11 1.10
N HIS B 182 52.79 -33.65 0.58
CA HIS B 182 54.04 -32.92 0.44
C HIS B 182 54.15 -32.35 -0.96
N HIS B 183 54.53 -31.07 -1.04
CA HIS B 183 54.78 -30.35 -2.28
C HIS B 183 56.25 -29.96 -2.31
N PRO B 184 57.10 -30.74 -2.96
CA PRO B 184 58.54 -30.41 -3.02
C PRO B 184 58.78 -29.12 -3.78
N PRO B 185 59.88 -28.40 -3.51
CA PRO B 185 60.09 -27.13 -4.20
C PRO B 185 60.63 -27.26 -5.60
N THR B 186 61.24 -28.40 -5.96
CA THR B 186 61.81 -28.58 -7.29
C THR B 186 61.51 -29.99 -7.80
N ASP B 187 61.54 -30.12 -9.12
CA ASP B 187 61.36 -31.43 -9.74
C ASP B 187 62.44 -32.41 -9.29
N SER B 188 63.66 -31.92 -9.05
CA SER B 188 64.72 -32.80 -8.55
C SER B 188 64.36 -33.38 -7.19
N ASP B 189 63.82 -32.55 -6.28
CA ASP B 189 63.42 -33.04 -4.96
C ASP B 189 62.28 -34.04 -5.06
N GLN B 190 61.31 -33.76 -5.93
CA GLN B 190 60.25 -34.73 -6.22
C GLN B 190 60.85 -36.07 -6.66
N GLN B 191 61.77 -36.01 -7.63
CA GLN B 191 62.38 -37.23 -8.13
C GLN B 191 63.22 -37.90 -7.05
N THR B 192 63.97 -37.11 -6.29
CA THR B 192 64.80 -37.64 -5.21
C THR B 192 63.97 -38.40 -4.18
N LEU B 193 62.81 -37.84 -3.79
CA LEU B 193 62.03 -38.43 -2.71
C LEU B 193 61.09 -39.54 -3.19
N TYR B 194 60.41 -39.33 -4.32
CA TYR B 194 59.31 -40.21 -4.71
C TYR B 194 59.46 -40.82 -6.10
N GLN B 195 60.54 -40.51 -6.81
CA GLN B 195 60.84 -41.07 -8.13
C GLN B 195 59.81 -40.65 -9.18
N ASN B 196 58.54 -40.98 -8.96
CA ASN B 196 57.52 -40.66 -9.93
C ASN B 196 57.19 -39.16 -9.92
N ASN B 197 56.78 -38.67 -11.08
CA ASN B 197 56.23 -37.33 -11.22
C ASN B 197 54.77 -37.45 -11.64
N HIS B 198 54.09 -36.31 -11.63
CA HIS B 198 52.65 -36.26 -11.84
C HIS B 198 51.95 -37.32 -11.00
N THR B 199 52.21 -37.25 -9.70
CA THR B 199 51.71 -38.19 -8.72
C THR B 199 50.36 -37.71 -8.21
N TYR B 200 49.72 -38.56 -7.42
CA TYR B 200 48.48 -38.19 -6.76
C TYR B 200 48.44 -38.80 -5.37
N VAL B 201 47.61 -38.19 -4.52
CA VAL B 201 47.26 -38.74 -3.22
C VAL B 201 45.73 -38.72 -3.14
N SER B 202 45.13 -39.87 -2.78
CA SER B 202 43.69 -39.93 -2.59
C SER B 202 43.40 -40.52 -1.23
N VAL B 203 42.44 -39.92 -0.53
CA VAL B 203 42.02 -40.36 0.79
C VAL B 203 40.51 -40.50 0.76
N GLY B 204 40.00 -41.65 1.21
CA GLY B 204 38.57 -41.88 1.14
C GLY B 204 37.98 -42.63 2.31
N SER B 205 36.81 -42.19 2.77
CA SER B 205 35.98 -42.97 3.67
C SER B 205 34.54 -42.84 3.19
N SER B 206 33.59 -43.26 4.00
CA SER B 206 32.21 -43.08 3.59
C SER B 206 31.75 -41.64 3.75
N LYS B 207 32.48 -40.81 4.51
CA LYS B 207 32.11 -39.42 4.71
C LYS B 207 33.16 -38.43 4.18
N TYR B 208 34.22 -38.91 3.54
CA TYR B 208 35.33 -38.03 3.19
C TYR B 208 35.96 -38.52 1.90
N TYR B 209 36.19 -37.60 0.97
CA TYR B 209 36.93 -37.99 -0.22
C TYR B 209 37.63 -36.78 -0.80
N LYS B 210 38.91 -36.96 -1.08
CA LYS B 210 39.76 -35.92 -1.63
C LYS B 210 40.85 -36.61 -2.43
N ARG B 211 41.04 -36.17 -3.66
CA ARG B 211 42.15 -36.64 -4.49
C ARG B 211 42.96 -35.41 -4.87
N LEU B 212 44.25 -35.40 -4.51
CA LEU B 212 45.15 -34.27 -4.72
C LEU B 212 46.25 -34.66 -5.70
N THR B 213 46.59 -33.73 -6.60
CA THR B 213 47.80 -33.89 -7.39
C THR B 213 48.84 -32.90 -6.87
N PRO B 214 49.85 -33.33 -6.13
CA PRO B 214 50.85 -32.40 -5.61
C PRO B 214 51.53 -31.61 -6.71
N GLU B 215 51.73 -30.33 -6.47
CA GLU B 215 52.33 -29.45 -7.44
C GLU B 215 53.66 -28.94 -6.89
N ILE B 216 54.67 -28.95 -7.75
CA ILE B 216 56.03 -28.54 -7.38
C ILE B 216 56.13 -27.02 -7.51
N VAL B 217 56.47 -26.35 -6.42
CA VAL B 217 56.67 -24.91 -6.44
C VAL B 217 57.67 -24.52 -5.35
N ALA B 218 58.60 -23.62 -5.69
CA ALA B 218 59.58 -23.15 -4.72
C ALA B 218 58.95 -21.94 -4.02
N ARG B 219 58.50 -22.14 -2.78
CA ARG B 219 57.93 -21.10 -1.94
C ARG B 219 59.03 -20.40 -1.15
N PRO B 220 58.75 -19.23 -0.59
CA PRO B 220 59.74 -18.60 0.30
C PRO B 220 60.06 -19.51 1.48
N LYS B 221 61.31 -19.48 1.88
CA LYS B 221 61.85 -20.41 2.85
C LYS B 221 61.33 -20.10 4.26
N VAL B 222 60.71 -21.10 4.88
CA VAL B 222 60.29 -21.06 6.28
C VAL B 222 61.00 -22.22 6.95
N ARG B 223 61.78 -21.93 7.99
CA ARG B 223 62.63 -22.94 8.63
C ARG B 223 63.43 -23.71 7.58
N GLU B 224 63.95 -22.95 6.61
CA GLU B 224 64.82 -23.37 5.53
C GLU B 224 64.11 -24.13 4.42
N GLN B 225 62.80 -24.35 4.53
CA GLN B 225 62.04 -25.16 3.59
C GLN B 225 61.34 -24.26 2.56
N ALA B 226 61.70 -24.43 1.29
CA ALA B 226 60.97 -23.82 0.18
C ALA B 226 59.78 -24.67 -0.29
N GLY B 227 59.71 -25.93 0.12
CA GLY B 227 58.53 -26.75 -0.09
C GLY B 227 57.52 -26.53 1.02
N ARG B 228 56.39 -27.22 0.91
CA ARG B 228 55.28 -27.09 1.85
C ARG B 228 54.63 -28.45 2.02
N MET B 229 54.06 -28.69 3.19
CA MET B 229 53.24 -29.85 3.48
C MET B 229 51.85 -29.38 3.91
N ASN B 230 50.81 -29.85 3.23
CA ASN B 230 49.44 -29.53 3.62
C ASN B 230 48.87 -30.65 4.48
N TYR B 231 48.33 -30.29 5.63
CA TYR B 231 47.86 -31.24 6.63
C TYR B 231 46.35 -31.36 6.57
N TYR B 232 45.85 -32.56 6.81
CA TYR B 232 44.42 -32.83 6.70
C TYR B 232 44.00 -33.73 7.85
N TRP B 233 42.71 -33.71 8.15
CA TRP B 233 42.18 -34.55 9.21
C TRP B 233 40.75 -34.91 8.86
N THR B 234 40.27 -35.98 9.47
CA THR B 234 38.86 -36.34 9.41
C THR B 234 38.56 -37.11 10.69
N LEU B 235 37.29 -37.13 11.05
CA LEU B 235 36.80 -37.96 12.15
C LEU B 235 36.18 -39.19 11.52
N LEU B 236 36.78 -40.35 11.77
CA LEU B 236 36.35 -41.60 11.17
C LEU B 236 35.35 -42.29 12.10
N ASP B 237 34.13 -42.51 11.62
CA ASP B 237 33.07 -43.11 12.44
C ASP B 237 33.34 -44.58 12.71
N GLN B 238 32.71 -45.08 13.79
CA GLN B 238 32.77 -46.50 14.12
C GLN B 238 32.40 -47.36 12.92
N GLY B 239 33.17 -48.42 12.69
CA GLY B 239 32.89 -49.34 11.61
C GLY B 239 33.29 -48.83 10.24
N ASP B 240 33.66 -47.57 10.11
CA ASP B 240 34.02 -47.05 8.81
C ASP B 240 35.49 -47.32 8.49
N THR B 241 35.81 -47.29 7.20
CA THR B 241 37.16 -47.58 6.73
C THR B 241 37.70 -46.36 5.98
N ILE B 242 38.93 -45.98 6.31
CA ILE B 242 39.62 -44.94 5.57
C ILE B 242 40.67 -45.60 4.69
N THR B 243 40.79 -45.13 3.44
CA THR B 243 41.70 -45.73 2.49
C THR B 243 42.63 -44.65 1.93
N PHE B 244 43.91 -44.91 2.01
CA PHE B 244 44.95 -44.05 1.47
C PHE B 244 45.54 -44.69 0.22
N GLU B 245 45.74 -43.89 -0.81
CA GLU B 245 46.35 -44.37 -2.03
C GLU B 245 47.20 -43.27 -2.63
N ALA B 246 48.42 -43.62 -3.06
CA ALA B 246 49.38 -42.62 -3.51
C ALA B 246 50.42 -43.23 -4.43
N THR B 247 50.88 -42.41 -5.39
CA THR B 247 52.08 -42.70 -6.16
C THR B 247 53.22 -41.81 -5.72
N GLY B 248 53.06 -41.10 -4.61
CA GLY B 248 54.09 -40.27 -4.04
C GLY B 248 53.48 -39.22 -3.14
N ASN B 249 54.35 -38.51 -2.41
CA ASN B 249 54.01 -37.28 -1.73
C ASN B 249 53.08 -37.44 -0.53
N LEU B 250 52.91 -38.67 -0.03
CA LEU B 250 52.00 -38.90 1.09
C LEU B 250 52.75 -38.82 2.40
N ILE B 251 52.32 -37.95 3.31
CA ILE B 251 52.78 -37.98 4.69
C ILE B 251 51.74 -38.81 5.44
N ALA B 252 52.03 -40.07 5.65
CA ALA B 252 50.97 -41.00 6.03
C ALA B 252 50.63 -40.90 7.51
N PRO B 253 49.41 -41.26 7.90
CA PRO B 253 49.13 -41.47 9.32
C PRO B 253 50.05 -42.53 9.88
N TRP B 254 50.58 -42.24 11.06
CA TRP B 254 51.30 -43.21 11.88
C TRP B 254 50.56 -43.45 13.18
N HIS B 255 50.17 -42.38 13.90
CA HIS B 255 49.32 -42.51 15.06
C HIS B 255 48.04 -41.72 14.84
N ALA B 256 46.95 -42.25 15.38
CA ALA B 256 45.64 -41.60 15.37
C ALA B 256 45.09 -41.62 16.79
N PHE B 257 43.87 -41.09 16.97
CA PHE B 257 43.36 -40.86 18.32
C PHE B 257 41.92 -41.33 18.41
N ALA B 258 41.65 -42.26 19.31
CA ALA B 258 40.28 -42.68 19.61
C ALA B 258 39.67 -41.72 20.61
N LEU B 259 38.58 -41.06 20.23
CA LEU B 259 38.05 -39.95 21.00
C LEU B 259 36.79 -40.33 21.76
N LYS B 260 36.69 -39.83 22.99
CA LYS B 260 35.41 -39.79 23.69
C LYS B 260 34.98 -38.33 23.82
N LYS B 261 33.73 -38.06 23.43
CA LYS B 261 33.17 -36.73 23.57
C LYS B 261 32.67 -36.51 24.99
N GLY B 262 33.01 -35.36 25.53
CA GLY B 262 32.73 -34.99 26.91
C GLY B 262 31.88 -33.73 26.91
N SER B 263 31.93 -32.97 27.99
CA SER B 263 31.09 -31.79 28.06
C SER B 263 31.64 -30.74 27.11
N SER B 264 30.86 -29.67 26.92
CA SER B 264 31.16 -28.69 25.87
C SER B 264 32.14 -27.66 26.43
N SER B 265 33.31 -28.17 26.76
CA SER B 265 34.46 -27.42 27.25
C SER B 265 35.12 -26.71 26.06
N GLY B 266 36.29 -26.14 26.28
CA GLY B 266 36.92 -25.45 25.19
C GLY B 266 38.40 -25.24 25.41
N ILE B 267 38.98 -24.48 24.49
CA ILE B 267 40.37 -24.07 24.55
C ILE B 267 40.42 -22.67 25.12
N MET B 268 41.25 -22.48 26.13
CA MET B 268 41.37 -21.19 26.77
C MET B 268 42.73 -20.60 26.43
N ARG B 269 42.73 -19.32 26.13
CA ARG B 269 43.96 -18.58 25.88
C ARG B 269 44.34 -17.87 27.17
N SER B 270 45.41 -18.31 27.81
CA SER B 270 45.79 -17.68 29.07
C SER B 270 47.28 -17.91 29.34
N ASP B 271 47.88 -16.91 29.98
CA ASP B 271 49.26 -16.98 30.45
C ASP B 271 49.36 -17.19 31.95
N ALA B 272 48.23 -17.33 32.65
CA ALA B 272 48.27 -17.65 34.06
C ALA B 272 48.79 -19.06 34.25
N GLN B 273 49.32 -19.31 35.45
CA GLN B 273 49.93 -20.59 35.79
C GLN B 273 48.90 -21.56 36.34
N VAL B 274 49.09 -22.84 36.03
CA VAL B 274 48.26 -23.93 36.58
C VAL B 274 48.67 -24.22 38.02
N HIS B 275 47.69 -24.44 38.88
CA HIS B 275 47.93 -24.74 40.29
C HIS B 275 47.12 -25.96 40.72
N ASN B 276 47.39 -26.44 41.94
CA ASN B 276 46.70 -27.58 42.53
C ASN B 276 45.35 -27.21 43.17
N CYS B 277 44.75 -26.10 42.74
CA CYS B 277 43.43 -25.66 43.15
C CYS B 277 42.34 -26.36 42.33
N THR B 278 41.09 -26.18 42.78
CA THR B 278 39.90 -26.64 42.08
C THR B 278 38.88 -25.51 41.97
N THR B 279 38.02 -25.60 40.95
CA THR B 279 37.01 -24.59 40.72
C THR B 279 35.90 -25.16 39.85
N LYS B 280 34.72 -24.55 39.95
CA LYS B 280 33.60 -24.83 39.06
C LYS B 280 33.51 -23.87 37.90
N CYS B 281 34.27 -22.77 37.93
CA CYS B 281 34.23 -21.75 36.89
C CYS B 281 35.62 -21.16 36.77
N GLN B 282 36.19 -21.19 35.55
CA GLN B 282 37.55 -20.73 35.30
C GLN B 282 37.53 -19.66 34.22
N THR B 283 38.29 -18.59 34.44
CA THR B 283 38.48 -17.56 33.44
C THR B 283 39.96 -17.49 33.10
N PRO B 284 40.32 -16.86 31.97
CA PRO B 284 41.75 -16.75 31.63
C PRO B 284 42.56 -15.98 32.65
N HIS B 285 41.92 -15.13 33.46
CA HIS B 285 42.64 -14.38 34.48
C HIS B 285 42.80 -15.17 35.76
N GLY B 286 41.88 -16.08 36.03
CA GLY B 286 41.85 -16.83 37.28
C GLY B 286 40.48 -17.44 37.49
N ALA B 287 40.41 -18.31 38.49
CA ALA B 287 39.16 -19.00 38.79
C ALA B 287 38.25 -18.12 39.64
N LEU B 288 36.95 -18.41 39.56
CA LEU B 288 35.93 -17.71 40.31
C LEU B 288 35.33 -18.64 41.37
N LYS B 289 34.89 -18.03 42.49
CA LYS B 289 34.13 -18.78 43.49
C LYS B 289 32.78 -19.26 42.91
N GLY B 290 32.21 -18.48 42.00
CA GLY B 290 31.02 -18.90 41.28
C GLY B 290 29.73 -18.97 42.07
N ASN B 291 29.63 -18.22 43.16
CA ASN B 291 28.43 -18.26 44.00
C ASN B 291 27.41 -17.20 43.65
N LEU B 292 27.84 -16.09 43.12
CA LEU B 292 26.93 -15.02 42.80
C LEU B 292 26.41 -15.17 41.38
N PRO B 293 25.25 -14.59 41.06
CA PRO B 293 24.69 -14.78 39.73
C PRO B 293 25.39 -13.99 38.63
N PHE B 294 26.25 -13.03 38.99
CA PHE B 294 26.88 -12.17 38.00
C PHE B 294 28.37 -12.04 38.29
N GLN B 295 29.12 -11.77 37.23
CA GLN B 295 30.56 -11.58 37.31
C GLN B 295 30.95 -10.56 36.26
N ASN B 296 31.98 -9.77 36.58
CA ASN B 296 32.51 -8.81 35.61
C ASN B 296 34.00 -9.02 35.39
N VAL B 297 34.51 -10.22 35.72
CA VAL B 297 35.93 -10.51 35.58
C VAL B 297 36.28 -10.78 34.11
N HIS B 298 35.49 -11.60 33.41
CA HIS B 298 35.90 -11.93 32.05
C HIS B 298 34.74 -12.45 31.24
N PRO B 299 34.58 -12.02 29.98
CA PRO B 299 33.48 -12.57 29.17
C PRO B 299 33.72 -13.99 28.69
N VAL B 300 34.96 -14.43 28.52
CA VAL B 300 35.28 -15.76 27.99
C VAL B 300 35.56 -16.68 29.18
N THR B 301 34.55 -17.46 29.57
CA THR B 301 34.63 -18.30 30.76
C THR B 301 34.41 -19.76 30.37
N ILE B 302 34.83 -20.66 31.26
CA ILE B 302 34.67 -22.09 31.06
C ILE B 302 34.12 -22.70 32.34
N GLY B 303 33.01 -23.43 32.21
CA GLY B 303 32.40 -24.07 33.34
C GLY B 303 30.99 -23.60 33.59
N GLU B 304 30.52 -23.73 34.83
CA GLU B 304 29.21 -23.25 35.24
C GLU B 304 29.43 -21.86 35.79
N CYS B 305 29.13 -20.85 34.99
CA CYS B 305 29.67 -19.54 35.31
C CYS B 305 28.57 -18.50 35.47
N PRO B 306 28.78 -17.55 36.39
CA PRO B 306 27.86 -16.43 36.51
C PRO B 306 27.82 -15.62 35.23
N LYS B 307 26.68 -14.99 34.97
CA LYS B 307 26.54 -14.20 33.76
C LYS B 307 27.51 -13.03 33.77
N TYR B 308 28.20 -12.85 32.65
CA TYR B 308 29.11 -11.74 32.52
C TYR B 308 28.31 -10.46 32.31
N VAL B 309 28.63 -9.43 33.08
CA VAL B 309 28.00 -8.11 32.94
C VAL B 309 29.07 -7.04 32.93
N LYS B 310 28.72 -5.91 32.34
CA LYS B 310 29.61 -4.76 32.34
C LYS B 310 29.49 -3.94 33.62
N SER B 311 28.65 -4.36 34.58
CA SER B 311 28.48 -3.63 35.83
C SER B 311 29.72 -3.71 36.70
N THR B 312 29.98 -2.64 37.45
CA THR B 312 31.06 -2.59 38.44
C THR B 312 30.61 -2.87 39.87
N GLN B 313 29.35 -2.63 40.21
CA GLN B 313 28.78 -3.01 41.50
C GLN B 313 27.33 -3.41 41.31
N LEU B 314 26.93 -4.49 41.99
CA LEU B 314 25.53 -4.92 42.01
C LEU B 314 25.20 -5.28 43.47
N ARG B 315 25.12 -4.25 44.30
CA ARG B 315 24.91 -4.44 45.73
C ARG B 315 23.41 -4.33 46.01
N MET B 316 22.85 -5.35 46.62
CA MET B 316 21.42 -5.39 46.90
C MET B 316 21.19 -5.09 48.37
N ALA B 317 20.35 -4.10 48.64
CA ALA B 317 20.05 -3.74 50.03
C ALA B 317 19.26 -4.85 50.69
N THR B 318 19.64 -5.17 51.92
CA THR B 318 18.88 -6.10 52.76
C THR B 318 18.33 -5.45 54.02
N GLY B 319 19.09 -4.55 54.63
CA GLY B 319 18.62 -3.76 55.75
C GLY B 319 17.97 -2.47 55.29
N LEU B 320 17.88 -1.53 56.22
CA LEU B 320 17.19 -0.26 56.02
C LEU B 320 18.20 0.89 55.96
N ARG B 321 17.71 2.08 55.66
CA ARG B 321 18.58 3.26 55.65
CA ARG B 321 18.57 3.26 55.66
C ARG B 321 19.29 3.41 56.99
N ASN B 322 20.61 3.59 56.93
CA ASN B 322 21.42 3.71 58.15
C ASN B 322 21.51 5.18 58.57
N ILE B 323 20.81 5.54 59.63
CA ILE B 323 20.82 6.92 60.13
C ILE B 323 21.28 6.93 61.59
N PRO B 324 22.58 6.88 61.85
CA PRO B 324 23.12 6.79 63.21
C PRO B 324 23.05 8.12 63.96
N GLY B 330 10.37 8.84 54.32
CA GLY B 330 10.37 8.49 52.91
C GLY B 330 8.99 8.21 52.32
N LEU B 331 8.82 7.00 51.77
CA LEU B 331 7.56 6.64 51.10
C LEU B 331 6.41 6.52 52.11
N PHE B 332 6.64 5.86 53.24
CA PHE B 332 5.60 5.72 54.25
C PHE B 332 5.82 6.59 55.48
N GLY B 333 6.85 7.44 55.47
CA GLY B 333 6.96 8.55 56.41
C GLY B 333 7.68 8.26 57.71
N ALA B 334 8.02 7.01 58.00
CA ALA B 334 8.61 6.65 59.30
C ALA B 334 10.12 6.81 59.33
N ILE B 335 10.84 5.92 58.65
CA ILE B 335 12.29 5.98 58.61
C ILE B 335 12.72 7.27 57.91
N ALA B 336 13.64 8.00 58.55
CA ALA B 336 14.07 9.32 58.12
C ALA B 336 12.88 10.27 57.98
N GLY B 337 11.77 9.96 58.64
CA GLY B 337 10.59 10.80 58.65
C GLY B 337 10.31 11.36 60.04
N PHE B 338 9.15 11.04 60.63
CA PHE B 338 8.88 11.54 61.97
C PHE B 338 9.79 10.88 63.00
N ILE B 339 10.19 9.64 62.76
CA ILE B 339 11.29 9.02 63.52
C ILE B 339 12.56 9.39 62.77
N GLU B 340 13.23 10.45 63.21
CA GLU B 340 14.26 11.12 62.42
C GLU B 340 15.61 10.40 62.40
N GLY B 341 15.74 9.23 63.00
CA GLY B 341 17.05 8.61 63.10
C GLY B 341 16.98 7.22 63.70
N GLY B 342 18.04 6.48 63.44
CA GLY B 342 18.16 5.13 63.95
C GLY B 342 18.93 5.07 65.25
N TRP B 343 18.79 3.94 65.91
CA TRP B 343 19.40 3.70 67.23
C TRP B 343 20.63 2.84 67.08
N THR B 344 21.81 3.47 67.18
CA THR B 344 23.03 2.67 67.28
C THR B 344 22.98 1.77 68.51
N GLY B 345 22.25 2.19 69.54
CA GLY B 345 22.15 1.42 70.76
C GLY B 345 21.36 0.13 70.64
N MET B 346 20.48 0.01 69.65
CA MET B 346 19.72 -1.21 69.46
C MET B 346 20.49 -2.16 68.57
N VAL B 347 20.84 -3.33 69.10
CA VAL B 347 21.73 -4.24 68.40
C VAL B 347 21.09 -5.58 68.06
N ASP B 348 19.99 -6.00 68.70
CA ASP B 348 19.49 -7.36 68.54
C ASP B 348 18.49 -7.53 67.39
N GLY B 349 18.17 -6.50 66.64
CA GLY B 349 17.22 -6.66 65.55
C GLY B 349 17.06 -5.40 64.72
N TRP B 350 16.06 -5.44 63.83
CA TRP B 350 15.81 -4.36 62.88
C TRP B 350 14.81 -3.32 63.39
N TYR B 351 13.75 -3.75 64.09
CA TYR B 351 12.75 -2.84 64.61
C TYR B 351 12.51 -3.15 66.08
N GLY B 352 12.22 -2.13 66.88
CA GLY B 352 12.01 -2.34 68.30
C GLY B 352 11.69 -1.08 69.07
N TYR B 353 11.96 -1.15 70.39
CA TYR B 353 11.51 -0.17 71.37
C TYR B 353 12.66 0.33 72.23
N HIS B 354 12.52 1.57 72.69
CA HIS B 354 13.42 2.17 73.67
C HIS B 354 12.56 2.72 74.80
N HIS B 355 12.78 2.22 76.01
CA HIS B 355 11.93 2.55 77.14
C HIS B 355 12.73 3.25 78.23
N ARG B 356 12.03 4.04 79.05
CA ARG B 356 12.61 4.72 80.20
C ARG B 356 11.55 4.72 81.29
N ASN B 357 11.79 3.97 82.37
CA ASN B 357 10.90 3.96 83.53
C ASN B 357 11.73 3.97 84.80
N GLU B 358 11.06 3.91 85.95
CA GLU B 358 11.78 3.86 87.22
C GLU B 358 12.75 2.69 87.30
N GLN B 359 12.44 1.58 86.62
CA GLN B 359 13.29 0.40 86.69
C GLN B 359 14.55 0.53 85.83
N GLY B 360 14.53 1.35 84.80
CA GLY B 360 15.71 1.56 83.99
C GLY B 360 15.35 1.91 82.56
N SER B 361 16.38 1.89 81.71
CA SER B 361 16.25 2.24 80.31
C SER B 361 17.08 1.29 79.46
N GLY B 362 16.78 1.25 78.17
CA GLY B 362 17.46 0.36 77.26
C GLY B 362 16.68 0.15 75.99
N TYR B 363 17.33 -0.52 75.04
CA TYR B 363 16.75 -0.81 73.74
C TYR B 363 16.38 -2.29 73.67
N ALA B 364 15.23 -2.60 73.06
CA ALA B 364 14.82 -3.98 72.83
C ALA B 364 14.16 -4.10 71.46
N ALA B 365 14.44 -5.20 70.77
CA ALA B 365 13.93 -5.43 69.41
C ALA B 365 12.70 -6.33 69.43
N ASP B 366 11.78 -6.06 68.52
CA ASP B 366 10.58 -6.88 68.34
C ASP B 366 10.97 -8.07 67.46
N GLN B 367 11.12 -9.26 68.08
CA GLN B 367 11.56 -10.45 67.37
C GLN B 367 10.55 -10.95 66.35
N LYS B 368 9.26 -10.75 66.61
CA LYS B 368 8.22 -11.24 65.70
C LYS B 368 8.32 -10.57 64.34
N SER B 369 8.24 -9.23 64.32
CA SER B 369 8.29 -8.51 63.06
C SER B 369 9.68 -8.57 62.42
N THR B 370 10.74 -8.60 63.24
CA THR B 370 12.09 -8.64 62.68
C THR B 370 12.35 -9.96 61.96
N GLN B 371 11.90 -11.08 62.54
CA GLN B 371 12.13 -12.37 61.90
C GLN B 371 11.32 -12.50 60.62
N ILE B 372 10.11 -11.93 60.59
CA ILE B 372 9.30 -11.91 59.37
C ILE B 372 10.02 -11.16 58.26
N ALA B 373 10.62 -10.01 58.60
CA ALA B 373 11.34 -9.22 57.61
C ALA B 373 12.61 -9.95 57.16
N ILE B 374 13.33 -10.58 58.09
CA ILE B 374 14.52 -11.33 57.72
C ILE B 374 14.13 -12.50 56.81
N ASP B 375 13.02 -13.18 57.13
CA ASP B 375 12.57 -14.28 56.28
C ASP B 375 12.22 -13.79 54.87
N GLY B 376 11.55 -12.63 54.77
CA GLY B 376 11.16 -12.13 53.46
C GLY B 376 12.34 -11.66 52.63
N ILE B 377 13.23 -10.87 53.24
CA ILE B 377 14.38 -10.34 52.51
C ILE B 377 15.33 -11.47 52.15
N SER B 378 15.52 -12.45 53.04
CA SER B 378 16.36 -13.59 52.68
C SER B 378 15.79 -14.31 51.48
N ASN B 379 14.46 -14.45 51.43
CA ASN B 379 13.83 -15.10 50.30
C ASN B 379 14.02 -14.28 49.02
N LYS B 380 13.91 -12.96 49.12
CA LYS B 380 14.13 -12.11 47.96
C LYS B 380 15.54 -12.30 47.38
N VAL B 381 16.56 -12.29 48.25
CA VAL B 381 17.94 -12.44 47.79
C VAL B 381 18.11 -13.80 47.11
N ASN B 382 17.63 -14.86 47.76
CA ASN B 382 17.81 -16.20 47.23
C ASN B 382 17.15 -16.36 45.87
N SER B 383 15.95 -15.80 45.70
CA SER B 383 15.27 -15.89 44.41
C SER B 383 16.06 -15.23 43.31
N VAL B 384 16.62 -14.05 43.59
CA VAL B 384 17.42 -13.37 42.58
C VAL B 384 18.61 -14.24 42.17
N ILE B 385 19.21 -14.92 43.14
CA ILE B 385 20.34 -15.81 42.89
C ILE B 385 19.85 -17.12 42.29
N GLU B 386 18.78 -17.69 42.86
CA GLU B 386 18.34 -19.03 42.46
C GLU B 386 17.72 -19.05 41.06
N LYS B 387 17.00 -17.99 40.68
CA LYS B 387 16.33 -18.00 39.37
C LYS B 387 17.32 -18.05 38.21
N MET B 388 18.55 -17.62 38.41
CA MET B 388 19.56 -17.84 37.37
C MET B 388 19.85 -19.31 37.24
N ASN B 389 19.64 -19.85 36.06
CA ASN B 389 20.07 -21.20 35.75
C ASN B 389 21.41 -21.04 35.04
N ILE B 390 22.33 -21.96 35.29
CA ILE B 390 23.60 -21.92 34.60
C ILE B 390 23.95 -23.33 34.14
N GLN B 391 24.29 -23.44 32.86
CA GLN B 391 24.76 -24.67 32.25
C GLN B 391 26.20 -24.47 31.82
N PHE B 392 27.03 -25.49 32.01
CA PHE B 392 28.35 -25.57 31.42
C PHE B 392 28.41 -24.95 30.02
N THR B 393 29.13 -23.85 29.87
CA THR B 393 29.27 -23.18 28.58
C THR B 393 30.73 -22.86 28.35
N SER B 394 31.16 -22.94 27.10
CA SER B 394 32.46 -22.44 26.67
C SER B 394 32.19 -21.39 25.60
N VAL B 395 32.62 -20.16 25.85
CA VAL B 395 32.21 -19.03 25.02
C VAL B 395 33.19 -18.83 23.86
N GLY B 396 34.47 -19.02 24.13
CA GLY B 396 35.53 -18.99 23.13
C GLY B 396 35.24 -19.59 21.77
N LYS B 397 35.37 -18.78 20.73
CA LYS B 397 35.18 -19.20 19.35
CA LYS B 397 35.23 -19.26 19.37
C LYS B 397 36.31 -18.62 18.50
N GLU B 398 36.76 -19.37 17.51
CA GLU B 398 37.81 -18.91 16.62
C GLU B 398 37.37 -18.96 15.17
N PHE B 399 37.80 -17.95 14.42
CA PHE B 399 37.46 -17.75 13.03
C PHE B 399 38.71 -17.40 12.26
N ASN B 400 38.82 -17.93 11.04
CA ASN B 400 40.00 -17.57 10.24
C ASN B 400 39.75 -16.23 9.57
N SER B 401 40.74 -15.77 8.81
CA SER B 401 40.74 -14.40 8.32
C SER B 401 39.72 -14.17 7.23
N LEU B 402 39.19 -15.25 6.65
CA LEU B 402 38.12 -15.20 5.68
C LEU B 402 36.78 -15.55 6.30
N GLU B 403 36.67 -15.41 7.62
CA GLU B 403 35.43 -15.66 8.33
C GLU B 403 35.07 -14.47 9.17
N LYS B 404 35.32 -13.28 8.62
CA LYS B 404 35.07 -12.07 9.40
C LYS B 404 33.59 -11.89 9.69
N ARG B 405 32.72 -12.26 8.75
CA ARG B 405 31.29 -12.05 9.00
C ARG B 405 30.80 -12.95 10.12
N MET B 406 31.26 -14.19 10.14
CA MET B 406 30.87 -15.12 11.18
C MET B 406 31.39 -14.69 12.53
N GLU B 407 32.62 -14.15 12.56
CA GLU B 407 33.20 -13.61 13.78
C GLU B 407 32.35 -12.46 14.30
N ASN B 408 31.92 -11.56 13.42
CA ASN B 408 31.12 -10.43 13.86
C ASN B 408 29.72 -10.88 14.24
N LEU B 409 29.20 -11.92 13.62
CA LEU B 409 27.93 -12.50 14.05
C LEU B 409 28.05 -13.04 15.47
N ASN B 410 29.13 -13.80 15.75
CA ASN B 410 29.38 -14.30 17.10
C ASN B 410 29.52 -13.16 18.11
N LYS B 411 30.23 -12.09 17.74
CA LYS B 411 30.37 -10.96 18.65
C LYS B 411 29.06 -10.24 18.87
N LYS B 412 28.21 -10.16 17.85
CA LYS B 412 26.92 -9.51 18.03
C LYS B 412 26.05 -10.29 19.01
N VAL B 413 26.17 -11.62 19.00
CA VAL B 413 25.45 -12.46 19.97
C VAL B 413 26.00 -12.23 21.38
N ASP B 414 27.33 -12.29 21.54
CA ASP B 414 27.92 -12.07 22.85
C ASP B 414 27.53 -10.70 23.41
N ASP B 415 27.68 -9.65 22.61
CA ASP B 415 27.41 -8.30 23.05
C ASP B 415 25.94 -8.09 23.33
N GLY B 416 25.08 -8.74 22.54
CA GLY B 416 23.65 -8.57 22.71
C GLY B 416 23.16 -9.13 24.04
N PHE B 417 23.64 -10.32 24.41
CA PHE B 417 23.28 -10.89 25.70
C PHE B 417 23.94 -10.14 26.85
N LEU B 418 25.15 -9.61 26.62
CA LEU B 418 25.80 -8.76 27.60
C LEU B 418 24.95 -7.53 27.91
N ASP B 419 24.41 -6.89 26.87
CA ASP B 419 23.59 -5.70 27.08
C ASP B 419 22.29 -6.05 27.79
N VAL B 420 21.68 -7.18 27.42
CA VAL B 420 20.43 -7.60 28.07
C VAL B 420 20.68 -7.89 29.54
N TRP B 421 21.70 -8.70 29.84
CA TRP B 421 21.90 -9.10 31.22
C TRP B 421 22.39 -7.95 32.09
N THR B 422 23.23 -7.08 31.54
CA THR B 422 23.67 -5.91 32.28
C THR B 422 22.50 -5.00 32.62
N TYR B 423 21.63 -4.75 31.65
CA TYR B 423 20.49 -3.87 31.88
C TYR B 423 19.51 -4.49 32.87
N ASN B 424 19.20 -5.77 32.69
CA ASN B 424 18.24 -6.42 33.58
C ASN B 424 18.77 -6.48 35.00
N ALA B 425 20.05 -6.83 35.16
CA ALA B 425 20.61 -6.90 36.51
C ALA B 425 20.59 -5.53 37.18
N GLU B 426 20.97 -4.48 36.46
CA GLU B 426 21.05 -3.16 37.06
C GLU B 426 19.67 -2.63 37.46
N LEU B 427 18.66 -2.78 36.59
CA LEU B 427 17.33 -2.28 36.94
C LEU B 427 16.66 -3.15 37.99
N LEU B 428 16.95 -4.45 37.99
CA LEU B 428 16.40 -5.29 39.03
C LEU B 428 16.84 -4.78 40.40
N ILE B 429 18.14 -4.50 40.55
CA ILE B 429 18.68 -4.04 41.82
C ILE B 429 18.17 -2.63 42.14
N LEU B 430 18.12 -1.73 41.15
CA LEU B 430 17.59 -0.39 41.39
C LEU B 430 16.14 -0.44 41.86
N LEU B 431 15.31 -1.26 41.19
CA LEU B 431 13.90 -1.32 41.55
C LEU B 431 13.68 -2.09 42.85
N GLU B 432 14.38 -3.21 43.04
CA GLU B 432 14.17 -3.99 44.26
C GLU B 432 14.75 -3.32 45.49
N ASN B 433 15.83 -2.56 45.33
CA ASN B 433 16.38 -1.82 46.46
C ASN B 433 15.36 -0.79 46.96
N GLU B 434 14.69 -0.10 46.03
CA GLU B 434 13.64 0.82 46.41
C GLU B 434 12.54 0.07 47.16
N ARG B 435 12.17 -1.12 46.69
CA ARG B 435 11.14 -1.88 47.38
C ARG B 435 11.61 -2.37 48.74
N THR B 436 12.89 -2.71 48.87
CA THR B 436 13.38 -3.19 50.16
C THR B 436 13.38 -2.07 51.19
N LEU B 437 13.79 -0.86 50.79
CA LEU B 437 13.83 0.22 51.76
C LEU B 437 12.44 0.68 52.17
N ASP B 438 11.49 0.66 51.22
CA ASP B 438 10.11 1.01 51.56
C ASP B 438 9.43 -0.09 52.36
N PHE B 439 9.85 -1.34 52.15
CA PHE B 439 9.38 -2.45 52.96
C PHE B 439 9.73 -2.24 54.43
N HIS B 440 10.99 -1.90 54.72
CA HIS B 440 11.38 -1.58 56.09
C HIS B 440 10.63 -0.36 56.61
N ASP B 441 10.54 0.70 55.80
CA ASP B 441 9.81 1.90 56.22
C ASP B 441 8.40 1.56 56.64
N LEU B 442 7.74 0.69 55.87
CA LEU B 442 6.37 0.33 56.22
C LEU B 442 6.33 -0.49 57.49
N ASN B 443 7.32 -1.35 57.68
CA ASN B 443 7.35 -2.17 58.89
C ASN B 443 7.51 -1.32 60.15
N VAL B 444 8.26 -0.22 60.07
CA VAL B 444 8.39 0.68 61.21
C VAL B 444 7.06 1.40 61.47
N LYS B 445 6.44 1.95 60.43
CA LYS B 445 5.13 2.59 60.61
C LYS B 445 4.09 1.63 61.19
N ASN B 446 4.17 0.34 60.83
CA ASN B 446 3.22 -0.62 61.38
C ASN B 446 3.45 -0.87 62.87
N LEU B 447 4.72 -0.96 63.26
CA LEU B 447 5.04 -1.17 64.68
C LEU B 447 4.67 0.06 65.49
N TYR B 448 4.85 1.25 64.92
CA TYR B 448 4.50 2.50 65.61
C TYR B 448 3.00 2.58 65.84
N GLU B 449 2.20 2.36 64.80
CA GLU B 449 0.74 2.41 64.94
C GLU B 449 0.23 1.27 65.79
N LYS B 450 0.98 0.17 65.90
CA LYS B 450 0.57 -0.92 66.78
C LYS B 450 0.65 -0.50 68.25
N VAL B 451 1.67 0.26 68.60
CA VAL B 451 1.75 0.82 69.96
C VAL B 451 0.79 1.98 70.11
N LYS B 452 0.64 2.79 69.05
CA LYS B 452 -0.28 3.94 69.10
C LYS B 452 -1.73 3.52 69.30
N SER B 453 -2.16 2.44 68.64
CA SER B 453 -3.55 2.02 68.82
C SER B 453 -3.81 1.50 70.22
N GLN B 454 -2.82 0.87 70.85
CA GLN B 454 -3.01 0.38 72.21
C GLN B 454 -3.13 1.53 73.21
N LEU B 455 -2.29 2.56 73.04
CA LEU B 455 -2.23 3.68 73.97
C LEU B 455 -3.17 4.79 73.48
N ARG B 456 -4.47 4.55 73.65
CA ARG B 456 -5.48 5.45 73.08
C ARG B 456 -5.23 6.88 73.53
N ASN B 457 -5.40 7.18 74.81
CA ASN B 457 -5.03 8.50 75.30
C ASN B 457 -4.43 8.42 76.71
N ASN B 458 -3.81 7.29 77.04
CA ASN B 458 -3.05 7.13 78.27
C ASN B 458 -1.62 7.64 78.16
N ALA B 459 -1.18 8.10 76.99
CA ALA B 459 0.13 8.69 76.85
C ALA B 459 0.07 9.80 75.80
N LYS B 460 0.98 10.78 75.94
CA LYS B 460 1.10 11.85 74.96
C LYS B 460 1.95 11.40 73.77
N GLU B 461 1.54 11.83 72.57
CA GLU B 461 2.23 11.48 71.33
C GLU B 461 3.23 12.58 71.01
N ILE B 462 4.53 12.30 71.22
CA ILE B 462 5.54 13.33 71.07
C ILE B 462 5.82 13.65 69.60
N GLY B 463 5.36 12.80 68.68
CA GLY B 463 5.56 13.03 67.26
C GLY B 463 6.88 12.55 66.71
N ASN B 464 7.74 11.96 67.55
CA ASN B 464 9.07 11.52 67.16
C ASN B 464 9.24 10.00 67.27
N GLY B 465 8.14 9.26 67.45
CA GLY B 465 8.20 7.84 67.74
C GLY B 465 7.99 7.48 69.20
N CYS B 466 7.96 8.46 70.10
CA CYS B 466 7.92 8.19 71.52
C CYS B 466 6.56 8.53 72.12
N PHE B 467 6.22 7.81 73.18
CA PHE B 467 5.01 8.06 73.97
C PHE B 467 5.45 8.26 75.41
N GLU B 468 5.12 9.43 75.97
CA GLU B 468 5.37 9.74 77.36
C GLU B 468 4.11 9.41 78.16
N PHE B 469 4.18 8.36 78.98
CA PHE B 469 3.00 7.86 79.68
C PHE B 469 2.47 8.87 80.68
N TYR B 470 1.14 8.86 80.84
CA TYR B 470 0.48 9.66 81.85
C TYR B 470 0.53 9.00 83.22
N HIS B 471 0.97 7.75 83.31
CA HIS B 471 0.99 7.01 84.55
C HIS B 471 2.35 6.32 84.72
N LYS B 472 2.50 5.62 85.83
CA LYS B 472 3.66 4.75 86.02
C LYS B 472 3.51 3.51 85.14
N CYS B 473 4.49 3.29 84.27
CA CYS B 473 4.51 2.07 83.45
C CYS B 473 5.80 1.34 83.81
N ASP B 474 5.68 0.38 84.73
CA ASP B 474 6.81 -0.43 85.15
C ASP B 474 7.21 -1.38 84.02
N ASN B 475 8.25 -2.18 84.28
CA ASN B 475 8.72 -3.15 83.28
C ASN B 475 7.60 -4.11 82.88
N GLU B 476 6.78 -4.53 83.85
CA GLU B 476 5.62 -5.38 83.55
C GLU B 476 4.69 -4.69 82.56
N CYS B 477 4.41 -3.40 82.77
CA CYS B 477 3.56 -2.65 81.84
C CYS B 477 4.24 -2.48 80.48
N MET B 478 5.53 -2.11 80.47
CA MET B 478 6.28 -1.97 79.24
C MET B 478 6.18 -3.22 78.37
N GLU B 479 6.68 -4.34 78.90
CA GLU B 479 6.65 -5.61 78.16
C GLU B 479 5.24 -6.00 77.70
N SER B 480 4.20 -5.45 78.32
CA SER B 480 2.85 -5.69 77.84
C SER B 480 2.56 -4.92 76.55
N VAL B 481 3.02 -3.66 76.48
CA VAL B 481 2.83 -2.88 75.26
C VAL B 481 3.54 -3.54 74.07
N LYS B 482 4.75 -4.05 74.31
CA LYS B 482 5.48 -4.79 73.27
C LYS B 482 4.72 -6.04 72.85
N ASN B 483 4.21 -6.80 73.84
CA ASN B 483 3.45 -8.01 73.57
C ASN B 483 2.15 -7.76 72.81
N GLY B 484 1.68 -6.52 72.75
CA GLY B 484 0.40 -6.27 72.11
C GLY B 484 -0.80 -6.50 72.99
N THR B 485 -0.61 -6.57 74.31
CA THR B 485 -1.68 -6.88 75.26
C THR B 485 -1.89 -5.79 76.30
N TYR B 486 -1.44 -4.56 76.02
CA TYR B 486 -1.49 -3.48 77.01
C TYR B 486 -2.92 -3.15 77.44
N ASN B 487 -3.24 -3.37 78.71
CA ASN B 487 -4.57 -3.12 79.24
C ASN B 487 -4.78 -1.61 79.37
N TYR B 488 -5.55 -1.05 78.45
CA TYR B 488 -5.78 0.39 78.37
C TYR B 488 -6.66 0.91 79.51
N PRO B 489 -7.76 0.23 79.90
CA PRO B 489 -8.52 0.73 81.06
C PRO B 489 -7.71 0.70 82.36
N LYS B 490 -7.45 1.90 82.87
CA LYS B 490 -6.70 2.20 84.09
C LYS B 490 -6.62 3.71 84.20
N TYR B 491 -6.97 4.25 85.37
CA TYR B 491 -6.96 5.70 85.61
C TYR B 491 -6.09 6.02 86.81
N SER B 492 -4.87 5.47 86.83
CA SER B 492 -3.87 5.83 87.82
C SER B 492 -2.84 6.78 87.20
N GLU B 493 -3.32 7.88 86.61
CA GLU B 493 -2.47 8.80 85.89
C GLU B 493 -1.90 9.86 86.83
N GLU B 494 -0.59 10.08 86.72
CA GLU B 494 0.08 11.11 87.50
C GLU B 494 -0.01 12.49 86.85
N PHE B 495 -0.26 12.55 85.54
CA PHE B 495 -0.35 13.83 84.86
C PHE B 495 -1.59 14.61 85.31
N LEU B 496 -2.77 13.97 85.25
CA LEU B 496 -4.06 14.58 85.60
C LEU B 496 -4.51 15.55 84.50
N SER C 2 -25.53 -6.28 70.34
CA SER C 2 -26.06 -7.59 70.00
C SER C 2 -25.89 -7.90 68.52
N ASP C 3 -26.35 -7.00 67.66
CA ASP C 3 -26.23 -7.18 66.21
C ASP C 3 -24.82 -6.80 65.74
N THR C 4 -24.32 -7.52 64.74
CA THR C 4 -22.95 -7.34 64.30
C THR C 4 -22.87 -7.32 62.77
N ILE C 5 -21.94 -6.51 62.26
CA ILE C 5 -21.59 -6.46 60.84
C ILE C 5 -20.09 -6.64 60.73
N CYS C 6 -19.67 -7.70 60.04
CA CYS C 6 -18.25 -8.01 59.88
C CYS C 6 -17.83 -7.81 58.43
N VAL C 7 -16.61 -7.30 58.24
CA VAL C 7 -15.96 -7.23 56.93
C VAL C 7 -15.00 -8.40 56.82
N GLY C 8 -14.98 -9.05 55.66
CA GLY C 8 -14.12 -10.21 55.46
C GLY C 8 -13.92 -10.48 53.98
N TYR C 9 -13.16 -11.53 53.70
CA TYR C 9 -12.78 -11.86 52.33
C TYR C 9 -13.04 -13.35 52.06
N HIS C 10 -12.81 -13.73 50.81
CA HIS C 10 -13.19 -15.04 50.30
C HIS C 10 -12.14 -16.11 50.60
N ALA C 11 -12.62 -17.33 50.84
CA ALA C 11 -11.81 -18.53 50.93
C ALA C 11 -12.57 -19.68 50.29
N ASN C 12 -11.84 -20.64 49.74
CA ASN C 12 -12.51 -21.74 49.06
C ASN C 12 -11.68 -23.00 49.25
N ASN C 13 -11.98 -24.03 48.44
CA ASN C 13 -11.35 -25.34 48.57
C ASN C 13 -10.15 -25.52 47.65
N SER C 14 -9.61 -24.43 47.10
CA SER C 14 -8.49 -24.54 46.16
C SER C 14 -7.21 -24.84 46.92
N THR C 15 -6.38 -25.72 46.35
CA THR C 15 -5.09 -26.04 46.93
C THR C 15 -3.92 -25.47 46.12
N ASP C 16 -4.20 -24.64 45.12
CA ASP C 16 -3.16 -24.08 44.26
C ASP C 16 -2.18 -23.20 45.04
N THR C 17 -0.90 -23.35 44.76
CA THR C 17 0.15 -22.57 45.39
C THR C 17 0.82 -21.67 44.36
N VAL C 18 1.26 -20.48 44.82
CA VAL C 18 2.04 -19.56 44.01
C VAL C 18 3.24 -19.11 44.82
N ASP C 19 4.28 -18.68 44.12
CA ASP C 19 5.44 -18.09 44.75
C ASP C 19 5.44 -16.57 44.61
N THR C 20 5.95 -15.89 45.62
CA THR C 20 6.18 -14.46 45.55
C THR C 20 7.65 -14.21 45.86
N ILE C 21 8.07 -12.96 45.64
CA ILE C 21 9.46 -12.63 45.92
C ILE C 21 9.78 -12.78 47.41
N LEU C 22 8.79 -12.59 48.29
CA LEU C 22 9.08 -12.65 49.72
C LEU C 22 8.77 -14.00 50.37
N GLU C 23 7.88 -14.79 49.80
CA GLU C 23 7.44 -16.01 50.47
C GLU C 23 7.11 -17.08 49.43
N LYS C 24 7.44 -18.33 49.75
CA LYS C 24 7.16 -19.45 48.85
C LYS C 24 5.97 -20.26 49.33
N ASN C 25 5.38 -21.00 48.40
CA ASN C 25 4.25 -21.90 48.65
C ASN C 25 3.13 -21.18 49.39
N VAL C 26 2.49 -20.24 48.69
CA VAL C 26 1.37 -19.48 49.23
C VAL C 26 0.08 -19.97 48.56
N THR C 27 -0.85 -20.47 49.36
CA THR C 27 -2.12 -20.98 48.84
C THR C 27 -3.04 -19.79 48.51
N VAL C 28 -3.58 -19.78 47.30
CA VAL C 28 -4.39 -18.67 46.81
C VAL C 28 -5.72 -19.21 46.33
N THR C 29 -6.73 -18.34 46.34
CA THR C 29 -8.08 -18.75 45.95
C THR C 29 -8.21 -18.93 44.44
N HIS C 30 -7.49 -18.11 43.66
CA HIS C 30 -7.56 -18.17 42.21
C HIS C 30 -6.17 -17.95 41.60
N SER C 31 -5.95 -18.55 40.45
CA SER C 31 -4.68 -18.41 39.76
C SER C 31 -4.82 -18.86 38.32
N VAL C 32 -3.86 -18.45 37.49
CA VAL C 32 -3.83 -18.81 36.08
C VAL C 32 -2.41 -19.21 35.73
N ASN C 33 -2.27 -20.33 35.02
CA ASN C 33 -0.97 -20.77 34.56
C ASN C 33 -0.61 -20.04 33.28
N LEU C 34 0.62 -19.50 33.22
CA LEU C 34 1.15 -18.85 32.03
C LEU C 34 2.09 -19.77 31.25
N LEU C 35 2.15 -21.05 31.61
CA LEU C 35 3.06 -22.01 31.02
C LEU C 35 2.21 -23.12 30.42
N GLU C 36 2.35 -23.35 29.12
CA GLU C 36 1.74 -24.51 28.49
C GLU C 36 2.72 -25.67 28.63
N ASN C 37 2.26 -26.79 29.19
CA ASN C 37 3.12 -27.93 29.47
C ASN C 37 2.56 -29.21 28.86
N SER C 38 1.67 -29.08 27.88
CA SER C 38 1.05 -30.24 27.27
C SER C 38 0.92 -30.01 25.78
N HIS C 39 0.77 -31.11 25.05
CA HIS C 39 0.62 -31.07 23.61
C HIS C 39 -0.38 -32.17 23.25
N ASN C 40 -0.89 -32.12 22.02
CA ASN C 40 -1.92 -33.08 21.64
C ASN C 40 -1.34 -34.35 21.02
N GLY C 41 -0.02 -34.52 21.05
CA GLY C 41 0.61 -35.73 20.54
C GLY C 41 0.42 -35.97 19.06
N LYS C 42 0.04 -34.94 18.30
CA LYS C 42 -0.23 -35.07 16.87
C LYS C 42 0.56 -34.06 16.07
N LEU C 43 0.88 -34.42 14.83
CA LEU C 43 1.33 -33.45 13.85
C LEU C 43 0.09 -32.94 13.13
N CYS C 44 -0.12 -31.63 13.16
CA CYS C 44 -1.34 -31.03 12.63
C CYS C 44 -1.05 -30.18 11.41
N SER C 45 -2.11 -29.76 10.74
CA SER C 45 -1.97 -28.73 9.73
C SER C 45 -1.65 -27.40 10.40
N LEU C 46 -0.80 -26.63 9.76
CA LEU C 46 -0.41 -25.31 10.25
C LEU C 46 -1.20 -24.27 9.45
N ASN C 47 -2.05 -23.50 10.14
CA ASN C 47 -2.91 -22.51 9.49
C ASN C 47 -3.84 -23.14 8.44
N GLY C 48 -4.26 -24.39 8.68
CA GLY C 48 -5.20 -25.07 7.80
C GLY C 48 -4.59 -25.82 6.63
N LYS C 49 -3.27 -25.71 6.43
CA LYS C 49 -2.57 -26.33 5.31
C LYS C 49 -1.77 -27.53 5.79
N ILE C 50 -1.99 -28.68 5.17
CA ILE C 50 -1.34 -29.93 5.59
C ILE C 50 0.17 -29.88 5.40
N PRO C 51 0.93 -30.58 6.25
CA PRO C 51 2.38 -30.74 6.03
C PRO C 51 2.68 -31.79 4.97
N LEU C 52 3.94 -31.80 4.55
CA LEU C 52 4.45 -32.81 3.63
C LEU C 52 5.18 -33.87 4.44
N GLN C 53 4.72 -35.11 4.35
CA GLN C 53 5.32 -36.23 5.08
C GLN C 53 6.25 -36.99 4.13
N LEU C 54 7.57 -36.81 4.32
CA LEU C 54 8.50 -37.52 3.47
C LEU C 54 8.53 -39.01 3.78
N GLY C 55 8.12 -39.40 4.98
CA GLY C 55 7.99 -40.82 5.31
C GLY C 55 9.33 -41.53 5.27
N ASN C 56 9.47 -42.50 4.37
CA ASN C 56 10.70 -43.29 4.22
C ASN C 56 11.72 -42.62 3.32
N CYS C 57 11.43 -41.44 2.81
CA CYS C 57 12.37 -40.69 1.98
C CYS C 57 12.91 -39.52 2.79
N ASN C 58 14.12 -39.11 2.45
CA ASN C 58 14.70 -37.85 2.91
C ASN C 58 14.57 -36.85 1.78
N VAL C 59 15.05 -35.62 2.01
CA VAL C 59 14.89 -34.55 1.01
C VAL C 59 15.60 -34.92 -0.29
N ALA C 60 16.80 -35.49 -0.19
CA ALA C 60 17.51 -35.91 -1.38
C ALA C 60 16.68 -36.87 -2.23
N GLY C 61 16.14 -37.93 -1.60
CA GLY C 61 15.35 -38.88 -2.39
C GLY C 61 14.12 -38.23 -3.00
N TRP C 62 13.49 -37.32 -2.26
CA TRP C 62 12.36 -36.55 -2.76
C TRP C 62 12.75 -35.71 -3.97
N ILE C 63 13.78 -34.87 -3.83
CA ILE C 63 14.14 -33.91 -4.88
C ILE C 63 14.75 -34.61 -6.08
N LEU C 64 15.65 -35.58 -5.85
CA LEU C 64 16.20 -36.35 -6.97
C LEU C 64 15.12 -37.18 -7.64
N GLY C 65 14.13 -37.64 -6.88
CA GLY C 65 13.09 -38.51 -7.42
C GLY C 65 13.48 -39.97 -7.37
N ASN C 66 14.05 -40.39 -6.25
CA ASN C 66 14.29 -41.80 -6.00
C ASN C 66 13.00 -42.58 -6.28
N PRO C 67 13.07 -43.68 -7.06
CA PRO C 67 11.83 -44.42 -7.39
C PRO C 67 11.03 -44.85 -6.16
N LYS C 68 11.70 -45.06 -5.02
CA LYS C 68 10.93 -45.38 -3.82
C LYS C 68 10.14 -44.18 -3.26
N CYS C 69 10.26 -43.00 -3.86
CA CYS C 69 9.60 -41.79 -3.37
C CYS C 69 8.51 -41.30 -4.33
N ASP C 70 8.01 -42.19 -5.21
CA ASP C 70 7.06 -41.77 -6.24
C ASP C 70 5.79 -41.17 -5.61
N LEU C 71 5.37 -41.66 -4.45
CA LEU C 71 4.19 -41.11 -3.78
CA LEU C 71 4.20 -41.10 -3.76
C LEU C 71 4.32 -39.59 -3.59
N LEU C 72 5.54 -39.07 -3.46
CA LEU C 72 5.75 -37.64 -3.27
C LEU C 72 5.63 -36.80 -4.54
N LEU C 73 5.51 -37.40 -5.72
CA LEU C 73 5.52 -36.62 -6.96
C LEU C 73 4.33 -35.67 -7.02
N THR C 74 3.25 -35.99 -6.31
CA THR C 74 2.06 -35.17 -6.21
C THR C 74 2.22 -34.02 -5.22
N ALA C 75 3.40 -33.85 -4.64
CA ALA C 75 3.65 -32.79 -3.67
C ALA C 75 3.77 -31.45 -4.40
N ASN C 76 2.85 -30.53 -4.11
CA ASN C 76 2.90 -29.19 -4.67
C ASN C 76 2.71 -28.10 -3.65
N SER C 77 2.18 -28.38 -2.47
CA SER C 77 1.92 -27.33 -1.48
C SER C 77 1.84 -27.95 -0.10
N TRP C 78 2.59 -27.37 0.85
CA TRP C 78 2.64 -27.89 2.20
C TRP C 78 2.87 -26.72 3.16
N SER C 79 2.58 -26.96 4.45
CA SER C 79 2.88 -25.94 5.45
C SER C 79 4.25 -26.16 6.09
N TYR C 80 4.63 -27.42 6.28
CA TYR C 80 5.97 -27.77 6.72
C TYR C 80 6.26 -29.17 6.25
N ILE C 81 7.54 -29.55 6.34
CA ILE C 81 8.03 -30.82 5.83
C ILE C 81 8.44 -31.67 7.02
N ILE C 82 8.09 -32.95 6.99
CA ILE C 82 8.39 -33.86 8.08
C ILE C 82 9.39 -34.90 7.60
N GLU C 83 10.49 -35.04 8.35
CA GLU C 83 11.42 -36.15 8.21
C GLU C 83 11.25 -37.03 9.44
N THR C 84 11.27 -38.34 9.23
CA THR C 84 11.12 -39.32 10.29
C THR C 84 12.46 -39.97 10.57
N SER C 85 12.47 -40.86 11.56
CA SER C 85 13.64 -41.70 11.84
C SER C 85 13.89 -42.74 10.75
N ASN C 86 12.91 -42.98 9.87
CA ASN C 86 13.03 -43.90 8.76
C ASN C 86 13.19 -43.18 7.42
N SER C 87 13.40 -41.87 7.45
CA SER C 87 13.58 -41.11 6.22
C SER C 87 14.98 -41.42 5.69
N LYS C 88 15.11 -42.61 5.08
CA LYS C 88 16.38 -43.16 4.66
C LYS C 88 16.56 -43.31 3.15
N ASN C 89 15.49 -43.27 2.37
CA ASN C 89 15.56 -43.39 0.91
C ASN C 89 16.00 -42.06 0.33
N GLY C 90 17.25 -41.98 -0.14
CA GLY C 90 17.78 -40.75 -0.69
C GLY C 90 18.39 -40.92 -2.05
N ALA C 91 19.70 -40.66 -2.16
CA ALA C 91 20.42 -40.89 -3.41
C ALA C 91 20.70 -42.39 -3.52
N CYS C 92 19.89 -43.08 -4.33
CA CYS C 92 20.08 -44.52 -4.47
C CYS C 92 21.36 -44.84 -5.22
N TYR C 93 21.75 -44.01 -6.19
CA TYR C 93 23.11 -44.12 -6.73
C TYR C 93 24.05 -43.31 -5.84
N PRO C 94 25.00 -43.92 -5.17
CA PRO C 94 25.71 -43.21 -4.11
C PRO C 94 26.47 -42.02 -4.66
N GLY C 95 26.62 -41.01 -3.82
CA GLY C 95 27.38 -39.82 -4.17
C GLY C 95 26.99 -38.66 -3.29
N GLU C 96 27.75 -37.56 -3.44
CA GLU C 96 27.60 -36.41 -2.57
C GLU C 96 26.59 -35.43 -3.16
N PHE C 97 25.74 -34.89 -2.30
CA PHE C 97 24.87 -33.78 -2.65
C PHE C 97 25.57 -32.49 -2.20
N ALA C 98 25.90 -31.62 -3.14
CA ALA C 98 26.55 -30.37 -2.75
C ALA C 98 25.57 -29.43 -2.07
N ASP C 99 26.05 -28.78 -1.01
CA ASP C 99 25.29 -27.76 -0.27
C ASP C 99 23.90 -28.28 0.10
N TYR C 100 23.88 -29.46 0.72
CA TYR C 100 22.63 -30.16 1.00
C TYR C 100 21.83 -29.45 2.09
N GLU C 101 22.50 -28.98 3.14
CA GLU C 101 21.80 -28.25 4.20
C GLU C 101 21.22 -26.95 3.67
N GLU C 102 21.94 -26.27 2.75
CA GLU C 102 21.38 -25.06 2.15
C GLU C 102 20.14 -25.38 1.32
N LEU C 103 20.19 -26.46 0.54
CA LEU C 103 19.01 -26.86 -0.23
C LEU C 103 17.82 -27.06 0.70
N LYS C 104 18.03 -27.76 1.81
CA LYS C 104 16.98 -27.96 2.81
C LYS C 104 16.49 -26.63 3.35
N GLU C 105 17.42 -25.70 3.60
CA GLU C 105 17.02 -24.39 4.10
C GLU C 105 16.17 -23.65 3.07
N GLN C 106 16.54 -23.75 1.79
CA GLN C 106 15.75 -23.14 0.72
C GLN C 106 14.35 -23.73 0.64
N LEU C 107 14.24 -25.05 0.68
CA LEU C 107 12.93 -25.69 0.57
C LEU C 107 12.05 -25.38 1.78
N SER C 108 12.67 -25.01 2.90
CA SER C 108 11.94 -24.70 4.12
C SER C 108 11.01 -23.51 3.97
N THR C 109 11.26 -22.63 2.99
CA THR C 109 10.39 -21.48 2.76
C THR C 109 9.49 -21.64 1.55
N VAL C 110 9.41 -22.83 0.97
CA VAL C 110 8.63 -23.02 -0.24
C VAL C 110 7.17 -23.26 0.12
N SER C 111 6.29 -22.41 -0.43
CA SER C 111 4.84 -22.48 -0.25
C SER C 111 4.12 -23.05 -1.46
N SER C 112 4.76 -23.04 -2.63
CA SER C 112 4.23 -23.65 -3.84
C SER C 112 5.39 -24.29 -4.59
N PHE C 113 5.12 -25.47 -5.16
CA PHE C 113 6.10 -26.35 -5.80
C PHE C 113 5.46 -26.87 -7.09
N GLU C 114 6.03 -26.57 -8.24
CA GLU C 114 5.42 -27.02 -9.49
C GLU C 114 6.45 -27.81 -10.29
N ARG C 115 6.30 -29.14 -10.33
CA ARG C 115 7.23 -29.99 -11.09
C ARG C 115 6.94 -29.84 -12.58
N PHE C 116 7.97 -29.56 -13.37
CA PHE C 116 7.78 -29.47 -14.81
C PHE C 116 8.97 -30.11 -15.47
N GLU C 117 8.77 -30.46 -16.73
CA GLU C 117 9.74 -31.21 -17.52
C GLU C 117 10.68 -30.20 -18.17
N ILE C 118 11.77 -29.85 -17.47
CA ILE C 118 12.67 -28.82 -18.00
C ILE C 118 13.29 -29.28 -19.32
N PHE C 119 13.80 -30.53 -19.38
CA PHE C 119 14.35 -31.10 -20.61
C PHE C 119 13.57 -32.38 -20.90
N PRO C 120 12.51 -32.29 -21.69
CA PRO C 120 11.71 -33.50 -21.97
C PRO C 120 12.57 -34.60 -22.57
N LYS C 121 12.48 -35.79 -21.96
CA LYS C 121 13.29 -36.93 -22.36
CA LYS C 121 13.29 -36.93 -22.36
C LYS C 121 13.08 -37.30 -23.84
N ALA C 122 11.83 -37.35 -24.28
CA ALA C 122 11.50 -37.85 -25.62
C ALA C 122 12.03 -36.98 -26.76
N THR C 123 12.38 -35.73 -26.49
CA THR C 123 12.73 -34.77 -27.54
C THR C 123 14.06 -34.04 -27.34
N SER C 124 14.63 -34.03 -26.14
CA SER C 124 15.73 -33.09 -25.88
C SER C 124 17.09 -33.58 -26.37
N TRP C 125 17.24 -34.88 -26.60
CA TRP C 125 18.57 -35.47 -26.80
C TRP C 125 18.60 -36.38 -28.03
N PRO C 126 18.38 -35.81 -29.21
CA PRO C 126 18.31 -36.64 -30.43
C PRO C 126 19.63 -37.29 -30.78
N ASN C 127 20.75 -36.73 -30.33
CA ASN C 127 22.06 -37.25 -30.68
C ASN C 127 22.64 -38.17 -29.62
N HIS C 128 21.87 -38.49 -28.59
CA HIS C 128 22.37 -39.36 -27.53
C HIS C 128 21.32 -40.40 -27.20
N ASP C 129 21.69 -41.32 -26.32
CA ASP C 129 20.79 -42.39 -25.95
C ASP C 129 20.18 -42.12 -24.57
N THR C 130 18.85 -42.08 -24.53
CA THR C 130 18.09 -41.79 -23.32
C THR C 130 17.43 -43.04 -22.75
N THR C 131 17.70 -44.22 -23.32
CA THR C 131 16.94 -45.41 -22.97
C THR C 131 17.71 -46.42 -22.14
N ARG C 132 18.96 -46.15 -21.77
CA ARG C 132 19.76 -47.17 -21.09
C ARG C 132 20.31 -46.76 -19.74
N GLY C 133 19.98 -45.59 -19.24
CA GLY C 133 20.58 -45.12 -18.01
C GLY C 133 19.82 -45.56 -16.78
N THR C 134 19.86 -46.86 -16.51
CA THR C 134 19.21 -47.46 -15.35
C THR C 134 20.25 -48.30 -14.61
N THR C 135 19.92 -48.64 -13.37
CA THR C 135 20.87 -49.30 -12.49
C THR C 135 20.12 -50.08 -11.43
N VAL C 136 20.74 -51.17 -10.98
CA VAL C 136 20.20 -51.97 -9.88
C VAL C 136 20.17 -51.16 -8.59
N ALA C 137 21.01 -50.11 -8.49
CA ALA C 137 21.04 -49.32 -7.27
C ALA C 137 19.74 -48.57 -7.02
N CYS C 138 19.03 -48.19 -8.10
CA CYS C 138 17.78 -47.44 -8.06
C CYS C 138 16.67 -48.31 -8.60
N SER C 139 16.49 -49.48 -8.00
CA SER C 139 15.48 -50.42 -8.44
C SER C 139 14.07 -49.89 -8.19
N HIS C 140 13.16 -50.31 -9.06
CA HIS C 140 11.73 -50.06 -8.92
C HIS C 140 10.97 -51.30 -9.33
N SER C 141 10.13 -51.82 -8.43
CA SER C 141 9.31 -52.99 -8.71
C SER C 141 10.13 -54.14 -9.27
N GLY C 142 11.34 -54.32 -8.74
CA GLY C 142 12.17 -55.44 -9.13
C GLY C 142 12.91 -55.30 -10.45
N ALA C 143 13.01 -54.08 -10.99
CA ALA C 143 13.74 -53.85 -12.23
C ALA C 143 14.64 -52.63 -12.06
N ASN C 144 15.77 -52.64 -12.77
CA ASN C 144 16.68 -51.50 -12.75
C ASN C 144 15.92 -50.25 -13.20
N SER C 145 16.16 -49.14 -12.51
CA SER C 145 15.44 -47.92 -12.80
C SER C 145 16.41 -46.77 -12.52
N PHE C 146 15.87 -45.57 -12.29
CA PHE C 146 16.68 -44.38 -12.07
C PHE C 146 15.80 -43.28 -11.50
N TYR C 147 16.43 -42.17 -11.15
CA TYR C 147 15.70 -41.02 -10.64
C TYR C 147 14.62 -40.58 -11.61
N ARG C 148 13.51 -40.06 -11.05
CA ARG C 148 12.42 -39.51 -11.84
C ARG C 148 12.72 -38.11 -12.36
N ASN C 149 13.66 -37.41 -11.74
CA ASN C 149 13.90 -36.01 -12.06
C ASN C 149 15.21 -35.79 -12.79
N LEU C 150 16.00 -36.84 -13.01
CA LEU C 150 17.27 -36.77 -13.72
C LEU C 150 17.31 -37.83 -14.82
N LEU C 151 18.11 -37.58 -15.84
CA LEU C 151 18.23 -38.49 -16.97
C LEU C 151 19.70 -38.88 -17.16
N TRP C 152 19.97 -40.17 -17.09
CA TRP C 152 21.33 -40.68 -17.29
C TRP C 152 21.54 -40.86 -18.79
N ILE C 153 22.13 -39.87 -19.45
CA ILE C 153 22.34 -39.88 -20.89
C ILE C 153 23.63 -40.63 -21.21
N VAL C 154 23.57 -41.58 -22.14
CA VAL C 154 24.77 -42.33 -22.53
C VAL C 154 24.94 -42.22 -24.05
N LYS C 155 26.04 -42.79 -24.55
CA LYS C 155 26.38 -42.68 -25.95
C LYS C 155 25.35 -43.41 -26.81
N LYS C 156 25.14 -42.90 -28.02
CA LYS C 156 24.26 -43.53 -29.01
C LYS C 156 25.13 -44.29 -30.01
N GLY C 157 24.97 -45.61 -30.02
CA GLY C 157 25.87 -46.43 -30.79
C GLY C 157 27.26 -46.42 -30.18
N ASN C 158 28.24 -45.88 -30.91
CA ASN C 158 29.59 -45.72 -30.40
C ASN C 158 30.03 -44.26 -30.41
N SER C 159 29.08 -43.32 -30.36
CA SER C 159 29.41 -41.91 -30.40
C SER C 159 28.64 -41.20 -29.30
N TYR C 160 29.34 -40.36 -28.56
CA TYR C 160 28.77 -39.43 -27.60
C TYR C 160 29.24 -38.07 -28.08
N PRO C 161 28.50 -37.41 -28.97
CA PRO C 161 28.93 -36.11 -29.47
C PRO C 161 28.84 -35.10 -28.36
N LYS C 162 29.49 -33.96 -28.56
CA LYS C 162 29.42 -32.90 -27.57
C LYS C 162 27.98 -32.48 -27.35
N LEU C 163 27.54 -32.58 -26.10
CA LEU C 163 26.18 -32.23 -25.70
C LEU C 163 26.12 -30.77 -25.33
N SER C 164 25.07 -30.10 -25.79
CA SER C 164 24.85 -28.69 -25.44
C SER C 164 23.35 -28.44 -25.34
N LYS C 165 22.90 -27.91 -24.19
CA LYS C 165 21.48 -27.67 -23.95
C LYS C 165 21.31 -26.52 -22.95
N SER C 166 20.46 -25.56 -23.31
CA SER C 166 20.14 -24.43 -22.47
C SER C 166 18.65 -24.42 -22.12
N TYR C 167 18.35 -23.85 -20.96
CA TYR C 167 16.98 -23.57 -20.56
C TYR C 167 16.92 -22.17 -19.98
N THR C 168 16.00 -21.35 -20.49
CA THR C 168 15.80 -19.99 -20.01
C THR C 168 14.54 -19.93 -19.16
N ASN C 169 14.69 -19.53 -17.90
CA ASN C 169 13.56 -19.48 -16.99
C ASN C 169 12.64 -18.34 -17.39
N ASN C 170 11.45 -18.68 -17.89
CA ASN C 170 10.39 -17.72 -18.15
C ASN C 170 9.12 -18.06 -17.36
N LYS C 171 9.28 -18.73 -16.20
CA LYS C 171 8.17 -19.08 -15.32
C LYS C 171 7.72 -17.92 -14.43
N GLY C 172 8.41 -16.79 -14.44
CA GLY C 172 8.06 -15.71 -13.53
C GLY C 172 8.27 -16.01 -12.06
N LYS C 173 8.98 -17.08 -11.74
CA LYS C 173 9.35 -17.44 -10.36
C LYS C 173 10.66 -18.23 -10.43
N GLU C 174 11.29 -18.39 -9.27
CA GLU C 174 12.52 -19.16 -9.21
C GLU C 174 12.31 -20.62 -9.59
N VAL C 175 13.29 -21.17 -10.29
CA VAL C 175 13.26 -22.56 -10.71
C VAL C 175 14.41 -23.27 -10.06
N LEU C 176 14.11 -24.31 -9.29
CA LEU C 176 15.14 -25.17 -8.73
C LEU C 176 15.54 -26.20 -9.78
N VAL C 177 16.80 -26.16 -10.21
CA VAL C 177 17.33 -27.08 -11.21
C VAL C 177 18.31 -28.02 -10.50
N ILE C 178 18.22 -29.31 -10.80
CA ILE C 178 19.10 -30.31 -10.19
CA ILE C 178 19.11 -30.28 -10.20
C ILE C 178 19.69 -31.20 -11.27
N TRP C 179 20.96 -31.58 -11.10
CA TRP C 179 21.67 -32.40 -12.08
C TRP C 179 22.79 -33.13 -11.36
N GLY C 180 23.52 -33.96 -12.09
CA GLY C 180 24.57 -34.77 -11.50
C GLY C 180 25.74 -34.97 -12.44
N VAL C 181 26.88 -35.35 -11.87
CA VAL C 181 28.09 -35.67 -12.61
C VAL C 181 28.55 -37.06 -12.17
N HIS C 182 28.75 -37.95 -13.15
CA HIS C 182 29.03 -39.36 -12.90
C HIS C 182 30.53 -39.60 -12.97
N HIS C 183 31.03 -40.35 -12.00
CA HIS C 183 32.43 -40.78 -11.99
C HIS C 183 32.44 -42.31 -12.05
N PRO C 184 32.62 -42.88 -13.25
CA PRO C 184 32.65 -44.35 -13.34
C PRO C 184 33.82 -44.94 -12.59
N PRO C 185 33.72 -46.20 -12.20
CA PRO C 185 34.83 -46.82 -11.44
C PRO C 185 35.98 -47.28 -12.30
N THR C 186 35.81 -47.48 -13.61
CA THR C 186 36.87 -47.98 -14.47
C THR C 186 36.86 -47.25 -15.81
N ASP C 187 38.00 -47.29 -16.49
CA ASP C 187 38.10 -46.71 -17.83
C ASP C 187 37.18 -47.42 -18.82
N SER C 188 37.02 -48.73 -18.67
CA SER C 188 36.13 -49.45 -19.56
C SER C 188 34.69 -48.97 -19.36
N ASP C 189 34.25 -48.81 -18.12
CA ASP C 189 32.91 -48.30 -17.88
C ASP C 189 32.74 -46.89 -18.44
N GLN C 190 33.77 -46.05 -18.30
CA GLN C 190 33.75 -44.74 -18.97
C GLN C 190 33.53 -44.91 -20.47
N GLN C 191 34.31 -45.80 -21.10
CA GLN C 191 34.16 -46.01 -22.55
C GLN C 191 32.82 -46.64 -22.89
N THR C 192 32.40 -47.64 -22.10
CA THR C 192 31.10 -48.29 -22.33
C THR C 192 29.97 -47.29 -22.27
N LEU C 193 29.99 -46.37 -21.30
CA LEU C 193 28.87 -45.45 -21.11
C LEU C 193 28.96 -44.25 -22.03
N TYR C 194 30.16 -43.67 -22.17
CA TYR C 194 30.33 -42.38 -22.79
C TYR C 194 31.33 -42.33 -23.94
N GLN C 195 31.99 -43.44 -24.27
CA GLN C 195 32.94 -43.52 -25.38
C GLN C 195 34.22 -42.70 -25.16
N ASN C 196 34.09 -41.40 -24.92
CA ASN C 196 35.25 -40.53 -24.76
C ASN C 196 35.96 -40.79 -23.42
N ASN C 197 37.24 -40.45 -23.40
CA ASN C 197 38.12 -40.74 -22.26
C ASN C 197 38.38 -39.55 -21.35
N HIS C 198 38.63 -38.37 -21.88
CA HIS C 198 38.99 -37.19 -21.08
C HIS C 198 37.88 -36.16 -21.21
N THR C 199 36.76 -36.45 -20.57
CA THR C 199 35.55 -35.65 -20.71
C THR C 199 35.51 -34.50 -19.70
N TYR C 200 34.53 -33.61 -19.90
CA TYR C 200 34.21 -32.52 -18.99
C TYR C 200 32.69 -32.37 -18.91
N VAL C 201 32.23 -31.76 -17.83
CA VAL C 201 30.83 -31.33 -17.65
C VAL C 201 30.87 -29.87 -17.21
N SER C 202 30.19 -29.00 -17.93
CA SER C 202 30.18 -27.58 -17.62
C SER C 202 28.75 -27.13 -17.42
N VAL C 203 28.48 -26.44 -16.31
CA VAL C 203 27.15 -25.93 -16.02
C VAL C 203 27.26 -24.47 -15.63
N GLY C 204 26.49 -23.63 -16.30
CA GLY C 204 26.60 -22.21 -16.10
C GLY C 204 25.29 -21.47 -16.21
N SER C 205 25.12 -20.47 -15.37
CA SER C 205 24.08 -19.46 -15.54
C SER C 205 24.74 -18.12 -15.26
N SER C 206 23.96 -17.04 -15.14
CA SER C 206 24.61 -15.77 -14.87
C SER C 206 25.10 -15.68 -13.44
N LYS C 207 24.64 -16.56 -12.55
CA LYS C 207 25.00 -16.54 -11.14
C LYS C 207 25.68 -17.83 -10.67
N TYR C 208 26.06 -18.71 -11.59
CA TYR C 208 26.59 -20.01 -11.24
C TYR C 208 27.54 -20.48 -12.34
N TYR C 209 28.68 -21.03 -11.95
CA TYR C 209 29.55 -21.64 -12.95
C TYR C 209 30.42 -22.71 -12.31
N LYS C 210 30.41 -23.89 -12.91
CA LYS C 210 31.20 -25.01 -12.43
C LYS C 210 31.54 -25.88 -13.63
N ARG C 211 32.84 -26.15 -13.81
CA ARG C 211 33.35 -27.03 -14.85
C ARG C 211 34.14 -28.15 -14.18
N LEU C 212 33.71 -29.39 -14.38
CA LEU C 212 34.28 -30.57 -13.72
C LEU C 212 34.86 -31.54 -14.73
N THR C 213 35.99 -32.14 -14.37
CA THR C 213 36.49 -33.29 -15.10
C THR C 213 36.23 -34.54 -14.26
N PRO C 214 35.29 -35.39 -14.65
CA PRO C 214 35.06 -36.62 -13.88
C PRO C 214 36.33 -37.44 -13.79
N GLU C 215 36.67 -37.86 -12.59
CA GLU C 215 37.85 -38.67 -12.36
CA GLU C 215 37.85 -38.68 -12.40
C GLU C 215 37.43 -40.13 -12.26
N ILE C 216 38.13 -41.01 -12.97
CA ILE C 216 37.83 -42.44 -12.94
C ILE C 216 38.49 -42.97 -11.67
N VAL C 217 37.66 -43.40 -10.71
CA VAL C 217 38.18 -43.97 -9.48
C VAL C 217 37.18 -44.99 -8.96
N ALA C 218 37.69 -46.13 -8.52
CA ALA C 218 36.89 -47.21 -7.96
C ALA C 218 36.82 -47.01 -6.44
N ARG C 219 35.64 -46.67 -5.97
CA ARG C 219 35.26 -46.43 -4.59
CA ARG C 219 35.30 -46.44 -4.58
C ARG C 219 34.60 -47.66 -4.00
N PRO C 220 34.61 -47.82 -2.67
CA PRO C 220 33.94 -48.98 -2.08
C PRO C 220 32.50 -49.08 -2.56
N LYS C 221 32.06 -50.31 -2.78
CA LYS C 221 30.79 -50.53 -3.44
C LYS C 221 29.64 -50.20 -2.50
N VAL C 222 28.74 -49.36 -2.97
CA VAL C 222 27.48 -49.05 -2.30
C VAL C 222 26.37 -49.38 -3.29
N ARG C 223 25.43 -50.24 -2.88
CA ARG C 223 24.35 -50.71 -3.76
C ARG C 223 24.89 -51.22 -5.10
N GLU C 224 26.02 -51.93 -5.03
CA GLU C 224 26.76 -52.58 -6.11
C GLU C 224 27.59 -51.60 -6.92
N GLN C 225 27.61 -50.31 -6.59
CA GLN C 225 28.29 -49.29 -7.38
C GLN C 225 29.64 -48.92 -6.75
N ALA C 226 30.71 -49.15 -7.49
CA ALA C 226 32.02 -48.60 -7.17
C ALA C 226 32.19 -47.20 -7.73
N GLY C 227 31.28 -46.78 -8.62
CA GLY C 227 31.25 -45.41 -9.10
C GLY C 227 30.47 -44.53 -8.16
N ARG C 228 30.43 -43.24 -8.50
CA ARG C 228 29.75 -42.25 -7.69
C ARG C 228 29.13 -41.21 -8.61
N MET C 229 27.99 -40.66 -8.17
CA MET C 229 27.35 -39.53 -8.83
C MET C 229 27.27 -38.41 -7.84
N ASN C 230 27.85 -37.28 -8.19
CA ASN C 230 27.81 -36.08 -7.38
C ASN C 230 26.66 -35.20 -7.87
N TYR C 231 25.81 -34.78 -6.94
CA TYR C 231 24.59 -34.06 -7.27
C TYR C 231 24.77 -32.59 -6.96
N TYR C 232 24.16 -31.77 -7.81
CA TYR C 232 24.30 -30.32 -7.73
C TYR C 232 22.94 -29.70 -7.98
N TRP C 233 22.77 -28.48 -7.49
CA TRP C 233 21.50 -27.78 -7.69
C TRP C 233 21.76 -26.28 -7.77
N THR C 234 20.83 -25.57 -8.39
CA THR C 234 20.93 -24.12 -8.34
C THR C 234 19.52 -23.57 -8.45
N LEU C 235 19.35 -22.36 -7.95
CA LEU C 235 18.07 -21.66 -8.07
C LEU C 235 18.23 -20.68 -9.22
N LEU C 236 17.46 -20.88 -10.28
CA LEU C 236 17.56 -20.08 -11.49
C LEU C 236 16.50 -18.98 -11.45
N ASP C 237 16.95 -17.71 -11.50
CA ASP C 237 16.04 -16.57 -11.44
C ASP C 237 15.28 -16.41 -12.76
N GLN C 238 14.11 -15.75 -12.67
CA GLN C 238 13.42 -15.32 -13.88
C GLN C 238 14.40 -14.61 -14.82
N GLY C 239 14.32 -14.92 -16.12
CA GLY C 239 15.15 -14.29 -17.11
C GLY C 239 16.55 -14.86 -17.24
N ASP C 240 16.96 -15.72 -16.32
CA ASP C 240 18.29 -16.31 -16.40
C ASP C 240 18.24 -17.60 -17.21
N THR C 241 19.39 -17.97 -17.75
CA THR C 241 19.55 -19.17 -18.57
C THR C 241 20.59 -20.09 -17.94
N ILE C 242 20.26 -21.37 -17.83
CA ILE C 242 21.24 -22.36 -17.39
C ILE C 242 21.68 -23.15 -18.62
N THR C 243 22.99 -23.35 -18.75
CA THR C 243 23.56 -23.96 -19.93
C THR C 243 24.36 -25.17 -19.50
N PHE C 244 24.07 -26.30 -20.12
CA PHE C 244 24.79 -27.54 -19.91
C PHE C 244 25.62 -27.85 -21.15
N GLU C 245 26.87 -28.23 -20.93
CA GLU C 245 27.75 -28.62 -22.00
C GLU C 245 28.62 -29.75 -21.49
N ALA C 246 28.75 -30.81 -22.28
CA ALA C 246 29.41 -32.02 -21.79
C ALA C 246 29.89 -32.90 -22.93
N THR C 247 30.99 -33.59 -22.70
CA THR C 247 31.40 -34.69 -23.58
C THR C 247 31.22 -36.05 -22.91
N GLY C 248 30.50 -36.09 -21.80
CA GLY C 248 30.21 -37.34 -21.11
C GLY C 248 29.83 -37.05 -19.68
N ASN C 249 29.39 -38.10 -18.99
CA ASN C 249 29.30 -38.11 -17.53
C ASN C 249 28.24 -37.17 -16.98
N LEU C 250 27.37 -36.63 -17.82
CA LEU C 250 26.34 -35.70 -17.39
C LEU C 250 25.08 -36.48 -17.03
N ILE C 251 24.63 -36.35 -15.78
CA ILE C 251 23.31 -36.84 -15.36
C ILE C 251 22.38 -35.64 -15.47
N ALA C 252 21.65 -35.56 -16.57
CA ALA C 252 21.06 -34.29 -16.93
C ALA C 252 19.74 -34.04 -16.20
N PRO C 253 19.35 -32.79 -16.05
CA PRO C 253 18.00 -32.50 -15.60
C PRO C 253 16.98 -33.12 -16.54
N TRP C 254 15.94 -33.71 -15.94
CA TRP C 254 14.72 -34.10 -16.62
C TRP C 254 13.56 -33.25 -16.13
N HIS C 255 13.31 -33.24 -14.82
CA HIS C 255 12.30 -32.37 -14.23
C HIS C 255 12.96 -31.39 -13.29
N ALA C 256 12.39 -30.19 -13.23
CA ALA C 256 12.83 -29.10 -12.38
C ALA C 256 11.62 -28.56 -11.62
N PHE C 257 11.80 -27.56 -10.75
CA PHE C 257 10.70 -27.16 -9.89
C PHE C 257 10.54 -25.66 -9.85
N ALA C 258 9.39 -25.15 -10.29
CA ALA C 258 9.09 -23.74 -10.15
C ALA C 258 8.52 -23.48 -8.76
N LEU C 259 9.19 -22.59 -8.03
CA LEU C 259 8.97 -22.38 -6.60
C LEU C 259 8.25 -21.07 -6.34
N LYS C 260 7.31 -21.08 -5.41
CA LYS C 260 6.85 -19.86 -4.77
C LYS C 260 7.26 -19.93 -3.31
N LYS C 261 7.86 -18.85 -2.81
CA LYS C 261 8.33 -18.80 -1.43
C LYS C 261 7.25 -18.21 -0.55
N GLY C 262 7.06 -18.82 0.61
CA GLY C 262 6.04 -18.42 1.56
C GLY C 262 6.67 -18.00 2.87
N SER C 263 5.96 -18.29 3.96
CA SER C 263 6.46 -17.88 5.25
C SER C 263 7.65 -18.76 5.65
N SER C 264 8.31 -18.38 6.73
CA SER C 264 9.59 -18.95 7.15
C SER C 264 9.33 -20.20 7.97
N SER C 265 8.92 -21.25 7.27
CA SER C 265 8.59 -22.56 7.80
C SER C 265 9.85 -23.42 7.83
N GLY C 266 9.69 -24.71 8.12
CA GLY C 266 10.87 -25.53 8.19
C GLY C 266 10.61 -27.00 7.97
N ILE C 267 11.67 -27.76 8.18
CA ILE C 267 11.64 -29.21 8.18
C ILE C 267 11.63 -29.64 9.64
N MET C 268 10.71 -30.51 9.98
CA MET C 268 10.61 -30.97 11.35
C MET C 268 11.01 -32.44 11.38
N ARG C 269 11.77 -32.81 12.40
CA ARG C 269 12.17 -34.20 12.60
C ARG C 269 11.24 -34.79 13.66
N SER C 270 10.36 -35.69 13.22
CA SER C 270 9.43 -36.28 14.17
C SER C 270 8.90 -37.61 13.64
N ASP C 271 8.63 -38.51 14.57
CA ASP C 271 7.98 -39.78 14.31
C ASP C 271 6.53 -39.80 14.73
N ALA C 272 5.97 -38.69 15.22
CA ALA C 272 4.54 -38.63 15.51
C ALA C 272 3.74 -38.60 14.20
N GLN C 273 2.47 -39.00 14.31
CA GLN C 273 1.63 -39.17 13.12
C GLN C 273 0.87 -37.90 12.77
N VAL C 274 0.69 -37.67 11.47
CA VAL C 274 -0.13 -36.57 11.00
C VAL C 274 -1.59 -36.91 11.22
N HIS C 275 -2.37 -35.91 11.65
CA HIS C 275 -3.79 -36.05 11.88
C HIS C 275 -4.52 -34.89 11.20
N ASN C 276 -5.86 -34.99 11.17
CA ASN C 276 -6.75 -34.02 10.56
C ASN C 276 -6.99 -32.81 11.47
N CYS C 277 -6.12 -32.56 12.44
CA CYS C 277 -6.17 -31.39 13.29
C CYS C 277 -5.52 -30.19 12.63
N THR C 278 -5.74 -29.03 13.22
CA THR C 278 -5.07 -27.79 12.82
C THR C 278 -4.49 -27.10 14.05
N THR C 279 -3.49 -26.26 13.82
CA THR C 279 -2.83 -25.57 14.91
C THR C 279 -2.11 -24.34 14.36
N LYS C 280 -1.85 -23.39 15.25
CA LYS C 280 -1.00 -22.25 14.95
C LYS C 280 0.45 -22.47 15.38
N CYS C 281 0.70 -23.51 16.19
CA CYS C 281 2.03 -23.77 16.72
C CYS C 281 2.23 -25.28 16.86
N GLN C 282 3.26 -25.80 16.19
CA GLN C 282 3.56 -27.22 16.11
C GLN C 282 4.94 -27.51 16.65
N THR C 283 5.06 -28.57 17.45
CA THR C 283 6.32 -29.11 17.90
C THR C 283 6.44 -30.55 17.42
N PRO C 284 7.65 -31.12 17.40
CA PRO C 284 7.78 -32.53 16.97
C PRO C 284 7.06 -33.52 17.88
N HIS C 285 6.78 -33.17 19.13
CA HIS C 285 6.06 -34.08 20.01
C HIS C 285 4.56 -34.02 19.77
N GLY C 286 4.07 -32.88 19.33
CA GLY C 286 2.64 -32.63 19.20
C GLY C 286 2.38 -31.14 19.08
N ALA C 287 1.14 -30.83 18.75
CA ALA C 287 0.81 -29.42 18.59
C ALA C 287 0.47 -28.78 19.94
N LEU C 288 0.65 -27.47 20.00
CA LEU C 288 0.32 -26.69 21.19
C LEU C 288 -0.90 -25.84 20.92
N LYS C 289 -1.68 -25.59 21.98
CA LYS C 289 -2.79 -24.64 21.86
C LYS C 289 -2.26 -23.23 21.62
N GLY C 290 -1.10 -22.89 22.18
CA GLY C 290 -0.42 -21.64 21.85
C GLY C 290 -1.04 -20.36 22.36
N ASN C 291 -1.79 -20.41 23.47
CA ASN C 291 -2.41 -19.18 23.98
C ASN C 291 -1.57 -18.48 25.04
N LEU C 292 -0.69 -19.21 25.75
CA LEU C 292 0.13 -18.65 26.81
C LEU C 292 1.46 -18.13 26.28
N PRO C 293 2.10 -17.19 26.98
CA PRO C 293 3.35 -16.61 26.45
C PRO C 293 4.56 -17.51 26.56
N PHE C 294 4.50 -18.58 27.37
CA PHE C 294 5.65 -19.43 27.57
C PHE C 294 5.22 -20.89 27.46
N GLN C 295 6.17 -21.74 27.07
CA GLN C 295 5.93 -23.17 26.91
C GLN C 295 7.20 -23.92 27.27
N ASN C 296 7.05 -25.13 27.82
CA ASN C 296 8.23 -25.93 28.14
C ASN C 296 8.18 -27.29 27.45
N VAL C 297 7.39 -27.41 26.38
CA VAL C 297 7.23 -28.70 25.70
C VAL C 297 8.43 -29.03 24.81
N HIS C 298 8.87 -28.08 23.97
CA HIS C 298 9.93 -28.39 23.01
C HIS C 298 10.61 -27.10 22.53
N PRO C 299 11.94 -27.09 22.40
CA PRO C 299 12.61 -25.87 21.92
C PRO C 299 12.48 -25.63 20.42
N VAL C 300 12.37 -26.69 19.61
CA VAL C 300 12.34 -26.56 18.16
C VAL C 300 10.88 -26.56 17.72
N THR C 301 10.34 -25.38 17.43
CA THR C 301 8.95 -25.23 17.07
C THR C 301 8.85 -24.54 15.72
N ILE C 302 7.66 -24.65 15.15
CA ILE C 302 7.35 -24.01 13.89
C ILE C 302 5.99 -23.34 14.04
N GLY C 303 5.94 -22.05 13.71
CA GLY C 303 4.69 -21.32 13.77
C GLY C 303 4.74 -20.15 14.72
N GLU C 304 3.58 -19.73 15.19
CA GLU C 304 3.49 -18.64 16.15
C GLU C 304 3.43 -19.28 17.53
N CYS C 305 4.58 -19.28 18.20
CA CYS C 305 4.77 -20.17 19.34
C CYS C 305 5.20 -19.42 20.58
N PRO C 306 4.73 -19.86 21.75
CA PRO C 306 5.21 -19.26 23.01
C PRO C 306 6.71 -19.45 23.18
N LYS C 307 7.32 -18.48 23.84
CA LYS C 307 8.77 -18.54 24.07
C LYS C 307 9.10 -19.76 24.94
N TYR C 308 10.10 -20.51 24.51
CA TYR C 308 10.49 -21.72 25.23
C TYR C 308 11.23 -21.34 26.50
N VAL C 309 10.81 -21.93 27.64
CA VAL C 309 11.47 -21.71 28.92
C VAL C 309 11.71 -23.06 29.59
N LYS C 310 12.68 -23.07 30.50
CA LYS C 310 12.96 -24.24 31.31
C LYS C 310 12.05 -24.36 32.53
N SER C 311 11.10 -23.46 32.72
CA SER C 311 10.24 -23.49 33.89
C SER C 311 9.37 -24.72 33.91
N THR C 312 9.08 -25.22 35.11
CA THR C 312 8.06 -26.27 35.25
C THR C 312 6.71 -25.69 35.64
N GLN C 313 6.68 -24.48 36.20
CA GLN C 313 5.41 -23.83 36.51
CA GLN C 313 5.43 -23.82 36.61
C GLN C 313 5.60 -22.31 36.46
N LEU C 314 4.56 -21.64 35.98
CA LEU C 314 4.52 -20.19 35.92
C LEU C 314 3.10 -19.79 36.31
N ARG C 315 2.78 -19.95 37.58
CA ARG C 315 1.42 -19.72 38.08
C ARG C 315 1.32 -18.30 38.61
N MET C 316 0.37 -17.55 38.07
CA MET C 316 0.18 -16.15 38.44
C MET C 316 -1.05 -16.05 39.33
N ALA C 317 -0.88 -15.47 40.51
CA ALA C 317 -2.00 -15.30 41.42
C ALA C 317 -2.96 -14.28 40.86
N THR C 318 -4.25 -14.59 40.94
CA THR C 318 -5.30 -13.64 40.63
C THR C 318 -6.21 -13.37 41.82
N GLY C 319 -6.53 -14.38 42.63
CA GLY C 319 -7.27 -14.21 43.86
C GLY C 319 -6.33 -13.95 45.01
N LEU C 320 -6.85 -14.11 46.22
CA LEU C 320 -6.12 -13.78 47.43
C LEU C 320 -5.74 -15.07 48.17
N ARG C 321 -5.04 -14.90 49.29
CA ARG C 321 -4.64 -16.05 50.10
CA ARG C 321 -4.64 -16.04 50.11
C ARG C 321 -5.86 -16.84 50.55
N ASN C 322 -5.90 -18.13 50.20
CA ASN C 322 -7.00 -18.99 50.62
C ASN C 322 -6.80 -19.39 52.08
N ILE C 323 -7.66 -18.90 52.97
CA ILE C 323 -7.55 -19.22 54.40
C ILE C 323 -8.89 -19.72 54.95
N PRO C 324 -9.31 -20.96 54.65
CA PRO C 324 -10.51 -21.47 55.32
C PRO C 324 -10.29 -21.67 56.83
N GLY C 330 1.75 -9.87 53.49
CA GLY C 330 0.69 -9.27 54.27
C GLY C 330 1.14 -8.01 54.96
N LEU C 331 1.66 -7.07 54.16
CA LEU C 331 2.23 -5.85 54.72
C LEU C 331 1.17 -4.93 55.35
N PHE C 332 -0.08 -5.00 54.85
CA PHE C 332 -1.13 -4.08 55.26
C PHE C 332 -1.94 -4.56 56.46
N GLY C 333 -1.93 -5.86 56.77
CA GLY C 333 -2.42 -6.35 58.04
C GLY C 333 -3.88 -6.72 58.11
N ALA C 334 -4.63 -6.62 57.01
CA ALA C 334 -6.02 -7.11 57.01
C ALA C 334 -6.04 -8.62 56.77
N ILE C 335 -5.72 -9.06 55.54
CA ILE C 335 -5.69 -10.48 55.24
C ILE C 335 -4.59 -11.15 56.05
N ALA C 336 -4.92 -12.26 56.69
CA ALA C 336 -4.06 -12.96 57.64
C ALA C 336 -3.65 -12.05 58.80
N GLY C 337 -4.41 -10.99 59.04
CA GLY C 337 -4.13 -10.07 60.12
C GLY C 337 -5.25 -10.04 61.14
N PHE C 338 -5.87 -8.88 61.34
CA PHE C 338 -6.98 -8.81 62.29
C PHE C 338 -8.20 -9.55 61.76
N ILE C 339 -8.40 -9.58 60.45
CA ILE C 339 -9.35 -10.51 59.85
C ILE C 339 -8.55 -11.78 59.61
N GLU C 340 -8.61 -12.71 60.57
CA GLU C 340 -7.66 -13.80 60.62
C GLU C 340 -7.98 -14.92 59.64
N GLY C 341 -8.99 -14.76 58.79
CA GLY C 341 -9.38 -15.85 57.91
C GLY C 341 -10.47 -15.45 56.95
N GLY C 342 -10.57 -16.23 55.88
CA GLY C 342 -11.56 -16.00 54.84
C GLY C 342 -12.82 -16.76 55.07
N TRP C 343 -13.87 -16.34 54.36
CA TRP C 343 -15.19 -16.93 54.47
C TRP C 343 -15.44 -17.87 53.29
N THR C 344 -15.34 -19.17 53.56
CA THR C 344 -15.82 -20.15 52.58
C THR C 344 -17.31 -19.97 52.33
N GLY C 345 -18.04 -19.45 53.32
CA GLY C 345 -19.47 -19.22 53.17
C GLY C 345 -19.81 -18.10 52.22
N MET C 346 -18.88 -17.16 51.99
CA MET C 346 -19.08 -16.10 51.01
C MET C 346 -18.56 -16.58 49.66
N VAL C 347 -19.48 -16.72 48.70
CA VAL C 347 -19.15 -17.34 47.42
C VAL C 347 -19.28 -16.37 46.25
N ASP C 348 -19.94 -15.24 46.44
CA ASP C 348 -20.30 -14.33 45.34
C ASP C 348 -19.21 -13.31 44.99
N GLY C 349 -18.10 -13.28 45.70
CA GLY C 349 -17.09 -12.28 45.40
C GLY C 349 -15.84 -12.45 46.22
N TRP C 350 -14.96 -11.45 46.13
CA TRP C 350 -13.67 -11.50 46.81
C TRP C 350 -13.71 -10.85 48.19
N TYR C 351 -14.43 -9.75 48.34
CA TYR C 351 -14.54 -9.05 49.62
C TYR C 351 -16.01 -8.84 49.93
N GLY C 352 -16.36 -8.88 51.21
CA GLY C 352 -17.76 -8.72 51.55
C GLY C 352 -18.00 -8.74 53.03
N TYR C 353 -19.26 -9.04 53.38
CA TYR C 353 -19.78 -8.84 54.72
C TYR C 353 -20.45 -10.10 55.26
N HIS C 354 -20.65 -10.09 56.58
CA HIS C 354 -21.47 -11.09 57.26
C HIS C 354 -22.27 -10.36 58.32
N HIS C 355 -23.58 -10.60 58.34
CA HIS C 355 -24.48 -9.92 59.26
C HIS C 355 -25.12 -10.91 60.22
N ARG C 356 -25.46 -10.42 61.41
CA ARG C 356 -26.17 -11.20 62.42
C ARG C 356 -27.08 -10.23 63.15
N ASN C 357 -28.35 -10.18 62.75
CA ASN C 357 -29.37 -9.40 63.44
C ASN C 357 -30.51 -10.32 63.88
N GLU C 358 -31.50 -9.74 64.58
CA GLU C 358 -32.63 -10.53 65.02
C GLU C 358 -33.36 -11.17 63.84
N GLN C 359 -33.34 -10.53 62.67
CA GLN C 359 -34.07 -11.03 61.50
C GLN C 359 -33.17 -11.82 60.57
N SER C 361 -28.85 -14.42 59.76
CA SER C 361 -27.43 -14.25 59.46
C SER C 361 -27.13 -14.64 58.01
N GLY C 362 -25.92 -14.36 57.54
CA GLY C 362 -25.56 -14.72 56.18
C GLY C 362 -24.44 -13.85 55.64
N TYR C 363 -23.88 -14.28 54.51
CA TYR C 363 -22.75 -13.63 53.85
C TYR C 363 -23.22 -12.83 52.64
N ALA C 364 -22.60 -11.67 52.37
CA ALA C 364 -22.83 -10.95 51.11
C ALA C 364 -21.56 -10.27 50.61
N ALA C 365 -21.39 -10.21 49.29
CA ALA C 365 -20.19 -9.67 48.62
C ALA C 365 -20.42 -8.23 48.17
N ASP C 366 -19.39 -7.40 48.32
CA ASP C 366 -19.38 -6.01 47.86
C ASP C 366 -19.04 -5.99 46.37
N GLN C 367 -20.05 -5.71 45.53
CA GLN C 367 -19.81 -5.71 44.08
C GLN C 367 -18.88 -4.58 43.64
N LYS C 368 -18.91 -3.43 44.32
CA LYS C 368 -18.05 -2.32 43.92
C LYS C 368 -16.57 -2.69 44.06
N SER C 369 -16.14 -3.06 45.27
CA SER C 369 -14.74 -3.38 45.51
C SER C 369 -14.31 -4.66 44.81
N THR C 370 -15.21 -5.65 44.71
CA THR C 370 -14.83 -6.88 44.02
C THR C 370 -14.64 -6.63 42.52
N GLN C 371 -15.51 -5.83 41.91
CA GLN C 371 -15.40 -5.58 40.48
C GLN C 371 -14.16 -4.74 40.17
N ILE C 372 -13.83 -3.76 41.02
CA ILE C 372 -12.64 -2.96 40.78
C ILE C 372 -11.42 -3.85 40.76
N ALA C 373 -11.35 -4.79 41.70
CA ALA C 373 -10.20 -5.70 41.79
C ALA C 373 -10.14 -6.63 40.59
N ILE C 374 -11.29 -7.13 40.13
CA ILE C 374 -11.31 -8.03 38.96
C ILE C 374 -10.80 -7.31 37.71
N ASP C 375 -11.22 -6.05 37.51
CA ASP C 375 -10.75 -5.31 36.35
C ASP C 375 -9.24 -5.12 36.38
N GLY C 376 -8.68 -4.82 37.55
CA GLY C 376 -7.24 -4.58 37.64
C GLY C 376 -6.42 -5.86 37.44
N ILE C 377 -6.83 -6.95 38.08
CA ILE C 377 -6.09 -8.20 37.96
C ILE C 377 -6.23 -8.77 36.55
N SER C 378 -7.43 -8.67 35.96
CA SER C 378 -7.62 -9.10 34.58
C SER C 378 -6.72 -8.30 33.65
N ASN C 379 -6.57 -7.00 33.91
CA ASN C 379 -5.68 -6.17 33.10
C ASN C 379 -4.23 -6.59 33.25
N LYS C 380 -3.82 -6.91 34.48
CA LYS C 380 -2.44 -7.33 34.70
C LYS C 380 -2.12 -8.61 33.93
N VAL C 381 -3.00 -9.60 34.02
CA VAL C 381 -2.81 -10.87 33.33
C VAL C 381 -2.78 -10.67 31.83
N ASN C 382 -3.72 -9.88 31.32
CA ASN C 382 -3.81 -9.64 29.88
C ASN C 382 -2.55 -8.93 29.37
N SER C 383 -2.03 -7.99 30.15
CA SER C 383 -0.82 -7.27 29.75
C SER C 383 0.36 -8.22 29.64
N VAL C 384 0.53 -9.12 30.61
CA VAL C 384 1.64 -10.06 30.58
C VAL C 384 1.56 -10.97 29.36
N ILE C 385 0.36 -11.41 29.01
CA ILE C 385 0.21 -12.27 27.84
C ILE C 385 0.30 -11.48 26.54
N GLU C 386 -0.37 -10.32 26.48
CA GLU C 386 -0.48 -9.58 25.23
C GLU C 386 0.84 -8.91 24.81
N LYS C 387 1.65 -8.46 25.76
CA LYS C 387 2.85 -7.70 25.40
C LYS C 387 3.90 -8.55 24.69
N MET C 388 3.89 -9.86 24.89
CA MET C 388 4.77 -10.72 24.11
C MET C 388 4.34 -10.70 22.65
N ASN C 389 5.26 -10.35 21.75
CA ASN C 389 4.97 -10.37 20.33
C ASN C 389 5.38 -11.71 19.75
N ILE C 390 4.55 -12.27 18.87
CA ILE C 390 4.86 -13.51 18.21
C ILE C 390 5.06 -13.26 16.73
N GLN C 391 6.14 -13.82 16.21
CA GLN C 391 6.43 -13.86 14.78
C GLN C 391 6.42 -15.34 14.40
N PHE C 392 5.86 -15.63 13.23
CA PHE C 392 6.02 -16.96 12.65
C PHE C 392 7.50 -17.27 12.44
N THR C 393 8.02 -18.27 13.17
CA THR C 393 9.43 -18.63 13.14
C THR C 393 9.59 -20.15 13.15
N SER C 394 10.66 -20.61 12.50
CA SER C 394 11.11 -21.99 12.52
C SER C 394 12.51 -21.98 13.14
N VAL C 395 12.70 -22.75 14.20
CA VAL C 395 13.91 -22.62 15.02
C VAL C 395 15.03 -23.53 14.53
N GLY C 396 14.70 -24.74 14.07
CA GLY C 396 15.63 -25.68 13.44
C GLY C 396 16.69 -25.15 12.50
N LYS C 397 17.92 -25.58 12.68
CA LYS C 397 18.98 -25.39 11.69
C LYS C 397 19.77 -26.69 11.60
N GLU C 398 20.21 -27.03 10.39
CA GLU C 398 21.07 -28.20 10.21
C GLU C 398 22.46 -27.77 9.74
N PHE C 399 23.46 -28.47 10.27
CA PHE C 399 24.85 -28.19 9.97
C PHE C 399 25.57 -29.51 9.69
N ASN C 400 26.46 -29.49 8.70
CA ASN C 400 27.20 -30.70 8.38
C ASN C 400 28.36 -30.85 9.37
N SER C 401 29.15 -31.91 9.16
CA SER C 401 30.14 -32.28 10.16
C SER C 401 31.36 -31.38 10.14
N LEU C 402 31.49 -30.54 9.12
CA LEU C 402 32.51 -29.49 9.08
C LEU C 402 31.94 -28.13 9.44
N GLU C 403 30.82 -28.10 10.16
CA GLU C 403 30.20 -26.84 10.56
C GLU C 403 29.88 -26.82 12.04
N LYS C 404 30.76 -27.42 12.85
CA LYS C 404 30.53 -27.52 14.28
C LYS C 404 30.56 -26.15 14.95
N ARG C 405 31.41 -25.24 14.46
CA ARG C 405 31.44 -23.91 15.06
C ARG C 405 30.13 -23.17 14.84
N MET C 406 29.58 -23.27 13.63
CA MET C 406 28.30 -22.62 13.36
C MET C 406 27.16 -23.31 14.12
N GLU C 407 27.23 -24.64 14.23
CA GLU C 407 26.26 -25.36 15.03
C GLU C 407 26.30 -24.89 16.48
N ASN C 408 27.50 -24.71 17.04
CA ASN C 408 27.57 -24.25 18.43
C ASN C 408 27.14 -22.80 18.58
N LEU C 409 27.40 -21.98 17.57
CA LEU C 409 26.89 -20.61 17.58
C LEU C 409 25.37 -20.60 17.59
N ASN C 410 24.73 -21.45 16.78
CA ASN C 410 23.29 -21.56 16.80
C ASN C 410 22.78 -22.03 18.17
N LYS C 411 23.46 -23.02 18.78
CA LYS C 411 23.02 -23.47 20.09
C LYS C 411 23.21 -22.39 21.15
N LYS C 412 24.23 -21.55 21.01
CA LYS C 412 24.43 -20.47 21.97
C LYS C 412 23.31 -19.44 21.86
N VAL C 413 22.81 -19.18 20.65
CA VAL C 413 21.69 -18.24 20.48
C VAL C 413 20.43 -18.83 21.09
N ASP C 414 20.09 -20.06 20.74
CA ASP C 414 18.91 -20.71 21.32
C ASP C 414 18.96 -20.72 22.84
N ASP C 415 20.09 -21.17 23.41
CA ASP C 415 20.22 -21.27 24.85
C ASP C 415 20.25 -19.91 25.51
N GLY C 416 20.81 -18.91 24.83
CA GLY C 416 20.88 -17.59 25.40
C GLY C 416 19.49 -16.97 25.56
N PHE C 417 18.66 -17.11 24.52
CA PHE C 417 17.29 -16.62 24.63
C PHE C 417 16.48 -17.49 25.58
N LEU C 418 16.79 -18.79 25.63
CA LEU C 418 16.18 -19.65 26.64
C LEU C 418 16.43 -19.11 28.04
N ASP C 419 17.68 -18.71 28.34
CA ASP C 419 18.02 -18.23 29.69
C ASP C 419 17.35 -16.89 30.02
N VAL C 420 17.31 -15.98 29.04
CA VAL C 420 16.70 -14.67 29.26
C VAL C 420 15.22 -14.83 29.58
N TRP C 421 14.50 -15.60 28.76
CA TRP C 421 13.05 -15.69 28.91
C TRP C 421 12.66 -16.48 30.16
N THR C 422 13.43 -17.53 30.48
CA THR C 422 13.16 -18.27 31.71
C THR C 422 13.34 -17.40 32.94
N TYR C 423 14.46 -16.68 33.02
CA TYR C 423 14.74 -15.84 34.18
C TYR C 423 13.72 -14.73 34.27
N ASN C 424 13.44 -14.08 33.14
CA ASN C 424 12.51 -12.95 33.14
C ASN C 424 11.10 -13.42 33.48
N ALA C 425 10.66 -14.54 32.91
CA ALA C 425 9.32 -15.03 33.24
C ALA C 425 9.23 -15.40 34.72
N GLU C 426 10.26 -16.05 35.26
CA GLU C 426 10.20 -16.49 36.65
C GLU C 426 10.18 -15.29 37.59
N LEU C 427 11.02 -14.30 37.30
CA LEU C 427 11.12 -13.13 38.16
C LEU C 427 9.89 -12.25 38.04
N LEU C 428 9.32 -12.16 36.84
CA LEU C 428 8.11 -11.39 36.67
C LEU C 428 7.00 -11.92 37.55
N ILE C 429 6.82 -13.24 37.55
CA ILE C 429 5.74 -13.86 38.29
C ILE C 429 5.94 -13.72 39.80
N LEU C 430 7.17 -13.90 40.29
CA LEU C 430 7.40 -13.68 41.71
C LEU C 430 7.06 -12.26 42.13
N LEU C 431 7.45 -11.27 41.31
CA LEU C 431 7.24 -9.89 41.70
C LEU C 431 5.77 -9.52 41.60
N GLU C 432 5.09 -9.93 40.53
CA GLU C 432 3.68 -9.57 40.41
C GLU C 432 2.80 -10.33 41.40
N ASN C 433 3.16 -11.58 41.72
CA ASN C 433 2.40 -12.31 42.73
C ASN C 433 2.45 -11.61 44.08
N GLU C 434 3.63 -11.10 44.45
CA GLU C 434 3.73 -10.27 45.65
C GLU C 434 2.86 -9.04 45.54
N ARG C 435 2.87 -8.37 44.38
CA ARG C 435 2.07 -7.17 44.21
C ARG C 435 0.58 -7.49 44.20
N THR C 436 0.21 -8.65 43.66
CA THR C 436 -1.21 -9.01 43.54
C THR C 436 -1.84 -9.28 44.90
N LEU C 437 -1.13 -9.99 45.78
CA LEU C 437 -1.69 -10.33 47.09
C LEU C 437 -1.74 -9.11 48.00
N ASP C 438 -0.77 -8.19 47.89
CA ASP C 438 -0.85 -6.95 48.66
C ASP C 438 -1.94 -6.04 48.11
N PHE C 439 -2.24 -6.16 46.81
CA PHE C 439 -3.36 -5.44 46.22
C PHE C 439 -4.68 -5.84 46.89
N HIS C 440 -4.94 -7.14 47.02
CA HIS C 440 -6.15 -7.59 47.72
C HIS C 440 -6.13 -7.15 49.17
N ASP C 441 -4.97 -7.32 49.83
CA ASP C 441 -4.82 -6.96 51.23
C ASP C 441 -5.22 -5.51 51.50
N LEU C 442 -4.80 -4.59 50.62
CA LEU C 442 -5.17 -3.18 50.78
C LEU C 442 -6.64 -2.95 50.44
N ASN C 443 -7.19 -3.68 49.46
CA ASN C 443 -8.59 -3.51 49.10
C ASN C 443 -9.52 -3.96 50.22
N VAL C 444 -9.12 -4.98 50.99
CA VAL C 444 -9.91 -5.39 52.14
C VAL C 444 -9.91 -4.31 53.21
N LYS C 445 -8.72 -3.81 53.57
CA LYS C 445 -8.65 -2.71 54.54
C LYS C 445 -9.41 -1.49 54.05
N ASN C 446 -9.38 -1.21 52.74
CA ASN C 446 -10.09 -0.05 52.22
C ASN C 446 -11.61 -0.23 52.36
N LEU C 447 -12.11 -1.46 52.16
CA LEU C 447 -13.52 -1.75 52.39
C LEU C 447 -13.87 -1.66 53.87
N TYR C 448 -12.95 -2.12 54.73
CA TYR C 448 -13.16 -2.05 56.18
C TYR C 448 -13.23 -0.61 56.67
N GLU C 449 -12.24 0.20 56.28
CA GLU C 449 -12.25 1.59 56.74
C GLU C 449 -13.41 2.37 56.15
N LYS C 450 -13.97 1.93 55.01
CA LYS C 450 -15.12 2.62 54.44
C LYS C 450 -16.35 2.41 55.32
N VAL C 451 -16.53 1.19 55.83
CA VAL C 451 -17.64 0.91 56.75
C VAL C 451 -17.41 1.60 58.08
N LYS C 452 -16.16 1.61 58.55
CA LYS C 452 -15.87 2.28 59.81
C LYS C 452 -16.19 3.77 59.70
N SER C 453 -15.80 4.40 58.60
CA SER C 453 -16.14 5.80 58.33
C SER C 453 -17.60 5.94 57.89
N GLN C 454 -18.52 5.54 58.77
CA GLN C 454 -19.96 5.65 58.54
C GLN C 454 -20.75 5.25 59.77
N ASN C 458 -21.97 4.83 66.88
CA ASN C 458 -23.16 4.00 66.78
C ASN C 458 -22.78 2.51 66.69
N ALA C 459 -21.49 2.22 66.84
CA ALA C 459 -21.01 0.85 66.90
C ALA C 459 -19.62 0.83 67.53
N LYS C 460 -19.20 -0.36 67.95
CA LYS C 460 -17.89 -0.58 68.54
C LYS C 460 -17.12 -1.63 67.73
N GLU C 461 -15.86 -1.33 67.42
CA GLU C 461 -15.04 -2.25 66.61
C GLU C 461 -14.52 -3.37 67.50
N ILE C 462 -14.99 -4.59 67.27
CA ILE C 462 -14.58 -5.72 68.10
C ILE C 462 -13.09 -6.02 67.93
N GLY C 463 -12.46 -5.53 66.86
CA GLY C 463 -11.05 -5.73 66.59
C GLY C 463 -10.75 -6.81 65.56
N ASN C 464 -11.74 -7.63 65.23
CA ASN C 464 -11.60 -8.80 64.36
C ASN C 464 -12.13 -8.54 62.96
N GLY C 465 -12.27 -7.28 62.58
CA GLY C 465 -12.97 -6.92 61.37
C GLY C 465 -14.47 -6.75 61.54
N CYS C 466 -14.98 -6.83 62.77
CA CYS C 466 -16.41 -6.76 63.04
C CYS C 466 -16.78 -5.47 63.75
N PHE C 467 -18.09 -5.21 63.76
CA PHE C 467 -18.67 -4.07 64.44
C PHE C 467 -19.90 -4.55 65.21
N GLU C 468 -19.94 -4.26 66.51
CA GLU C 468 -21.11 -4.54 67.34
C GLU C 468 -21.99 -3.30 67.39
N PHE C 469 -23.26 -3.46 67.01
CA PHE C 469 -24.18 -2.35 66.92
C PHE C 469 -24.67 -1.92 68.31
N TYR C 470 -24.62 -0.61 68.57
CA TYR C 470 -25.22 -0.06 69.78
C TYR C 470 -26.73 0.04 69.67
N HIS C 471 -27.24 0.23 68.45
CA HIS C 471 -28.66 0.27 68.18
C HIS C 471 -29.03 -0.85 67.22
N LYS C 472 -30.28 -1.29 67.30
CA LYS C 472 -30.76 -2.36 66.42
C LYS C 472 -30.65 -1.93 64.96
N CYS C 473 -30.45 -2.92 64.09
CA CYS C 473 -30.31 -2.65 62.65
C CYS C 473 -30.86 -3.87 61.91
N ASP C 474 -32.07 -3.72 61.37
CA ASP C 474 -32.72 -4.79 60.64
C ASP C 474 -32.05 -4.97 59.26
N ASN C 475 -32.55 -5.95 58.50
CA ASN C 475 -31.96 -6.25 57.20
C ASN C 475 -32.05 -5.06 56.25
N GLU C 476 -33.11 -4.27 56.35
CA GLU C 476 -33.21 -3.06 55.54
C GLU C 476 -32.15 -2.05 55.96
N CYS C 477 -31.96 -1.86 57.27
CA CYS C 477 -30.91 -0.98 57.77
C CYS C 477 -29.53 -1.51 57.40
N MET C 478 -29.34 -2.83 57.50
CA MET C 478 -28.06 -3.45 57.14
C MET C 478 -27.73 -3.21 55.67
N GLU C 479 -28.63 -3.56 54.76
CA GLU C 479 -28.42 -3.35 53.33
C GLU C 479 -28.03 -1.91 53.00
N SER C 480 -28.30 -0.95 53.91
CA SER C 480 -27.89 0.43 53.70
C SER C 480 -26.39 0.61 53.90
N VAL C 481 -25.81 -0.03 54.92
CA VAL C 481 -24.36 0.05 55.13
C VAL C 481 -23.60 -0.55 53.96
N LYS C 482 -24.05 -1.69 53.45
CA LYS C 482 -23.42 -2.30 52.29
C LYS C 482 -23.51 -1.42 51.05
N ASN C 483 -24.69 -0.81 50.83
CA ASN C 483 -24.88 0.15 49.75
C ASN C 483 -23.98 1.37 49.89
N GLY C 484 -23.43 1.60 51.07
CA GLY C 484 -22.63 2.78 51.32
C GLY C 484 -23.45 3.99 51.68
N THR C 485 -24.74 3.82 51.96
CA THR C 485 -25.69 4.89 52.23
C THR C 485 -26.23 4.67 53.64
N TYR C 486 -25.70 5.43 54.59
CA TYR C 486 -26.07 5.26 55.98
C TYR C 486 -25.90 6.55 56.77
N VAL D 7 -64.33 27.32 12.16
CA VAL D 7 -63.35 27.14 11.10
C VAL D 7 -62.58 25.83 11.28
N GLY D 8 -62.45 25.06 10.21
CA GLY D 8 -61.79 23.78 10.23
C GLY D 8 -61.37 23.34 8.83
N TYR D 9 -60.76 22.16 8.74
CA TYR D 9 -60.24 21.67 7.47
C TYR D 9 -60.81 20.30 7.15
N HIS D 10 -60.47 19.82 5.96
CA HIS D 10 -61.06 18.61 5.40
C HIS D 10 -60.27 17.39 5.87
N ALA D 11 -60.99 16.28 6.06
CA ALA D 11 -60.37 14.99 6.29
C ALA D 11 -61.21 13.94 5.58
N ASN D 12 -60.57 12.85 5.16
CA ASN D 12 -61.25 11.77 4.45
C ASN D 12 -60.57 10.45 4.79
N ASN D 13 -60.85 9.42 3.98
CA ASN D 13 -60.40 8.05 4.21
C ASN D 13 -59.15 7.64 3.43
N SER D 14 -58.41 8.59 2.84
CA SER D 14 -57.27 8.22 2.00
C SER D 14 -56.09 7.79 2.86
N THR D 15 -55.40 6.74 2.41
CA THR D 15 -54.21 6.24 3.08
C THR D 15 -52.93 6.58 2.32
N ASP D 16 -53.00 7.49 1.34
CA ASP D 16 -51.82 7.85 0.57
C ASP D 16 -50.74 8.42 1.47
N THR D 17 -49.51 7.94 1.29
CA THR D 17 -48.36 8.40 2.05
C THR D 17 -47.39 9.15 1.14
N VAL D 18 -46.81 10.24 1.67
CA VAL D 18 -45.81 11.04 0.98
C VAL D 18 -44.68 11.37 1.93
N ASP D 19 -43.51 11.64 1.37
CA ASP D 19 -42.34 12.08 2.09
C ASP D 19 -42.13 13.58 1.89
N THR D 20 -41.60 14.23 2.91
CA THR D 20 -41.18 15.61 2.83
C THR D 20 -39.75 15.71 3.33
N ILE D 21 -39.13 16.87 3.10
CA ILE D 21 -37.75 17.02 3.53
C ILE D 21 -37.63 16.91 5.04
N LEU D 22 -38.68 17.27 5.78
CA LEU D 22 -38.59 17.26 7.22
C LEU D 22 -39.11 15.98 7.86
N GLU D 23 -40.03 15.26 7.22
CA GLU D 23 -40.65 14.09 7.82
C GLU D 23 -41.01 13.10 6.73
N LYS D 24 -40.90 11.81 7.04
CA LYS D 24 -41.25 10.77 6.08
C LYS D 24 -42.59 10.14 6.43
N ASN D 25 -43.22 9.55 5.41
CA ASN D 25 -44.47 8.78 5.53
C ASN D 25 -45.56 9.55 6.28
N VAL D 26 -46.04 10.61 5.64
CA VAL D 26 -47.13 11.45 6.15
C VAL D 26 -48.38 11.17 5.32
N THR D 27 -49.48 10.79 5.98
CA THR D 27 -50.73 10.47 5.29
C THR D 27 -51.46 11.75 4.88
N VAL D 28 -51.87 11.81 3.62
CA VAL D 28 -52.46 13.01 3.04
C VAL D 28 -53.80 12.69 2.41
N THR D 29 -54.67 13.69 2.35
CA THR D 29 -56.05 13.48 1.90
C THR D 29 -56.13 13.32 0.38
N HIS D 30 -55.27 14.04 -0.35
CA HIS D 30 -55.22 13.99 -1.80
C HIS D 30 -53.76 14.03 -2.23
N SER D 31 -53.46 13.37 -3.35
CA SER D 31 -52.10 13.35 -3.87
C SER D 31 -52.14 12.87 -5.30
N VAL D 32 -51.03 13.10 -6.02
CA VAL D 32 -50.91 12.70 -7.41
C VAL D 32 -49.56 12.01 -7.60
N ASN D 33 -49.58 10.86 -8.27
CA ASN D 33 -48.36 10.15 -8.64
C ASN D 33 -47.80 10.75 -9.93
N LEU D 34 -46.51 11.07 -9.92
CA LEU D 34 -45.84 11.59 -11.11
C LEU D 34 -45.03 10.52 -11.84
N LEU D 35 -45.17 9.25 -11.47
CA LEU D 35 -44.33 8.18 -12.00
C LEU D 35 -45.23 7.15 -12.68
N GLU D 36 -44.98 6.94 -13.96
CA GLU D 36 -45.59 5.83 -14.68
C GLU D 36 -44.69 4.62 -14.46
N ASN D 37 -45.27 3.54 -13.95
CA ASN D 37 -44.47 2.35 -13.65
C ASN D 37 -45.05 1.10 -14.28
N SER D 38 -45.90 1.24 -15.29
CA SER D 38 -46.55 0.07 -15.87
C SER D 38 -46.64 0.24 -17.38
N HIS D 39 -46.76 -0.91 -18.07
CA HIS D 39 -46.82 -0.94 -19.52
C HIS D 39 -47.80 -2.02 -19.96
N ASN D 40 -48.22 -1.96 -21.22
CA ASN D 40 -49.21 -2.90 -21.71
C ASN D 40 -48.60 -4.17 -22.29
N GLY D 41 -47.29 -4.37 -22.13
CA GLY D 41 -46.65 -5.59 -22.55
C GLY D 41 -46.73 -5.87 -24.03
N LYS D 42 -47.03 -4.87 -24.84
CA LYS D 42 -47.20 -5.04 -26.27
C LYS D 42 -46.37 -3.99 -27.02
N LEU D 43 -45.92 -4.37 -28.21
CA LEU D 43 -45.33 -3.44 -29.18
C LEU D 43 -46.43 -2.90 -30.08
N CYS D 44 -46.58 -1.58 -30.11
CA CYS D 44 -47.67 -0.94 -30.82
C CYS D 44 -47.15 -0.12 -32.00
N SER D 45 -48.08 0.33 -32.84
CA SER D 45 -47.75 1.35 -33.82
C SER D 45 -47.52 2.69 -33.14
N LEU D 46 -46.61 3.47 -33.72
CA LEU D 46 -46.26 4.80 -33.22
C LEU D 46 -47.04 5.86 -34.00
N ASN D 47 -47.95 6.55 -33.30
CA ASN D 47 -48.80 7.61 -33.83
C ASN D 47 -49.56 7.19 -35.09
N GLY D 48 -49.70 5.89 -35.32
CA GLY D 48 -50.44 5.36 -36.46
C GLY D 48 -49.60 4.57 -37.45
N LYS D 49 -48.28 4.53 -37.32
CA LYS D 49 -47.39 3.89 -38.29
C LYS D 49 -46.88 2.57 -37.73
N ILE D 50 -47.09 1.49 -38.48
CA ILE D 50 -46.68 0.16 -38.04
C ILE D 50 -45.15 0.11 -37.92
N PRO D 51 -44.60 -0.61 -36.95
CA PRO D 51 -43.14 -0.82 -36.94
C PRO D 51 -42.74 -1.88 -37.95
N LEU D 52 -41.44 -2.00 -38.17
CA LEU D 52 -40.88 -3.02 -39.03
C LEU D 52 -40.34 -4.15 -38.14
N GLN D 53 -40.93 -5.34 -38.26
CA GLN D 53 -40.48 -6.50 -37.52
C GLN D 53 -39.46 -7.28 -38.37
N LEU D 54 -38.19 -7.23 -37.96
CA LEU D 54 -37.19 -8.03 -38.64
C LEU D 54 -37.30 -9.50 -38.31
N GLY D 55 -37.87 -9.84 -37.16
CA GLY D 55 -38.14 -11.22 -36.84
C GLY D 55 -36.87 -12.06 -36.75
N ASN D 56 -36.80 -13.10 -37.57
CA ASN D 56 -35.64 -13.98 -37.60
C ASN D 56 -34.50 -13.46 -38.47
N CYS D 57 -34.67 -12.31 -39.13
CA CYS D 57 -33.59 -11.62 -39.83
C CYS D 57 -32.98 -10.52 -38.96
N ASN D 58 -31.70 -10.26 -39.19
CA ASN D 58 -31.07 -9.06 -38.68
C ASN D 58 -30.97 -8.04 -39.82
N VAL D 59 -30.39 -6.88 -39.53
CA VAL D 59 -30.35 -5.80 -40.52
C VAL D 59 -29.58 -6.25 -41.76
N ALA D 60 -28.45 -6.93 -41.57
CA ALA D 60 -27.69 -7.43 -42.71
C ALA D 60 -28.54 -8.31 -43.60
N GLY D 61 -29.22 -9.30 -43.02
CA GLY D 61 -30.04 -10.17 -43.83
C GLY D 61 -31.15 -9.43 -44.55
N TRP D 62 -31.74 -8.43 -43.88
CA TRP D 62 -32.76 -7.59 -44.47
C TRP D 62 -32.20 -6.83 -45.68
N ILE D 63 -31.12 -6.08 -45.46
CA ILE D 63 -30.58 -5.16 -46.48
C ILE D 63 -29.92 -5.94 -47.62
N LEU D 64 -29.15 -6.98 -47.31
CA LEU D 64 -28.60 -7.83 -48.37
C LEU D 64 -29.71 -8.54 -49.13
N GLY D 65 -30.79 -8.90 -48.44
CA GLY D 65 -31.85 -9.68 -49.06
C GLY D 65 -31.55 -11.16 -48.96
N ASN D 66 -31.10 -11.61 -47.79
CA ASN D 66 -31.06 -13.04 -47.52
C ASN D 66 -32.39 -13.68 -47.92
N PRO D 67 -32.39 -14.78 -48.68
CA PRO D 67 -33.67 -15.36 -49.11
C PRO D 67 -34.64 -15.65 -47.95
N LYS D 68 -34.16 -15.94 -46.75
CA LYS D 68 -35.06 -16.13 -45.61
C LYS D 68 -35.72 -14.83 -45.15
N CYS D 69 -35.39 -13.70 -45.76
CA CYS D 69 -35.95 -12.41 -45.36
C CYS D 69 -36.87 -11.87 -46.43
N ASP D 70 -37.38 -12.73 -47.31
CA ASP D 70 -38.20 -12.27 -48.44
C ASP D 70 -39.44 -11.50 -47.99
N LEU D 71 -40.01 -11.84 -46.83
CA LEU D 71 -41.18 -11.08 -46.37
C LEU D 71 -40.88 -9.60 -46.22
N LEU D 72 -39.62 -9.24 -45.94
CA LEU D 72 -39.25 -7.86 -45.66
C LEU D 72 -39.09 -7.01 -46.92
N LEU D 73 -39.09 -7.62 -48.11
CA LEU D 73 -38.80 -6.88 -49.34
C LEU D 73 -39.85 -5.80 -49.62
N THR D 74 -41.07 -5.97 -49.12
CA THR D 74 -42.13 -4.98 -49.29
C THR D 74 -42.06 -3.82 -48.28
N ALA D 75 -41.07 -3.78 -47.40
CA ALA D 75 -41.01 -2.75 -46.36
C ALA D 75 -40.61 -1.40 -46.97
N ASN D 76 -41.47 -0.40 -46.85
CA ASN D 76 -41.15 0.93 -47.35
C ASN D 76 -41.36 2.03 -46.33
N SER D 77 -42.10 1.78 -45.26
CA SER D 77 -42.42 2.81 -44.29
C SER D 77 -42.73 2.13 -42.97
N TRP D 78 -42.03 2.54 -41.93
CA TRP D 78 -42.20 1.96 -40.60
C TRP D 78 -41.94 3.06 -39.58
N SER D 79 -42.43 2.84 -38.36
CA SER D 79 -42.22 3.83 -37.31
C SER D 79 -40.96 3.58 -36.50
N TYR D 80 -40.62 2.31 -36.28
CA TYR D 80 -39.34 1.91 -35.70
C TYR D 80 -39.08 0.48 -36.14
N ILE D 81 -37.85 0.03 -35.94
CA ILE D 81 -37.41 -1.27 -36.39
C ILE D 81 -37.22 -2.15 -35.17
N ILE D 82 -37.67 -3.41 -35.25
CA ILE D 82 -37.59 -4.32 -34.12
C ILE D 82 -36.66 -5.47 -34.46
N GLU D 83 -35.65 -5.68 -33.62
CA GLU D 83 -34.80 -6.86 -33.68
C GLU D 83 -35.14 -7.73 -32.48
N THR D 84 -35.21 -9.04 -32.70
CA THR D 84 -35.53 -9.96 -31.63
C THR D 84 -34.25 -10.71 -31.24
N SER D 85 -34.37 -11.54 -30.20
CA SER D 85 -33.29 -12.44 -29.81
C SER D 85 -33.07 -13.56 -30.82
N ASN D 86 -33.99 -13.75 -31.76
CA ASN D 86 -33.85 -14.74 -32.82
C ASN D 86 -33.56 -14.10 -34.17
N SER D 87 -33.17 -12.81 -34.18
CA SER D 87 -32.79 -12.11 -35.42
C SER D 87 -31.40 -12.58 -35.85
N LYS D 88 -31.34 -13.77 -36.42
CA LYS D 88 -30.06 -14.39 -36.72
C LYS D 88 -29.77 -14.55 -38.21
N ASN D 89 -30.77 -14.40 -39.08
CA ASN D 89 -30.56 -14.57 -40.52
C ASN D 89 -29.90 -13.31 -41.09
N GLY D 90 -28.61 -13.40 -41.40
CA GLY D 90 -27.88 -12.24 -41.90
C GLY D 90 -27.26 -12.53 -43.24
N ALA D 91 -25.93 -12.44 -43.33
CA ALA D 91 -25.21 -12.80 -44.56
C ALA D 91 -25.13 -14.33 -44.65
N CYS D 92 -25.95 -14.93 -45.50
CA CYS D 92 -25.93 -16.40 -45.58
C CYS D 92 -24.62 -16.89 -46.17
N TYR D 93 -24.03 -16.17 -47.14
CA TYR D 93 -22.64 -16.41 -47.52
C TYR D 93 -21.74 -15.60 -46.59
N PRO D 94 -20.85 -16.24 -45.84
CA PRO D 94 -20.24 -15.57 -44.69
C PRO D 94 -19.41 -14.36 -45.08
N GLY D 95 -19.46 -13.38 -44.21
CA GLY D 95 -18.74 -12.12 -44.32
C GLY D 95 -19.48 -11.04 -43.55
N GLU D 96 -18.81 -9.90 -43.43
CA GLU D 96 -19.31 -8.74 -42.68
C GLU D 96 -19.43 -7.49 -43.54
N PHE D 97 -20.32 -6.62 -43.08
CA PHE D 97 -20.50 -5.28 -43.60
C PHE D 97 -19.43 -4.38 -42.98
N ALA D 98 -18.72 -3.65 -43.82
CA ALA D 98 -17.87 -2.60 -43.26
C ALA D 98 -18.79 -1.52 -42.70
N ASP D 99 -18.37 -0.93 -41.60
CA ASP D 99 -19.08 0.18 -40.95
C ASP D 99 -20.57 -0.16 -40.73
N TYR D 100 -20.80 -1.33 -40.14
CA TYR D 100 -22.14 -1.90 -40.00
C TYR D 100 -22.97 -1.16 -38.96
N GLU D 101 -22.36 -0.74 -37.85
CA GLU D 101 -23.08 0.03 -36.86
C GLU D 101 -23.48 1.39 -37.43
N GLU D 102 -22.62 1.97 -38.28
CA GLU D 102 -23.00 3.19 -38.96
C GLU D 102 -24.16 2.95 -39.89
N LEU D 103 -24.14 1.83 -40.64
CA LEU D 103 -25.27 1.51 -41.49
C LEU D 103 -26.55 1.47 -40.68
N LYS D 104 -26.52 0.75 -39.55
CA LYS D 104 -27.72 0.68 -38.71
C LYS D 104 -28.14 2.05 -38.24
N GLU D 105 -27.17 2.90 -37.84
CA GLU D 105 -27.50 4.24 -37.38
C GLU D 105 -28.18 5.05 -38.49
N GLN D 106 -27.72 4.89 -39.73
CA GLN D 106 -28.38 5.55 -40.86
C GLN D 106 -29.81 5.05 -41.04
N LEU D 107 -30.01 3.73 -41.03
CA LEU D 107 -31.35 3.15 -41.20
C LEU D 107 -32.27 3.51 -40.03
N SER D 108 -31.71 3.80 -38.86
CA SER D 108 -32.56 4.11 -37.73
C SER D 108 -33.33 5.41 -37.93
N THR D 109 -32.92 6.28 -38.86
CA THR D 109 -33.62 7.54 -39.07
C THR D 109 -34.43 7.58 -40.38
N VAL D 110 -34.56 6.46 -41.09
CA VAL D 110 -35.22 6.42 -42.40
C VAL D 110 -36.74 6.35 -42.21
N SER D 111 -37.46 7.26 -42.88
CA SER D 111 -38.91 7.31 -42.88
C SER D 111 -39.54 6.79 -44.17
N SER D 112 -38.78 6.75 -45.26
CA SER D 112 -39.27 6.21 -46.52
C SER D 112 -38.14 5.42 -47.16
N PHE D 113 -38.51 4.28 -47.73
CA PHE D 113 -37.57 3.30 -48.27
C PHE D 113 -38.19 2.80 -49.58
N GLU D 114 -37.55 3.04 -50.72
CA GLU D 114 -38.11 2.60 -52.00
C GLU D 114 -37.09 1.70 -52.69
N ARG D 115 -37.31 0.38 -52.65
CA ARG D 115 -36.43 -0.55 -53.32
C ARG D 115 -36.63 -0.47 -54.82
N PHE D 116 -35.52 -0.34 -55.57
CA PHE D 116 -35.60 -0.33 -57.03
C PHE D 116 -34.42 -1.11 -57.59
N GLU D 117 -34.58 -1.51 -58.85
CA GLU D 117 -33.62 -2.36 -59.56
C GLU D 117 -32.53 -1.48 -60.18
N ILE D 118 -31.48 -1.21 -59.41
CA ILE D 118 -30.45 -0.29 -59.87
C ILE D 118 -29.74 -0.82 -61.13
N PHE D 119 -29.35 -2.11 -61.11
CA PHE D 119 -28.70 -2.74 -62.26
C PHE D 119 -29.52 -3.94 -62.66
N PRO D 120 -30.46 -3.80 -63.61
CA PRO D 120 -31.33 -4.92 -64.00
C PRO D 120 -30.49 -6.11 -64.45
N LYS D 121 -30.67 -7.23 -63.76
CA LYS D 121 -29.86 -8.42 -64.00
C LYS D 121 -29.98 -8.91 -65.44
N ALA D 122 -31.14 -8.73 -66.08
CA ALA D 122 -31.31 -9.27 -67.42
C ALA D 122 -30.60 -8.43 -68.50
N THR D 123 -30.28 -7.16 -68.23
CA THR D 123 -29.72 -6.28 -69.26
C THR D 123 -28.40 -5.62 -68.88
N SER D 124 -27.99 -5.63 -67.61
CA SER D 124 -26.84 -4.83 -67.20
C SER D 124 -25.51 -5.46 -67.55
N TRP D 125 -25.47 -6.77 -67.78
CA TRP D 125 -24.21 -7.52 -67.83
C TRP D 125 -24.16 -8.41 -69.06
N PRO D 126 -24.17 -7.85 -70.26
CA PRO D 126 -24.18 -8.68 -71.47
C PRO D 126 -22.90 -9.45 -71.71
N ASN D 127 -21.78 -8.97 -71.18
CA ASN D 127 -20.47 -9.59 -71.41
C ASN D 127 -20.06 -10.54 -70.29
N HIS D 128 -20.94 -10.79 -69.32
CA HIS D 128 -20.65 -11.66 -68.19
C HIS D 128 -21.83 -12.59 -67.96
N ASP D 129 -21.67 -13.53 -67.05
CA ASP D 129 -22.72 -14.51 -66.76
C ASP D 129 -23.44 -14.14 -65.47
N THR D 130 -24.75 -13.96 -65.56
CA THR D 130 -25.58 -13.58 -64.43
C THR D 130 -26.41 -14.73 -63.88
N THR D 131 -26.21 -15.95 -64.36
CA THR D 131 -27.10 -17.07 -64.06
C THR D 131 -26.49 -18.12 -63.14
N ARG D 132 -25.26 -17.95 -62.67
CA ARG D 132 -24.58 -18.99 -61.90
C ARG D 132 -24.13 -18.54 -60.52
N GLY D 133 -24.52 -17.36 -60.08
CA GLY D 133 -24.05 -16.89 -58.78
C GLY D 133 -24.95 -17.36 -57.66
N THR D 134 -24.98 -18.67 -57.45
CA THR D 134 -25.81 -19.27 -56.42
C THR D 134 -24.95 -20.17 -55.55
N THR D 135 -25.46 -20.52 -54.38
CA THR D 135 -24.67 -21.28 -53.43
C THR D 135 -25.59 -22.03 -52.48
N VAL D 136 -25.11 -23.21 -52.05
CA VAL D 136 -25.81 -23.98 -51.04
C VAL D 136 -25.89 -23.23 -49.72
N ALA D 137 -24.96 -22.27 -49.49
CA ALA D 137 -25.00 -21.47 -48.27
C ALA D 137 -26.22 -20.56 -48.22
N CYS D 138 -26.77 -20.20 -49.37
CA CYS D 138 -27.98 -19.36 -49.40
C CYS D 138 -29.09 -20.18 -50.01
N SER D 139 -29.23 -21.43 -49.55
CA SER D 139 -30.24 -22.33 -50.11
C SER D 139 -31.65 -21.83 -49.79
N HIS D 140 -32.55 -21.98 -50.75
CA HIS D 140 -33.94 -21.60 -50.57
C HIS D 140 -34.82 -22.58 -51.33
N SER D 141 -35.79 -23.18 -50.64
CA SER D 141 -36.70 -24.18 -51.23
C SER D 141 -35.94 -25.31 -51.92
N GLY D 142 -34.84 -25.74 -51.29
CA GLY D 142 -34.08 -26.89 -51.72
C GLY D 142 -33.19 -26.65 -52.91
N ALA D 143 -33.00 -25.42 -53.31
CA ALA D 143 -32.17 -25.09 -54.45
C ALA D 143 -31.18 -24.01 -54.02
N ASN D 144 -29.96 -24.11 -54.54
CA ASN D 144 -28.96 -23.09 -54.29
C ASN D 144 -29.49 -21.74 -54.76
N SER D 145 -29.24 -20.71 -53.96
CA SER D 145 -29.79 -19.40 -54.27
C SER D 145 -28.79 -18.35 -53.82
N PHE D 146 -29.24 -17.11 -53.68
CA PHE D 146 -28.37 -15.99 -53.35
C PHE D 146 -29.26 -14.81 -52.94
N TYR D 147 -28.61 -13.74 -52.50
CA TYR D 147 -29.30 -12.52 -52.06
C TYR D 147 -30.22 -11.99 -53.14
N ARG D 148 -31.33 -11.39 -52.71
CA ARG D 148 -32.25 -10.72 -53.62
C ARG D 148 -31.76 -9.35 -54.07
N ASN D 149 -30.82 -8.74 -53.35
CA ASN D 149 -30.40 -7.37 -53.65
C ASN D 149 -29.01 -7.27 -54.23
N LEU D 150 -28.30 -8.39 -54.35
CA LEU D 150 -26.96 -8.40 -54.94
C LEU D 150 -26.90 -9.44 -56.05
N LEU D 151 -26.00 -9.25 -57.01
CA LEU D 151 -25.84 -10.16 -58.14
C LEU D 151 -24.40 -10.68 -58.19
N TRP D 152 -24.25 -11.99 -58.07
CA TRP D 152 -22.97 -12.69 -58.10
C TRP D 152 -22.60 -12.99 -59.54
N ILE D 153 -21.80 -12.13 -60.14
CA ILE D 153 -21.43 -12.22 -61.55
C ILE D 153 -20.22 -13.12 -61.68
N VAL D 154 -20.26 -14.07 -62.62
CA VAL D 154 -19.11 -14.92 -62.89
C VAL D 154 -18.76 -14.83 -64.37
N LYS D 155 -17.69 -15.51 -64.79
CA LYS D 155 -17.23 -15.41 -66.17
C LYS D 155 -18.25 -16.03 -67.14
N LYS D 156 -18.29 -15.50 -68.36
CA LYS D 156 -19.10 -16.06 -69.42
C LYS D 156 -18.20 -16.90 -70.33
N GLY D 157 -18.44 -18.19 -70.39
CA GLY D 157 -17.53 -19.08 -71.07
C GLY D 157 -16.24 -19.16 -70.30
N ASN D 158 -15.13 -18.76 -70.91
CA ASN D 158 -13.84 -18.69 -70.23
C ASN D 158 -13.28 -17.27 -70.20
N SER D 159 -14.16 -16.27 -70.27
CA SER D 159 -13.70 -14.88 -70.36
C SER D 159 -14.42 -14.02 -69.35
N TYR D 160 -13.66 -13.22 -68.60
CA TYR D 160 -14.21 -12.21 -67.69
C TYR D 160 -13.56 -10.88 -68.06
N PRO D 161 -14.14 -10.16 -69.02
CA PRO D 161 -13.59 -8.87 -69.42
C PRO D 161 -13.77 -7.80 -68.34
N LYS D 162 -13.02 -6.70 -68.49
CA LYS D 162 -13.13 -5.60 -67.54
C LYS D 162 -14.56 -5.11 -67.49
N LEU D 163 -15.14 -5.15 -66.29
CA LEU D 163 -16.51 -4.73 -66.05
C LEU D 163 -16.51 -3.24 -65.74
N SER D 164 -17.49 -2.52 -66.29
CA SER D 164 -17.64 -1.09 -66.00
C SER D 164 -19.12 -0.75 -66.02
N LYS D 165 -19.68 -0.38 -64.87
CA LYS D 165 -21.08 0.03 -64.79
C LYS D 165 -21.20 1.22 -63.85
N SER D 166 -21.86 2.27 -64.33
CA SER D 166 -22.12 3.47 -63.56
C SER D 166 -23.61 3.58 -63.30
N TYR D 167 -23.96 4.23 -62.20
CA TYR D 167 -25.32 4.63 -61.92
C TYR D 167 -25.30 6.06 -61.43
N THR D 168 -26.12 6.90 -62.02
CA THR D 168 -26.26 8.30 -61.62
C THR D 168 -27.55 8.47 -60.83
N ASN D 169 -27.44 8.91 -59.59
CA ASN D 169 -28.63 9.10 -58.76
C ASN D 169 -29.42 10.30 -59.28
N ASN D 170 -30.61 10.04 -59.82
CA ASN D 170 -31.53 11.07 -60.28
C ASN D 170 -32.87 11.01 -59.56
N LYS D 171 -32.94 10.27 -58.45
CA LYS D 171 -34.16 10.09 -57.69
CA LYS D 171 -34.15 10.07 -57.66
C LYS D 171 -34.55 11.31 -56.86
N GLY D 172 -33.68 12.31 -56.77
CA GLY D 172 -33.95 13.47 -55.95
C GLY D 172 -33.89 13.22 -54.45
N LYS D 173 -33.32 12.09 -54.04
CA LYS D 173 -33.12 11.74 -52.63
C LYS D 173 -31.93 10.79 -52.56
N GLU D 174 -31.40 10.58 -51.35
CA GLU D 174 -30.27 9.68 -51.18
C GLU D 174 -30.63 8.25 -51.56
N VAL D 175 -29.68 7.55 -52.16
CA VAL D 175 -29.84 6.15 -52.53
C VAL D 175 -28.80 5.33 -51.77
N LEU D 176 -29.28 4.36 -51.00
CA LEU D 176 -28.39 3.42 -50.33
C LEU D 176 -27.96 2.34 -51.32
N VAL D 177 -26.66 2.26 -51.61
CA VAL D 177 -26.14 1.28 -52.56
C VAL D 177 -25.32 0.27 -51.77
N ILE D 178 -25.51 -1.02 -52.05
CA ILE D 178 -24.82 -2.09 -51.35
CA ILE D 178 -24.84 -2.10 -51.35
C ILE D 178 -24.20 -3.03 -52.37
N TRP D 179 -23.00 -3.53 -52.06
CA TRP D 179 -22.30 -4.47 -52.93
C TRP D 179 -21.34 -5.29 -52.07
N GLY D 180 -20.63 -6.20 -52.70
CA GLY D 180 -19.74 -7.08 -51.98
C GLY D 180 -18.52 -7.40 -52.82
N VAL D 181 -17.49 -7.90 -52.16
CA VAL D 181 -16.27 -8.36 -52.83
C VAL D 181 -15.95 -9.77 -52.34
N HIS D 182 -15.76 -10.69 -53.28
CA HIS D 182 -15.62 -12.10 -52.99
C HIS D 182 -14.15 -12.47 -52.90
N HIS D 183 -13.82 -13.19 -51.84
CA HIS D 183 -12.48 -13.73 -51.63
C HIS D 183 -12.61 -15.24 -51.64
N PRO D 184 -12.37 -15.88 -52.79
CA PRO D 184 -12.48 -17.35 -52.87
C PRO D 184 -11.42 -18.00 -52.00
N PRO D 185 -11.62 -19.25 -51.56
CA PRO D 185 -10.64 -19.91 -50.70
C PRO D 185 -9.44 -20.52 -51.42
N THR D 186 -9.52 -20.78 -52.74
CA THR D 186 -8.41 -21.40 -53.48
C THR D 186 -8.26 -20.72 -54.83
N ASP D 187 -7.06 -20.84 -55.41
CA ASP D 187 -6.80 -20.30 -56.74
C ASP D 187 -7.69 -20.96 -57.80
N SER D 188 -7.98 -22.25 -57.63
CA SER D 188 -8.85 -22.92 -58.58
C SER D 188 -10.24 -22.30 -58.59
N ASP D 189 -10.78 -21.95 -57.42
CA ASP D 189 -12.07 -21.28 -57.37
C ASP D 189 -12.02 -19.91 -58.04
N GLN D 190 -10.94 -19.17 -57.80
CA GLN D 190 -10.75 -17.89 -58.48
C GLN D 190 -10.84 -18.05 -59.99
N GLN D 191 -10.07 -19.00 -60.55
CA GLN D 191 -10.05 -19.22 -62.00
C GLN D 191 -11.40 -19.74 -62.50
N THR D 192 -11.98 -20.68 -61.76
CA THR D 192 -13.28 -21.24 -62.15
C THR D 192 -14.35 -20.16 -62.24
N LEU D 193 -14.36 -19.24 -61.27
CA LEU D 193 -15.41 -18.22 -61.21
C LEU D 193 -15.09 -17.00 -62.07
N TYR D 194 -13.84 -16.55 -62.06
CA TYR D 194 -13.51 -15.26 -62.64
C TYR D 194 -12.41 -15.28 -63.67
N GLN D 195 -11.85 -16.46 -64.00
CA GLN D 195 -10.82 -16.64 -65.02
C GLN D 195 -9.48 -16.02 -64.68
N ASN D 196 -9.49 -14.71 -64.44
CA ASN D 196 -8.28 -13.92 -64.20
C ASN D 196 -7.70 -14.24 -62.83
N ASN D 197 -6.41 -13.94 -62.67
CA ASN D 197 -5.67 -14.30 -61.46
C ASN D 197 -5.42 -13.13 -60.53
N HIS D 198 -5.26 -11.92 -61.06
CA HIS D 198 -4.88 -10.76 -60.26
C HIS D 198 -5.91 -9.65 -60.45
N THR D 199 -7.12 -9.89 -59.94
CA THR D 199 -8.21 -8.97 -60.20
C THR D 199 -8.28 -7.85 -59.15
N TYR D 200 -9.09 -6.85 -59.48
CA TYR D 200 -9.37 -5.74 -58.57
C TYR D 200 -10.84 -5.39 -58.69
N VAL D 201 -11.35 -4.72 -57.66
CA VAL D 201 -12.67 -4.12 -57.69
C VAL D 201 -12.52 -2.70 -57.18
N SER D 202 -12.97 -1.72 -57.95
CA SER D 202 -12.90 -0.35 -57.48
C SER D 202 -14.30 0.22 -57.56
N VAL D 203 -14.69 0.93 -56.52
CA VAL D 203 -15.99 1.55 -56.43
C VAL D 203 -15.75 3.01 -56.12
N GLY D 204 -16.38 3.88 -56.91
CA GLY D 204 -16.12 5.30 -56.75
C GLY D 204 -17.32 6.16 -56.98
N SER D 205 -17.44 7.18 -56.12
CA SER D 205 -18.35 8.28 -56.31
C SER D 205 -17.57 9.56 -55.97
N SER D 206 -18.28 10.67 -55.83
CA SER D 206 -17.60 11.89 -55.44
C SER D 206 -17.28 11.92 -53.95
N LYS D 207 -17.88 11.05 -53.14
CA LYS D 207 -17.62 10.99 -51.71
C LYS D 207 -17.08 9.65 -51.23
N TYR D 208 -16.74 8.74 -52.14
CA TYR D 208 -16.37 7.38 -51.77
C TYR D 208 -15.39 6.86 -52.82
N TYR D 209 -14.31 6.23 -52.36
CA TYR D 209 -13.41 5.55 -53.30
C TYR D 209 -12.66 4.45 -52.57
N LYS D 210 -12.69 3.25 -53.13
CA LYS D 210 -11.97 2.10 -52.59
C LYS D 210 -11.61 1.16 -53.74
N ARG D 211 -10.36 0.77 -53.81
CA ARG D 211 -9.88 -0.19 -54.79
C ARG D 211 -9.37 -1.38 -54.00
N LEU D 212 -9.98 -2.53 -54.21
CA LEU D 212 -9.68 -3.73 -53.45
C LEU D 212 -9.06 -4.75 -54.37
N THR D 213 -8.01 -5.40 -53.90
CA THR D 213 -7.50 -6.56 -54.60
C THR D 213 -7.90 -7.77 -53.78
N PRO D 214 -8.83 -8.60 -54.26
CA PRO D 214 -9.22 -9.80 -53.53
C PRO D 214 -8.03 -10.67 -53.20
N GLU D 215 -8.05 -11.24 -52.01
CA GLU D 215 -7.01 -12.14 -51.53
C GLU D 215 -7.61 -13.52 -51.39
N ILE D 216 -7.01 -14.51 -52.06
CA ILE D 216 -7.45 -15.90 -52.01
C ILE D 216 -6.96 -16.52 -50.70
N VAL D 217 -7.87 -16.80 -49.78
CA VAL D 217 -7.51 -17.34 -48.49
C VAL D 217 -8.60 -18.29 -48.03
N ALA D 218 -8.19 -19.45 -47.51
CA ALA D 218 -9.17 -20.42 -47.02
C ALA D 218 -9.45 -20.11 -45.55
N ARG D 219 -10.58 -19.47 -45.28
CA ARG D 219 -11.01 -19.19 -43.92
C ARG D 219 -11.73 -20.39 -43.33
N PRO D 220 -12.06 -20.38 -42.04
CA PRO D 220 -12.81 -21.52 -41.49
C PRO D 220 -14.20 -21.61 -42.09
N LYS D 221 -14.67 -22.84 -42.27
CA LYS D 221 -15.91 -23.06 -42.99
C LYS D 221 -17.09 -22.60 -42.16
N VAL D 222 -17.91 -21.74 -42.76
CA VAL D 222 -19.20 -21.30 -42.23
C VAL D 222 -20.25 -21.69 -43.25
N ARG D 223 -21.19 -22.55 -42.86
CA ARG D 223 -22.18 -23.09 -43.80
C ARG D 223 -21.48 -23.60 -45.06
N GLU D 224 -20.46 -24.44 -44.85
CA GLU D 224 -19.68 -25.11 -45.89
C GLU D 224 -18.83 -24.17 -46.75
N GLN D 225 -18.72 -22.89 -46.38
CA GLN D 225 -17.95 -21.92 -47.17
C GLN D 225 -16.66 -21.55 -46.44
N ALA D 226 -15.52 -21.85 -47.09
CA ALA D 226 -14.18 -21.39 -46.68
C ALA D 226 -13.83 -20.04 -47.27
N GLY D 227 -14.59 -19.56 -48.24
CA GLY D 227 -14.44 -18.22 -48.71
C GLY D 227 -15.22 -17.24 -47.86
N ARG D 228 -15.14 -15.97 -48.27
CA ARG D 228 -15.79 -14.89 -47.59
C ARG D 228 -16.20 -13.86 -48.64
N MET D 229 -17.28 -13.15 -48.33
CA MET D 229 -17.69 -11.97 -49.09
C MET D 229 -17.70 -10.80 -48.11
N ASN D 230 -16.98 -9.75 -48.45
CA ASN D 230 -16.99 -8.53 -47.65
C ASN D 230 -18.03 -7.61 -48.27
N TYR D 231 -18.96 -7.14 -47.45
CA TYR D 231 -20.07 -6.33 -47.91
C TYR D 231 -19.80 -4.87 -47.59
N TYR D 232 -20.26 -4.00 -48.48
CA TYR D 232 -20.00 -2.58 -48.37
C TYR D 232 -21.28 -1.83 -48.69
N TRP D 233 -21.33 -0.58 -48.22
CA TRP D 233 -22.49 0.23 -48.50
C TRP D 233 -22.05 1.66 -48.65
N THR D 234 -22.85 2.46 -49.35
CA THR D 234 -22.63 3.90 -49.36
C THR D 234 -23.95 4.60 -49.65
N LEU D 235 -24.03 5.87 -49.25
CA LEU D 235 -25.18 6.70 -49.55
C LEU D 235 -24.82 7.60 -50.71
N LEU D 236 -25.51 7.44 -51.83
CA LEU D 236 -25.23 8.23 -53.04
C LEU D 236 -26.13 9.45 -53.06
N ASP D 237 -25.52 10.64 -53.16
CA ASP D 237 -26.26 11.89 -53.19
C ASP D 237 -26.91 12.14 -54.53
N GLN D 238 -27.94 12.98 -54.53
CA GLN D 238 -28.59 13.38 -55.78
C GLN D 238 -27.58 14.01 -56.73
N GLY D 239 -27.68 13.63 -58.00
CA GLY D 239 -26.77 14.09 -59.03
C GLY D 239 -25.41 13.41 -59.06
N ASP D 240 -25.06 12.62 -58.05
CA ASP D 240 -23.77 11.98 -58.01
C ASP D 240 -23.81 10.63 -58.74
N THR D 241 -22.64 10.17 -59.17
CA THR D 241 -22.55 8.93 -59.91
C THR D 241 -21.65 7.95 -59.16
N ILE D 242 -22.11 6.73 -59.02
CA ILE D 242 -21.27 5.66 -58.48
C ILE D 242 -20.84 4.78 -59.66
N THR D 243 -19.58 4.40 -59.67
CA THR D 243 -19.01 3.66 -60.77
C THR D 243 -18.33 2.41 -60.24
N PHE D 244 -18.67 1.28 -60.82
CA PHE D 244 -18.07 0.01 -60.50
C PHE D 244 -17.14 -0.39 -61.63
N GLU D 245 -15.95 -0.85 -61.28
CA GLU D 245 -15.02 -1.35 -62.25
C GLU D 245 -14.31 -2.53 -61.62
N ALA D 246 -14.23 -3.64 -62.37
CA ALA D 246 -13.77 -4.89 -61.83
C ALA D 246 -13.28 -5.81 -62.93
N THR D 247 -12.26 -6.61 -62.60
CA THR D 247 -11.81 -7.72 -63.42
C THR D 247 -12.16 -9.05 -62.80
N GLY D 248 -12.97 -9.04 -61.74
CA GLY D 248 -13.44 -10.24 -61.08
C GLY D 248 -13.89 -9.92 -59.68
N ASN D 249 -14.54 -10.91 -59.05
CA ASN D 249 -14.83 -10.92 -57.62
C ASN D 249 -15.86 -9.86 -57.21
N LEU D 250 -16.60 -9.30 -58.17
CA LEU D 250 -17.56 -8.27 -57.85
C LEU D 250 -18.91 -8.93 -57.59
N ILE D 251 -19.42 -8.74 -56.38
CA ILE D 251 -20.80 -9.08 -56.07
C ILE D 251 -21.56 -7.77 -56.27
N ALA D 252 -22.17 -7.64 -57.44
CA ALA D 252 -22.62 -6.35 -57.92
C ALA D 252 -23.95 -5.95 -57.29
N PRO D 253 -24.23 -4.65 -57.23
CA PRO D 253 -25.59 -4.20 -56.88
C PRO D 253 -26.62 -4.80 -57.81
N TRP D 254 -27.71 -5.29 -57.24
CA TRP D 254 -28.88 -5.63 -58.02
C TRP D 254 -30.05 -4.71 -57.70
N HIS D 255 -30.40 -4.57 -56.41
CA HIS D 255 -31.39 -3.60 -56.00
C HIS D 255 -30.76 -2.63 -55.00
N ALA D 256 -31.19 -1.37 -55.03
CA ALA D 256 -30.71 -0.36 -54.10
C ALA D 256 -31.93 0.34 -53.50
N PHE D 257 -31.71 1.37 -52.68
CA PHE D 257 -32.82 1.93 -51.91
C PHE D 257 -32.81 3.45 -51.95
N ALA D 258 -33.89 4.03 -52.48
CA ALA D 258 -34.09 5.47 -52.40
C ALA D 258 -34.68 5.80 -51.02
N LEU D 259 -33.97 6.62 -50.26
CA LEU D 259 -34.25 6.90 -48.86
C LEU D 259 -34.78 8.30 -48.65
N LYS D 260 -35.74 8.44 -47.74
CA LYS D 260 -36.04 9.72 -47.10
C LYS D 260 -35.76 9.59 -45.60
N LYS D 261 -35.19 10.63 -45.01
CA LYS D 261 -34.88 10.64 -43.59
CA LYS D 261 -34.88 10.64 -43.59
C LYS D 261 -36.07 11.20 -42.82
N GLY D 262 -36.45 10.51 -41.75
CA GLY D 262 -37.58 10.90 -40.93
C GLY D 262 -37.14 11.27 -39.53
N SER D 263 -38.08 11.22 -38.58
CA SER D 263 -37.81 11.66 -37.23
C SER D 263 -36.92 10.64 -36.52
N SER D 264 -36.63 10.92 -35.25
CA SER D 264 -35.59 10.22 -34.49
C SER D 264 -36.16 8.97 -33.84
N SER D 265 -36.48 8.00 -34.67
CA SER D 265 -36.90 6.69 -34.20
C SER D 265 -35.63 5.82 -34.22
N GLY D 266 -35.75 4.54 -33.91
CA GLY D 266 -34.54 3.76 -33.85
C GLY D 266 -34.82 2.29 -33.99
N ILE D 267 -33.78 1.50 -33.73
CA ILE D 267 -33.88 0.05 -33.70
C ILE D 267 -34.01 -0.37 -32.24
N MET D 268 -34.99 -1.21 -31.97
CA MET D 268 -35.28 -1.69 -30.65
C MET D 268 -35.01 -3.19 -30.60
N ARG D 269 -34.41 -3.64 -29.52
CA ARG D 269 -34.24 -5.07 -29.29
C ARG D 269 -35.36 -5.49 -28.36
N SER D 270 -36.28 -6.30 -28.88
CA SER D 270 -37.44 -6.70 -28.08
C SER D 270 -37.98 -8.03 -28.60
N ASP D 271 -38.51 -8.82 -27.67
CA ASP D 271 -39.25 -10.03 -27.99
C ASP D 271 -40.74 -9.91 -27.76
N ALA D 272 -41.25 -8.75 -27.35
CA ALA D 272 -42.69 -8.61 -27.23
C ALA D 272 -43.36 -8.63 -28.60
N GLN D 273 -44.64 -8.97 -28.63
CA GLN D 273 -45.37 -9.14 -29.88
C GLN D 273 -45.93 -7.81 -30.36
N VAL D 274 -45.90 -7.60 -31.67
CA VAL D 274 -46.55 -6.44 -32.27
C VAL D 274 -48.06 -6.69 -32.26
N HIS D 275 -48.82 -5.65 -31.93
CA HIS D 275 -50.28 -5.71 -31.93
C HIS D 275 -50.81 -4.50 -32.70
N ASN D 276 -52.13 -4.50 -32.94
CA ASN D 276 -52.80 -3.44 -33.68
C ASN D 276 -53.13 -2.22 -32.80
N CYS D 277 -52.41 -2.06 -31.70
CA CYS D 277 -52.56 -0.88 -30.86
C CYS D 277 -51.75 0.28 -31.42
N THR D 278 -52.01 1.47 -30.88
CA THR D 278 -51.20 2.65 -31.16
C THR D 278 -50.82 3.30 -29.83
N THR D 279 -49.75 4.07 -29.86
CA THR D 279 -49.20 4.67 -28.67
C THR D 279 -48.36 5.87 -29.08
N LYS D 280 -48.16 6.77 -28.13
CA LYS D 280 -47.24 7.87 -28.30
C LYS D 280 -45.84 7.54 -27.80
N CYS D 281 -45.71 6.45 -27.03
CA CYS D 281 -44.44 6.10 -26.38
C CYS D 281 -44.32 4.59 -26.28
N GLN D 282 -43.21 4.03 -26.79
CA GLN D 282 -42.96 2.60 -26.83
C GLN D 282 -41.62 2.26 -26.17
N THR D 283 -41.61 1.22 -25.35
CA THR D 283 -40.42 0.63 -24.75
C THR D 283 -40.34 -0.83 -25.18
N PRO D 284 -39.16 -1.46 -25.07
CA PRO D 284 -39.04 -2.88 -25.44
C PRO D 284 -39.90 -3.82 -24.60
N HIS D 285 -40.32 -3.38 -23.40
CA HIS D 285 -41.22 -4.21 -22.58
C HIS D 285 -42.68 -4.03 -22.95
N GLY D 286 -43.05 -2.86 -23.46
CA GLY D 286 -44.44 -2.57 -23.72
C GLY D 286 -44.65 -1.09 -23.90
N ALA D 287 -45.87 -0.74 -24.29
CA ALA D 287 -46.19 0.66 -24.51
C ALA D 287 -46.55 1.34 -23.19
N LEU D 288 -46.32 2.64 -23.15
CA LEU D 288 -46.68 3.46 -22.00
C LEU D 288 -47.84 4.38 -22.36
N LYS D 289 -48.66 4.71 -21.35
CA LYS D 289 -49.68 5.73 -21.59
C LYS D 289 -49.01 7.07 -21.85
N GLY D 290 -47.88 7.32 -21.22
CA GLY D 290 -47.08 8.50 -21.52
C GLY D 290 -47.69 9.81 -21.08
N ASN D 291 -48.55 9.79 -20.06
CA ASN D 291 -49.22 11.01 -19.62
C ASN D 291 -48.50 11.71 -18.48
N LEU D 292 -47.75 10.97 -17.65
CA LEU D 292 -47.02 11.54 -16.52
C LEU D 292 -45.62 11.94 -16.94
N PRO D 293 -44.97 12.84 -16.20
CA PRO D 293 -43.65 13.34 -16.63
C PRO D 293 -42.47 12.38 -16.42
N PHE D 294 -42.63 11.31 -15.65
CA PHE D 294 -41.54 10.38 -15.35
C PHE D 294 -41.99 8.95 -15.49
N GLN D 295 -41.02 8.06 -15.82
CA GLN D 295 -41.28 6.64 -15.95
C GLN D 295 -40.05 5.85 -15.50
N ASN D 296 -40.30 4.69 -14.91
CA ASN D 296 -39.20 3.79 -14.55
C ASN D 296 -39.37 2.42 -15.20
N VAL D 297 -40.12 2.34 -16.31
CA VAL D 297 -40.36 1.07 -17.00
C VAL D 297 -39.12 0.64 -17.76
N HIS D 298 -38.52 1.55 -18.53
CA HIS D 298 -37.37 1.17 -19.34
C HIS D 298 -36.63 2.42 -19.78
N PRO D 299 -35.29 2.42 -19.76
CA PRO D 299 -34.54 3.59 -20.28
C PRO D 299 -34.58 3.72 -21.80
N VAL D 300 -34.88 2.65 -22.53
CA VAL D 300 -34.92 2.66 -23.99
C VAL D 300 -36.32 3.06 -24.42
N THR D 301 -36.46 4.29 -24.93
CA THR D 301 -37.76 4.78 -25.32
C THR D 301 -37.74 5.24 -26.77
N ILE D 302 -38.91 5.17 -27.40
CA ILE D 302 -39.13 5.64 -28.75
C ILE D 302 -40.44 6.38 -28.74
N GLY D 303 -40.43 7.64 -29.16
CA GLY D 303 -41.67 8.40 -29.18
C GLY D 303 -41.64 9.59 -28.26
N GLU D 304 -42.81 10.04 -27.82
CA GLU D 304 -42.91 11.13 -26.84
C GLU D 304 -43.10 10.50 -25.46
N CYS D 305 -41.99 10.39 -24.71
CA CYS D 305 -41.93 9.51 -23.57
C CYS D 305 -41.55 10.26 -22.29
N PRO D 306 -42.08 9.82 -21.15
CA PRO D 306 -41.65 10.41 -19.88
C PRO D 306 -40.18 10.17 -19.60
N LYS D 307 -39.56 11.05 -18.82
CA LYS D 307 -38.17 10.89 -18.43
C LYS D 307 -37.98 9.62 -17.61
N TYR D 308 -36.97 8.85 -17.98
CA TYR D 308 -36.63 7.65 -17.23
C TYR D 308 -35.93 8.05 -15.93
N VAL D 309 -36.39 7.47 -14.81
CA VAL D 309 -35.79 7.67 -13.49
C VAL D 309 -35.65 6.32 -12.79
N LYS D 310 -34.76 6.29 -11.80
CA LYS D 310 -34.59 5.12 -10.95
C LYS D 310 -35.59 5.07 -9.80
N SER D 311 -36.49 6.05 -9.71
CA SER D 311 -37.43 6.12 -8.59
C SER D 311 -38.44 4.98 -8.62
N THR D 312 -38.80 4.50 -7.44
CA THR D 312 -39.89 3.56 -7.31
C THR D 312 -41.22 4.24 -7.01
N GLN D 313 -41.18 5.46 -6.47
CA GLN D 313 -42.37 6.23 -6.16
C GLN D 313 -42.03 7.71 -6.24
N LEU D 314 -42.95 8.50 -6.79
CA LEU D 314 -42.83 9.93 -6.86
C LEU D 314 -44.20 10.50 -6.53
N ARG D 315 -44.58 10.44 -5.26
CA ARG D 315 -45.93 10.85 -4.86
C ARG D 315 -45.89 12.29 -4.37
N MET D 316 -46.67 13.14 -5.04
CA MET D 316 -46.74 14.56 -4.75
C MET D 316 -48.02 14.88 -3.98
N ALA D 317 -47.85 15.52 -2.82
CA ALA D 317 -49.01 15.90 -2.03
C ALA D 317 -49.77 17.01 -2.73
N THR D 318 -51.09 16.90 -2.74
CA THR D 318 -51.93 18.00 -3.22
C THR D 318 -52.85 18.53 -2.13
N GLY D 319 -53.41 17.65 -1.30
CA GLY D 319 -54.19 18.05 -0.15
C GLY D 319 -53.33 18.23 1.09
N LEU D 320 -53.99 18.17 2.23
CA LEU D 320 -53.39 18.40 3.52
C LEU D 320 -53.31 17.09 4.30
N ARG D 321 -52.65 17.13 5.46
CA ARG D 321 -52.62 15.95 6.31
C ARG D 321 -54.03 15.61 6.79
N ASN D 322 -54.30 14.32 6.97
CA ASN D 322 -55.64 13.83 7.33
C ASN D 322 -56.38 14.61 8.44
N ALA D 334 -51.71 24.92 13.52
CA ALA D 334 -53.13 24.59 13.44
C ALA D 334 -53.37 23.09 13.23
N ILE D 335 -53.06 22.61 12.01
CA ILE D 335 -53.24 21.21 11.67
C ILE D 335 -52.30 20.35 12.51
N ALA D 336 -52.84 19.28 13.10
CA ALA D 336 -52.12 18.39 14.01
C ALA D 336 -51.54 19.13 15.21
N GLY D 337 -52.09 20.30 15.54
CA GLY D 337 -51.69 21.08 16.69
C GLY D 337 -52.82 21.18 17.69
N PHE D 338 -53.30 22.40 17.93
CA PHE D 338 -54.43 22.58 18.85
C PHE D 338 -55.71 22.01 18.25
N ILE D 339 -55.84 22.03 16.92
CA ILE D 339 -56.90 21.31 16.23
C ILE D 339 -56.39 19.89 15.97
N GLU D 340 -56.75 18.96 16.84
CA GLU D 340 -56.11 17.66 16.88
C GLU D 340 -56.57 16.73 15.77
N GLY D 341 -57.36 17.20 14.82
CA GLY D 341 -57.90 16.31 13.81
C GLY D 341 -58.73 17.07 12.79
N GLY D 342 -58.95 16.39 11.66
CA GLY D 342 -59.77 16.91 10.59
C GLY D 342 -61.21 16.44 10.71
N TRP D 343 -62.10 17.09 9.96
CA TRP D 343 -63.52 16.76 9.97
C TRP D 343 -63.76 15.84 8.79
N THR D 344 -63.83 14.54 9.06
CA THR D 344 -64.24 13.59 8.04
C THR D 344 -65.64 13.90 7.52
N GLY D 345 -66.45 14.58 8.32
CA GLY D 345 -67.79 14.98 7.93
C GLY D 345 -67.87 16.10 6.89
N MET D 346 -66.82 16.92 6.75
CA MET D 346 -66.84 18.00 5.76
C MET D 346 -66.37 17.46 4.41
N VAL D 347 -67.25 17.55 3.41
CA VAL D 347 -67.04 16.90 2.13
C VAL D 347 -66.92 17.87 0.96
N ASP D 348 -67.36 19.12 1.09
CA ASP D 348 -67.50 20.01 -0.06
C ASP D 348 -66.25 20.82 -0.40
N GLY D 349 -65.19 20.75 0.40
CA GLY D 349 -64.02 21.56 0.10
C GLY D 349 -62.90 21.32 1.10
N TRP D 350 -61.86 22.15 0.99
CA TRP D 350 -60.68 21.99 1.82
C TRP D 350 -60.79 22.77 3.13
N TYR D 351 -61.37 23.97 3.07
CA TYR D 351 -61.55 24.82 4.23
C TYR D 351 -62.98 25.33 4.32
N GLY D 352 -63.45 25.54 5.55
CA GLY D 352 -64.82 26.01 5.75
C GLY D 352 -65.11 26.22 7.21
N TYR D 353 -66.40 26.19 7.57
CA TYR D 353 -66.81 26.61 8.91
C TYR D 353 -67.69 25.59 9.65
N TYR D 363 -71.99 21.79 8.36
CA TYR D 363 -70.75 22.13 7.65
C TYR D 363 -70.98 22.86 6.33
N ALA D 364 -70.14 23.85 6.05
CA ALA D 364 -70.12 24.52 4.76
C ALA D 364 -68.67 24.85 4.41
N ALA D 365 -68.33 24.73 3.14
CA ALA D 365 -66.97 25.01 2.69
C ALA D 365 -66.91 26.42 2.12
N ASP D 366 -65.83 27.13 2.42
CA ASP D 366 -65.63 28.47 1.89
C ASP D 366 -65.05 28.36 0.48
N GLN D 367 -65.87 28.66 -0.54
CA GLN D 367 -65.43 28.52 -1.91
C GLN D 367 -64.28 29.46 -2.24
N LYS D 368 -64.25 30.65 -1.62
CA LYS D 368 -63.13 31.56 -1.86
C LYS D 368 -61.82 30.92 -1.39
N SER D 369 -61.79 30.48 -0.14
CA SER D 369 -60.57 29.93 0.45
C SER D 369 -60.21 28.57 -0.18
N THR D 370 -61.20 27.74 -0.50
CA THR D 370 -60.92 26.45 -1.12
C THR D 370 -60.53 26.58 -2.59
N GLN D 371 -61.24 27.41 -3.36
CA GLN D 371 -60.93 27.51 -4.79
C GLN D 371 -59.57 28.16 -5.01
N ILE D 372 -59.20 29.12 -4.16
CA ILE D 372 -57.88 29.73 -4.26
C ILE D 372 -56.79 28.69 -4.09
N ALA D 373 -56.95 27.80 -3.11
CA ALA D 373 -55.93 26.77 -2.88
C ALA D 373 -55.92 25.75 -4.01
N ILE D 374 -57.10 25.33 -4.48
CA ILE D 374 -57.15 24.38 -5.57
C ILE D 374 -56.48 24.96 -6.82
N ASP D 375 -56.73 26.24 -7.09
CA ASP D 375 -56.10 26.87 -8.24
C ASP D 375 -54.58 26.88 -8.11
N GLY D 376 -54.09 27.17 -6.91
CA GLY D 376 -52.65 27.21 -6.71
C GLY D 376 -52.02 25.82 -6.78
N ILE D 377 -52.65 24.85 -6.11
CA ILE D 377 -52.07 23.52 -6.14
C ILE D 377 -52.14 22.94 -7.54
N SER D 378 -53.25 23.18 -8.25
CA SER D 378 -53.32 22.77 -9.65
C SER D 378 -52.22 23.43 -10.46
N ASN D 379 -51.92 24.70 -10.17
CA ASN D 379 -50.82 25.37 -10.86
C ASN D 379 -49.47 24.76 -10.52
N LYS D 380 -49.24 24.42 -9.24
CA LYS D 380 -47.99 23.77 -8.87
C LYS D 380 -47.82 22.43 -9.59
N VAL D 381 -48.86 21.59 -9.58
CA VAL D 381 -48.75 20.30 -10.26
C VAL D 381 -48.48 20.50 -11.73
N ASN D 382 -49.23 21.41 -12.37
CA ASN D 382 -49.05 21.64 -13.80
C ASN D 382 -47.65 22.16 -14.12
N SER D 383 -47.11 23.04 -13.27
CA SER D 383 -45.77 23.58 -13.49
C SER D 383 -44.70 22.50 -13.49
N VAL D 384 -44.79 21.54 -12.55
CA VAL D 384 -43.83 20.44 -12.54
C VAL D 384 -43.94 19.62 -13.81
N ILE D 385 -45.17 19.42 -14.27
CA ILE D 385 -45.40 18.65 -15.48
C ILE D 385 -45.01 19.47 -16.70
N GLU D 386 -45.38 20.76 -16.72
CA GLU D 386 -45.19 21.57 -17.92
C GLU D 386 -43.71 21.82 -18.20
N LYS D 387 -42.91 22.06 -17.17
CA LYS D 387 -41.47 22.29 -17.39
C LYS D 387 -40.74 21.02 -17.77
N MET D 388 -41.26 19.85 -17.38
CA MET D 388 -40.69 18.57 -17.77
C MET D 388 -40.84 18.33 -19.28
N ASN D 389 -39.73 17.97 -19.92
CA ASN D 389 -39.71 17.64 -21.34
C ASN D 389 -39.72 16.13 -21.59
N ILE D 390 -40.25 15.75 -22.75
CA ILE D 390 -40.24 14.37 -23.21
C ILE D 390 -38.81 13.92 -23.47
N GLN D 391 -38.52 12.66 -23.13
CA GLN D 391 -37.18 12.10 -23.33
C GLN D 391 -36.74 12.09 -24.79
N PHE D 392 -37.57 11.53 -25.69
CA PHE D 392 -37.28 11.52 -27.13
C PHE D 392 -35.93 10.86 -27.41
N THR D 393 -35.58 9.88 -26.57
CA THR D 393 -34.27 9.25 -26.64
C THR D 393 -34.15 8.40 -27.91
N SER D 394 -32.99 7.75 -28.04
CA SER D 394 -32.71 6.82 -29.11
C SER D 394 -32.29 5.45 -28.59
N VAL D 395 -32.83 4.42 -29.27
CA VAL D 395 -32.64 3.02 -28.92
C VAL D 395 -31.50 2.43 -29.76
N GLY D 396 -30.86 1.40 -29.22
CA GLY D 396 -29.89 0.60 -29.96
C GLY D 396 -28.62 1.25 -30.44
N LYS D 397 -27.99 2.09 -29.60
CA LYS D 397 -26.64 2.56 -29.90
C LYS D 397 -25.68 1.40 -29.79
N GLU D 398 -25.02 1.07 -30.89
CA GLU D 398 -24.15 -0.11 -30.96
C GLU D 398 -22.71 0.31 -31.22
N PHE D 399 -21.78 -0.41 -30.60
CA PHE D 399 -20.36 -0.15 -30.74
C PHE D 399 -19.64 -1.47 -31.00
N ASN D 400 -18.64 -1.44 -31.90
CA ASN D 400 -17.98 -2.69 -32.20
C ASN D 400 -16.94 -2.97 -31.11
N SER D 401 -16.21 -4.06 -31.26
CA SER D 401 -15.35 -4.50 -30.16
C SER D 401 -14.11 -3.61 -30.01
N LEU D 402 -13.82 -2.76 -31.00
CA LEU D 402 -12.75 -1.79 -30.89
C LEU D 402 -13.27 -0.39 -30.61
N GLU D 403 -14.48 -0.28 -30.05
CA GLU D 403 -15.07 1.02 -29.70
C GLU D 403 -15.53 1.03 -28.26
N LYS D 404 -14.74 0.39 -27.39
CA LYS D 404 -15.12 0.30 -25.99
C LYS D 404 -15.07 1.67 -25.31
N ARG D 405 -14.12 2.54 -25.70
CA ARG D 405 -14.08 3.88 -25.07
C ARG D 405 -15.30 4.69 -25.46
N MET D 406 -15.68 4.64 -26.75
CA MET D 406 -16.90 5.32 -27.16
C MET D 406 -18.13 4.72 -26.50
N GLU D 407 -18.18 3.38 -26.41
CA GLU D 407 -19.29 2.75 -25.70
C GLU D 407 -19.36 3.22 -24.27
N ASN D 408 -18.21 3.28 -23.58
CA ASN D 408 -18.24 3.69 -22.18
C ASN D 408 -18.57 5.16 -22.05
N LEU D 409 -18.17 5.98 -23.03
CA LEU D 409 -18.57 7.37 -23.03
C LEU D 409 -20.09 7.51 -23.17
N ASN D 410 -20.69 6.75 -24.08
CA ASN D 410 -22.14 6.76 -24.25
C ASN D 410 -22.85 6.31 -22.97
N LYS D 411 -22.33 5.29 -22.30
CA LYS D 411 -22.93 4.83 -21.05
C LYS D 411 -22.76 5.84 -19.93
N LYS D 412 -21.64 6.56 -19.91
CA LYS D 412 -21.44 7.59 -18.91
C LYS D 412 -22.45 8.72 -19.13
N VAL D 413 -22.77 9.03 -20.38
CA VAL D 413 -23.79 10.06 -20.64
C VAL D 413 -25.17 9.57 -20.18
N ASP D 414 -25.59 8.38 -20.61
CA ASP D 414 -26.89 7.86 -20.20
C ASP D 414 -27.03 7.77 -18.68
N ASP D 415 -26.03 7.19 -18.01
CA ASP D 415 -26.10 7.03 -16.56
C ASP D 415 -26.04 8.38 -15.85
N GLY D 416 -25.28 9.32 -16.39
CA GLY D 416 -25.15 10.62 -15.75
C GLY D 416 -26.45 11.41 -15.74
N PHE D 417 -27.18 11.42 -16.86
CA PHE D 417 -28.47 12.11 -16.90
C PHE D 417 -29.51 11.34 -16.10
N LEU D 418 -29.44 10.01 -16.09
CA LEU D 418 -30.34 9.24 -15.25
C LEU D 418 -30.22 9.68 -13.78
N ASP D 419 -29.00 9.85 -13.29
CA ASP D 419 -28.81 10.26 -11.91
C ASP D 419 -29.31 11.69 -11.67
N VAL D 420 -29.09 12.59 -12.62
CA VAL D 420 -29.53 13.97 -12.46
C VAL D 420 -31.04 14.04 -12.36
N TRP D 421 -31.75 13.38 -13.29
CA TRP D 421 -33.21 13.49 -13.29
C TRP D 421 -33.81 12.72 -12.14
N THR D 422 -33.23 11.58 -11.77
CA THR D 422 -33.72 10.89 -10.59
C THR D 422 -33.55 11.77 -9.36
N TYR D 423 -32.42 12.47 -9.26
CA TYR D 423 -32.20 13.40 -8.16
C TYR D 423 -33.18 14.56 -8.19
N ASN D 424 -33.35 15.18 -9.36
CA ASN D 424 -34.22 16.36 -9.46
C ASN D 424 -35.65 15.99 -9.11
N ALA D 425 -36.13 14.86 -9.61
CA ALA D 425 -37.50 14.45 -9.34
C ALA D 425 -37.70 14.17 -7.86
N GLU D 426 -36.77 13.43 -7.25
CA GLU D 426 -36.96 13.02 -5.87
C GLU D 426 -36.84 14.19 -4.90
N LEU D 427 -35.84 15.05 -5.11
CA LEU D 427 -35.66 16.18 -4.22
C LEU D 427 -36.76 17.22 -4.41
N LEU D 428 -37.22 17.41 -5.65
CA LEU D 428 -38.33 18.35 -5.88
C LEU D 428 -39.58 17.92 -5.13
N ILE D 429 -39.87 16.63 -5.15
CA ILE D 429 -41.06 16.14 -4.47
C ILE D 429 -40.91 16.26 -2.96
N LEU D 430 -39.71 15.99 -2.42
CA LEU D 430 -39.49 16.17 -0.99
C LEU D 430 -39.72 17.62 -0.55
N LEU D 431 -39.20 18.57 -1.33
CA LEU D 431 -39.28 19.98 -0.95
C LEU D 431 -40.67 20.57 -1.19
N GLU D 432 -41.30 20.24 -2.31
CA GLU D 432 -42.62 20.80 -2.57
C GLU D 432 -43.69 20.19 -1.67
N ASN D 433 -43.53 18.93 -1.28
CA ASN D 433 -44.49 18.35 -0.36
C ASN D 433 -44.48 19.07 0.98
N GLU D 434 -43.30 19.39 1.53
CA GLU D 434 -43.28 20.16 2.76
C GLU D 434 -43.93 21.52 2.55
N ARG D 435 -43.66 22.17 1.41
CA ARG D 435 -44.29 23.46 1.18
C ARG D 435 -45.80 23.31 1.02
N THR D 436 -46.27 22.19 0.46
CA THR D 436 -47.70 21.98 0.27
C THR D 436 -48.43 21.77 1.60
N LEU D 437 -47.85 20.98 2.50
CA LEU D 437 -48.50 20.72 3.78
C LEU D 437 -48.52 21.99 4.65
N ASP D 438 -47.45 22.80 4.59
CA ASP D 438 -47.47 24.08 5.30
C ASP D 438 -48.40 25.07 4.61
N PHE D 439 -48.57 24.93 3.30
CA PHE D 439 -49.47 25.81 2.57
C PHE D 439 -50.90 25.68 3.09
N HIS D 440 -51.39 24.44 3.24
CA HIS D 440 -52.71 24.21 3.81
C HIS D 440 -52.81 24.69 5.25
N ASP D 441 -51.79 24.39 6.06
CA ASP D 441 -51.77 24.79 7.46
C ASP D 441 -51.96 26.30 7.61
N LEU D 442 -51.30 27.10 6.75
CA LEU D 442 -51.40 28.56 6.83
C LEU D 442 -52.77 29.05 6.36
N ASN D 443 -53.39 28.35 5.39
CA ASN D 443 -54.72 28.74 4.93
C ASN D 443 -55.76 28.53 6.01
N VAL D 444 -55.56 27.54 6.88
CA VAL D 444 -56.43 27.33 8.03
C VAL D 444 -56.27 28.48 9.03
N LYS D 445 -55.02 28.84 9.36
CA LYS D 445 -54.79 29.97 10.24
C LYS D 445 -55.38 31.25 9.66
N ASN D 446 -55.31 31.44 8.35
CA ASN D 446 -55.87 32.64 7.74
C ASN D 446 -57.39 32.64 7.85
N LEU D 447 -58.01 31.45 7.72
CA LEU D 447 -59.45 31.33 7.91
C LEU D 447 -59.83 31.52 9.38
N TYR D 448 -59.01 31.01 10.29
CA TYR D 448 -59.30 31.16 11.71
C TYR D 448 -59.21 32.63 12.12
N GLU D 449 -58.15 33.31 11.67
CA GLU D 449 -58.01 34.74 11.91
C GLU D 449 -59.07 35.54 11.17
N LYS D 450 -59.73 34.94 10.18
CA LYS D 450 -60.79 35.62 9.42
C LYS D 450 -62.01 35.91 10.29
N VAL D 451 -62.37 35.00 11.20
CA VAL D 451 -63.48 35.32 12.12
C VAL D 451 -63.05 36.32 13.19
N LYS D 452 -61.78 36.24 13.65
CA LYS D 452 -61.31 37.20 14.64
C LYS D 452 -61.31 38.62 14.07
N SER D 453 -60.80 38.80 12.85
CA SER D 453 -60.86 40.13 12.22
C SER D 453 -62.27 40.51 11.72
N GLN D 454 -63.31 39.73 12.07
CA GLN D 454 -64.68 40.00 11.68
C GLN D 454 -65.60 40.15 12.89
N LEU D 455 -65.54 39.20 13.84
CA LEU D 455 -66.39 39.28 15.02
C LEU D 455 -65.89 40.30 16.02
N ARG D 456 -64.57 40.59 16.01
CA ARG D 456 -63.93 41.44 16.99
C ARG D 456 -64.33 41.03 18.40
N ASN D 457 -64.91 41.96 19.17
CA ASN D 457 -65.33 41.68 20.53
C ASN D 457 -66.83 41.43 20.66
N ASN D 458 -67.45 40.80 19.65
CA ASN D 458 -68.81 40.29 19.74
C ASN D 458 -68.88 38.78 20.03
N ALA D 459 -67.74 38.11 20.22
CA ALA D 459 -67.76 36.68 20.51
C ALA D 459 -66.52 36.30 21.29
N LYS D 460 -66.59 35.13 21.93
CA LYS D 460 -65.45 34.54 22.63
C LYS D 460 -64.50 33.87 21.62
N MET D 478 -73.41 34.10 11.10
CA MET D 478 -73.40 32.85 10.33
C MET D 478 -73.10 33.13 8.86
N GLU D 479 -74.14 33.09 8.02
CA GLU D 479 -73.98 33.48 6.62
C GLU D 479 -73.41 34.90 6.52
N SER D 480 -73.53 35.70 7.59
CA SER D 480 -72.91 37.02 7.61
C SER D 480 -71.39 36.88 7.77
N VAL D 481 -70.95 36.00 8.69
CA VAL D 481 -69.52 35.75 8.85
C VAL D 481 -68.95 35.04 7.62
N LYS D 482 -69.68 34.06 7.08
CA LYS D 482 -69.22 33.36 5.88
C LYS D 482 -69.11 34.31 4.69
N ASN D 483 -70.12 35.16 4.47
CA ASN D 483 -70.00 36.15 3.41
C ASN D 483 -68.86 37.13 3.68
N GLY D 484 -68.42 37.23 4.94
CA GLY D 484 -67.42 38.19 5.35
C GLY D 484 -67.97 39.57 5.61
N THR D 485 -69.29 39.72 5.68
CA THR D 485 -69.95 40.99 5.91
C THR D 485 -70.83 40.83 7.15
N TYR D 486 -70.20 40.86 8.31
CA TYR D 486 -70.90 40.70 9.58
C TYR D 486 -70.66 41.97 10.39
N ASP E 3 -11.50 29.91 59.31
CA ASP E 3 -10.15 29.62 58.83
C ASP E 3 -9.94 28.13 58.55
N THR E 4 -9.75 27.77 57.27
CA THR E 4 -9.64 26.38 56.83
C THR E 4 -8.44 26.21 55.91
N ILE E 5 -7.68 25.13 56.13
CA ILE E 5 -6.54 24.78 55.29
C ILE E 5 -6.78 23.39 54.70
N CYS E 6 -6.29 23.18 53.48
CA CYS E 6 -6.50 21.92 52.78
C CYS E 6 -5.24 21.50 52.04
N VAL E 7 -4.84 20.26 52.23
CA VAL E 7 -3.76 19.65 51.47
C VAL E 7 -4.32 19.11 50.16
N GLY E 8 -3.60 19.33 49.06
CA GLY E 8 -4.07 18.91 47.76
C GLY E 8 -2.91 18.82 46.78
N TYR E 9 -3.23 18.44 45.55
CA TYR E 9 -2.23 18.19 44.52
C TYR E 9 -2.60 18.95 43.23
N HIS E 10 -1.70 18.87 42.25
CA HIS E 10 -1.74 19.65 41.03
C HIS E 10 -2.61 19.01 39.94
N ALA E 11 -3.25 19.87 39.13
CA ALA E 11 -3.93 19.47 37.92
C ALA E 11 -3.71 20.54 36.85
N ASN E 12 -3.72 20.12 35.58
CA ASN E 12 -3.48 21.05 34.47
C ASN E 12 -4.32 20.63 33.26
N ASN E 13 -4.00 21.20 32.10
CA ASN E 13 -4.74 21.01 30.86
C ASN E 13 -4.13 19.92 29.98
N SER E 14 -3.27 19.07 30.54
CA SER E 14 -2.57 18.08 29.74
C SER E 14 -3.49 16.93 29.34
N THR E 15 -3.34 16.48 28.09
CA THR E 15 -4.06 15.33 27.58
C THR E 15 -3.15 14.11 27.43
N ASP E 16 -1.92 14.17 27.95
CA ASP E 16 -1.02 13.03 27.85
C ASP E 16 -1.60 11.82 28.58
N THR E 17 -1.59 10.67 27.92
CA THR E 17 -2.07 9.42 28.50
C THR E 17 -0.91 8.42 28.63
N VAL E 18 -0.96 7.62 29.70
CA VAL E 18 0.01 6.53 29.91
C VAL E 18 -0.77 5.29 30.34
N ASP E 19 -0.15 4.13 30.10
CA ASP E 19 -0.69 2.84 30.51
C ASP E 19 0.03 2.35 31.76
N THR E 20 -0.69 1.60 32.60
CA THR E 20 -0.10 0.97 33.77
C THR E 20 -0.45 -0.52 33.76
N ILE E 21 0.22 -1.29 34.61
CA ILE E 21 -0.05 -2.73 34.68
C ILE E 21 -1.48 -2.96 35.13
N LEU E 22 -2.06 -2.04 35.89
CA LEU E 22 -3.40 -2.19 36.45
C LEU E 22 -4.49 -1.52 35.63
N GLU E 23 -4.16 -0.46 34.87
CA GLU E 23 -5.18 0.30 34.16
C GLU E 23 -4.60 0.91 32.90
N LYS E 24 -5.42 1.01 31.86
CA LYS E 24 -5.03 1.63 30.60
C LYS E 24 -5.63 3.02 30.47
N ASN E 25 -4.96 3.84 29.65
CA ASN E 25 -5.40 5.21 29.34
C ASN E 25 -5.69 6.02 30.62
N VAL E 26 -4.60 6.33 31.33
CA VAL E 26 -4.66 7.17 32.54
C VAL E 26 -4.05 8.53 32.19
N THR E 27 -4.83 9.59 32.35
CA THR E 27 -4.36 10.93 32.03
C THR E 27 -3.51 11.49 33.17
N VAL E 28 -2.31 11.97 32.83
CA VAL E 28 -1.32 12.41 33.83
C VAL E 28 -0.87 13.83 33.50
N THR E 29 -0.43 14.55 34.55
CA THR E 29 -0.06 15.95 34.42
C THR E 29 1.27 16.15 33.69
N HIS E 30 2.22 15.23 33.86
CA HIS E 30 3.51 15.31 33.16
C HIS E 30 3.97 13.92 32.75
N SER E 31 4.70 13.83 31.63
CA SER E 31 5.23 12.55 31.18
C SER E 31 6.29 12.78 30.11
N VAL E 32 7.08 11.75 29.85
CA VAL E 32 8.14 11.78 28.84
C VAL E 32 8.11 10.48 28.04
N ASN E 33 8.19 10.59 26.71
CA ASN E 33 8.26 9.42 25.85
C ASN E 33 9.69 8.88 25.85
N LEU E 34 9.83 7.57 26.00
CA LEU E 34 11.13 6.89 25.94
C LEU E 34 11.40 6.31 24.55
N LEU E 35 10.56 6.65 23.58
CA LEU E 35 10.63 6.06 22.25
C LEU E 35 10.83 7.16 21.22
N GLU E 36 11.94 7.06 20.48
CA GLU E 36 12.16 7.90 19.32
C GLU E 36 11.46 7.26 18.13
N ASN E 37 10.58 8.04 17.50
CA ASN E 37 9.75 7.54 16.41
C ASN E 37 9.84 8.42 15.18
N SER E 38 10.86 9.26 15.09
CA SER E 38 11.00 10.17 13.97
C SER E 38 12.47 10.30 13.60
N HIS E 39 12.71 10.73 12.36
CA HIS E 39 14.05 10.90 11.80
C HIS E 39 14.02 12.12 10.88
N ASN E 40 15.20 12.61 10.51
CA ASN E 40 15.27 13.84 9.71
C ASN E 40 15.31 13.58 8.20
N GLY E 41 15.07 12.36 7.76
CA GLY E 41 15.00 12.08 6.33
C GLY E 41 16.28 12.35 5.55
N LYS E 42 17.41 12.48 6.24
CA LYS E 42 18.67 12.79 5.59
C LYS E 42 19.72 11.78 6.05
N LEU E 43 20.67 11.49 5.16
CA LEU E 43 21.86 10.75 5.53
C LEU E 43 22.94 11.74 5.94
N CYS E 44 23.44 11.60 7.17
CA CYS E 44 24.33 12.59 7.75
C CYS E 44 25.74 12.04 7.93
N SER E 45 26.66 12.96 8.24
CA SER E 45 27.96 12.57 8.73
C SER E 45 27.83 11.97 10.13
N LEU E 46 28.72 11.01 10.43
CA LEU E 46 28.80 10.42 11.76
C LEU E 46 29.91 11.16 12.53
N ASN E 47 29.51 11.91 13.55
CA ASN E 47 30.39 12.69 14.42
C ASN E 47 31.27 13.65 13.63
N GLY E 48 30.86 14.05 12.44
CA GLY E 48 31.65 14.99 11.66
C GLY E 48 32.34 14.36 10.46
N LYS E 49 32.29 13.05 10.26
CA LYS E 49 33.03 12.40 9.17
C LYS E 49 32.02 12.05 8.09
N ILE E 50 32.25 12.58 6.90
CA ILE E 50 31.30 12.39 5.81
C ILE E 50 31.27 10.92 5.40
N PRO E 51 30.11 10.38 5.02
CA PRO E 51 30.09 9.03 4.47
C PRO E 51 30.58 9.02 3.03
N LEU E 52 30.82 7.81 2.52
CA LEU E 52 31.25 7.58 1.14
C LEU E 52 30.06 7.10 0.32
N GLN E 53 29.60 7.90 -0.64
CA GLN E 53 28.49 7.51 -1.51
CA GLN E 53 28.49 7.50 -1.51
C GLN E 53 29.06 6.77 -2.71
N LEU E 54 28.78 5.45 -2.80
CA LEU E 54 29.12 4.71 -4.00
C LEU E 54 28.24 5.12 -5.19
N GLY E 55 27.06 5.67 -4.95
CA GLY E 55 26.25 6.19 -6.05
C GLY E 55 25.85 5.07 -7.00
N ASN E 56 26.21 5.25 -8.28
CA ASN E 56 25.93 4.26 -9.32
CA ASN E 56 25.91 4.25 -9.30
C ASN E 56 26.89 3.07 -9.29
N CYS E 57 27.82 3.04 -8.34
CA CYS E 57 28.78 1.96 -8.26
C CYS E 57 28.49 1.07 -7.05
N ASN E 58 28.85 -0.20 -7.14
CA ASN E 58 28.92 -1.02 -5.95
C ASN E 58 30.37 -1.18 -5.52
N VAL E 59 30.57 -1.93 -4.44
CA VAL E 59 31.92 -2.09 -3.87
C VAL E 59 32.87 -2.70 -4.90
N ALA E 60 32.38 -3.67 -5.70
CA ALA E 60 33.20 -4.27 -6.75
C ALA E 60 33.74 -3.22 -7.73
N GLY E 61 32.87 -2.35 -8.25
CA GLY E 61 33.33 -1.31 -9.15
C GLY E 61 34.26 -0.31 -8.48
N TRP E 62 33.99 0.01 -7.23
CA TRP E 62 34.87 0.91 -6.49
C TRP E 62 36.26 0.32 -6.37
N ILE E 63 36.35 -0.90 -5.83
CA ILE E 63 37.65 -1.47 -5.49
C ILE E 63 38.43 -1.82 -6.74
N LEU E 64 37.78 -2.42 -7.74
CA LEU E 64 38.45 -2.72 -9.01
C LEU E 64 38.82 -1.44 -9.75
N GLY E 65 38.02 -0.39 -9.60
CA GLY E 65 38.25 0.83 -10.35
C GLY E 65 37.56 0.81 -11.71
N ASN E 66 36.32 0.34 -11.76
CA ASN E 66 35.52 0.51 -12.96
C ASN E 66 35.63 1.96 -13.43
N PRO E 67 35.93 2.21 -14.70
CA PRO E 67 36.10 3.59 -15.17
C PRO E 67 34.92 4.52 -14.87
N LYS E 68 33.70 3.98 -14.77
CA LYS E 68 32.50 4.71 -14.37
C LYS E 68 32.46 5.09 -12.89
N CYS E 69 33.43 4.68 -12.10
CA CYS E 69 33.47 4.95 -10.67
C CYS E 69 34.62 5.89 -10.33
N ASP E 70 35.08 6.70 -11.29
CA ASP E 70 36.26 7.53 -11.08
C ASP E 70 36.07 8.50 -9.90
N LEU E 71 34.83 8.87 -9.56
CA LEU E 71 34.62 9.76 -8.43
C LEU E 71 35.13 9.16 -7.13
N LEU E 72 35.21 7.84 -7.07
CA LEU E 72 35.64 7.11 -5.88
C LEU E 72 37.15 6.96 -5.76
N LEU E 73 37.93 7.35 -6.79
CA LEU E 73 39.37 7.09 -6.74
C LEU E 73 40.05 7.83 -5.59
N THR E 74 39.55 9.00 -5.22
CA THR E 74 40.13 9.81 -4.15
C THR E 74 39.65 9.44 -2.75
N ALA E 75 38.84 8.40 -2.60
CA ALA E 75 38.29 8.09 -1.28
C ALA E 75 39.39 7.60 -0.36
N ASN E 76 39.55 8.27 0.77
CA ASN E 76 40.52 7.78 1.75
C ASN E 76 39.96 7.65 3.14
N SER E 77 38.83 8.27 3.47
CA SER E 77 38.30 8.21 4.83
C SER E 77 36.81 8.49 4.81
N TRP E 78 36.05 7.65 5.52
CA TRP E 78 34.61 7.75 5.56
C TRP E 78 34.15 7.27 6.93
N SER E 79 32.91 7.61 7.28
CA SER E 79 32.32 7.12 8.52
C SER E 79 31.48 5.87 8.29
N TYR E 80 30.82 5.80 7.13
CA TYR E 80 30.13 4.60 6.69
C TYR E 80 29.99 4.73 5.19
N ILE E 81 29.63 3.63 4.56
CA ILE E 81 29.55 3.51 3.12
C ILE E 81 28.08 3.37 2.76
N ILE E 82 27.65 4.06 1.70
CA ILE E 82 26.25 4.02 1.24
C ILE E 82 26.19 3.33 -0.12
N GLU E 83 25.33 2.32 -0.23
CA GLU E 83 24.95 1.75 -1.52
C GLU E 83 23.49 2.11 -1.79
N THR E 84 23.22 2.46 -3.03
CA THR E 84 21.89 2.87 -3.44
C THR E 84 21.26 1.75 -4.26
N SER E 85 20.00 1.93 -4.60
CA SER E 85 19.34 0.98 -5.49
C SER E 85 19.88 1.03 -6.91
N ASN E 86 20.73 2.01 -7.24
CA ASN E 86 21.36 2.11 -8.55
C ASN E 86 22.84 1.79 -8.52
N SER E 87 23.32 1.22 -7.43
CA SER E 87 24.73 0.82 -7.33
C SER E 87 24.95 -0.45 -8.14
N LYS E 88 25.02 -0.28 -9.47
CA LYS E 88 25.11 -1.41 -10.37
C LYS E 88 26.41 -1.47 -11.19
N ASN E 89 27.19 -0.40 -11.26
CA ASN E 89 28.47 -0.47 -11.99
C ASN E 89 29.48 -1.19 -11.11
N GLY E 90 29.79 -2.43 -11.46
CA GLY E 90 30.73 -3.20 -10.67
C GLY E 90 31.82 -3.76 -11.56
N ALA E 91 31.90 -5.09 -11.64
CA ALA E 91 32.86 -5.75 -12.53
C ALA E 91 32.32 -5.63 -13.94
N CYS E 92 32.81 -4.64 -14.69
CA CYS E 92 32.34 -4.41 -16.06
C CYS E 92 32.77 -5.53 -17.01
N TYR E 93 33.94 -6.13 -16.78
CA TYR E 93 34.29 -7.34 -17.49
C TYR E 93 33.78 -8.52 -16.68
N PRO E 94 32.87 -9.34 -17.22
CA PRO E 94 32.15 -10.30 -16.39
C PRO E 94 33.08 -11.38 -15.85
N GLY E 95 32.71 -11.92 -14.70
CA GLY E 95 33.49 -12.94 -14.03
C GLY E 95 33.12 -13.00 -12.57
N GLU E 96 33.77 -13.92 -11.84
CA GLU E 96 33.46 -14.15 -10.44
C GLU E 96 34.42 -13.37 -9.53
N PHE E 97 33.86 -12.72 -8.54
CA PHE E 97 34.61 -12.05 -7.47
C PHE E 97 34.71 -12.98 -6.28
N ALA E 98 35.91 -13.41 -5.92
CA ALA E 98 36.02 -14.32 -4.79
C ALA E 98 35.74 -13.60 -3.47
N ASP E 99 34.99 -14.27 -2.58
CA ASP E 99 34.77 -13.82 -1.21
C ASP E 99 34.37 -12.35 -1.13
N TYR E 100 33.37 -12.00 -1.94
CA TYR E 100 32.96 -10.61 -2.08
C TYR E 100 32.34 -10.07 -0.80
N GLU E 101 31.50 -10.86 -0.12
CA GLU E 101 30.89 -10.40 1.13
C GLU E 101 31.91 -10.19 2.23
N GLU E 102 32.95 -11.04 2.30
CA GLU E 102 34.04 -10.84 3.26
C GLU E 102 34.80 -9.55 2.98
N LEU E 103 35.11 -9.29 1.72
CA LEU E 103 35.77 -8.04 1.35
C LEU E 103 34.97 -6.84 1.84
N LYS E 104 33.65 -6.86 1.64
CA LYS E 104 32.79 -5.79 2.14
C LYS E 104 32.85 -5.70 3.67
N GLU E 105 32.90 -6.85 4.36
CA GLU E 105 33.02 -6.80 5.82
C GLU E 105 34.34 -6.16 6.24
N GLN E 106 35.42 -6.47 5.52
CA GLN E 106 36.73 -5.88 5.82
C GLN E 106 36.71 -4.37 5.63
N LEU E 107 36.15 -3.91 4.50
CA LEU E 107 36.09 -2.48 4.22
C LEU E 107 35.19 -1.74 5.22
N SER E 108 34.22 -2.45 5.79
CA SER E 108 33.30 -1.88 6.77
C SER E 108 34.00 -1.49 8.05
N THR E 109 35.17 -2.07 8.33
CA THR E 109 35.91 -1.72 9.53
C THR E 109 37.10 -0.79 9.23
N VAL E 110 37.21 -0.31 7.99
CA VAL E 110 38.32 0.53 7.56
C VAL E 110 37.99 1.99 7.87
N SER E 111 38.93 2.68 8.52
CA SER E 111 38.79 4.11 8.76
C SER E 111 39.70 4.95 7.89
N SER E 112 40.77 4.36 7.36
CA SER E 112 41.68 5.07 6.48
C SER E 112 42.06 4.15 5.34
N PHE E 113 42.16 4.74 4.15
CA PHE E 113 42.32 4.04 2.90
C PHE E 113 43.39 4.80 2.14
N GLU E 114 44.50 4.16 1.82
CA GLU E 114 45.58 4.84 1.12
C GLU E 114 45.83 4.08 -0.19
N ARG E 115 45.34 4.66 -1.27
CA ARG E 115 45.55 4.08 -2.57
C ARG E 115 46.98 4.40 -3.00
N PHE E 116 47.72 3.38 -3.41
CA PHE E 116 49.07 3.59 -3.89
C PHE E 116 49.32 2.69 -5.09
N GLU E 117 50.32 3.06 -5.88
CA GLU E 117 50.65 2.37 -7.12
C GLU E 117 51.57 1.23 -6.74
N ILE E 118 50.99 0.08 -6.43
CA ILE E 118 51.80 -1.04 -5.93
C ILE E 118 52.78 -1.52 -7.00
N PHE E 119 52.31 -1.72 -8.23
CA PHE E 119 53.16 -2.09 -9.35
C PHE E 119 53.02 -0.97 -10.37
N PRO E 120 53.90 0.03 -10.33
CA PRO E 120 53.76 1.16 -11.27
C PRO E 120 53.78 0.67 -12.72
N LYS E 121 52.77 1.10 -13.47
CA LYS E 121 52.53 0.59 -14.82
C LYS E 121 53.65 0.97 -15.78
N ALA E 122 54.31 2.10 -15.56
CA ALA E 122 55.30 2.55 -16.52
C ALA E 122 56.61 1.78 -16.42
N THR E 123 56.89 1.14 -15.28
CA THR E 123 58.19 0.53 -15.01
C THR E 123 58.16 -0.92 -14.55
N SER E 124 57.01 -1.49 -14.18
CA SER E 124 57.00 -2.83 -13.56
C SER E 124 57.11 -3.95 -14.59
N TRP E 125 56.81 -3.70 -15.86
CA TRP E 125 56.63 -4.76 -16.86
C TRP E 125 57.40 -4.45 -18.14
N PRO E 126 58.73 -4.43 -18.08
CA PRO E 126 59.49 -4.08 -19.29
C PRO E 126 59.41 -5.13 -20.38
N ASN E 127 59.16 -6.40 -20.03
CA ASN E 127 59.16 -7.48 -21.02
C ASN E 127 57.76 -7.79 -21.53
N HIS E 128 56.76 -7.00 -21.15
CA HIS E 128 55.40 -7.23 -21.58
C HIS E 128 54.79 -5.90 -22.05
N ASP E 129 53.61 -6.01 -22.63
CA ASP E 129 52.90 -4.88 -23.23
C ASP E 129 51.80 -4.45 -22.25
N THR E 130 51.87 -3.19 -21.81
CA THR E 130 50.94 -2.62 -20.84
C THR E 130 49.98 -1.64 -21.48
N THR E 131 50.00 -1.50 -22.79
CA THR E 131 49.31 -0.42 -23.48
C THR E 131 48.09 -0.89 -24.26
N ARG E 132 47.73 -2.17 -24.21
CA ARG E 132 46.66 -2.72 -25.05
C ARG E 132 45.53 -3.38 -24.26
N GLY E 133 45.51 -3.25 -22.94
CA GLY E 133 44.52 -3.98 -22.17
C GLY E 133 43.22 -3.24 -21.94
N THR E 134 42.46 -2.96 -23.00
CA THR E 134 41.19 -2.25 -22.88
C THR E 134 40.10 -3.07 -23.57
N THR E 135 38.85 -2.76 -23.25
CA THR E 135 37.74 -3.55 -23.75
C THR E 135 36.46 -2.71 -23.79
N VAL E 136 35.60 -3.04 -24.76
CA VAL E 136 34.29 -2.40 -24.84
C VAL E 136 33.43 -2.69 -23.60
N ALA E 137 33.69 -3.79 -22.90
CA ALA E 137 32.90 -4.12 -21.71
C ALA E 137 33.08 -3.07 -20.61
N CYS E 138 34.23 -2.39 -20.60
CA CYS E 138 34.52 -1.37 -19.60
C CYS E 138 34.61 -0.03 -20.29
N SER E 139 33.62 0.30 -21.11
CA SER E 139 33.67 1.54 -21.85
C SER E 139 33.60 2.72 -20.90
N HIS E 140 34.32 3.79 -21.25
CA HIS E 140 34.30 5.03 -20.51
C HIS E 140 34.46 6.17 -21.50
N SER E 141 33.58 7.17 -21.41
CA SER E 141 33.62 8.35 -22.29
C SER E 141 33.60 7.94 -23.75
N GLY E 142 32.90 6.85 -24.05
CA GLY E 142 32.72 6.42 -25.40
C GLY E 142 33.91 5.71 -26.02
N ALA E 143 34.85 5.26 -25.19
CA ALA E 143 36.05 4.59 -25.67
C ALA E 143 36.29 3.34 -24.83
N ASN E 144 36.88 2.32 -25.46
CA ASN E 144 37.28 1.13 -24.71
C ASN E 144 38.25 1.50 -23.61
N SER E 145 38.04 0.94 -22.43
CA SER E 145 38.85 1.31 -21.27
C SER E 145 39.03 0.05 -20.40
N PHE E 146 39.43 0.25 -19.15
CA PHE E 146 39.68 -0.87 -18.27
C PHE E 146 39.76 -0.31 -16.86
N TYR E 147 39.79 -1.21 -15.88
CA TYR E 147 39.89 -0.84 -14.47
C TYR E 147 41.09 0.04 -14.23
N ARG E 148 40.93 1.00 -13.31
CA ARG E 148 41.99 1.89 -12.88
C ARG E 148 42.96 1.21 -11.92
N ASN E 149 42.55 0.12 -11.28
CA ASN E 149 43.35 -0.49 -10.25
C ASN E 149 43.98 -1.81 -10.69
N LEU E 150 43.67 -2.29 -11.87
CA LEU E 150 44.24 -3.51 -12.41
C LEU E 150 44.87 -3.21 -13.77
N LEU E 151 45.83 -4.03 -14.18
CA LEU E 151 46.50 -3.81 -15.45
C LEU E 151 46.40 -5.09 -16.30
N TRP E 152 45.77 -4.98 -17.46
CA TRP E 152 45.58 -6.13 -18.35
C TRP E 152 46.83 -6.25 -19.21
N ILE E 153 47.74 -7.10 -18.77
CA ILE E 153 49.04 -7.27 -19.41
C ILE E 153 48.91 -8.29 -20.54
N VAL E 154 49.46 -7.96 -21.73
CA VAL E 154 49.48 -8.86 -22.88
C VAL E 154 50.91 -9.00 -23.42
N LYS E 155 51.07 -9.85 -24.43
CA LYS E 155 52.39 -10.15 -24.96
C LYS E 155 53.01 -8.94 -25.65
N LYS E 156 54.34 -8.87 -25.57
CA LYS E 156 55.14 -7.87 -26.25
C LYS E 156 55.67 -8.48 -27.55
N GLY E 157 55.26 -7.92 -28.68
CA GLY E 157 55.57 -8.55 -29.94
C GLY E 157 54.86 -9.88 -30.02
N ASN E 158 55.62 -10.97 -30.17
CA ASN E 158 55.05 -12.31 -30.19
C ASN E 158 55.59 -13.17 -29.05
N SER E 159 56.01 -12.54 -27.96
CA SER E 159 56.55 -13.29 -26.83
C SER E 159 55.93 -12.76 -25.55
N TYR E 160 55.51 -13.70 -24.70
CA TYR E 160 55.06 -13.43 -23.34
C TYR E 160 55.96 -14.28 -22.46
N PRO E 161 57.11 -13.77 -22.05
CA PRO E 161 57.99 -14.55 -21.18
C PRO E 161 57.40 -14.68 -19.80
N LYS E 162 57.96 -15.63 -19.05
CA LYS E 162 57.50 -15.87 -17.69
C LYS E 162 57.57 -14.58 -16.87
N LEU E 163 56.42 -14.16 -16.37
CA LEU E 163 56.29 -12.95 -15.57
C LEU E 163 56.49 -13.31 -14.11
N SER E 164 57.27 -12.47 -13.41
CA SER E 164 57.51 -12.67 -11.99
C SER E 164 57.59 -11.31 -11.30
N LYS E 165 56.76 -11.11 -10.28
CA LYS E 165 56.74 -9.83 -9.58
C LYS E 165 56.39 -10.01 -8.11
N SER E 166 57.13 -9.29 -7.24
CA SER E 166 56.92 -9.32 -5.81
C SER E 166 56.74 -7.90 -5.27
N TYR E 167 55.95 -7.79 -4.21
CA TYR E 167 55.82 -6.56 -3.44
C TYR E 167 55.89 -6.94 -1.97
N THR E 168 56.78 -6.27 -1.25
CA THR E 168 56.93 -6.49 0.18
C THR E 168 56.24 -5.35 0.92
N ASN E 169 55.25 -5.67 1.74
CA ASN E 169 54.55 -4.64 2.49
C ASN E 169 55.45 -4.13 3.62
N ASN E 170 55.91 -2.89 3.53
CA ASN E 170 56.62 -2.21 4.62
C ASN E 170 55.93 -0.90 4.97
N LYS E 171 54.60 -0.84 4.77
CA LYS E 171 53.78 0.33 5.10
C LYS E 171 53.46 0.43 6.58
N GLY E 172 53.69 -0.63 7.36
CA GLY E 172 53.22 -0.65 8.73
C GLY E 172 51.73 -0.81 8.89
N LYS E 173 51.03 -1.21 7.82
CA LYS E 173 49.60 -1.45 7.84
C LYS E 173 49.32 -2.62 6.90
N GLU E 174 48.19 -3.30 7.09
CA GLU E 174 47.84 -4.31 6.10
C GLU E 174 47.45 -3.63 4.79
N VAL E 175 47.77 -4.30 3.69
CA VAL E 175 47.54 -3.78 2.34
C VAL E 175 46.58 -4.72 1.61
N LEU E 176 45.50 -4.14 1.11
CA LEU E 176 44.54 -4.86 0.28
C LEU E 176 45.05 -4.89 -1.16
N VAL E 177 45.31 -6.09 -1.67
CA VAL E 177 45.76 -6.31 -3.06
C VAL E 177 44.66 -7.02 -3.84
N ILE E 178 44.35 -6.51 -5.05
CA ILE E 178 43.33 -7.06 -5.94
CA ILE E 178 43.35 -7.11 -5.92
C ILE E 178 43.98 -7.44 -7.25
N TRP E 179 43.53 -8.55 -7.84
CA TRP E 179 44.03 -8.99 -9.14
C TRP E 179 42.97 -9.85 -9.82
N GLY E 180 43.26 -10.27 -11.04
CA GLY E 180 42.30 -11.03 -11.81
C GLY E 180 43.02 -12.08 -12.65
N VAL E 181 42.24 -13.06 -13.09
CA VAL E 181 42.75 -14.07 -14.00
C VAL E 181 41.77 -14.13 -15.15
N HIS E 182 42.29 -13.99 -16.36
CA HIS E 182 41.49 -13.87 -17.56
C HIS E 182 41.35 -15.23 -18.22
N HIS E 183 40.12 -15.56 -18.63
CA HIS E 183 39.81 -16.80 -19.35
C HIS E 183 39.28 -16.45 -20.72
N PRO E 184 40.13 -16.42 -21.75
CA PRO E 184 39.68 -16.07 -23.11
C PRO E 184 38.68 -17.10 -23.62
N PRO E 185 37.83 -16.72 -24.58
CA PRO E 185 36.81 -17.67 -25.06
C PRO E 185 37.32 -18.65 -26.13
N THR E 186 38.46 -18.40 -26.81
CA THR E 186 39.00 -19.26 -27.86
C THR E 186 40.52 -19.36 -27.78
N ASP E 187 41.04 -20.44 -28.39
CA ASP E 187 42.49 -20.64 -28.50
C ASP E 187 43.15 -19.50 -29.29
N SER E 188 42.46 -19.00 -30.31
CA SER E 188 42.94 -17.84 -31.05
C SER E 188 43.09 -16.61 -30.15
N ASP E 189 42.09 -16.35 -29.28
CA ASP E 189 42.20 -15.22 -28.37
C ASP E 189 43.31 -15.45 -27.35
N GLN E 190 43.42 -16.69 -26.84
CA GLN E 190 44.53 -17.02 -25.96
C GLN E 190 45.86 -16.68 -26.61
N GLN E 191 46.07 -17.14 -27.85
CA GLN E 191 47.33 -16.90 -28.56
C GLN E 191 47.54 -15.42 -28.87
N THR E 192 46.48 -14.75 -29.33
CA THR E 192 46.59 -13.32 -29.66
C THR E 192 47.04 -12.50 -28.45
N LEU E 193 46.51 -12.83 -27.26
CA LEU E 193 46.80 -12.05 -26.07
C LEU E 193 48.10 -12.48 -25.38
N TYR E 194 48.34 -13.78 -25.29
CA TYR E 194 49.40 -14.29 -24.43
C TYR E 194 50.40 -15.21 -25.13
N GLN E 195 50.21 -15.46 -26.43
CA GLN E 195 51.11 -16.31 -27.22
C GLN E 195 51.09 -17.78 -26.77
N ASN E 196 51.44 -18.05 -25.52
CA ASN E 196 51.51 -19.42 -25.02
C ASN E 196 50.12 -19.98 -24.73
N ASN E 197 50.04 -21.30 -24.78
CA ASN E 197 48.86 -22.04 -24.34
C ASN E 197 49.22 -22.80 -23.08
N HIS E 198 48.20 -23.34 -22.41
CA HIS E 198 48.35 -24.01 -21.12
C HIS E 198 49.20 -23.19 -20.15
N THR E 199 48.73 -21.97 -19.91
CA THR E 199 49.43 -21.05 -19.04
C THR E 199 48.97 -21.27 -17.61
N TYR E 200 49.66 -20.62 -16.68
CA TYR E 200 49.25 -20.66 -15.28
C TYR E 200 49.43 -19.27 -14.68
N VAL E 201 48.67 -19.01 -13.63
CA VAL E 201 48.85 -17.80 -12.82
C VAL E 201 48.98 -18.28 -11.39
N SER E 202 50.05 -17.85 -10.72
CA SER E 202 50.31 -18.23 -9.33
C SER E 202 50.50 -16.99 -8.48
N VAL E 203 49.80 -16.94 -7.35
CA VAL E 203 49.86 -15.81 -6.42
C VAL E 203 50.14 -16.37 -5.04
N GLY E 204 51.19 -15.85 -4.38
CA GLY E 204 51.56 -16.37 -3.09
C GLY E 204 52.04 -15.33 -2.10
N SER E 205 51.62 -15.50 -0.85
CA SER E 205 52.19 -14.80 0.29
C SER E 205 52.33 -15.85 1.37
N SER E 206 52.62 -15.42 2.59
CA SER E 206 52.72 -16.37 3.69
C SER E 206 51.37 -16.87 4.20
N LYS E 207 50.25 -16.20 3.87
CA LYS E 207 48.93 -16.66 4.32
C LYS E 207 48.00 -17.00 3.16
N TYR E 208 48.50 -16.97 1.93
CA TYR E 208 47.68 -17.11 0.74
C TYR E 208 48.53 -17.83 -0.30
N TYR E 209 47.92 -18.80 -0.97
CA TYR E 209 48.56 -19.41 -2.14
C TYR E 209 47.48 -19.99 -3.03
N LYS E 210 47.53 -19.68 -4.31
CA LYS E 210 46.57 -20.19 -5.28
C LYS E 210 47.27 -20.25 -6.62
N ARG E 211 47.20 -21.40 -7.28
CA ARG E 211 47.70 -21.57 -8.63
C ARG E 211 46.56 -22.01 -9.53
N LEU E 212 46.27 -21.21 -10.55
CA LEU E 212 45.15 -21.41 -11.45
C LEU E 212 45.66 -21.67 -12.85
N THR E 213 45.10 -22.68 -13.51
CA THR E 213 45.32 -22.88 -14.92
C THR E 213 44.06 -22.43 -15.65
N PRO E 214 44.09 -21.29 -16.34
CA PRO E 214 42.87 -20.85 -17.06
C PRO E 214 42.40 -21.88 -18.07
N GLU E 215 41.08 -22.04 -18.14
CA GLU E 215 40.45 -22.97 -19.06
C GLU E 215 39.79 -22.18 -20.18
N ILE E 216 40.00 -22.61 -21.42
CA ILE E 216 39.54 -21.86 -22.58
C ILE E 216 38.11 -22.30 -22.84
N VAL E 217 37.14 -21.41 -22.61
CA VAL E 217 35.74 -21.78 -22.78
C VAL E 217 34.97 -20.55 -23.23
N ALA E 218 34.07 -20.76 -24.18
CA ALA E 218 33.22 -19.68 -24.68
C ALA E 218 31.94 -19.67 -23.85
N ARG E 219 31.76 -18.64 -23.07
CA ARG E 219 30.55 -18.45 -22.29
C ARG E 219 29.54 -17.60 -23.04
N PRO E 220 28.27 -17.61 -22.64
CA PRO E 220 27.33 -16.67 -23.25
C PRO E 220 27.78 -15.25 -23.01
N LYS E 221 27.53 -14.41 -24.01
CA LYS E 221 28.11 -13.07 -24.05
C LYS E 221 27.43 -12.15 -23.04
N VAL E 222 28.22 -11.52 -22.19
CA VAL E 222 27.80 -10.47 -21.27
C VAL E 222 28.61 -9.24 -21.64
N ARG E 223 27.92 -8.15 -21.99
CA ARG E 223 28.60 -6.95 -22.49
C ARG E 223 29.58 -7.31 -23.61
N GLU E 224 29.11 -8.16 -24.52
CA GLU E 224 29.82 -8.57 -25.74
CA GLU E 224 29.78 -8.63 -25.74
C GLU E 224 30.96 -9.55 -25.45
N GLN E 225 31.13 -10.01 -24.23
CA GLN E 225 32.26 -10.82 -23.82
C GLN E 225 31.84 -12.28 -23.62
N ALA E 226 32.38 -13.17 -24.44
CA ALA E 226 32.24 -14.60 -24.23
C ALA E 226 33.31 -15.17 -23.30
N GLY E 227 34.40 -14.42 -23.05
CA GLY E 227 35.36 -14.75 -22.02
C GLY E 227 34.95 -14.22 -20.65
N ARG E 228 35.80 -14.50 -19.65
CA ARG E 228 35.55 -14.13 -18.25
C ARG E 228 36.86 -13.75 -17.56
N MET E 229 36.74 -12.88 -16.55
CA MET E 229 37.84 -12.54 -15.63
C MET E 229 37.37 -12.81 -14.22
N ASN E 230 38.09 -13.66 -13.50
CA ASN E 230 37.78 -13.93 -12.11
C ASN E 230 38.69 -13.07 -11.23
N TYR E 231 38.09 -12.41 -10.25
CA TYR E 231 38.78 -11.45 -9.42
C TYR E 231 39.09 -12.04 -8.05
N TYR E 232 40.26 -11.69 -7.52
CA TYR E 232 40.76 -12.22 -6.26
C TYR E 232 41.37 -11.08 -5.47
N TRP E 233 41.44 -11.27 -4.15
CA TRP E 233 42.00 -10.25 -3.29
C TRP E 233 42.63 -10.91 -2.07
N THR E 234 43.55 -10.19 -1.44
CA THR E 234 44.08 -10.66 -0.17
C THR E 234 44.56 -9.46 0.63
N LEU E 235 44.62 -9.66 1.95
CA LEU E 235 45.16 -8.65 2.86
C LEU E 235 46.59 -9.07 3.20
N LEU E 236 47.55 -8.27 2.79
CA LEU E 236 48.96 -8.61 3.00
C LEU E 236 49.43 -7.97 4.30
N ASP E 237 49.91 -8.79 5.22
CA ASP E 237 50.35 -8.26 6.52
C ASP E 237 51.61 -7.45 6.38
N GLN E 238 51.86 -6.58 7.37
CA GLN E 238 53.14 -5.88 7.47
C GLN E 238 54.28 -6.88 7.56
N GLY E 239 55.31 -6.67 6.76
CA GLY E 239 56.45 -7.57 6.71
C GLY E 239 56.33 -8.75 5.75
N ASP E 240 55.14 -9.02 5.23
CA ASP E 240 54.94 -10.12 4.30
C ASP E 240 55.12 -9.62 2.87
N THR E 241 55.39 -10.56 1.96
CA THR E 241 55.61 -10.33 0.54
C THR E 241 54.57 -11.09 -0.25
N ILE E 242 54.00 -10.45 -1.28
CA ILE E 242 53.15 -11.15 -2.22
C ILE E 242 53.90 -11.30 -3.53
N THR E 243 53.78 -12.48 -4.14
CA THR E 243 54.53 -12.84 -5.34
C THR E 243 53.56 -13.27 -6.43
N PHE E 244 53.73 -12.68 -7.61
CA PHE E 244 52.98 -13.04 -8.79
C PHE E 244 53.90 -13.77 -9.77
N GLU E 245 53.41 -14.84 -10.34
CA GLU E 245 54.11 -15.59 -11.36
C GLU E 245 53.09 -16.08 -12.37
N ALA E 246 53.38 -15.86 -13.65
CA ALA E 246 52.41 -16.16 -14.69
C ALA E 246 53.12 -16.35 -16.02
N THR E 247 52.58 -17.27 -16.83
CA THR E 247 52.93 -17.40 -18.22
C THR E 247 51.83 -16.88 -19.12
N GLY E 248 50.84 -16.22 -18.54
CA GLY E 248 49.77 -15.59 -19.28
C GLY E 248 48.60 -15.31 -18.36
N ASN E 249 47.62 -14.58 -18.91
CA ASN E 249 46.28 -14.48 -18.33
C ASN E 249 46.23 -13.71 -17.02
N LEU E 250 47.28 -12.98 -16.66
CA LEU E 250 47.30 -12.25 -15.41
C LEU E 250 46.79 -10.83 -15.61
N ILE E 251 45.71 -10.49 -14.89
CA ILE E 251 45.25 -9.11 -14.78
C ILE E 251 45.94 -8.58 -13.53
N ALA E 252 47.02 -7.84 -13.72
CA ALA E 252 47.91 -7.60 -12.59
C ALA E 252 47.41 -6.48 -11.67
N PRO E 253 47.78 -6.54 -10.40
CA PRO E 253 47.59 -5.38 -9.53
C PRO E 253 48.28 -4.17 -10.13
N TRP E 254 47.56 -3.04 -10.17
CA TRP E 254 48.16 -1.76 -10.53
C TRP E 254 48.16 -0.82 -9.34
N HIS E 255 47.01 -0.62 -8.70
CA HIS E 255 46.95 0.14 -7.46
C HIS E 255 46.42 -0.77 -6.37
N ALA E 256 46.91 -0.56 -5.15
CA ALA E 256 46.44 -1.29 -3.98
C ALA E 256 46.17 -0.29 -2.84
N PHE E 257 45.78 -0.81 -1.66
CA PHE E 257 45.22 0.03 -0.61
C PHE E 257 45.82 -0.34 0.75
N ALA E 258 46.52 0.61 1.35
CA ALA E 258 46.99 0.47 2.73
C ALA E 258 45.87 0.87 3.67
N LEU E 259 45.47 -0.04 4.56
CA LEU E 259 44.29 0.14 5.38
C LEU E 259 44.68 0.42 6.84
N LYS E 260 43.98 1.35 7.47
CA LYS E 260 43.96 1.44 8.92
C LYS E 260 42.56 1.09 9.38
N LYS E 261 42.46 0.12 10.31
CA LYS E 261 41.17 -0.26 10.86
C LYS E 261 40.70 0.78 11.87
N GLY E 262 39.37 0.94 11.92
CA GLY E 262 38.71 1.97 12.70
C GLY E 262 37.55 1.32 13.40
N SER E 263 36.53 2.08 13.79
CA SER E 263 35.45 1.43 14.50
C SER E 263 34.61 0.62 13.51
N SER E 264 33.73 -0.20 14.08
CA SER E 264 33.03 -1.26 13.33
C SER E 264 31.78 -0.68 12.66
N SER E 265 32.04 0.24 11.72
CA SER E 265 31.02 0.87 10.89
C SER E 265 30.58 -0.15 9.85
N GLY E 266 29.83 0.29 8.85
CA GLY E 266 29.36 -0.67 7.88
C GLY E 266 28.92 -0.02 6.59
N ILE E 267 28.31 -0.84 5.75
CA ILE E 267 27.68 -0.43 4.50
C ILE E 267 26.17 -0.33 4.73
N MET E 268 25.58 0.76 4.30
CA MET E 268 24.16 1.00 4.50
C MET E 268 23.44 1.05 3.16
N ARG E 269 22.24 0.47 3.11
CA ARG E 269 21.39 0.48 1.92
C ARG E 269 20.34 1.57 2.08
N SER E 270 20.48 2.63 1.30
CA SER E 270 19.55 3.74 1.39
C SER E 270 19.60 4.52 0.08
N ASP E 271 18.44 5.09 -0.27
CA ASP E 271 18.34 6.04 -1.36
C ASP E 271 18.14 7.47 -0.87
N ALA E 272 18.17 7.71 0.45
CA ALA E 272 18.09 9.08 0.94
C ALA E 272 19.36 9.84 0.56
N GLN E 273 19.25 11.17 0.52
CA GLN E 273 20.36 12.01 0.10
C GLN E 273 21.25 12.38 1.29
N VAL E 274 22.56 12.46 1.05
CA VAL E 274 23.49 12.93 2.06
C VAL E 274 23.37 14.44 2.21
N HIS E 275 23.42 14.91 3.45
CA HIS E 275 23.42 16.33 3.75
C HIS E 275 24.54 16.62 4.74
N ASN E 276 24.83 17.91 4.95
CA ASN E 276 25.90 18.36 5.83
C ASN E 276 25.51 18.35 7.29
N CYS E 277 24.55 17.52 7.66
CA CYS E 277 24.18 17.33 9.05
C CYS E 277 25.16 16.39 9.71
N THR E 278 25.06 16.30 11.03
CA THR E 278 25.84 15.36 11.82
C THR E 278 24.88 14.59 12.72
N THR E 279 25.33 13.41 13.13
CA THR E 279 24.51 12.55 13.96
C THR E 279 25.40 11.56 14.69
N LYS E 280 24.89 11.03 15.79
CA LYS E 280 25.52 9.89 16.45
C LYS E 280 24.90 8.57 16.01
N CYS E 281 23.74 8.62 15.33
CA CYS E 281 23.03 7.40 14.96
C CYS E 281 22.32 7.64 13.64
N GLN E 282 22.57 6.76 12.66
CA GLN E 282 22.06 6.89 11.31
C GLN E 282 21.26 5.65 10.93
N THR E 283 20.11 5.87 10.31
CA THR E 283 19.27 4.83 9.77
C THR E 283 19.13 5.01 8.27
N PRO E 284 18.75 3.97 7.53
CA PRO E 284 18.59 4.13 6.08
C PRO E 284 17.50 5.12 5.68
N HIS E 285 16.55 5.40 6.57
CA HIS E 285 15.49 6.37 6.32
C HIS E 285 15.91 7.80 6.61
N GLY E 286 16.80 7.99 7.57
CA GLY E 286 17.20 9.30 8.05
C GLY E 286 17.90 9.17 9.38
N ALA E 287 18.50 10.27 9.82
CA ALA E 287 19.24 10.26 11.07
C ALA E 287 18.32 10.42 12.28
N LEU E 288 18.79 9.92 13.42
CA LEU E 288 18.10 10.02 14.70
C LEU E 288 18.88 10.95 15.63
N LYS E 289 18.15 11.67 16.51
CA LYS E 289 18.80 12.46 17.54
C LYS E 289 19.56 11.58 18.52
N GLY E 290 19.05 10.37 18.76
CA GLY E 290 19.70 9.31 19.52
C GLY E 290 19.83 9.50 21.01
N ASN E 291 18.97 10.32 21.62
CA ASN E 291 19.06 10.57 23.06
C ASN E 291 18.18 9.65 23.90
N LEU E 292 17.09 9.10 23.34
CA LEU E 292 16.24 8.19 24.10
C LEU E 292 16.71 6.75 23.96
N PRO E 293 16.36 5.89 24.92
CA PRO E 293 16.88 4.51 24.90
C PRO E 293 16.23 3.58 23.89
N PHE E 294 15.09 3.96 23.27
CA PHE E 294 14.43 3.08 22.33
C PHE E 294 14.01 3.85 21.08
N GLN E 295 13.94 3.12 19.96
CA GLN E 295 13.55 3.69 18.68
C GLN E 295 12.81 2.65 17.88
N ASN E 296 11.84 3.11 17.08
CA ASN E 296 11.09 2.21 16.22
C ASN E 296 11.17 2.65 14.76
N VAL E 297 12.22 3.38 14.39
CA VAL E 297 12.38 3.86 13.03
C VAL E 297 12.91 2.76 12.11
N HIS E 298 14.01 2.10 12.51
CA HIS E 298 14.63 1.11 11.62
C HIS E 298 15.56 0.18 12.39
N PRO E 299 15.49 -1.13 12.13
CA PRO E 299 16.37 -2.07 12.85
C PRO E 299 17.82 -2.07 12.38
N VAL E 300 18.08 -1.72 11.14
CA VAL E 300 19.43 -1.79 10.58
C VAL E 300 20.05 -0.40 10.69
N THR E 301 20.82 -0.18 11.74
CA THR E 301 21.38 1.13 12.03
C THR E 301 22.89 1.07 12.15
N ILE E 302 23.47 2.26 12.08
CA ILE E 302 24.91 2.47 12.21
C ILE E 302 25.14 3.62 13.18
N GLY E 303 26.01 3.41 14.15
CA GLY E 303 26.38 4.42 15.11
C GLY E 303 26.09 3.96 16.52
N GLU E 304 25.93 4.92 17.43
CA GLU E 304 25.53 4.67 18.82
C GLU E 304 24.04 4.91 18.87
N CYS E 305 23.28 3.82 18.90
CA CYS E 305 21.88 3.88 18.54
C CYS E 305 20.95 3.33 19.63
N PRO E 306 19.75 3.92 19.75
CA PRO E 306 18.74 3.36 20.66
C PRO E 306 18.35 1.95 20.23
N LYS E 307 17.92 1.16 21.21
CA LYS E 307 17.48 -0.19 20.89
C LYS E 307 16.23 -0.15 20.04
N TYR E 308 16.26 -0.92 18.96
CA TYR E 308 15.11 -1.00 18.08
C TYR E 308 14.05 -1.85 18.76
N VAL E 309 12.81 -1.36 18.79
CA VAL E 309 11.69 -2.11 19.34
C VAL E 309 10.52 -1.98 18.39
N LYS E 310 9.58 -2.91 18.52
CA LYS E 310 8.32 -2.88 17.78
C LYS E 310 7.26 -1.98 18.43
N SER E 311 7.58 -1.31 19.54
CA SER E 311 6.60 -0.46 20.21
C SER E 311 6.26 0.77 19.38
N THR E 312 5.00 1.21 19.50
CA THR E 312 4.57 2.47 18.91
C THR E 312 4.57 3.63 19.91
N GLN E 313 4.57 3.36 21.21
CA GLN E 313 4.72 4.40 22.21
C GLN E 313 5.30 3.76 23.46
N LEU E 314 6.18 4.50 24.14
CA LEU E 314 6.74 4.09 25.43
C LEU E 314 6.66 5.32 26.32
N ARG E 315 5.46 5.65 26.77
CA ARG E 315 5.26 6.89 27.50
C ARG E 315 5.36 6.63 28.99
N MET E 316 6.30 7.31 29.65
CA MET E 316 6.58 7.13 31.06
C MET E 316 5.93 8.25 31.87
N ALA E 317 5.09 7.87 32.82
CA ALA E 317 4.47 8.88 33.67
C ALA E 317 5.54 9.48 34.58
N THR E 318 5.54 10.80 34.70
CA THR E 318 6.39 11.48 35.67
C THR E 318 5.57 12.26 36.68
N GLY E 319 4.48 12.87 36.24
CA GLY E 319 3.55 13.51 37.15
C GLY E 319 2.50 12.52 37.63
N LEU E 320 1.42 13.09 38.15
CA LEU E 320 0.36 12.34 38.80
C LEU E 320 -0.91 12.37 37.94
N ARG E 321 -1.95 11.69 38.43
CA ARG E 321 -3.21 11.61 37.69
C ARG E 321 -3.80 13.00 37.48
N ASN E 322 -4.06 13.34 36.21
CA ASN E 322 -4.66 14.63 35.87
C ASN E 322 -6.14 14.57 36.21
N ILE E 323 -6.54 15.18 37.31
CA ILE E 323 -7.93 15.06 37.76
C ILE E 323 -8.51 16.44 38.03
N PRO E 324 -8.68 17.29 37.00
CA PRO E 324 -9.24 18.64 37.25
C PRO E 324 -10.77 18.63 37.39
N ALA E 334 -6.01 8.55 48.78
CA ALA E 334 -5.89 9.99 48.61
C ALA E 334 -6.33 10.46 47.23
N ILE E 335 -5.54 10.21 46.18
CA ILE E 335 -5.95 10.61 44.84
C ILE E 335 -7.18 9.78 44.45
N ALA E 336 -8.25 10.47 44.03
CA ALA E 336 -9.57 9.88 43.83
C ALA E 336 -10.11 9.22 45.10
N GLY E 337 -9.57 9.62 46.25
CA GLY E 337 -10.00 9.11 47.54
C GLY E 337 -10.63 10.20 48.38
N PHE E 338 -10.06 10.51 49.54
CA PHE E 338 -10.63 11.57 50.36
C PHE E 338 -10.36 12.95 49.75
N ILE E 339 -9.21 13.15 49.12
CA ILE E 339 -8.97 14.34 48.30
C ILE E 339 -9.42 13.99 46.89
N GLU E 340 -10.67 14.36 46.55
CA GLU E 340 -11.39 13.83 45.41
C GLU E 340 -11.00 14.43 44.05
N GLY E 341 -9.99 15.29 43.97
CA GLY E 341 -9.71 15.97 42.71
C GLY E 341 -8.48 16.83 42.81
N GLY E 342 -7.96 17.22 41.62
CA GLY E 342 -6.79 18.07 41.56
C GLY E 342 -7.14 19.57 41.52
N TRP E 343 -6.14 20.40 41.80
CA TRP E 343 -6.29 21.86 41.82
C TRP E 343 -5.66 22.46 40.56
N THR E 344 -6.50 22.86 39.60
CA THR E 344 -6.01 23.61 38.47
C THR E 344 -5.36 24.92 38.91
N GLY E 345 -5.84 25.47 40.04
CA GLY E 345 -5.36 26.74 40.57
C GLY E 345 -3.96 26.72 41.15
N MET E 346 -3.45 25.56 41.56
CA MET E 346 -2.09 25.47 42.08
C MET E 346 -1.14 25.21 40.91
N VAL E 347 -0.23 26.15 40.66
CA VAL E 347 0.60 26.12 39.46
C VAL E 347 2.08 25.91 39.77
N ASP E 348 2.53 26.14 41.00
CA ASP E 348 3.94 26.18 41.36
C ASP E 348 4.54 24.83 41.75
N GLY E 349 3.75 23.76 41.80
CA GLY E 349 4.30 22.49 42.22
C GLY E 349 3.27 21.37 42.13
N TRP E 350 3.65 20.21 42.67
CA TRP E 350 2.84 18.98 42.61
C TRP E 350 1.96 18.79 43.84
N TYR E 351 2.44 19.11 45.02
CA TYR E 351 1.68 18.96 46.24
C TYR E 351 1.72 20.28 47.00
N GLY E 352 0.61 20.62 47.66
CA GLY E 352 0.57 21.89 48.35
C GLY E 352 -0.74 22.13 49.07
N TYR E 353 -1.01 23.40 49.31
CA TYR E 353 -2.06 23.82 50.22
C TYR E 353 -2.97 24.86 49.58
N HIS E 354 -4.21 24.92 50.07
CA HIS E 354 -5.11 26.03 49.83
C HIS E 354 -5.67 26.49 51.17
N HIS E 355 -5.56 27.80 51.42
CA HIS E 355 -5.92 28.39 52.70
C HIS E 355 -7.09 29.34 52.54
N ARG E 356 -7.89 29.44 53.60
CA ARG E 356 -9.04 30.35 53.66
C ARG E 356 -9.01 31.03 55.03
N ASN E 357 -8.19 32.08 55.16
CA ASN E 357 -8.06 32.88 56.37
C ASN E 357 -8.72 34.24 56.17
N GLU E 358 -9.17 34.83 57.28
CA GLU E 358 -9.84 36.13 57.30
C GLU E 358 -9.20 37.15 56.36
N GLN E 359 -7.88 37.07 56.17
CA GLN E 359 -7.22 37.85 55.12
C GLN E 359 -7.44 37.19 53.76
N TYR E 363 -3.92 29.35 46.80
CA TYR E 363 -3.10 28.14 46.64
C TYR E 363 -1.63 28.43 46.85
N ALA E 364 -0.92 27.49 47.49
CA ALA E 364 0.53 27.53 47.59
C ALA E 364 1.06 26.10 47.51
N ALA E 365 2.19 25.91 46.84
CA ALA E 365 2.76 24.59 46.68
C ALA E 365 3.85 24.34 47.72
N ASP E 366 3.90 23.12 48.24
CA ASP E 366 4.91 22.75 49.22
C ASP E 366 6.21 22.47 48.46
N GLN E 367 7.14 23.42 48.52
CA GLN E 367 8.38 23.30 47.77
C GLN E 367 9.24 22.15 48.30
N LYS E 368 9.16 21.86 49.60
CA LYS E 368 9.99 20.79 50.18
C LYS E 368 9.65 19.44 49.58
N SER E 369 8.39 19.00 49.72
CA SER E 369 7.99 17.69 49.23
C SER E 369 7.97 17.62 47.71
N THR E 370 7.66 18.74 47.03
CA THR E 370 7.67 18.73 45.57
C THR E 370 9.07 18.51 45.02
N GLN E 371 10.07 19.16 45.63
CA GLN E 371 11.44 19.03 45.15
C GLN E 371 11.98 17.63 45.36
N ILE E 372 11.65 17.00 46.50
CA ILE E 372 12.10 15.63 46.74
C ILE E 372 11.53 14.69 45.68
N ALA E 373 10.24 14.87 45.35
CA ALA E 373 9.61 14.02 44.35
C ALA E 373 10.16 14.28 42.96
N ILE E 374 10.44 15.54 42.64
CA ILE E 374 11.02 15.84 41.33
C ILE E 374 12.39 15.18 41.19
N ASP E 375 13.19 15.25 42.26
CA ASP E 375 14.51 14.59 42.23
C ASP E 375 14.36 13.09 42.05
N GLY E 376 13.40 12.47 42.74
CA GLY E 376 13.25 11.03 42.64
C GLY E 376 12.78 10.59 41.27
N ILE E 377 11.78 11.27 40.72
CA ILE E 377 11.26 10.89 39.41
C ILE E 377 12.30 11.17 38.33
N SER E 378 13.00 12.29 38.43
CA SER E 378 14.08 12.57 37.49
C SER E 378 15.14 11.48 37.53
N ASN E 379 15.43 10.97 38.73
CA ASN E 379 16.39 9.86 38.85
C ASN E 379 15.85 8.59 38.20
N LYS E 380 14.55 8.31 38.38
CA LYS E 380 13.94 7.15 37.75
C LYS E 380 14.12 7.19 36.24
N VAL E 381 13.74 8.32 35.63
CA VAL E 381 13.84 8.48 34.19
C VAL E 381 15.29 8.36 33.74
N ASN E 382 16.19 9.06 34.43
CA ASN E 382 17.59 9.01 34.05
C ASN E 382 18.13 7.58 34.16
N SER E 383 17.72 6.84 35.20
CA SER E 383 18.22 5.47 35.35
C SER E 383 17.80 4.59 34.19
N VAL E 384 16.54 4.68 33.76
CA VAL E 384 16.05 3.87 32.66
C VAL E 384 16.83 4.20 31.39
N ILE E 385 17.15 5.47 31.19
CA ILE E 385 17.92 5.87 30.02
C ILE E 385 19.39 5.50 30.16
N GLU E 386 19.98 5.81 31.33
CA GLU E 386 21.43 5.68 31.49
C GLU E 386 21.91 4.23 31.55
N LYS E 387 21.12 3.33 32.12
CA LYS E 387 21.53 1.93 32.27
C LYS E 387 21.69 1.20 30.94
N MET E 388 21.09 1.68 29.85
CA MET E 388 21.36 1.11 28.54
C MET E 388 22.80 1.38 28.11
N ASN E 389 23.51 0.33 27.72
CA ASN E 389 24.92 0.45 27.31
C ASN E 389 25.08 1.21 25.99
N ILE E 390 26.15 1.99 25.91
CA ILE E 390 26.55 2.65 24.68
C ILE E 390 27.49 1.71 23.94
N GLN E 391 27.30 1.58 22.62
CA GLN E 391 28.14 0.68 21.86
C GLN E 391 27.99 0.85 20.36
N PHE E 392 28.77 1.75 19.75
CA PHE E 392 28.90 1.82 18.29
C PHE E 392 28.76 0.45 17.62
N THR E 393 27.64 0.23 16.94
CA THR E 393 27.35 -1.06 16.34
C THR E 393 26.85 -0.82 14.92
N SER E 394 27.19 -1.73 14.02
CA SER E 394 26.63 -1.72 12.67
C SER E 394 25.85 -3.00 12.51
N VAL E 395 24.55 -2.86 12.20
CA VAL E 395 23.65 -4.01 12.31
C VAL E 395 23.67 -4.84 11.04
N GLY E 396 23.74 -4.19 9.87
CA GLY E 396 23.88 -4.80 8.56
C GLY E 396 24.79 -6.00 8.39
N LYS E 397 24.31 -7.03 7.69
CA LYS E 397 25.12 -8.19 7.33
C LYS E 397 24.71 -8.68 5.95
N GLU E 398 25.67 -9.06 5.12
CA GLU E 398 25.39 -9.54 3.79
C GLU E 398 25.80 -11.00 3.64
N PHE E 399 24.96 -11.75 2.95
CA PHE E 399 25.14 -13.18 2.76
C PHE E 399 24.87 -13.53 1.31
N ASN E 400 25.67 -14.40 0.75
CA ASN E 400 25.44 -14.77 -0.64
C ASN E 400 24.36 -15.84 -0.70
N SER E 401 24.09 -16.33 -1.92
CA SER E 401 22.91 -17.18 -2.15
C SER E 401 23.10 -18.59 -1.61
N LEU E 402 24.32 -18.98 -1.28
CA LEU E 402 24.63 -20.24 -0.61
C LEU E 402 24.91 -20.08 0.87
N GLU E 403 24.42 -19.00 1.48
CA GLU E 403 24.60 -18.76 2.90
C GLU E 403 23.27 -18.43 3.54
N LYS E 404 22.20 -19.13 3.10
CA LYS E 404 20.86 -18.86 3.61
C LYS E 404 20.72 -19.22 5.09
N ARG E 405 21.36 -20.31 5.53
CA ARG E 405 21.26 -20.70 6.94
C ARG E 405 21.92 -19.66 7.83
N MET E 406 23.07 -19.14 7.42
CA MET E 406 23.74 -18.10 8.19
C MET E 406 22.93 -16.82 8.19
N GLU E 407 22.31 -16.50 7.05
CA GLU E 407 21.42 -15.36 6.99
C GLU E 407 20.25 -15.54 7.96
N ASN E 408 19.65 -16.73 7.98
CA ASN E 408 18.54 -16.99 8.89
C ASN E 408 19.01 -17.07 10.35
N LEU E 409 20.25 -17.50 10.58
CA LEU E 409 20.81 -17.40 11.93
C LEU E 409 20.91 -15.94 12.37
N ASN E 410 21.42 -15.09 11.48
CA ASN E 410 21.53 -13.67 11.78
C ASN E 410 20.15 -13.07 12.02
N LYS E 411 19.17 -13.43 11.20
CA LYS E 411 17.83 -12.92 11.39
C LYS E 411 17.22 -13.43 12.69
N LYS E 412 17.56 -14.66 13.08
CA LYS E 412 17.06 -15.18 14.34
C LYS E 412 17.61 -14.36 15.51
N VAL E 413 18.85 -13.88 15.40
CA VAL E 413 19.49 -13.09 16.44
C VAL E 413 18.83 -11.71 16.55
N ASP E 414 18.73 -10.99 15.42
CA ASP E 414 18.13 -9.66 15.43
C ASP E 414 16.70 -9.71 15.96
N ASP E 415 15.90 -10.66 15.46
CA ASP E 415 14.51 -10.80 15.88
C ASP E 415 14.40 -11.19 17.36
N GLY E 416 15.33 -12.02 17.84
CA GLY E 416 15.27 -12.45 19.23
C GLY E 416 15.52 -11.30 20.19
N PHE E 417 16.53 -10.46 19.90
CA PHE E 417 16.79 -9.30 20.74
C PHE E 417 15.69 -8.25 20.58
N LEU E 418 15.08 -8.17 19.40
CA LEU E 418 13.91 -7.31 19.22
C LEU E 418 12.78 -7.70 20.15
N ASP E 419 12.47 -9.00 20.23
CA ASP E 419 11.40 -9.44 21.12
C ASP E 419 11.76 -9.19 22.58
N VAL E 420 13.02 -9.41 22.96
CA VAL E 420 13.43 -9.20 24.35
C VAL E 420 13.28 -7.73 24.73
N TRP E 421 13.81 -6.82 23.91
CA TRP E 421 13.79 -5.40 24.28
C TRP E 421 12.39 -4.81 24.20
N THR E 422 11.59 -5.23 23.21
CA THR E 422 10.22 -4.77 23.18
C THR E 422 9.45 -5.23 24.41
N TYR E 423 9.61 -6.49 24.81
CA TYR E 423 8.90 -6.97 25.99
C TYR E 423 9.39 -6.24 27.25
N ASN E 424 10.71 -6.13 27.42
CA ASN E 424 11.25 -5.51 28.62
C ASN E 424 10.87 -4.05 28.71
N ALA E 425 10.94 -3.33 27.59
CA ALA E 425 10.56 -1.92 27.60
C ALA E 425 9.07 -1.76 27.91
N GLU E 426 8.21 -2.61 27.33
CA GLU E 426 6.78 -2.46 27.52
C GLU E 426 6.40 -2.75 28.97
N LEU E 427 6.93 -3.83 29.54
CA LEU E 427 6.57 -4.14 30.92
C LEU E 427 7.20 -3.17 31.90
N LEU E 428 8.41 -2.70 31.61
CA LEU E 428 9.05 -1.72 32.48
C LEU E 428 8.18 -0.47 32.58
N ILE E 429 7.67 0.01 31.45
CA ILE E 429 6.84 1.21 31.46
C ILE E 429 5.53 0.98 32.22
N LEU E 430 4.90 -0.17 32.01
CA LEU E 430 3.64 -0.48 32.69
C LEU E 430 3.80 -0.54 34.22
N LEU E 431 4.83 -1.26 34.69
CA LEU E 431 4.97 -1.45 36.12
C LEU E 431 5.45 -0.17 36.81
N GLU E 432 6.39 0.55 36.18
CA GLU E 432 6.90 1.78 36.80
C GLU E 432 5.89 2.91 36.74
N ASN E 433 5.04 2.95 35.71
CA ASN E 433 3.99 3.96 35.68
C ASN E 433 3.03 3.77 36.84
N GLU E 434 2.65 2.51 37.11
CA GLU E 434 1.82 2.24 38.27
C GLU E 434 2.54 2.65 39.56
N ARG E 435 3.84 2.37 39.67
CA ARG E 435 4.53 2.75 40.89
C ARG E 435 4.64 4.27 41.03
N THR E 436 4.80 4.98 39.91
CA THR E 436 4.94 6.44 39.97
C THR E 436 3.64 7.10 40.40
N LEU E 437 2.49 6.60 39.92
CA LEU E 437 1.22 7.18 40.33
C LEU E 437 0.90 6.86 41.79
N ASP E 438 1.32 5.69 42.29
CA ASP E 438 1.17 5.40 43.72
C ASP E 438 2.13 6.22 44.57
N PHE E 439 3.31 6.56 44.02
CA PHE E 439 4.28 7.42 44.67
C PHE E 439 3.68 8.77 45.00
N HIS E 440 3.07 9.42 44.00
CA HIS E 440 2.44 10.71 44.22
C HIS E 440 1.28 10.58 45.20
N ASP E 441 0.46 9.55 45.03
CA ASP E 441 -0.66 9.31 45.92
C ASP E 441 -0.18 9.22 47.36
N LEU E 442 0.94 8.52 47.59
CA LEU E 442 1.48 8.38 48.93
C LEU E 442 2.13 9.66 49.43
N ASN E 443 2.74 10.45 48.55
CA ASN E 443 3.36 11.69 48.98
C ASN E 443 2.29 12.68 49.43
N VAL E 444 1.13 12.65 48.76
CA VAL E 444 0.02 13.51 49.16
C VAL E 444 -0.52 13.07 50.52
N LYS E 445 -0.81 11.77 50.68
CA LYS E 445 -1.31 11.29 51.98
C LYS E 445 -0.30 11.60 53.08
N ASN E 446 0.99 11.51 52.77
CA ASN E 446 2.03 11.78 53.75
C ASN E 446 2.07 13.26 54.12
N LEU E 447 1.81 14.13 53.14
CA LEU E 447 1.68 15.56 53.43
C LEU E 447 0.45 15.85 54.29
N TYR E 448 -0.64 15.12 54.04
CA TYR E 448 -1.87 15.28 54.81
C TYR E 448 -1.65 14.94 56.29
N GLU E 449 -1.05 13.77 56.54
CA GLU E 449 -0.82 13.33 57.91
C GLU E 449 0.20 14.20 58.63
N LYS E 450 1.08 14.89 57.90
CA LYS E 450 2.02 15.80 58.54
C LYS E 450 1.29 17.00 59.14
N VAL E 451 0.26 17.49 58.45
CA VAL E 451 -0.53 18.58 59.00
C VAL E 451 -1.40 18.08 60.15
N LYS E 452 -1.99 16.89 60.00
CA LYS E 452 -2.80 16.32 61.08
C LYS E 452 -1.95 16.08 62.33
N SER E 453 -0.73 15.59 62.13
CA SER E 453 0.23 15.40 63.22
C SER E 453 0.78 16.74 63.77
N GLN E 454 0.19 17.88 63.40
CA GLN E 454 0.64 19.17 63.87
C GLN E 454 -0.44 19.92 64.65
N LEU E 455 -1.71 19.46 64.63
CA LEU E 455 -2.82 20.15 65.30
C LEU E 455 -3.66 19.12 66.06
N ARG E 456 -3.11 18.61 67.18
CA ARG E 456 -3.69 17.43 67.81
C ARG E 456 -5.15 17.63 68.21
N ASN E 457 -5.47 18.78 68.81
CA ASN E 457 -6.83 19.08 69.23
C ASN E 457 -7.30 20.48 68.81
N ASN E 458 -6.53 21.15 67.94
CA ASN E 458 -6.83 22.51 67.52
C ASN E 458 -7.54 22.58 66.16
N ALA E 459 -7.84 21.44 65.54
CA ALA E 459 -8.57 21.44 64.29
C ALA E 459 -9.40 20.17 64.19
N LYS E 460 -10.43 20.23 63.34
CA LYS E 460 -11.27 19.09 63.01
C LYS E 460 -11.05 18.69 61.55
N GLU E 461 -10.95 17.39 61.31
CA GLU E 461 -10.76 16.89 59.96
C GLU E 461 -12.09 16.86 59.22
N ILE E 462 -12.17 17.56 58.07
CA ILE E 462 -13.39 17.59 57.27
C ILE E 462 -13.60 16.29 56.49
N GLY E 463 -12.53 15.55 56.20
CA GLY E 463 -12.61 14.32 55.43
C GLY E 463 -12.24 14.46 53.97
N ASN E 464 -12.22 15.68 53.43
CA ASN E 464 -11.82 15.95 52.06
C ASN E 464 -10.38 16.46 51.98
N GLY E 465 -9.52 16.06 52.92
CA GLY E 465 -8.19 16.62 53.01
C GLY E 465 -8.10 17.99 53.65
N CYS E 466 -9.16 18.47 54.27
CA CYS E 466 -9.17 19.79 54.87
C CYS E 466 -9.18 19.70 56.39
N PHE E 467 -8.72 20.79 57.03
CA PHE E 467 -8.81 20.96 58.46
C PHE E 467 -9.48 22.29 58.75
N GLU E 468 -10.42 22.27 59.70
CA GLU E 468 -11.12 23.46 60.16
C GLU E 468 -10.61 23.81 61.55
N PHE E 469 -10.03 25.01 61.68
CA PHE E 469 -9.44 25.46 62.94
C PHE E 469 -10.51 25.81 63.98
N TYR E 470 -10.31 25.32 65.22
CA TYR E 470 -11.13 25.76 66.34
C TYR E 470 -10.75 27.15 66.84
N HIS E 471 -9.60 27.68 66.42
CA HIS E 471 -9.12 29.01 66.76
C HIS E 471 -8.87 29.81 65.48
N LYS E 472 -8.21 30.96 65.64
CA LYS E 472 -7.96 31.87 64.52
C LYS E 472 -6.58 31.59 63.94
N CYS E 473 -6.50 31.49 62.62
CA CYS E 473 -5.23 31.27 61.93
C CYS E 473 -5.14 32.28 60.78
N ASP E 474 -4.22 33.23 60.92
CA ASP E 474 -4.04 34.28 59.91
C ASP E 474 -3.06 33.77 58.86
N ASN E 475 -2.60 34.67 57.99
CA ASN E 475 -1.70 34.26 56.90
C ASN E 475 -0.33 33.87 57.44
N GLU E 476 0.12 34.51 58.53
CA GLU E 476 1.38 34.09 59.14
C GLU E 476 1.23 32.74 59.85
N CYS E 477 0.10 32.53 60.52
CA CYS E 477 -0.18 31.23 61.14
C CYS E 477 -0.22 30.13 60.08
N MET E 478 -1.03 30.32 59.03
CA MET E 478 -0.97 29.49 57.82
C MET E 478 0.46 29.16 57.42
N GLU E 479 1.24 30.18 57.05
CA GLU E 479 2.61 29.95 56.58
C GLU E 479 3.45 29.17 57.60
N SER E 480 3.10 29.23 58.88
CA SER E 480 3.83 28.45 59.87
C SER E 480 3.50 26.96 59.74
N VAL E 481 2.24 26.62 59.50
CA VAL E 481 1.85 25.23 59.30
C VAL E 481 2.53 24.66 58.07
N LYS E 482 2.54 25.43 56.98
CA LYS E 482 3.21 25.04 55.73
C LYS E 482 4.72 24.90 55.92
N ASN E 483 5.36 25.87 56.60
CA ASN E 483 6.77 25.82 56.94
C ASN E 483 7.10 24.61 57.83
N GLY E 484 6.10 24.05 58.50
CA GLY E 484 6.32 22.98 59.46
C GLY E 484 6.68 23.45 60.85
N THR E 485 6.51 24.73 61.15
CA THR E 485 6.83 25.32 62.45
C THR E 485 5.55 25.93 63.00
N TYR E 486 4.69 25.09 63.58
CA TYR E 486 3.40 25.51 64.12
C TYR E 486 3.40 25.25 65.61
N ASN E 487 3.16 26.29 66.40
CA ASN E 487 3.27 26.23 67.86
C ASN E 487 1.94 25.76 68.43
N TYR E 488 1.90 24.50 68.88
CA TYR E 488 0.71 24.01 69.56
C TYR E 488 0.30 24.84 70.77
N PRO E 489 1.22 25.58 71.48
CA PRO E 489 0.75 26.57 72.47
C PRO E 489 -0.20 27.63 71.90
N LYS E 490 -1.32 27.16 71.35
CA LYS E 490 -2.42 27.97 70.85
C LYS E 490 -3.74 27.46 71.42
N TYR E 491 -3.67 26.67 72.49
CA TYR E 491 -4.83 26.07 73.12
C TYR E 491 -5.01 26.65 74.52
N ASP F 3 -56.78 61.20 14.91
CA ASP F 3 -55.36 61.06 14.63
C ASP F 3 -54.98 59.59 14.47
N THR F 4 -54.59 59.24 13.24
CA THR F 4 -54.42 57.86 12.83
C THR F 4 -53.03 57.65 12.24
N ILE F 5 -52.60 56.39 12.22
CA ILE F 5 -51.41 55.94 11.51
C ILE F 5 -51.73 54.60 10.87
N CYS F 6 -51.16 54.36 9.68
CA CYS F 6 -51.39 53.11 8.97
C CYS F 6 -50.05 52.52 8.59
N VAL F 7 -49.95 51.21 8.66
CA VAL F 7 -48.86 50.45 8.06
C VAL F 7 -49.28 50.04 6.65
N GLY F 8 -48.35 50.16 5.70
CA GLY F 8 -48.66 49.83 4.32
C GLY F 8 -47.40 49.58 3.50
N TYR F 9 -47.62 49.25 2.23
CA TYR F 9 -46.54 48.92 1.31
C TYR F 9 -46.68 49.74 0.04
N HIS F 10 -45.68 49.59 -0.84
CA HIS F 10 -45.48 50.40 -2.03
C HIS F 10 -46.27 49.85 -3.22
N ALA F 11 -46.73 50.78 -4.07
CA ALA F 11 -47.32 50.46 -5.35
C ALA F 11 -46.87 51.49 -6.37
N ASN F 12 -46.80 51.10 -7.63
CA ASN F 12 -46.35 52.00 -8.68
C ASN F 12 -47.10 51.66 -9.98
N ASN F 13 -46.63 52.23 -11.09
CA ASN F 13 -47.31 52.07 -12.38
C ASN F 13 -46.72 50.94 -13.22
N SER F 14 -45.97 50.01 -12.61
CA SER F 14 -45.28 48.96 -13.36
C SER F 14 -46.24 47.89 -13.84
N THR F 15 -46.03 47.44 -15.08
CA THR F 15 -46.81 46.39 -15.70
C THR F 15 -46.05 45.07 -15.77
N ASP F 16 -44.90 44.98 -15.10
CA ASP F 16 -44.09 43.76 -15.13
C ASP F 16 -44.86 42.57 -14.55
N THR F 17 -44.87 41.45 -15.27
CA THR F 17 -45.50 40.22 -14.80
C THR F 17 -44.43 39.17 -14.54
N VAL F 18 -44.63 38.37 -13.50
CA VAL F 18 -43.75 37.25 -13.21
C VAL F 18 -44.61 36.04 -12.90
N ASP F 19 -44.04 34.88 -13.14
CA ASP F 19 -44.67 33.59 -12.90
C ASP F 19 -44.13 33.04 -11.58
N THR F 20 -45.01 32.39 -10.82
CA THR F 20 -44.59 31.74 -9.59
C THR F 20 -45.15 30.33 -9.58
N ILE F 21 -44.69 29.53 -8.62
CA ILE F 21 -45.11 28.14 -8.56
C ILE F 21 -46.62 28.02 -8.33
N LEU F 22 -47.23 28.99 -7.62
CA LEU F 22 -48.65 28.94 -7.30
C LEU F 22 -49.53 29.76 -8.24
N GLU F 23 -49.00 30.78 -8.90
CA GLU F 23 -49.80 31.67 -9.73
C GLU F 23 -48.97 32.17 -10.89
N LYS F 24 -49.59 32.31 -12.06
CA LYS F 24 -48.89 32.84 -13.21
C LYS F 24 -49.29 34.30 -13.47
N ASN F 25 -48.39 35.01 -14.14
CA ASN F 25 -48.59 36.41 -14.54
C ASN F 25 -49.06 37.27 -13.36
N VAL F 26 -48.15 37.45 -12.42
CA VAL F 26 -48.40 38.26 -11.23
C VAL F 26 -47.68 39.58 -11.40
N THR F 27 -48.42 40.69 -11.29
CA THR F 27 -47.85 42.01 -11.47
C THR F 27 -47.10 42.45 -10.20
N VAL F 28 -45.84 42.88 -10.38
CA VAL F 28 -44.96 43.23 -9.28
C VAL F 28 -44.37 44.62 -9.47
N THR F 29 -43.96 45.23 -8.35
CA THR F 29 -43.46 46.60 -8.37
C THR F 29 -42.05 46.71 -8.93
N HIS F 30 -41.20 45.70 -8.71
CA HIS F 30 -39.84 45.67 -9.23
C HIS F 30 -39.47 44.25 -9.67
N SER F 31 -38.61 44.17 -10.68
CA SER F 31 -38.17 42.86 -11.14
C SER F 31 -36.94 43.04 -12.01
N VAL F 32 -36.24 41.93 -12.25
CA VAL F 32 -35.05 41.93 -13.06
C VAL F 32 -35.17 40.77 -14.06
N ASN F 33 -34.93 41.08 -15.34
CA ASN F 33 -34.91 40.06 -16.38
C ASN F 33 -33.55 39.38 -16.38
N LEU F 34 -33.55 38.05 -16.36
CA LEU F 34 -32.33 37.26 -16.40
C LEU F 34 -32.06 36.62 -17.76
N LEU F 35 -32.85 36.95 -18.78
CA LEU F 35 -32.77 36.30 -20.08
C LEU F 35 -32.48 37.33 -21.16
N GLU F 36 -31.39 37.11 -21.90
CA GLU F 36 -31.12 37.89 -23.11
C GLU F 36 -31.76 37.18 -24.29
N ASN F 37 -32.60 37.89 -25.04
CA ASN F 37 -33.27 37.30 -26.18
C ASN F 37 -33.00 38.07 -27.47
N SER F 38 -31.96 38.89 -27.50
CA SER F 38 -31.66 39.69 -28.68
C SER F 38 -30.16 39.73 -28.93
N HIS F 39 -29.81 40.05 -30.16
CA HIS F 39 -28.42 40.18 -30.59
C HIS F 39 -28.33 41.34 -31.57
N ASN F 40 -27.12 41.76 -31.89
CA ASN F 40 -26.95 42.93 -32.77
C ASN F 40 -26.82 42.56 -34.24
N GLY F 41 -27.03 41.30 -34.60
CA GLY F 41 -27.03 40.88 -35.99
C GLY F 41 -25.72 41.06 -36.74
N LYS F 42 -24.62 41.23 -36.03
CA LYS F 42 -23.30 41.45 -36.61
C LYS F 42 -22.34 40.45 -36.02
N LEU F 43 -21.33 40.10 -36.81
CA LEU F 43 -20.17 39.40 -36.28
C LEU F 43 -19.18 40.47 -35.84
N CYS F 44 -18.78 40.41 -34.57
CA CYS F 44 -17.93 41.43 -33.99
C CYS F 44 -16.55 40.85 -33.67
N SER F 45 -15.62 41.74 -33.38
CA SER F 45 -14.36 41.34 -32.79
C SER F 45 -14.62 40.88 -31.36
N LEU F 46 -13.86 39.89 -30.92
CA LEU F 46 -13.98 39.42 -29.55
C LEU F 46 -12.92 40.15 -28.70
N ASN F 47 -13.39 41.02 -27.80
CA ASN F 47 -12.52 41.78 -26.90
C ASN F 47 -11.44 42.54 -27.65
N GLY F 48 -11.78 43.02 -28.85
CA GLY F 48 -10.88 43.80 -29.66
C GLY F 48 -10.14 43.05 -30.76
N LYS F 49 -10.27 41.73 -30.86
CA LYS F 49 -9.51 40.97 -31.86
C LYS F 49 -10.44 40.50 -32.96
N ILE F 50 -10.17 40.91 -34.20
CA ILE F 50 -11.04 40.59 -35.33
C ILE F 50 -11.05 39.09 -35.55
N PRO F 51 -12.16 38.54 -36.04
CA PRO F 51 -12.17 37.15 -36.49
C PRO F 51 -11.50 37.04 -37.85
N LEU F 52 -11.23 35.80 -38.24
CA LEU F 52 -10.70 35.47 -39.57
C LEU F 52 -11.88 35.03 -40.44
N GLN F 53 -12.18 35.80 -41.47
N GLN F 53 -12.20 35.84 -41.44
CA GLN F 53 -13.28 35.49 -42.38
CA GLN F 53 -13.22 35.49 -42.41
C GLN F 53 -12.74 34.69 -43.56
C GLN F 53 -12.58 34.63 -43.48
N LEU F 54 -13.02 33.39 -43.59
CA LEU F 54 -12.54 32.55 -44.69
C LEU F 54 -13.19 32.94 -46.01
N GLY F 55 -14.37 33.56 -45.97
CA GLY F 55 -15.03 34.06 -47.17
C GLY F 55 -15.40 32.93 -48.12
N ASN F 56 -14.94 33.03 -49.37
CA ASN F 56 -15.20 32.02 -50.38
C ASN F 56 -14.31 30.80 -50.19
N CYS F 57 -13.43 30.81 -49.20
CA CYS F 57 -12.56 29.67 -48.97
C CYS F 57 -13.05 28.86 -47.78
N ASN F 58 -12.79 27.58 -47.80
CA ASN F 58 -12.93 26.77 -46.61
C ASN F 58 -11.55 26.52 -46.03
N VAL F 59 -11.49 25.78 -44.92
CA VAL F 59 -10.22 25.57 -44.23
C VAL F 59 -9.20 24.90 -45.15
N ALA F 60 -9.64 23.90 -45.93
CA ALA F 60 -8.73 23.25 -46.84
C ALA F 60 -8.10 24.25 -47.80
N GLY F 61 -8.93 25.08 -48.45
CA GLY F 61 -8.38 26.06 -49.39
C GLY F 61 -7.44 27.03 -48.69
N TRP F 62 -7.76 27.39 -47.46
CA TRP F 62 -6.91 28.24 -46.66
C TRP F 62 -5.56 27.59 -46.39
N ILE F 63 -5.59 26.38 -45.81
CA ILE F 63 -4.37 25.73 -45.32
C ILE F 63 -3.49 25.29 -46.49
N LEU F 64 -4.09 24.69 -47.52
CA LEU F 64 -3.34 24.31 -48.71
C LEU F 64 -2.75 25.52 -49.41
N GLY F 65 -3.43 26.66 -49.32
CA GLY F 65 -3.00 27.84 -50.04
C GLY F 65 -3.51 27.84 -51.46
N ASN F 66 -4.78 27.48 -51.63
CA ASN F 66 -5.44 27.65 -52.91
C ASN F 66 -5.20 29.07 -53.42
N PRO F 67 -4.78 29.25 -54.68
CA PRO F 67 -4.52 30.62 -55.15
C PRO F 67 -5.70 31.57 -54.95
N LYS F 68 -6.94 31.07 -54.99
CA LYS F 68 -8.10 31.92 -54.74
C LYS F 68 -8.21 32.39 -53.27
N CYS F 69 -7.33 31.94 -52.40
CA CYS F 69 -7.37 32.29 -50.98
C CYS F 69 -6.21 33.18 -50.57
N ASP F 70 -5.59 33.88 -51.54
CA ASP F 70 -4.39 34.67 -51.25
C ASP F 70 -4.65 35.77 -50.22
N LEU F 71 -5.90 36.21 -50.09
CA LEU F 71 -6.28 37.13 -49.01
C LEU F 71 -5.80 36.66 -47.66
N LEU F 72 -5.66 35.36 -47.47
CA LEU F 72 -5.46 34.78 -46.16
C LEU F 72 -4.00 34.51 -45.80
N LEU F 73 -3.06 34.69 -46.73
CA LEU F 73 -1.67 34.26 -46.48
C LEU F 73 -1.01 34.99 -45.30
N THR F 74 -1.26 36.29 -45.12
CA THR F 74 -0.65 37.00 -44.00
C THR F 74 -1.42 36.86 -42.70
N ALA F 75 -2.49 36.06 -42.66
CA ALA F 75 -3.32 35.98 -41.48
C ALA F 75 -2.59 35.20 -40.40
N ASN F 76 -2.31 35.85 -39.30
CA ASN F 76 -1.57 35.20 -38.25
C ASN F 76 -2.23 35.29 -36.89
N SER F 77 -3.29 36.11 -36.72
CA SER F 77 -3.88 36.33 -35.41
C SER F 77 -5.35 36.70 -35.57
N TRP F 78 -6.23 35.96 -34.90
CA TRP F 78 -7.67 36.15 -34.98
C TRP F 78 -8.32 35.71 -33.66
N SER F 79 -9.59 36.09 -33.47
CA SER F 79 -10.33 35.66 -32.30
C SER F 79 -11.17 34.39 -32.54
N TYR F 80 -11.70 34.20 -33.73
CA TYR F 80 -12.38 32.98 -34.11
C TYR F 80 -12.41 32.93 -35.63
N ILE F 81 -12.77 31.78 -36.18
CA ILE F 81 -12.77 31.55 -37.61
C ILE F 81 -14.22 31.47 -38.08
N ILE F 82 -14.51 32.13 -39.20
CA ILE F 82 -15.84 32.16 -39.78
C ILE F 82 -15.80 31.42 -41.12
N GLU F 83 -16.69 30.46 -41.29
CA GLU F 83 -17.00 29.84 -42.57
C GLU F 83 -18.41 30.24 -42.96
N THR F 84 -18.61 30.60 -44.22
CA THR F 84 -19.91 31.02 -44.74
C THR F 84 -20.49 29.93 -45.64
N SER F 85 -21.69 30.18 -46.15
CA SER F 85 -22.29 29.30 -47.15
C SER F 85 -21.56 29.28 -48.47
N ASN F 86 -20.64 30.23 -48.71
CA ASN F 86 -19.88 30.29 -49.95
C ASN F 86 -18.45 29.83 -49.76
N SER F 87 -18.13 29.25 -48.59
CA SER F 87 -16.80 28.74 -48.31
C SER F 87 -16.66 27.42 -49.08
N LYS F 88 -16.46 27.55 -50.39
CA LYS F 88 -16.40 26.39 -51.27
C LYS F 88 -15.03 26.18 -51.92
N ASN F 89 -14.14 27.18 -51.89
CA ASN F 89 -12.80 27.06 -52.49
C ASN F 89 -11.88 26.27 -51.57
N GLY F 90 -11.59 25.03 -51.95
CA GLY F 90 -10.77 24.16 -51.14
C GLY F 90 -9.59 23.60 -51.91
N ALA F 91 -9.61 22.29 -52.12
CA ALA F 91 -8.59 21.63 -52.94
C ALA F 91 -8.89 21.93 -54.40
N CYS F 92 -8.15 22.87 -55.00
CA CYS F 92 -8.42 23.15 -56.40
C CYS F 92 -8.01 21.97 -57.28
N TYR F 93 -6.92 21.29 -56.96
CA TYR F 93 -6.65 20.01 -57.61
C TYR F 93 -7.40 18.94 -56.83
N PRO F 94 -8.30 18.20 -57.46
CA PRO F 94 -9.26 17.42 -56.69
C PRO F 94 -8.57 16.36 -55.83
N GLY F 95 -9.17 16.09 -54.70
CA GLY F 95 -8.70 15.08 -53.79
C GLY F 95 -9.16 15.36 -52.39
N GLU F 96 -8.92 14.37 -51.52
CA GLU F 96 -9.39 14.38 -50.15
C GLU F 96 -8.28 14.78 -49.19
N PHE F 97 -8.67 15.51 -48.16
CA PHE F 97 -7.83 15.81 -47.01
C PHE F 97 -8.09 14.67 -46.03
N ALA F 98 -7.06 13.94 -45.61
CA ALA F 98 -7.27 12.95 -44.54
C ALA F 98 -7.51 13.64 -43.19
N ASP F 99 -8.40 13.05 -42.37
CA ASP F 99 -8.70 13.52 -41.02
C ASP F 99 -8.98 15.03 -41.01
N TYR F 100 -9.88 15.45 -41.90
CA TYR F 100 -10.13 16.86 -42.12
C TYR F 100 -10.81 17.49 -40.91
N GLU F 101 -11.77 16.78 -40.31
CA GLU F 101 -12.46 17.33 -39.14
C GLU F 101 -11.51 17.46 -37.95
N GLU F 102 -10.56 16.52 -37.81
CA GLU F 102 -9.53 16.64 -36.78
C GLU F 102 -8.63 17.85 -37.04
N LEU F 103 -8.19 18.05 -38.28
CA LEU F 103 -7.44 19.26 -38.62
C LEU F 103 -8.21 20.51 -38.19
N LYS F 104 -9.50 20.57 -38.53
CA LYS F 104 -10.32 21.72 -38.14
C LYS F 104 -10.41 21.85 -36.63
N GLU F 105 -10.56 20.73 -35.92
CA GLU F 105 -10.60 20.81 -34.46
C GLU F 105 -9.30 21.37 -33.91
N GLN F 106 -8.19 20.99 -34.51
CA GLN F 106 -6.89 21.51 -34.08
C GLN F 106 -6.81 23.01 -34.32
N LEU F 107 -7.17 23.47 -35.52
CA LEU F 107 -7.08 24.89 -35.82
C LEU F 107 -8.05 25.73 -34.98
N SER F 108 -9.15 25.14 -34.51
CA SER F 108 -10.17 25.91 -33.81
C SER F 108 -9.68 26.50 -32.48
N THR F 109 -8.60 25.98 -31.90
CA THR F 109 -8.02 26.60 -30.70
C THR F 109 -6.72 27.38 -30.99
N VAL F 110 -6.38 27.62 -32.25
CA VAL F 110 -5.12 28.29 -32.58
C VAL F 110 -5.30 29.77 -32.33
N SER F 111 -4.38 30.35 -31.56
CA SER F 111 -4.40 31.78 -31.31
C SER F 111 -3.34 32.54 -32.06
N SER F 112 -2.27 31.88 -32.48
CA SER F 112 -1.22 32.48 -33.29
C SER F 112 -0.77 31.45 -34.32
N PHE F 113 -0.54 31.94 -35.53
CA PHE F 113 -0.27 31.14 -36.71
C PHE F 113 0.87 31.82 -37.42
N GLU F 114 2.02 31.16 -37.57
CA GLU F 114 3.18 31.80 -38.22
C GLU F 114 3.59 30.95 -39.41
N ARG F 115 3.30 31.45 -40.60
CA ARG F 115 3.68 30.74 -41.82
C ARG F 115 5.15 30.93 -42.11
N PHE F 116 5.86 29.84 -42.39
CA PHE F 116 7.27 29.93 -42.74
C PHE F 116 7.59 28.93 -43.86
N GLU F 117 8.70 29.21 -44.55
CA GLU F 117 9.11 28.41 -45.70
C GLU F 117 9.90 27.19 -45.19
N ILE F 118 9.17 26.12 -44.87
CA ILE F 118 9.81 24.95 -44.24
C ILE F 118 10.88 24.34 -45.15
N PHE F 119 10.57 24.14 -46.43
CA PHE F 119 11.52 23.63 -47.42
C PHE F 119 11.64 24.68 -48.50
N PRO F 120 12.62 25.58 -48.40
CA PRO F 120 12.72 26.65 -49.41
C PRO F 120 12.81 26.04 -50.80
N LYS F 121 12.01 26.59 -51.71
CA LYS F 121 11.88 26.04 -53.05
C LYS F 121 13.19 26.15 -53.82
N ALA F 122 13.90 27.26 -53.63
CA ALA F 122 15.08 27.55 -54.44
C ALA F 122 16.27 26.64 -54.13
N THR F 123 16.31 26.02 -52.95
CA THR F 123 17.51 25.28 -52.54
C THR F 123 17.23 23.85 -52.06
N SER F 124 15.98 23.48 -51.78
CA SER F 124 15.76 22.20 -51.13
C SER F 124 15.88 21.01 -52.07
N TRP F 125 15.72 21.24 -53.37
CA TRP F 125 15.52 20.15 -54.32
C TRP F 125 16.45 20.31 -55.53
N PRO F 126 17.76 20.26 -55.33
CA PRO F 126 18.69 20.50 -56.46
C PRO F 126 18.64 19.42 -57.52
N ASN F 127 18.26 18.19 -57.18
CA ASN F 127 18.27 17.10 -58.14
C ASN F 127 16.91 16.86 -58.80
N HIS F 128 15.92 17.72 -58.56
CA HIS F 128 14.60 17.60 -59.15
C HIS F 128 14.17 18.94 -59.71
N ASP F 129 13.07 18.94 -60.46
CA ASP F 129 12.58 20.15 -61.12
C ASP F 129 11.42 20.74 -60.29
N THR F 130 11.61 21.98 -59.85
CA THR F 130 10.63 22.67 -59.00
C THR F 130 9.83 23.70 -59.78
N THR F 131 9.98 23.75 -61.10
CA THR F 131 9.46 24.86 -61.91
C THR F 131 8.26 24.50 -62.77
N ARG F 132 7.77 23.25 -62.74
CA ARG F 132 6.75 22.82 -63.68
C ARG F 132 5.50 22.27 -63.01
N GLY F 133 5.41 22.34 -61.69
CA GLY F 133 4.25 21.76 -61.05
C GLY F 133 3.05 22.70 -60.96
N THR F 134 2.49 23.06 -62.11
CA THR F 134 1.34 23.94 -62.20
C THR F 134 0.23 23.23 -62.97
N THR F 135 -0.99 23.73 -62.84
CA THR F 135 -2.12 23.05 -63.45
C THR F 135 -3.23 24.05 -63.73
N VAL F 136 -4.00 23.77 -64.78
CA VAL F 136 -5.18 24.56 -65.12
C VAL F 136 -6.24 24.49 -64.03
N ALA F 137 -6.23 23.44 -63.19
CA ALA F 137 -7.20 23.32 -62.11
C ALA F 137 -6.99 24.38 -61.03
N CYS F 138 -5.76 24.85 -60.87
CA CYS F 138 -5.49 25.86 -59.86
C CYS F 138 -5.11 27.13 -60.60
N SER F 139 -5.89 27.46 -61.62
CA SER F 139 -5.60 28.62 -62.44
C SER F 139 -5.74 29.89 -61.61
N HIS F 140 -4.88 30.85 -61.90
CA HIS F 140 -4.92 32.14 -61.21
C HIS F 140 -4.58 33.23 -62.21
N SER F 141 -5.49 34.20 -62.33
CA SER F 141 -5.33 35.35 -63.22
C SER F 141 -4.93 34.92 -64.63
N GLY F 142 -5.52 33.82 -65.09
CA GLY F 142 -5.37 33.35 -66.45
C GLY F 142 -4.14 32.54 -66.77
N ALA F 143 -3.41 32.03 -65.77
CA ALA F 143 -2.27 31.16 -66.00
C ALA F 143 -2.34 29.96 -65.05
N ASN F 144 -1.87 28.81 -65.52
CA ASN F 144 -1.80 27.63 -64.65
C ASN F 144 -0.95 27.94 -63.43
N SER F 145 -1.41 27.49 -62.28
CA SER F 145 -0.76 27.79 -61.02
C SER F 145 -0.90 26.59 -60.10
N PHE F 146 -0.69 26.80 -58.81
CA PHE F 146 -0.71 25.72 -57.83
C PHE F 146 -0.80 26.33 -56.44
N TYR F 147 -0.98 25.46 -55.45
CA TYR F 147 -1.05 25.87 -54.06
C TYR F 147 0.17 26.70 -53.69
N ARG F 148 -0.04 27.66 -52.78
CA ARG F 148 1.05 28.48 -52.27
C ARG F 148 1.87 27.74 -51.22
N ASN F 149 1.31 26.69 -50.65
CA ASN F 149 1.95 26.06 -49.51
C ASN F 149 2.52 24.71 -49.83
N LEU F 150 2.33 24.23 -51.05
CA LEU F 150 2.83 22.93 -51.48
C LEU F 150 3.64 23.13 -52.73
N LEU F 151 4.56 22.20 -52.97
CA LEU F 151 5.42 22.28 -54.15
C LEU F 151 5.27 20.99 -54.96
N TRP F 152 4.79 21.12 -56.19
CA TRP F 152 4.62 19.96 -57.06
C TRP F 152 5.95 19.67 -57.76
N ILE F 153 6.73 18.77 -57.19
CA ILE F 153 8.05 18.44 -57.70
C ILE F 153 7.91 17.39 -58.80
N VAL F 154 8.60 17.61 -59.93
CA VAL F 154 8.64 16.63 -61.02
C VAL F 154 10.08 16.31 -61.36
N LYS F 155 10.24 15.37 -62.29
CA LYS F 155 11.56 14.88 -62.66
C LYS F 155 12.38 15.98 -63.32
N LYS F 156 13.69 15.95 -63.10
CA LYS F 156 14.63 16.86 -63.74
C LYS F 156 15.24 16.14 -64.93
N GLY F 157 15.01 16.65 -66.13
CA GLY F 157 15.39 15.95 -67.34
C GLY F 157 14.54 14.71 -67.48
N ASN F 158 15.19 13.54 -67.50
CA ASN F 158 14.50 12.27 -67.56
C ASN F 158 14.84 11.38 -66.36
N SER F 159 15.18 12.01 -65.24
CA SER F 159 15.56 11.31 -64.03
C SER F 159 14.84 11.93 -62.84
N TYR F 160 14.27 11.08 -61.99
CA TYR F 160 13.69 11.47 -60.71
C TYR F 160 14.39 10.60 -59.68
N PRO F 161 15.53 11.03 -59.17
CA PRO F 161 16.23 10.23 -58.16
C PRO F 161 15.47 10.17 -56.85
N LYS F 162 15.86 9.19 -56.02
CA LYS F 162 15.25 9.01 -54.71
C LYS F 162 15.38 10.30 -53.91
N LEU F 163 14.24 10.85 -53.52
CA LEU F 163 14.17 12.09 -52.77
C LEU F 163 14.13 11.80 -51.27
N SER F 164 14.92 12.56 -50.51
CA SER F 164 14.92 12.43 -49.06
C SER F 164 15.13 13.80 -48.43
N LYS F 165 14.24 14.19 -47.53
CA LYS F 165 14.30 15.52 -46.93
C LYS F 165 13.75 15.48 -45.52
N SER F 166 14.51 16.05 -44.59
CA SER F 166 14.13 16.09 -43.19
C SER F 166 13.97 17.52 -42.71
N TYR F 167 13.03 17.70 -41.79
CA TYR F 167 12.85 18.97 -41.11
C TYR F 167 12.70 18.68 -39.63
N THR F 168 13.55 19.32 -38.82
CA THR F 168 13.48 19.23 -37.37
C THR F 168 12.85 20.52 -36.83
N ASN F 169 11.75 20.37 -36.09
CA ASN F 169 11.04 21.50 -35.51
C ASN F 169 11.88 22.12 -34.40
N ASN F 170 12.36 23.34 -34.65
CA ASN F 170 13.06 24.14 -33.65
C ASN F 170 12.38 25.47 -33.42
N LYS F 171 11.06 25.50 -33.60
CA LYS F 171 10.27 26.73 -33.47
C LYS F 171 9.89 27.03 -32.03
N GLY F 172 10.06 26.08 -31.11
CA GLY F 172 9.52 26.24 -29.77
C GLY F 172 8.02 26.17 -29.66
N LYS F 173 7.34 25.66 -30.70
CA LYS F 173 5.89 25.50 -30.76
C LYS F 173 5.65 24.32 -31.68
N GLU F 174 4.43 23.76 -31.63
CA GLU F 174 4.12 22.72 -32.60
C GLU F 174 3.98 23.34 -33.99
N VAL F 175 4.35 22.56 -34.99
CA VAL F 175 4.34 22.98 -36.39
C VAL F 175 3.34 22.14 -37.15
N LEU F 176 2.45 22.79 -37.87
CA LEU F 176 1.54 22.12 -38.80
C LEU F 176 2.22 21.93 -40.15
N VAL F 177 2.40 20.69 -40.56
CA VAL F 177 3.03 20.33 -41.84
C VAL F 177 1.94 19.73 -42.73
N ILE F 178 1.86 20.21 -43.98
CA ILE F 178 0.91 19.74 -44.99
CA ILE F 178 0.93 19.67 -44.96
C ILE F 178 1.70 19.22 -46.19
N TRP F 179 1.21 18.16 -46.83
CA TRP F 179 1.81 17.63 -48.05
C TRP F 179 0.75 16.83 -48.81
N GLY F 180 1.13 16.31 -49.96
CA GLY F 180 0.18 15.57 -50.79
C GLY F 180 0.86 14.44 -51.53
N VAL F 181 0.04 13.50 -51.99
CA VAL F 181 0.49 12.38 -52.81
C VAL F 181 -0.38 12.36 -54.06
N HIS F 182 0.28 12.37 -55.21
CA HIS F 182 -0.38 12.54 -56.50
C HIS F 182 -0.64 11.18 -57.13
N HIS F 183 -1.86 10.99 -57.64
CA HIS F 183 -2.24 9.76 -58.34
C HIS F 183 -2.61 10.12 -59.77
N PRO F 184 -1.68 10.01 -60.72
CA PRO F 184 -1.98 10.38 -62.12
C PRO F 184 -3.06 9.50 -62.71
N PRO F 185 -3.76 9.98 -63.74
CA PRO F 185 -4.83 9.16 -64.34
C PRO F 185 -4.34 8.09 -65.30
N THR F 186 -3.11 8.19 -65.81
CA THR F 186 -2.59 7.19 -66.74
C THR F 186 -1.12 6.93 -66.47
N ASP F 187 -0.66 5.78 -66.97
CA ASP F 187 0.76 5.43 -66.89
C ASP F 187 1.63 6.44 -67.63
N SER F 188 1.13 7.00 -68.73
CA SER F 188 1.91 8.00 -69.46
C SER F 188 2.14 9.23 -68.60
N ASP F 189 1.10 9.66 -67.87
CA ASP F 189 1.26 10.80 -66.96
C ASP F 189 2.24 10.47 -65.82
N GLN F 190 2.18 9.25 -65.29
CA GLN F 190 3.15 8.83 -64.28
C GLN F 190 4.59 9.00 -64.78
N GLN F 191 4.87 8.46 -65.98
CA GLN F 191 6.21 8.55 -66.55
C GLN F 191 6.57 9.98 -66.94
N THR F 192 5.63 10.71 -67.55
CA THR F 192 5.90 12.09 -67.94
C THR F 192 6.32 12.94 -66.74
N LEU F 193 5.65 12.76 -65.61
CA LEU F 193 5.88 13.58 -64.43
C LEU F 193 7.03 13.05 -63.56
N TYR F 194 7.11 11.73 -63.37
CA TYR F 194 7.96 11.15 -62.34
C TYR F 194 8.96 10.12 -62.84
N GLN F 195 8.95 9.82 -64.16
CA GLN F 195 9.85 8.87 -64.83
C GLN F 195 9.63 7.44 -64.36
N ASN F 196 9.79 7.22 -63.06
CA ASN F 196 9.65 5.89 -62.50
C ASN F 196 8.18 5.50 -62.42
N ASN F 197 7.94 4.20 -62.46
CA ASN F 197 6.64 3.62 -62.16
C ASN F 197 6.80 2.80 -60.88
N HIS F 198 5.69 2.36 -60.32
CA HIS F 198 5.68 1.68 -59.03
C HIS F 198 6.46 2.49 -57.98
N THR F 199 6.03 3.73 -57.77
CA THR F 199 6.73 4.60 -56.84
C THR F 199 6.17 4.47 -55.42
N TYR F 200 6.85 5.12 -54.46
CA TYR F 200 6.32 5.18 -53.11
C TYR F 200 6.59 6.58 -52.55
N VAL F 201 5.78 6.97 -51.56
CA VAL F 201 6.00 8.17 -50.77
C VAL F 201 5.87 7.76 -49.31
N SER F 202 6.89 8.05 -48.53
CA SER F 202 6.85 7.72 -47.10
C SER F 202 7.18 8.97 -46.31
N VAL F 203 6.38 9.20 -45.27
CA VAL F 203 6.52 10.33 -44.38
C VAL F 203 6.57 9.80 -42.97
N GLY F 204 7.59 10.21 -42.22
CA GLY F 204 7.77 9.69 -40.87
C GLY F 204 8.25 10.71 -39.86
N SER F 205 7.74 10.61 -38.64
CA SER F 205 8.32 11.30 -37.50
C SER F 205 8.35 10.30 -36.36
N SER F 206 8.62 10.77 -35.14
CA SER F 206 8.58 9.85 -34.02
C SER F 206 7.15 9.53 -33.59
N LYS F 207 6.16 10.28 -34.06
CA LYS F 207 4.77 9.99 -33.73
C LYS F 207 3.90 9.77 -34.96
N TYR F 208 4.51 9.65 -36.14
CA TYR F 208 3.76 9.59 -37.39
C TYR F 208 4.52 8.72 -38.39
N TYR F 209 3.80 7.83 -39.07
CA TYR F 209 4.41 7.08 -40.16
C TYR F 209 3.35 6.62 -41.15
N LYS F 210 3.60 6.89 -42.43
CA LYS F 210 2.69 6.47 -43.50
C LYS F 210 3.51 6.27 -44.75
N ARG F 211 3.38 5.09 -45.37
CA ARG F 211 4.05 4.80 -46.65
C ARG F 211 2.97 4.51 -47.67
N LEU F 212 2.95 5.29 -48.74
CA LEU F 212 1.90 5.18 -49.74
C LEU F 212 2.52 4.78 -51.07
N THR F 213 1.86 3.85 -51.75
CA THR F 213 2.16 3.53 -53.13
C THR F 213 1.07 4.16 -54.02
N PRO F 214 1.38 5.20 -54.76
CA PRO F 214 0.39 5.81 -55.65
C PRO F 214 -0.17 4.81 -56.63
N GLU F 215 -1.49 4.86 -56.82
CA GLU F 215 -2.16 4.02 -57.80
C GLU F 215 -2.55 4.88 -58.99
N ILE F 216 -2.42 4.31 -60.18
CA ILE F 216 -2.81 4.97 -61.41
C ILE F 216 -4.27 4.60 -61.70
N VAL F 217 -5.16 5.58 -61.68
CA VAL F 217 -6.56 5.34 -61.99
C VAL F 217 -7.17 6.63 -62.55
N ALA F 218 -7.97 6.50 -63.59
CA ALA F 218 -8.67 7.64 -64.17
C ALA F 218 -10.00 7.81 -63.46
N ARG F 219 -10.10 8.83 -62.62
CA ARG F 219 -11.33 9.17 -61.92
C ARG F 219 -12.14 10.14 -62.77
N PRO F 220 -13.41 10.38 -62.42
CA PRO F 220 -14.20 11.34 -63.19
C PRO F 220 -13.59 12.73 -63.09
N LYS F 221 -13.70 13.47 -64.21
CA LYS F 221 -12.98 14.73 -64.34
C LYS F 221 -13.59 15.80 -63.45
N VAL F 222 -12.75 16.40 -62.63
CA VAL F 222 -13.08 17.58 -61.83
C VAL F 222 -12.08 18.64 -62.22
N ARG F 223 -12.57 19.79 -62.71
CA ARG F 223 -11.69 20.86 -63.17
C ARG F 223 -10.66 20.32 -64.16
N GLU F 224 -11.14 19.53 -65.13
CA GLU F 224 -10.37 18.92 -66.21
C GLU F 224 -9.44 17.82 -65.74
N GLN F 225 -9.40 17.50 -64.46
CA GLN F 225 -8.44 16.55 -63.90
C GLN F 225 -9.10 15.20 -63.64
N ALA F 226 -8.61 14.16 -64.32
CA ALA F 226 -8.97 12.79 -64.02
C ALA F 226 -8.06 12.19 -62.96
N GLY F 227 -6.94 12.83 -62.65
CA GLY F 227 -6.12 12.41 -61.54
C GLY F 227 -6.62 12.98 -60.22
N ARG F 228 -5.91 12.62 -59.14
CA ARG F 228 -6.28 13.02 -57.79
C ARG F 228 -5.02 13.26 -56.98
N MET F 229 -5.13 14.15 -56.01
CA MET F 229 -4.10 14.35 -54.99
C MET F 229 -4.77 14.14 -53.64
N ASN F 230 -4.22 13.25 -52.82
CA ASN F 230 -4.69 13.07 -51.47
C ASN F 230 -3.82 13.93 -50.56
N TYR F 231 -4.45 14.72 -49.69
CA TYR F 231 -3.71 15.66 -48.87
C TYR F 231 -3.59 15.13 -47.46
N TYR F 232 -2.48 15.44 -46.81
CA TYR F 232 -2.19 14.94 -45.47
C TYR F 232 -1.60 16.05 -44.62
N TRP F 233 -1.69 15.87 -43.30
CA TRP F 233 -1.15 16.86 -42.41
C TRP F 233 -0.71 16.15 -41.15
N THR F 234 0.21 16.76 -40.42
CA THR F 234 0.50 16.28 -39.08
C THR F 234 1.04 17.45 -38.25
N LEU F 235 0.93 17.32 -36.94
CA LEU F 235 1.45 18.33 -36.02
C LEU F 235 2.77 17.82 -35.49
N LEU F 236 3.84 18.53 -35.79
CA LEU F 236 5.20 18.14 -35.40
C LEU F 236 5.57 18.87 -34.10
N ASP F 237 6.00 18.10 -33.11
CA ASP F 237 6.41 18.63 -31.82
C ASP F 237 7.80 19.26 -31.86
N GLN F 238 8.02 20.23 -30.96
CA GLN F 238 9.35 20.82 -30.78
C GLN F 238 10.39 19.72 -30.56
N GLY F 239 11.47 19.76 -31.33
CA GLY F 239 12.51 18.78 -31.23
C GLY F 239 12.31 17.53 -32.03
N ASP F 240 11.13 17.31 -32.58
CA ASP F 240 10.87 16.15 -33.40
C ASP F 240 11.22 16.44 -34.87
N THR F 241 11.49 15.37 -35.61
CA THR F 241 11.97 15.45 -36.98
C THR F 241 10.99 14.74 -37.90
N ILE F 242 10.58 15.42 -38.98
CA ILE F 242 9.75 14.80 -39.99
C ILE F 242 10.62 14.56 -41.23
N THR F 243 10.47 13.36 -41.81
CA THR F 243 11.30 12.90 -42.92
C THR F 243 10.42 12.46 -44.09
N PHE F 244 10.69 13.03 -45.26
CA PHE F 244 10.00 12.69 -46.48
C PHE F 244 10.92 11.84 -47.35
N GLU F 245 10.36 10.79 -47.95
CA GLU F 245 11.14 9.98 -48.89
C GLU F 245 10.23 9.54 -50.02
N ALA F 246 10.69 9.69 -51.27
CA ALA F 246 9.80 9.45 -52.39
C ALA F 246 10.61 9.09 -53.62
N THR F 247 10.05 8.21 -54.45
CA THR F 247 10.58 7.98 -55.79
C THR F 247 9.66 8.57 -56.85
N GLY F 248 8.70 9.39 -56.43
CA GLY F 248 7.79 10.09 -57.30
C GLY F 248 6.56 10.51 -56.53
N ASN F 249 5.73 11.33 -57.18
CA ASN F 249 4.37 11.60 -56.75
C ASN F 249 4.26 12.40 -55.44
N LEU F 250 5.35 13.03 -55.00
CA LEU F 250 5.34 13.75 -53.75
C LEU F 250 4.94 15.19 -54.04
N ILE F 251 3.85 15.63 -53.44
CA ILE F 251 3.51 17.05 -53.42
C ILE F 251 4.09 17.56 -52.11
N ALA F 252 5.26 18.16 -52.19
CA ALA F 252 6.07 18.40 -51.01
C ALA F 252 5.58 19.61 -50.23
N PRO F 253 5.82 19.65 -48.93
CA PRO F 253 5.64 20.90 -48.18
C PRO F 253 6.52 21.99 -48.76
N TRP F 254 5.94 23.17 -48.92
CA TRP F 254 6.66 24.38 -49.22
C TRP F 254 6.59 25.34 -48.04
N HIS F 255 5.38 25.64 -47.56
CA HIS F 255 5.19 26.42 -46.34
C HIS F 255 4.45 25.59 -45.32
N ALA F 256 4.82 25.80 -44.05
CA ALA F 256 4.20 25.18 -42.89
C ALA F 256 3.92 26.30 -41.88
N PHE F 257 3.35 25.96 -40.72
CA PHE F 257 2.80 26.98 -39.83
C PHE F 257 3.20 26.63 -38.41
N ALA F 258 3.91 27.53 -37.72
CA ALA F 258 4.18 27.41 -36.29
C ALA F 258 2.97 27.93 -35.50
N LEU F 259 2.40 27.09 -34.65
CA LEU F 259 1.11 27.33 -34.02
C LEU F 259 1.27 27.60 -32.53
N LYS F 260 0.53 28.59 -32.02
CA LYS F 260 0.25 28.66 -30.59
C LYS F 260 -1.24 28.44 -30.40
N LYS F 261 -1.60 27.67 -29.36
CA LYS F 261 -3.00 27.41 -29.04
C LYS F 261 -3.49 28.39 -27.98
N GLY F 262 -4.68 28.93 -28.18
CA GLY F 262 -5.31 29.79 -27.22
C GLY F 262 -6.52 29.14 -26.57
N SER F 263 -7.31 29.96 -25.91
CA SER F 263 -8.44 29.46 -25.13
C SER F 263 -9.79 29.72 -25.80
N SER F 264 -10.10 30.99 -26.07
CA SER F 264 -11.46 31.38 -26.40
C SER F 264 -11.80 31.30 -27.90
N SER F 265 -11.02 30.64 -28.75
CA SER F 265 -11.39 30.62 -30.15
C SER F 265 -12.13 29.37 -30.55
N GLY F 266 -12.72 29.44 -31.73
CA GLY F 266 -13.44 28.35 -32.34
C GLY F 266 -13.66 28.65 -33.80
N ILE F 267 -14.34 27.72 -34.48
CA ILE F 267 -14.81 27.90 -35.85
C ILE F 267 -16.31 28.10 -35.80
N MET F 268 -16.79 29.11 -36.50
CA MET F 268 -18.23 29.31 -36.59
C MET F 268 -18.69 29.33 -38.05
N ARG F 269 -19.91 28.83 -38.24
CA ARG F 269 -20.62 28.87 -39.51
C ARG F 269 -21.63 30.02 -39.46
N SER F 270 -21.39 31.05 -40.26
CA SER F 270 -22.31 32.18 -40.25
C SER F 270 -22.19 32.94 -41.57
N ASP F 271 -23.33 33.48 -42.00
CA ASP F 271 -23.41 34.36 -43.16
C ASP F 271 -23.60 35.83 -42.78
N ALA F 272 -23.63 36.13 -41.48
CA ALA F 272 -23.69 37.52 -41.04
C ALA F 272 -22.36 38.23 -41.30
N GLN F 273 -22.43 39.55 -41.35
CA GLN F 273 -21.28 40.36 -41.74
C GLN F 273 -20.43 40.72 -40.54
N VAL F 274 -19.11 40.76 -40.75
CA VAL F 274 -18.20 41.27 -39.73
C VAL F 274 -18.30 42.79 -39.70
N HIS F 275 -18.33 43.36 -38.51
CA HIS F 275 -18.33 44.79 -38.34
C HIS F 275 -17.22 45.12 -37.34
N ASN F 276 -16.87 46.40 -37.26
CA ASN F 276 -15.79 46.80 -36.37
C ASN F 276 -16.26 47.04 -34.94
N CYS F 277 -17.36 46.40 -34.56
CA CYS F 277 -17.83 46.37 -33.19
C CYS F 277 -16.99 45.38 -32.40
N THR F 278 -17.11 45.44 -31.08
CA THR F 278 -16.45 44.49 -30.19
C THR F 278 -17.48 43.90 -29.24
N THR F 279 -17.17 42.73 -28.71
CA THR F 279 -18.09 42.04 -27.82
C THR F 279 -17.31 41.05 -26.97
N LYS F 280 -17.91 40.67 -25.85
CA LYS F 280 -17.37 39.60 -25.04
C LYS F 280 -18.00 38.27 -25.38
N CYS F 281 -19.07 38.28 -26.18
CA CYS F 281 -19.83 37.07 -26.44
C CYS F 281 -20.42 37.14 -27.85
N GLN F 282 -20.11 36.14 -28.68
CA GLN F 282 -20.51 36.12 -30.09
C GLN F 282 -21.28 34.84 -30.40
N THR F 283 -22.36 34.96 -31.14
CA THR F 283 -23.11 33.81 -31.67
C THR F 283 -23.14 33.93 -33.18
N PRO F 284 -23.49 32.85 -33.89
CA PRO F 284 -23.58 32.96 -35.36
C PRO F 284 -24.63 33.94 -35.86
N HIS F 285 -25.64 34.28 -35.06
CA HIS F 285 -26.62 35.25 -35.52
C HIS F 285 -26.19 36.68 -35.27
N GLY F 286 -25.38 36.89 -34.25
CA GLY F 286 -25.02 38.24 -33.82
C GLY F 286 -24.38 38.19 -32.46
N ALA F 287 -23.82 39.33 -32.06
CA ALA F 287 -23.16 39.38 -30.76
C ALA F 287 -24.19 39.58 -29.66
N LEU F 288 -23.88 39.09 -28.46
CA LEU F 288 -24.73 39.25 -27.30
C LEU F 288 -24.08 40.23 -26.33
N LYS F 289 -24.92 40.94 -25.56
CA LYS F 289 -24.40 41.83 -24.53
C LYS F 289 -23.68 41.06 -23.43
N GLY F 290 -24.20 39.89 -23.06
CA GLY F 290 -23.54 39.01 -22.12
C GLY F 290 -23.52 39.44 -20.65
N ASN F 291 -24.46 40.29 -20.22
CA ASN F 291 -24.51 40.68 -18.81
C ASN F 291 -25.48 39.83 -17.98
N LEU F 292 -26.50 39.21 -18.61
CA LEU F 292 -27.44 38.35 -17.91
C LEU F 292 -26.96 36.90 -17.91
N PRO F 293 -27.43 36.09 -16.97
CA PRO F 293 -26.93 34.70 -16.87
C PRO F 293 -27.46 33.73 -17.92
N PHE F 294 -28.51 34.07 -18.67
CA PHE F 294 -29.11 33.13 -19.61
C PHE F 294 -29.38 33.82 -20.94
N GLN F 295 -29.38 33.01 -22.01
CA GLN F 295 -29.70 33.52 -23.32
C GLN F 295 -30.39 32.42 -24.11
N ASN F 296 -31.29 32.83 -24.98
CA ASN F 296 -32.00 31.90 -25.86
C ASN F 296 -31.78 32.23 -27.33
N VAL F 297 -30.69 32.92 -27.64
CA VAL F 297 -30.45 33.32 -29.02
C VAL F 297 -29.85 32.16 -29.83
N HIS F 298 -28.83 31.48 -29.28
CA HIS F 298 -28.13 30.48 -30.06
C HIS F 298 -27.33 29.54 -29.18
N PRO F 299 -27.28 28.23 -29.51
CA PRO F 299 -26.43 27.30 -28.74
C PRO F 299 -24.94 27.46 -29.00
N VAL F 300 -24.56 27.96 -30.17
CA VAL F 300 -23.16 28.08 -30.53
C VAL F 300 -22.68 29.45 -30.09
N THR F 301 -21.83 29.48 -29.08
CA THR F 301 -21.32 30.72 -28.54
C THR F 301 -19.81 30.69 -28.56
N ILE F 302 -19.23 31.88 -28.61
CA ILE F 302 -17.79 32.09 -28.52
C ILE F 302 -17.57 33.27 -27.60
N GLY F 303 -16.74 33.08 -26.59
CA GLY F 303 -16.44 34.14 -25.63
C GLY F 303 -16.94 33.73 -24.27
N GLU F 304 -17.19 34.68 -23.41
CA GLU F 304 -17.82 34.47 -22.09
C GLU F 304 -19.28 34.87 -22.22
N CYS F 305 -20.15 33.88 -22.29
CA CYS F 305 -21.52 34.01 -22.76
C CYS F 305 -22.52 33.52 -21.71
N PRO F 306 -23.73 34.09 -21.70
CA PRO F 306 -24.77 33.52 -20.85
C PRO F 306 -25.04 32.08 -21.26
N LYS F 307 -25.48 31.27 -20.29
CA LYS F 307 -25.85 29.88 -20.55
C LYS F 307 -27.08 29.82 -21.44
N TYR F 308 -27.02 28.98 -22.49
CA TYR F 308 -28.13 28.80 -23.43
C TYR F 308 -29.27 27.99 -22.81
N VAL F 309 -30.50 28.50 -22.93
CA VAL F 309 -31.71 27.83 -22.47
C VAL F 309 -32.80 27.98 -23.53
N LYS F 310 -33.78 27.08 -23.48
CA LYS F 310 -34.93 27.15 -24.36
C LYS F 310 -36.07 28.03 -23.82
N SER F 311 -35.88 28.70 -22.68
CA SER F 311 -36.94 29.52 -22.12
C SER F 311 -37.22 30.72 -23.03
N THR F 312 -38.48 31.16 -23.04
CA THR F 312 -38.79 32.42 -23.71
C THR F 312 -38.82 33.60 -22.74
N GLN F 313 -38.91 33.36 -21.43
CA GLN F 313 -38.85 34.42 -20.43
C GLN F 313 -38.34 33.83 -19.12
N LEU F 314 -37.51 34.61 -18.42
CA LEU F 314 -36.95 34.25 -17.10
C LEU F 314 -36.93 35.55 -16.27
N ARG F 315 -38.10 35.98 -15.81
CA ARG F 315 -38.24 37.23 -15.06
C ARG F 315 -38.25 36.92 -13.58
N MET F 316 -37.35 37.56 -12.82
CA MET F 316 -37.22 37.33 -11.39
C MET F 316 -37.84 38.47 -10.57
N ALA F 317 -38.73 38.12 -9.64
CA ALA F 317 -39.34 39.14 -8.79
C ALA F 317 -38.33 39.68 -7.79
N THR F 318 -38.31 41.01 -7.64
CA THR F 318 -37.55 41.65 -6.58
C THR F 318 -38.42 42.46 -5.64
N GLY F 319 -39.40 43.17 -6.16
CA GLY F 319 -40.35 43.89 -5.35
C GLY F 319 -41.53 43.00 -4.99
N LEU F 320 -42.61 43.64 -4.59
CA LEU F 320 -43.78 42.93 -4.10
C LEU F 320 -44.92 43.04 -5.10
N ARG F 321 -46.05 42.40 -4.79
CA ARG F 321 -47.21 42.43 -5.68
C ARG F 321 -47.71 43.87 -5.83
N ASN F 322 -47.91 44.30 -7.08
CA ASN F 322 -48.30 45.67 -7.38
C ASN F 322 -49.80 45.84 -7.24
N ILE F 323 -50.23 46.60 -6.24
CA ILE F 323 -51.66 46.77 -5.94
C ILE F 323 -52.02 48.26 -5.89
N PRO F 324 -52.09 48.97 -7.03
CA PRO F 324 -52.58 50.35 -7.00
C PRO F 324 -54.06 50.47 -7.32
N PHE F 332 -49.33 35.51 3.80
CA PHE F 332 -49.29 35.72 5.24
C PHE F 332 -50.33 36.76 5.67
N GLY F 333 -51.23 37.10 4.75
CA GLY F 333 -52.42 37.85 5.09
C GLY F 333 -52.27 39.36 5.18
N ALA F 334 -51.11 39.91 4.80
CA ALA F 334 -50.91 41.35 4.80
C ALA F 334 -51.13 41.92 3.40
N ILE F 335 -50.22 41.64 2.46
CA ILE F 335 -50.40 42.11 1.09
C ILE F 335 -51.65 41.46 0.49
N ALA F 336 -52.55 42.27 -0.05
CA ALA F 336 -53.86 41.84 -0.54
C ALA F 336 -54.68 41.15 0.55
N GLY F 337 -54.35 41.37 1.81
CA GLY F 337 -55.09 40.79 2.92
C GLY F 337 -55.77 41.86 3.76
N PHE F 338 -55.45 41.98 5.06
CA PHE F 338 -56.10 43.02 5.84
C PHE F 338 -55.62 44.40 5.41
N ILE F 339 -54.37 44.52 4.95
CA ILE F 339 -53.91 45.72 4.26
C ILE F 339 -54.19 45.47 2.78
N GLU F 340 -55.34 45.98 2.31
CA GLU F 340 -55.93 45.58 1.04
C GLU F 340 -55.31 46.26 -0.19
N GLY F 341 -54.24 47.03 -0.06
CA GLY F 341 -53.74 47.72 -1.24
C GLY F 341 -52.46 48.49 -0.95
N GLY F 342 -51.75 48.80 -2.05
CA GLY F 342 -50.51 49.54 -1.95
C GLY F 342 -50.70 51.04 -2.08
N TRP F 343 -49.68 51.76 -1.63
CA TRP F 343 -49.67 53.22 -1.64
C TRP F 343 -48.76 53.71 -2.76
N THR F 344 -49.36 54.12 -3.87
CA THR F 344 -48.57 54.81 -4.90
C THR F 344 -47.98 56.11 -4.36
N GLY F 345 -48.63 56.70 -3.34
CA GLY F 345 -48.14 57.93 -2.75
C GLY F 345 -46.84 57.78 -1.99
N MET F 346 -46.51 56.58 -1.54
CA MET F 346 -45.24 56.32 -0.87
C MET F 346 -44.21 55.90 -1.91
N VAL F 347 -43.18 56.72 -2.11
CA VAL F 347 -42.26 56.52 -3.22
C VAL F 347 -40.84 56.17 -2.77
N ASP F 348 -40.46 56.41 -1.51
CA ASP F 348 -39.08 56.30 -1.07
C ASP F 348 -38.72 54.90 -0.57
N GLY F 349 -39.64 53.94 -0.57
CA GLY F 349 -39.32 52.61 -0.09
C GLY F 349 -40.47 51.64 -0.32
N TRP F 350 -40.28 50.42 0.23
CA TRP F 350 -41.20 49.29 0.03
C TRP F 350 -42.26 49.19 1.12
N TYR F 351 -41.88 49.47 2.38
CA TYR F 351 -42.79 49.40 3.52
C TYR F 351 -42.70 50.71 4.28
N GLY F 352 -43.81 51.12 4.87
CA GLY F 352 -43.81 52.38 5.58
C GLY F 352 -45.13 52.72 6.23
N TYR F 353 -45.33 54.01 6.46
CA TYR F 353 -46.45 54.48 7.25
C TYR F 353 -47.16 55.60 6.52
N HIS F 354 -48.44 55.76 6.85
CA HIS F 354 -49.20 56.96 6.53
C HIS F 354 -49.90 57.42 7.80
N HIS F 355 -49.91 58.72 8.02
CA HIS F 355 -50.43 59.31 9.25
C HIS F 355 -51.34 60.48 8.94
N ARG F 356 -52.51 60.52 9.56
CA ARG F 356 -53.37 61.70 9.54
C ARG F 356 -53.17 62.43 10.86
N ASN F 357 -53.04 63.76 10.80
CA ASN F 357 -52.66 64.57 11.94
C ASN F 357 -53.38 65.90 11.93
N GLU F 358 -53.34 66.59 13.07
CA GLU F 358 -53.75 68.00 13.09
C GLU F 358 -52.80 68.84 12.25
N GLN F 359 -51.54 68.42 12.14
CA GLN F 359 -50.53 69.10 11.34
C GLN F 359 -50.45 68.60 9.90
N GLY F 360 -51.28 67.62 9.53
CA GLY F 360 -51.41 67.22 8.15
C GLY F 360 -51.11 65.74 7.94
N SER F 361 -51.40 65.30 6.71
CA SER F 361 -51.25 63.91 6.30
C SER F 361 -49.80 63.66 5.88
N GLY F 362 -49.53 62.45 5.38
CA GLY F 362 -48.20 62.15 4.87
C GLY F 362 -47.79 60.69 4.91
N TYR F 363 -47.12 60.25 3.84
CA TYR F 363 -46.50 58.94 3.77
C TYR F 363 -45.03 59.03 4.16
N ALA F 364 -44.54 58.02 4.86
CA ALA F 364 -43.13 57.88 5.14
C ALA F 364 -42.74 56.42 5.04
N ALA F 365 -41.57 56.14 4.47
CA ALA F 365 -41.12 54.77 4.31
C ALA F 365 -40.16 54.41 5.44
N ASP F 366 -40.29 53.19 5.94
CA ASP F 366 -39.39 52.70 6.99
C ASP F 366 -38.10 52.23 6.32
N GLN F 367 -37.05 53.05 6.44
CA GLN F 367 -35.81 52.69 5.77
C GLN F 367 -35.15 51.46 6.38
N LYS F 368 -35.31 51.24 7.69
CA LYS F 368 -34.64 50.11 8.34
C LYS F 368 -35.09 48.79 7.73
N SER F 369 -36.40 48.52 7.74
CA SER F 369 -36.89 47.28 7.17
C SER F 369 -36.77 47.25 5.64
N THR F 370 -36.90 48.42 4.99
CA THR F 370 -36.78 48.44 3.54
C THR F 370 -35.36 48.08 3.11
N GLN F 371 -34.36 48.61 3.82
CA GLN F 371 -32.99 48.32 3.46
C GLN F 371 -32.66 46.85 3.70
N ILE F 372 -33.19 46.27 4.79
CA ILE F 372 -33.00 44.84 5.05
C ILE F 372 -33.60 44.02 3.92
N ALA F 373 -34.79 44.41 3.44
CA ALA F 373 -35.40 43.68 2.35
C ALA F 373 -34.62 43.85 1.05
N ILE F 374 -34.16 45.08 0.77
CA ILE F 374 -33.35 45.35 -0.40
C ILE F 374 -32.02 44.59 -0.33
N ASP F 375 -31.40 44.55 0.86
CA ASP F 375 -30.16 43.80 1.00
C ASP F 375 -30.38 42.31 0.75
N GLY F 376 -31.46 41.75 1.29
CA GLY F 376 -31.68 40.32 1.12
C GLY F 376 -32.00 39.94 -0.32
N ILE F 377 -32.85 40.73 -0.97
CA ILE F 377 -33.21 40.41 -2.35
C ILE F 377 -32.03 40.60 -3.28
N SER F 378 -31.21 41.63 -3.06
CA SER F 378 -30.00 41.78 -3.85
C SER F 378 -29.10 40.57 -3.69
N ASN F 379 -28.99 40.06 -2.47
CA ASN F 379 -28.18 38.86 -2.25
C ASN F 379 -28.79 37.67 -2.98
N LYS F 380 -30.12 37.56 -2.99
CA LYS F 380 -30.80 36.48 -3.69
C LYS F 380 -30.46 36.47 -5.17
N VAL F 381 -30.63 37.63 -5.83
CA VAL F 381 -30.41 37.73 -7.27
C VAL F 381 -28.95 37.41 -7.62
N ASN F 382 -28.01 38.04 -6.91
CA ASN F 382 -26.60 37.81 -7.18
C ASN F 382 -26.20 36.36 -6.95
N SER F 383 -26.78 35.72 -5.93
CA SER F 383 -26.50 34.31 -5.72
C SER F 383 -26.93 33.49 -6.94
N VAL F 384 -28.12 33.78 -7.47
CA VAL F 384 -28.60 33.06 -8.66
C VAL F 384 -27.68 33.33 -9.83
N ILE F 385 -27.22 34.57 -9.98
CA ILE F 385 -26.31 34.90 -11.07
C ILE F 385 -24.96 34.22 -10.84
N GLU F 386 -24.47 34.24 -9.58
CA GLU F 386 -23.15 33.69 -9.30
C GLU F 386 -23.14 32.19 -9.43
N LYS F 387 -24.21 31.50 -9.00
CA LYS F 387 -24.21 30.04 -9.08
C LYS F 387 -24.29 29.54 -10.52
N MET F 388 -24.93 30.30 -11.41
CA MET F 388 -24.88 30.00 -12.85
C MET F 388 -23.48 30.32 -13.36
N ASN F 389 -22.88 29.40 -14.07
CA ASN F 389 -21.55 29.67 -14.60
C ASN F 389 -21.64 30.33 -15.97
N ILE F 390 -20.64 31.16 -16.25
CA ILE F 390 -20.52 31.79 -17.56
C ILE F 390 -20.06 30.73 -18.54
N GLN F 391 -20.65 30.75 -19.74
CA GLN F 391 -20.39 29.71 -20.73
C GLN F 391 -19.28 30.16 -21.66
N PHE F 392 -18.03 29.91 -21.23
CA PHE F 392 -16.86 29.96 -22.09
C PHE F 392 -17.14 29.37 -23.48
N THR F 393 -16.21 29.55 -24.41
CA THR F 393 -16.39 29.13 -25.79
C THR F 393 -16.91 27.70 -25.92
N SER F 394 -18.11 27.56 -26.46
CA SER F 394 -18.67 26.25 -26.84
C SER F 394 -19.06 26.31 -28.31
N VAL F 395 -18.23 25.74 -29.18
CA VAL F 395 -18.47 25.91 -30.62
C VAL F 395 -19.23 24.71 -31.17
N GLY F 396 -19.44 24.73 -32.48
CA GLY F 396 -19.97 23.58 -33.14
C GLY F 396 -18.92 22.50 -33.27
N LYS F 397 -19.38 21.30 -33.52
CA LYS F 397 -18.52 20.15 -33.73
CA LYS F 397 -18.52 20.15 -33.73
C LYS F 397 -18.90 19.50 -35.06
N GLU F 398 -17.91 18.99 -35.77
CA GLU F 398 -18.14 18.47 -37.11
C GLU F 398 -17.78 16.99 -37.19
N PHE F 399 -18.58 16.26 -37.96
CA PHE F 399 -18.48 14.83 -38.10
C PHE F 399 -18.57 14.46 -39.58
N ASN F 400 -17.78 13.49 -40.01
CA ASN F 400 -17.90 13.08 -41.40
C ASN F 400 -19.04 12.07 -41.55
N SER F 401 -19.24 11.61 -42.79
CA SER F 401 -20.42 10.84 -43.15
C SER F 401 -20.39 9.43 -42.60
N LEU F 402 -19.23 8.99 -42.08
CA LEU F 402 -19.12 7.72 -41.36
C LEU F 402 -19.02 7.89 -39.86
N GLU F 403 -19.51 9.03 -39.33
CA GLU F 403 -19.48 9.31 -37.90
C GLU F 403 -20.85 9.71 -37.38
N LYS F 404 -21.91 9.07 -37.89
CA LYS F 404 -23.26 9.42 -37.46
C LYS F 404 -23.50 9.08 -35.99
N ARG F 405 -22.94 7.97 -35.51
CA ARG F 405 -23.17 7.61 -34.11
C ARG F 405 -22.50 8.63 -33.19
N MET F 406 -21.27 9.04 -33.51
CA MET F 406 -20.61 10.06 -32.70
C MET F 406 -21.32 11.40 -32.80
N GLU F 407 -21.78 11.75 -34.00
CA GLU F 407 -22.57 12.98 -34.15
C GLU F 407 -23.81 12.94 -33.29
N ASN F 408 -24.54 11.83 -33.31
CA ASN F 408 -25.75 11.71 -32.48
C ASN F 408 -25.42 11.63 -31.00
N LEU F 409 -24.27 11.05 -30.64
CA LEU F 409 -23.84 11.07 -29.26
C LEU F 409 -23.57 12.50 -28.80
N ASN F 410 -22.90 13.29 -29.63
CA ASN F 410 -22.67 14.69 -29.34
C ASN F 410 -23.98 15.45 -29.23
N LYS F 411 -24.94 15.11 -30.10
CA LYS F 411 -26.23 15.78 -30.06
C LYS F 411 -27.00 15.42 -28.78
N LYS F 412 -26.88 14.17 -28.31
CA LYS F 412 -27.56 13.79 -27.08
C LYS F 412 -26.98 14.52 -25.87
N VAL F 413 -25.67 14.76 -25.87
CA VAL F 413 -25.07 15.50 -24.78
C VAL F 413 -25.58 16.93 -24.75
N ASP F 414 -25.50 17.63 -25.88
CA ASP F 414 -25.95 19.02 -25.94
C ASP F 414 -27.41 19.15 -25.53
N ASP F 415 -28.26 18.27 -26.05
CA ASP F 415 -29.69 18.33 -25.73
C ASP F 415 -29.96 17.98 -24.27
N GLY F 416 -29.19 17.05 -23.70
CA GLY F 416 -29.43 16.66 -22.32
C GLY F 416 -29.11 17.78 -21.34
N PHE F 417 -27.97 18.44 -21.51
CA PHE F 417 -27.61 19.56 -20.64
C PHE F 417 -28.53 20.75 -20.89
N LEU F 418 -28.94 20.94 -22.15
CA LEU F 418 -29.91 22.01 -22.44
C LEU F 418 -31.20 21.79 -21.66
N ASP F 419 -31.70 20.55 -21.60
CA ASP F 419 -32.93 20.29 -20.84
C ASP F 419 -32.70 20.48 -19.34
N VAL F 420 -31.55 20.01 -18.84
CA VAL F 420 -31.25 20.14 -17.43
C VAL F 420 -31.21 21.61 -17.01
N TRP F 421 -30.49 22.44 -17.77
CA TRP F 421 -30.32 23.84 -17.39
C TRP F 421 -31.59 24.65 -17.61
N THR F 422 -32.36 24.34 -18.65
CA THR F 422 -33.65 24.99 -18.80
C THR F 422 -34.57 24.64 -17.63
N TYR F 423 -34.59 23.37 -17.22
CA TYR F 423 -35.41 22.97 -16.08
C TYR F 423 -34.95 23.70 -14.81
N ASN F 424 -33.64 23.72 -14.56
CA ASN F 424 -33.16 24.31 -13.32
C ASN F 424 -33.49 25.79 -13.24
N ALA F 425 -33.26 26.51 -14.34
CA ALA F 425 -33.56 27.93 -14.40
C ALA F 425 -35.05 28.20 -14.25
N GLU F 426 -35.87 27.42 -14.96
CA GLU F 426 -37.31 27.66 -14.94
C GLU F 426 -37.88 27.40 -13.55
N LEU F 427 -37.45 26.31 -12.90
CA LEU F 427 -37.97 25.99 -11.58
C LEU F 427 -37.41 26.90 -10.50
N LEU F 428 -36.14 27.28 -10.61
CA LEU F 428 -35.57 28.19 -9.62
C LEU F 428 -36.35 29.50 -9.56
N ILE F 429 -36.63 30.08 -10.73
CA ILE F 429 -37.34 31.35 -10.80
C ILE F 429 -38.79 31.20 -10.30
N LEU F 430 -39.46 30.09 -10.66
CA LEU F 430 -40.82 29.89 -10.16
C LEU F 430 -40.85 29.80 -8.65
N LEU F 431 -39.94 29.03 -8.06
CA LEU F 431 -39.92 28.85 -6.61
C LEU F 431 -39.36 30.09 -5.91
N GLU F 432 -38.34 30.72 -6.47
CA GLU F 432 -37.79 31.89 -5.82
C GLU F 432 -38.73 33.08 -5.91
N ASN F 433 -39.49 33.20 -7.00
CA ASN F 433 -40.48 34.27 -7.09
C ASN F 433 -41.57 34.12 -6.03
N GLU F 434 -42.07 32.89 -5.84
CA GLU F 434 -43.07 32.66 -4.81
C GLU F 434 -42.53 33.02 -3.42
N ARG F 435 -41.29 32.65 -3.14
CA ARG F 435 -40.70 32.96 -1.83
C ARG F 435 -40.47 34.46 -1.67
N THR F 436 -40.12 35.15 -2.75
CA THR F 436 -39.86 36.59 -2.67
C THR F 436 -41.14 37.35 -2.34
N LEU F 437 -42.27 36.94 -2.91
CA LEU F 437 -43.54 37.64 -2.62
C LEU F 437 -44.02 37.36 -1.20
N ASP F 438 -43.79 36.15 -0.71
CA ASP F 438 -44.12 35.84 0.68
C ASP F 438 -43.18 36.55 1.65
N PHE F 439 -41.94 36.80 1.22
CA PHE F 439 -40.98 37.56 2.00
C PHE F 439 -41.48 38.96 2.27
N HIS F 440 -41.89 39.69 1.22
CA HIS F 440 -42.43 41.03 1.41
C HIS F 440 -43.70 41.00 2.24
N ASP F 441 -44.58 40.05 1.95
CA ASP F 441 -45.84 39.89 2.69
C ASP F 441 -45.58 39.78 4.19
N LEU F 442 -44.56 39.01 4.58
CA LEU F 442 -44.23 38.80 5.98
C LEU F 442 -43.58 40.03 6.63
N ASN F 443 -42.75 40.77 5.87
CA ASN F 443 -42.12 41.97 6.42
C ASN F 443 -43.16 43.06 6.72
N VAL F 444 -44.20 43.14 5.88
CA VAL F 444 -45.32 44.03 6.18
C VAL F 444 -46.05 43.55 7.42
N LYS F 445 -46.37 42.24 7.48
CA LYS F 445 -47.01 41.72 8.69
C LYS F 445 -46.11 41.94 9.91
N ASN F 446 -44.80 41.84 9.75
CA ASN F 446 -43.92 42.09 10.89
C ASN F 446 -43.94 43.56 11.29
N LEU F 447 -44.01 44.46 10.30
CA LEU F 447 -44.07 45.89 10.59
C LEU F 447 -45.42 46.29 11.21
N TYR F 448 -46.52 45.66 10.78
CA TYR F 448 -47.84 45.93 11.35
C TYR F 448 -47.86 45.55 12.82
N GLU F 449 -47.39 44.35 13.14
CA GLU F 449 -47.30 43.89 14.51
C GLU F 449 -46.27 44.68 15.31
N LYS F 450 -45.30 45.31 14.64
CA LYS F 450 -44.32 46.11 15.37
C LYS F 450 -44.95 47.36 15.97
N VAL F 451 -45.80 48.05 15.22
CA VAL F 451 -46.49 49.20 15.80
C VAL F 451 -47.61 48.76 16.73
N LYS F 452 -48.35 47.70 16.39
CA LYS F 452 -49.43 47.24 17.26
C LYS F 452 -48.91 46.82 18.63
N SER F 453 -47.80 46.08 18.65
CA SER F 453 -47.15 45.72 19.90
C SER F 453 -46.36 46.88 20.52
N GLN F 454 -46.51 48.09 20.01
CA GLN F 454 -45.84 49.25 20.55
C GLN F 454 -46.80 50.35 20.99
N LEU F 455 -47.98 50.41 20.39
CA LEU F 455 -49.06 51.28 20.84
C LEU F 455 -49.97 50.60 21.86
N ARG F 456 -49.51 49.48 22.44
CA ARG F 456 -50.29 48.72 23.43
C ARG F 456 -49.72 48.85 24.83
N ASN F 458 -53.45 52.23 24.17
CA ASN F 458 -53.53 53.67 23.90
C ASN F 458 -54.12 53.93 22.51
N ALA F 459 -54.46 52.87 21.78
CA ALA F 459 -55.04 52.98 20.44
C ALA F 459 -55.69 51.65 20.08
N LYS F 460 -56.55 51.68 19.05
CA LYS F 460 -57.32 50.50 18.63
C LYS F 460 -57.07 50.15 17.17
N GLU F 461 -57.04 48.84 16.87
CA GLU F 461 -56.78 48.36 15.51
C GLU F 461 -58.01 48.60 14.64
N ILE F 462 -57.94 49.64 13.79
CA ILE F 462 -59.03 49.96 12.89
C ILE F 462 -59.35 48.78 11.98
N GLY F 463 -58.36 47.94 11.67
CA GLY F 463 -58.55 46.69 10.96
C GLY F 463 -57.93 46.64 9.58
N ASN F 464 -57.65 47.80 8.97
CA ASN F 464 -57.21 47.86 7.58
C ASN F 464 -55.73 48.25 7.47
N GLY F 465 -54.92 47.85 8.45
CA GLY F 465 -53.55 48.31 8.55
C GLY F 465 -53.38 49.58 9.35
N CYS F 466 -54.48 50.21 9.78
CA CYS F 466 -54.44 51.50 10.45
C CYS F 466 -54.67 51.35 11.95
N PHE F 467 -54.52 52.48 12.63
CA PHE F 467 -54.71 52.60 14.07
C PHE F 467 -55.18 54.02 14.37
N GLU F 468 -56.25 54.15 15.16
CA GLU F 468 -56.73 55.45 15.62
C GLU F 468 -56.21 55.68 17.04
N PHE F 469 -55.45 56.75 17.21
CA PHE F 469 -54.88 57.08 18.51
C PHE F 469 -55.94 57.71 19.40
N TYR F 470 -56.13 57.14 20.60
CA TYR F 470 -57.10 57.63 21.57
C TYR F 470 -56.64 58.94 22.20
N HIS F 471 -55.43 59.37 21.83
CA HIS F 471 -54.83 60.60 22.34
C HIS F 471 -54.26 61.41 21.18
N LYS F 472 -54.04 62.68 21.44
CA LYS F 472 -53.35 63.54 20.48
C LYS F 472 -51.98 62.96 20.19
N CYS F 473 -51.59 62.97 18.93
CA CYS F 473 -50.31 62.42 18.52
C CYS F 473 -49.74 63.36 17.47
N ASP F 474 -48.70 64.11 17.83
CA ASP F 474 -48.14 65.11 16.93
C ASP F 474 -47.04 64.49 16.06
N ASN F 475 -46.31 65.35 15.34
CA ASN F 475 -45.23 64.87 14.49
C ASN F 475 -44.11 64.22 15.31
N GLU F 476 -43.78 64.81 16.45
CA GLU F 476 -42.83 64.15 17.36
C GLU F 476 -43.34 62.77 17.76
N CYS F 477 -44.62 62.70 18.15
CA CYS F 477 -45.25 61.43 18.54
C CYS F 477 -45.23 60.42 17.40
N MET F 478 -45.49 60.89 16.17
CA MET F 478 -45.39 60.04 14.98
C MET F 478 -43.98 59.51 14.75
N GLU F 479 -43.01 60.39 14.45
CA GLU F 479 -41.64 59.98 14.21
C GLU F 479 -41.04 59.17 15.35
N SER F 480 -41.59 59.28 16.56
CA SER F 480 -41.13 58.44 17.66
C SER F 480 -41.56 57.00 17.48
N VAL F 481 -42.81 56.79 17.08
CA VAL F 481 -43.30 55.43 16.84
C VAL F 481 -42.51 54.79 15.71
N LYS F 482 -42.23 55.56 14.66
CA LYS F 482 -41.44 55.05 13.54
C LYS F 482 -40.01 54.70 13.97
N ASN F 483 -39.37 55.57 14.74
CA ASN F 483 -38.02 55.31 15.23
C ASN F 483 -37.95 54.08 16.12
N GLY F 484 -39.08 53.60 16.61
CA GLY F 484 -39.12 52.53 17.58
C GLY F 484 -38.95 52.99 19.01
N THR F 485 -39.04 54.29 19.26
CA THR F 485 -38.89 54.87 20.59
C THR F 485 -40.17 55.64 20.92
N TYR F 486 -41.23 54.90 21.25
CA TYR F 486 -42.53 55.50 21.55
C TYR F 486 -43.03 55.04 22.90
C1 NAG G . 13.56 -13.25 -53.14
C2 NAG G . 15.05 -13.05 -53.37
C3 NAG G . 15.50 -13.76 -54.65
C4 NAG G . 15.03 -15.21 -54.64
C5 NAG G . 13.53 -15.27 -54.38
C6 NAG G . 12.97 -16.67 -54.30
C7 NAG G . 16.07 -10.98 -52.51
C8 NAG G . 16.25 -9.50 -52.73
N2 NAG G . 15.35 -11.62 -53.44
O3 NAG G . 16.90 -13.70 -54.77
O4 NAG G . 15.33 -15.84 -55.88
O5 NAG G . 13.25 -14.64 -53.11
O6 NAG G . 11.61 -16.71 -54.71
O7 NAG G . 16.58 -11.56 -51.56
C1 OXM H . 16.91 -6.86 -36.34
N1 OXM H . 17.81 -7.74 -35.90
O1 OXM H . 16.00 -6.35 -35.68
C2 OXM H . 17.02 -6.47 -37.73
O2 OXM H . 17.58 -5.41 -38.04
O3 OXM H . 16.55 -7.25 -38.54
C1 OXM I . 0.66 7.64 -18.65
N1 OXM I . 0.87 6.63 -19.46
O1 OXM I . 1.58 8.10 -17.94
C2 OXM I . -0.71 8.25 -18.60
O2 OXM I . -1.39 8.10 -17.57
O3 OXM I . -1.15 8.91 -19.55
C1 NAG J . 59.34 -37.94 -14.90
C2 NAG J . 58.67 -38.87 -15.91
C3 NAG J . 59.74 -39.55 -16.77
C4 NAG J . 60.69 -38.51 -17.36
C5 NAG J . 61.18 -37.54 -16.28
C6 NAG J . 61.99 -36.39 -16.81
C7 NAG J . 56.83 -40.51 -15.84
C8 NAG J . 56.08 -41.48 -14.97
N2 NAG J . 57.83 -39.85 -15.24
O3 NAG J . 59.13 -40.30 -17.80
O4 NAG J . 61.81 -39.15 -17.94
O5 NAG J . 60.07 -36.96 -15.58
O6 NAG J . 61.79 -35.24 -16.00
O7 NAG J . 56.55 -40.34 -17.02
C1 OXM K . 62.48 -31.70 1.40
N1 OXM K . 63.31 -32.72 1.63
O1 OXM K . 61.96 -31.00 2.28
C2 OXM K . 62.14 -31.33 0.03
O2 OXM K . 61.84 -30.16 -0.17
O3 OXM K . 62.13 -32.16 -0.88
C FMT L . 66.74 -36.41 5.58
O1 FMT L . 67.36 -35.76 6.42
O2 FMT L . 66.09 -35.90 4.66
C1 OXM M . 28.08 -47.73 -14.03
N1 OXM M . 27.35 -48.21 -15.02
O1 OXM M . 27.70 -46.99 -13.11
C2 OXM M . 29.47 -48.09 -13.96
O2 OXM M . 29.78 -49.19 -13.44
O3 OXM M . 30.28 -47.25 -14.41
C1 OXM N . -17.71 -20.42 -53.95
N1 OXM N . -18.15 -20.64 -55.19
O1 OXM N . -18.43 -20.22 -52.97
C2 OXM N . -16.26 -20.38 -53.71
O2 OXM N . -15.77 -21.21 -52.93
O3 OXM N . -15.60 -19.52 -54.28
C1 NAG O . -2.37 23.84 27.61
C2 NAG O . -2.58 23.73 26.09
C3 NAG O . -1.26 23.99 25.35
C4 NAG O . -0.62 25.29 25.81
C5 NAG O . -0.54 25.37 27.34
C6 NAG O . -0.05 26.72 27.83
C7 NAG O . -4.43 22.21 25.59
C8 NAG O . -4.82 20.79 25.25
N2 NAG O . -3.12 22.43 25.75
O3 NAG O . -1.50 24.04 23.94
O4 NAG O . 0.69 25.39 25.27
O5 NAG O . -1.83 25.14 27.92
O6 NAG O . 0.35 27.57 26.77
O7 NAG O . -5.26 23.10 25.70
C1 OXM P . 39.02 -10.22 -25.04
N1 OXM P . 39.78 -9.60 -25.93
O1 OXM P . 38.50 -9.66 -24.07
C2 OXM P . 38.73 -11.66 -25.22
O2 OXM P . 37.67 -12.02 -25.74
O3 OXM P . 39.54 -12.49 -24.81
C1 NAG Q . -45.16 55.04 -15.87
C2 NAG Q . -45.34 54.50 -17.30
C3 NAG Q . -44.25 55.05 -18.24
C4 NAG Q . -44.19 56.56 -18.17
C5 NAG Q . -44.03 57.03 -16.73
C6 NAG Q . -44.09 58.53 -16.60
C7 NAG Q . -44.39 52.26 -16.89
C8 NAG Q . -44.63 50.78 -17.00
N2 NAG Q . -45.38 53.05 -17.33
O3 NAG Q . -44.50 54.64 -19.58
O4 NAG Q . -43.11 57.05 -18.97
O5 NAG Q . -45.08 56.49 -15.91
O6 NAG Q . -43.52 58.98 -15.36
O7 NAG Q . -43.35 52.70 -16.41
C1 NAG R . -15.56 51.24 -38.93
C2 NAG R . -16.83 51.72 -39.67
C3 NAG R . -16.55 53.06 -40.37
C4 NAG R . -15.99 54.07 -39.39
C5 NAG R . -14.81 53.52 -38.58
C6 NAG R . -14.42 54.41 -37.43
C7 NAG R . -16.93 50.20 -41.72
C8 NAG R . -15.52 50.57 -42.11
N2 NAG R . -17.43 50.74 -40.58
O3 NAG R . -17.74 53.53 -41.00
O4 NAG R . -15.53 55.23 -40.08
O5 NAG R . -15.14 52.24 -37.99
O6 NAG R . -14.94 53.94 -36.19
O7 NAG R . -17.59 49.41 -42.38
C1 OXM S . -1.50 16.32 -64.32
N1 OXM S . -0.57 16.76 -65.13
O1 OXM S . -2.07 17.02 -63.44
C2 OXM S . -1.91 14.92 -64.46
O2 OXM S . -1.50 14.09 -63.63
O3 OXM S . -2.67 14.60 -65.38
C1 OXM T . -19.06 24.54 -42.34
N1 OXM T . -18.42 25.50 -41.68
O1 OXM T . -18.92 24.40 -43.57
C2 OXM T . -19.95 23.63 -41.55
O2 OXM T . -20.55 24.08 -40.54
O3 OXM T . -20.10 22.45 -41.90
#